data_5I6H
#
_entry.id   5I6H
#
_cell.length_a   295.020
_cell.length_b   295.020
_cell.length_c   189.520
_cell.angle_alpha   90.00
_cell.angle_beta   90.00
_cell.angle_gamma   120.00
#
_symmetry.space_group_name_H-M   'P 31 2 1'
#
_entity_poly.entity_id   1
_entity_poly.type   'polypeptide(L)'
_entity_poly.pdbx_seq_one_letter_code
;GSPVVVGSKPAQRFAVLYGTMCDILNGYDNQVVMQQKLKEFIEVLRDPKLPYSEFSAQFSALHARMPHKLDAQLTQVLER
AQNRGAEFPARQLLKVFNKFLDDNVPNKTDQDLLKSTLEPLTSVLNLYLDGQKARELNLIADLLSMYADVECQFSGRRLQ
DEEAILKLRDQYKDNIQKVVNTVLSHKNVMSKNSLVLALLDEYRPNKPNVGNVGKHLRPVLRRLTELESRQSAKVSLKAR
EVLILCALPSLEERTAQMEHILRSSVVQSRYGETGWSHRRPDREVLKEVVDSKYTVFDVLTLFFAHEDPYVALAALEVYV
RRAYRAYNLREVRYHDEERPYFIDWDFALRKSGANQTESSMHMQSVVPSSPATPVENDFKRIHSISDMTYLARRTRDEPI
RKGVIVPCKDLLDAEEALSRALEVLPLAHKETKDKDRKQQPGIAADLAQRRRPGTPLRLEGIGELSAVVNVAVRDAEGKN
DEEILALIKPWVQNSKADLLARRVRRLTFICGRNDGSYPSYYTFRGPDYAEDDSIRHIEPSLAFQLELGRLSKFKLTPVF
TQNKNIHVYEAVGRGVETDRRYFTRAVVRPGRLRDEISTAEYLISEADRVVNDIFDALEIIGTNKTDLNHMFINFSHTFQ
VTADEVAESLQGFLDRFGPRGWRLRVHQVEIRINCMRSDNNDENDTMPLRVIITNTSGFVIQIELYEEKLSEKGEWVYYY
VSGNAKIGSMHLLPVSTPYPTKNWLQPKRYKAHILGTQYVYDFPELFRQAIQNSWTEAVKKIPSLAAKQPAIGECIDYNE
LVLGDQDNLAEVSREPGMNSTGMVGWLINARTPEYPDGRKFIVVANDITFKIGSFGPKEDTFFFKCTELARKMGIPRIYL
SANSGARLGLAEELMPHFNVAWNDPAKPEAGFKYLYLSDEAKRRFENEVITEEIVEDGEKRHKIITIVGAEEGLGVECLR
GSGLIAGATSRAYNDIFTCTLVTCRSVGIGAYLVRLGQRAVQVEGQPIILTGAPALNSLLGREVYTSNLQLGGTQIMYRN
GVSHLTAKDDFDGVTKIVQWLSFIPDQRNNPLPILSPSPDPWDRDVVYTPPYKQTYDVRWMIAGKEDEDGFQPGLFDKDS
FVETLGGWARTVVVGRARLGGIPMGVIAVETRTIENITPADPANPDSIEQVTNEAGGVWYPNSAFKTAQAINDFNYGEQL
PLMILANWRGFSGGQRDMYNEVLKYGSFIVDALTRFEKPIFIYIPPHGELRGGSWVVVDPTINPASMEMYADEEARGGVL
EPEGIIPIKYKKDKQLETMARLDPVYRSLKKEMAKEGLSKEESDNIKKKMQQREELLLPIYHQICVQFADLHDRAGRMKA
KGVIRQSLQWRQSRRFFYWRVRRRLIEDDILRRIEEAINPAGKRRHDPENTSLAASPETRSPHLVQLESWVGIPGFKTND
REVVEWYEQNQDRINEKLEKLKKESIADQMRELLR(UNK)(UNK)(UNK)(UNK)(UNK)(UNK)(UNK)(UNK)(UNK)
(UNK)(UNK)(UNK)
;
_entity_poly.pdbx_strand_id   A,B
#
# COMPACT_ATOMS: atom_id res chain seq x y z
N SER A 2 -11.98 -122.13 21.24
CA SER A 2 -13.37 -122.16 21.71
C SER A 2 -14.34 -121.74 20.58
N PRO A 3 -15.49 -122.46 20.38
CA PRO A 3 -16.42 -122.08 19.30
C PRO A 3 -17.07 -120.73 19.54
N VAL A 4 -17.42 -120.02 18.45
CA VAL A 4 -18.05 -118.70 18.51
C VAL A 4 -19.36 -118.71 17.72
N VAL A 5 -20.15 -117.65 17.88
CA VAL A 5 -21.44 -117.50 17.22
C VAL A 5 -21.21 -116.99 15.80
N VAL A 6 -22.03 -117.48 14.84
CA VAL A 6 -21.99 -117.10 13.43
C VAL A 6 -22.05 -115.59 13.25
N GLY A 7 -22.95 -114.93 13.96
CA GLY A 7 -23.10 -113.49 13.91
C GLY A 7 -22.96 -112.88 15.27
N SER A 8 -21.72 -112.66 15.73
CA SER A 8 -21.44 -112.03 17.02
C SER A 8 -20.18 -111.17 16.94
N LYS A 9 -19.58 -111.05 15.73
CA LYS A 9 -18.37 -110.25 15.53
C LYS A 9 -18.63 -108.77 15.84
N PRO A 10 -19.61 -108.05 15.19
CA PRO A 10 -19.81 -106.63 15.52
C PRO A 10 -20.28 -106.37 16.96
N ALA A 11 -20.99 -107.33 17.60
CA ALA A 11 -21.48 -107.20 18.99
C ALA A 11 -20.34 -107.13 19.97
N GLN A 12 -19.39 -108.08 19.83
CA GLN A 12 -18.20 -108.19 20.67
C GLN A 12 -17.26 -107.02 20.41
N ARG A 13 -17.20 -106.50 19.16
CA ARG A 13 -16.33 -105.38 18.74
C ARG A 13 -16.89 -104.02 19.23
N PHE A 14 -18.23 -103.89 19.37
CA PHE A 14 -18.87 -102.69 19.91
C PHE A 14 -18.64 -102.59 21.43
N ALA A 15 -18.84 -103.71 22.17
CA ALA A 15 -18.70 -103.85 23.64
C ALA A 15 -17.25 -103.65 24.16
N VAL A 16 -16.20 -103.68 23.25
CA VAL A 16 -14.79 -103.46 23.56
C VAL A 16 -14.35 -102.00 23.21
N LEU A 17 -14.85 -101.41 22.10
CA LEU A 17 -14.49 -100.05 21.66
C LEU A 17 -15.11 -98.95 22.56
N TYR A 18 -16.24 -99.27 23.23
CA TYR A 18 -16.86 -98.39 24.23
C TYR A 18 -16.10 -98.55 25.56
N GLY A 19 -15.62 -99.77 25.85
CA GLY A 19 -14.84 -100.12 27.04
C GLY A 19 -13.44 -99.54 27.06
N THR A 20 -12.78 -99.42 25.87
CA THR A 20 -11.42 -98.86 25.68
C THR A 20 -11.42 -97.31 25.89
N MET A 21 -12.64 -96.69 25.86
CA MET A 21 -12.96 -95.27 26.05
C MET A 21 -13.52 -95.03 27.51
N CYS A 22 -14.28 -96.03 28.08
CA CYS A 22 -14.90 -96.10 29.44
C CYS A 22 -13.81 -95.99 30.52
N ASP A 23 -12.65 -96.68 30.30
CA ASP A 23 -11.48 -96.75 31.19
C ASP A 23 -10.75 -95.41 31.26
N ILE A 24 -10.70 -94.65 30.16
CA ILE A 24 -10.03 -93.35 30.16
C ILE A 24 -10.92 -92.31 30.89
N LEU A 25 -12.25 -92.26 30.62
CA LEU A 25 -13.23 -91.34 31.25
C LEU A 25 -13.35 -91.57 32.78
N ASN A 26 -13.24 -92.84 33.24
CA ASN A 26 -13.32 -93.19 34.65
C ASN A 26 -11.96 -93.03 35.38
N GLY A 27 -10.87 -92.85 34.63
CA GLY A 27 -9.53 -92.57 35.19
C GLY A 27 -8.56 -93.72 35.35
N TYR A 28 -8.82 -94.83 34.68
CA TYR A 28 -7.95 -96.01 34.72
C TYR A 28 -6.82 -95.87 33.72
N ASP A 29 -5.76 -96.67 33.94
CA ASP A 29 -4.52 -96.71 33.17
C ASP A 29 -4.70 -97.07 31.68
N ASN A 30 -5.76 -97.81 31.30
CA ASN A 30 -5.97 -98.21 29.91
C ASN A 30 -5.93 -97.00 28.97
N GLN A 31 -4.88 -96.97 28.17
CA GLN A 31 -4.62 -95.95 27.19
C GLN A 31 -4.48 -96.62 25.86
N VAL A 32 -5.39 -96.28 24.95
CA VAL A 32 -5.48 -96.84 23.62
C VAL A 32 -5.82 -95.68 22.68
N VAL A 33 -5.16 -95.64 21.50
CA VAL A 33 -5.21 -94.62 20.42
C VAL A 33 -6.61 -93.97 20.26
N MET A 34 -6.74 -92.79 20.90
CA MET A 34 -7.92 -91.92 21.07
C MET A 34 -8.73 -91.62 19.81
N GLN A 35 -8.08 -91.40 18.65
CA GLN A 35 -8.76 -91.03 17.41
C GLN A 35 -9.32 -92.25 16.67
N GLN A 36 -8.51 -93.33 16.55
CA GLN A 36 -8.88 -94.53 15.80
C GLN A 36 -9.99 -95.35 16.44
N LYS A 37 -9.92 -95.62 17.79
CA LYS A 37 -10.91 -96.42 18.54
C LYS A 37 -12.29 -95.70 18.64
N LEU A 38 -12.29 -94.34 18.60
CA LEU A 38 -13.48 -93.49 18.62
C LEU A 38 -14.23 -93.62 17.30
N LYS A 39 -13.49 -93.52 16.16
CA LYS A 39 -14.02 -93.63 14.78
C LYS A 39 -14.54 -95.05 14.52
N GLU A 40 -13.93 -96.06 15.17
CA GLU A 40 -14.32 -97.47 15.09
C GLU A 40 -15.65 -97.70 15.87
N PHE A 41 -15.85 -96.96 17.01
CA PHE A 41 -17.08 -96.97 17.82
C PHE A 41 -18.23 -96.35 17.03
N ILE A 42 -17.97 -95.24 16.31
CA ILE A 42 -18.96 -94.53 15.47
C ILE A 42 -19.39 -95.43 14.26
N GLU A 43 -18.42 -96.21 13.67
CA GLU A 43 -18.59 -97.14 12.53
C GLU A 43 -19.31 -98.46 12.89
N VAL A 44 -19.52 -98.75 14.21
CA VAL A 44 -20.20 -99.96 14.72
C VAL A 44 -21.61 -99.60 15.31
N LEU A 45 -21.90 -98.28 15.51
CA LEU A 45 -23.19 -97.74 15.99
C LEU A 45 -24.09 -97.38 14.78
N ARG A 46 -23.44 -97.16 13.61
CA ARG A 46 -24.01 -96.83 12.30
C ARG A 46 -24.35 -98.07 11.45
N ASP A 47 -23.73 -99.27 11.72
CA ASP A 47 -24.02 -100.48 10.93
C ASP A 47 -25.30 -101.17 11.42
N PRO A 48 -26.20 -101.55 10.49
CA PRO A 48 -27.49 -102.15 10.90
C PRO A 48 -27.39 -103.58 11.44
N LYS A 49 -26.21 -104.22 11.35
CA LYS A 49 -26.01 -105.60 11.82
C LYS A 49 -25.89 -105.70 13.34
N LEU A 50 -25.31 -104.66 14.01
CA LEU A 50 -25.06 -104.59 15.45
C LEU A 50 -26.27 -104.96 16.32
N PRO A 51 -27.50 -104.38 16.16
CA PRO A 51 -28.59 -104.78 17.05
C PRO A 51 -28.86 -106.28 17.02
N TYR A 52 -28.76 -106.91 15.82
CA TYR A 52 -28.94 -108.36 15.60
C TYR A 52 -27.83 -109.14 16.25
N SER A 53 -26.59 -108.63 16.10
CA SER A 53 -25.38 -109.24 16.64
C SER A 53 -25.44 -109.31 18.17
N GLU A 54 -25.86 -108.20 18.84
CA GLU A 54 -25.96 -108.18 20.30
C GLU A 54 -27.04 -109.16 20.78
N PHE A 55 -28.13 -109.31 20.01
CA PHE A 55 -29.21 -110.25 20.32
C PHE A 55 -28.76 -111.69 20.16
N SER A 56 -28.18 -112.05 18.98
CA SER A 56 -27.72 -113.41 18.65
C SER A 56 -26.72 -113.94 19.68
N ALA A 57 -25.91 -113.07 20.29
CA ALA A 57 -24.93 -113.47 21.30
C ALA A 57 -25.62 -113.87 22.62
N GLN A 58 -26.51 -113.00 23.14
CA GLN A 58 -27.23 -113.20 24.40
C GLN A 58 -28.27 -114.30 24.31
N PHE A 59 -29.04 -114.34 23.20
CA PHE A 59 -30.14 -115.31 23.02
C PHE A 59 -29.65 -116.76 22.95
N SER A 60 -28.45 -117.02 22.37
CA SER A 60 -27.87 -118.36 22.24
C SER A 60 -27.84 -119.10 23.58
N ALA A 61 -27.38 -118.41 24.63
CA ALA A 61 -27.32 -118.97 25.99
C ALA A 61 -28.72 -119.08 26.61
N LEU A 62 -29.61 -118.14 26.25
CA LEU A 62 -30.96 -118.01 26.79
C LEU A 62 -32.06 -118.78 26.01
N HIS A 63 -31.68 -119.64 25.02
CA HIS A 63 -32.64 -120.46 24.28
C HIS A 63 -33.30 -121.46 25.21
N ALA A 64 -32.48 -122.12 26.03
CA ALA A 64 -32.88 -123.14 26.99
C ALA A 64 -33.45 -122.56 28.30
N ARG A 65 -33.99 -121.33 28.24
CA ARG A 65 -34.59 -120.69 29.41
C ARG A 65 -36.03 -121.16 29.64
N MET A 66 -36.87 -120.31 30.26
CA MET A 66 -38.26 -120.57 30.62
C MET A 66 -39.18 -120.66 29.36
N PRO A 67 -40.54 -120.89 29.50
CA PRO A 67 -41.42 -121.09 28.35
C PRO A 67 -40.92 -120.64 26.98
N HIS A 68 -40.51 -121.68 26.22
CA HIS A 68 -40.00 -121.74 24.86
C HIS A 68 -40.98 -121.11 23.87
N LYS A 69 -42.29 -121.10 24.22
CA LYS A 69 -43.35 -120.50 23.40
C LYS A 69 -42.94 -119.10 22.96
N LEU A 70 -42.40 -118.32 23.91
CA LEU A 70 -41.91 -116.98 23.68
C LEU A 70 -40.56 -117.03 22.95
N ASP A 71 -39.66 -117.96 23.35
CA ASP A 71 -38.33 -118.09 22.78
C ASP A 71 -38.37 -118.30 21.25
N ALA A 72 -39.27 -119.15 20.75
CA ALA A 72 -39.41 -119.44 19.32
C ALA A 72 -40.03 -118.28 18.54
N GLN A 73 -41.06 -117.60 19.10
CA GLN A 73 -41.74 -116.50 18.41
C GLN A 73 -40.82 -115.31 18.20
N LEU A 74 -39.88 -115.04 19.14
CA LEU A 74 -38.93 -113.95 19.01
C LEU A 74 -37.93 -114.24 17.89
N THR A 75 -37.44 -115.51 17.82
CA THR A 75 -36.47 -115.96 16.82
C THR A 75 -37.03 -115.76 15.40
N GLN A 76 -38.32 -116.08 15.20
CA GLN A 76 -38.99 -115.92 13.91
C GLN A 76 -38.91 -114.48 13.43
N VAL A 77 -39.13 -113.51 14.34
CA VAL A 77 -39.10 -112.09 14.03
C VAL A 77 -37.69 -111.67 13.62
N LEU A 78 -36.66 -112.08 14.39
CA LEU A 78 -35.27 -111.74 14.13
C LEU A 78 -34.83 -112.24 12.76
N GLU A 79 -35.06 -113.55 12.49
CA GLU A 79 -34.64 -114.18 11.24
C GLU A 79 -35.30 -113.55 10.03
N ARG A 80 -36.60 -113.21 10.13
CA ARG A 80 -37.32 -112.63 9.01
C ARG A 80 -36.82 -111.21 8.75
N ALA A 81 -36.67 -110.39 9.80
CA ALA A 81 -36.22 -109.00 9.68
C ALA A 81 -34.79 -108.88 9.21
N GLN A 82 -33.95 -109.90 9.45
CA GLN A 82 -32.55 -109.87 9.05
C GLN A 82 -32.42 -109.87 7.53
N ASN A 83 -32.99 -110.90 6.86
CA ASN A 83 -32.96 -111.02 5.40
C ASN A 83 -33.94 -110.06 4.76
N ARG A 84 -35.22 -110.15 5.14
CA ARG A 84 -36.28 -109.26 4.63
C ARG A 84 -36.23 -107.98 5.45
N GLY A 85 -35.79 -106.91 4.82
CA GLY A 85 -35.65 -105.62 5.49
C GLY A 85 -34.32 -105.53 6.21
N ALA A 86 -33.97 -104.33 6.67
CA ALA A 86 -32.70 -104.10 7.34
C ALA A 86 -32.82 -103.86 8.85
N GLU A 87 -33.67 -102.89 9.30
CA GLU A 87 -33.75 -102.50 10.70
C GLU A 87 -34.37 -103.55 11.62
N PHE A 88 -33.77 -103.60 12.82
CA PHE A 88 -34.08 -104.44 13.95
C PHE A 88 -35.47 -104.20 14.49
N PRO A 89 -36.20 -105.30 14.74
CA PRO A 89 -37.56 -105.18 15.26
C PRO A 89 -37.57 -105.01 16.79
N ALA A 90 -36.76 -104.06 17.31
CA ALA A 90 -36.63 -103.76 18.75
C ALA A 90 -37.98 -103.55 19.43
N ARG A 91 -38.86 -102.73 18.84
CA ARG A 91 -40.18 -102.45 19.42
C ARG A 91 -41.11 -103.70 19.37
N GLN A 92 -41.02 -104.58 18.33
CA GLN A 92 -41.81 -105.83 18.25
C GLN A 92 -41.42 -106.77 19.37
N LEU A 93 -40.11 -106.82 19.67
CA LEU A 93 -39.51 -107.65 20.71
C LEU A 93 -39.87 -107.15 22.11
N LEU A 94 -40.15 -105.83 22.27
CA LEU A 94 -40.62 -105.23 23.54
C LEU A 94 -42.01 -105.72 23.83
N LYS A 95 -42.91 -105.61 22.84
CA LYS A 95 -44.33 -105.96 22.95
C LYS A 95 -44.52 -107.43 23.32
N VAL A 96 -43.79 -108.32 22.65
CA VAL A 96 -43.90 -109.76 22.91
C VAL A 96 -43.41 -110.12 24.32
N PHE A 97 -42.32 -109.49 24.82
CA PHE A 97 -41.80 -109.81 26.15
C PHE A 97 -42.78 -109.29 27.24
N ASN A 98 -43.34 -108.05 27.12
CA ASN A 98 -44.27 -107.53 28.14
C ASN A 98 -45.52 -108.39 28.24
N LYS A 99 -46.06 -108.84 27.09
CA LYS A 99 -47.26 -109.66 27.03
C LYS A 99 -47.07 -110.99 27.72
N PHE A 100 -45.90 -111.62 27.51
CA PHE A 100 -45.64 -112.93 28.09
C PHE A 100 -45.11 -112.85 29.52
N LEU A 101 -44.02 -112.10 29.80
CA LEU A 101 -43.43 -112.08 31.14
C LEU A 101 -44.36 -111.47 32.21
N ASP A 102 -44.41 -110.14 32.32
CA ASP A 102 -45.19 -109.47 33.36
C ASP A 102 -46.71 -109.52 33.12
N ASP A 103 -47.15 -109.70 31.85
CA ASP A 103 -48.57 -109.74 31.57
C ASP A 103 -49.12 -111.17 31.68
N ASN A 104 -48.48 -112.16 31.05
CA ASN A 104 -48.97 -113.55 31.17
C ASN A 104 -48.44 -114.13 32.48
N VAL A 105 -49.02 -113.65 33.59
CA VAL A 105 -48.70 -114.09 34.94
C VAL A 105 -49.06 -115.58 35.07
N PRO A 106 -50.26 -116.06 34.66
CA PRO A 106 -50.55 -117.49 34.87
C PRO A 106 -49.58 -118.49 34.21
N ASN A 107 -49.65 -118.72 32.88
CA ASN A 107 -48.84 -119.75 32.22
C ASN A 107 -47.37 -119.38 32.07
N LYS A 108 -47.07 -118.25 31.42
CA LYS A 108 -45.70 -117.86 31.12
C LYS A 108 -44.84 -117.67 32.36
N THR A 109 -45.32 -116.91 33.36
CA THR A 109 -44.49 -116.69 34.54
C THR A 109 -45.20 -117.18 35.82
N ASP A 110 -44.97 -118.46 36.15
CA ASP A 110 -45.56 -119.07 37.35
C ASP A 110 -45.32 -118.15 38.57
N GLN A 111 -44.06 -117.78 38.77
CA GLN A 111 -43.60 -116.84 39.79
C GLN A 111 -42.77 -115.82 39.05
N ASP A 112 -42.52 -114.65 39.65
CA ASP A 112 -41.78 -113.57 39.02
C ASP A 112 -40.28 -113.90 38.91
N LEU A 113 -39.96 -114.94 38.12
CA LEU A 113 -38.62 -115.39 37.81
C LEU A 113 -38.14 -114.83 36.50
N LEU A 114 -39.02 -114.87 35.49
CA LEU A 114 -38.77 -114.47 34.10
C LEU A 114 -38.11 -113.11 33.92
N LYS A 115 -38.53 -112.09 34.71
CA LYS A 115 -37.99 -110.74 34.64
C LYS A 115 -36.46 -110.76 34.70
N SER A 116 -35.89 -111.55 35.63
CA SER A 116 -34.44 -111.66 35.80
C SER A 116 -33.77 -112.40 34.63
N THR A 117 -34.40 -113.49 34.13
CA THR A 117 -33.83 -114.32 33.06
C THR A 117 -33.68 -113.58 31.75
N LEU A 118 -34.78 -113.01 31.21
CA LEU A 118 -34.78 -112.33 29.93
C LEU A 118 -34.25 -110.87 29.99
N GLU A 119 -33.74 -110.42 31.16
CA GLU A 119 -33.20 -109.06 31.39
C GLU A 119 -32.11 -108.65 30.37
N PRO A 120 -31.05 -109.45 30.01
CA PRO A 120 -30.06 -108.95 29.01
C PRO A 120 -30.71 -108.62 27.64
N LEU A 121 -31.76 -109.39 27.23
CA LEU A 121 -32.52 -109.18 26.00
C LEU A 121 -33.32 -107.89 26.07
N THR A 122 -33.92 -107.59 27.24
CA THR A 122 -34.74 -106.40 27.49
C THR A 122 -33.90 -105.11 27.48
N SER A 123 -32.56 -105.22 27.73
CA SER A 123 -31.60 -104.11 27.74
C SER A 123 -30.97 -103.92 26.32
N VAL A 124 -31.47 -104.70 25.33
CA VAL A 124 -31.13 -104.64 23.89
C VAL A 124 -32.33 -104.07 23.13
N LEU A 125 -33.57 -104.60 23.34
CA LEU A 125 -34.73 -104.07 22.63
C LEU A 125 -35.08 -102.61 23.11
N ASN A 126 -34.52 -102.11 24.27
CA ASN A 126 -34.71 -100.74 24.80
C ASN A 126 -33.66 -99.71 24.22
N LEU A 127 -32.36 -100.08 24.07
CA LEU A 127 -31.34 -99.17 23.48
C LEU A 127 -31.65 -98.97 21.95
N TYR A 128 -32.36 -99.95 21.27
CA TYR A 128 -32.77 -99.94 19.83
C TYR A 128 -34.26 -99.55 19.55
N LEU A 129 -35.15 -99.50 20.59
CA LEU A 129 -36.58 -99.15 20.40
C LEU A 129 -36.69 -97.81 19.67
N ASP A 130 -35.87 -96.81 20.09
CA ASP A 130 -35.79 -95.46 19.51
C ASP A 130 -35.27 -95.44 18.06
N GLY A 131 -34.40 -96.40 17.74
CA GLY A 131 -33.76 -96.55 16.43
C GLY A 131 -32.30 -97.01 16.52
N GLN A 132 -31.60 -97.03 15.36
CA GLN A 132 -30.20 -97.43 15.24
C GLN A 132 -29.26 -96.23 15.42
N LYS A 133 -29.59 -95.08 14.78
CA LYS A 133 -28.84 -93.83 14.94
C LYS A 133 -29.16 -93.21 16.30
N ALA A 134 -30.40 -93.41 16.83
CA ALA A 134 -30.82 -92.93 18.15
C ALA A 134 -30.11 -93.74 19.26
N ARG A 135 -29.66 -94.99 18.94
CA ARG A 135 -28.85 -95.85 19.83
C ARG A 135 -27.44 -95.29 19.86
N GLU A 136 -26.99 -94.74 18.70
CA GLU A 136 -25.68 -94.11 18.55
C GLU A 136 -25.63 -92.84 19.39
N LEU A 137 -26.74 -92.05 19.39
CA LEU A 137 -26.91 -90.80 20.16
C LEU A 137 -27.04 -91.06 21.66
N ASN A 138 -27.62 -92.24 22.04
CA ASN A 138 -27.77 -92.68 23.45
C ASN A 138 -26.38 -92.81 24.09
N LEU A 139 -25.41 -93.47 23.38
CA LEU A 139 -24.01 -93.71 23.82
C LEU A 139 -23.03 -92.57 23.34
N ILE A 140 -23.55 -91.27 23.35
CA ILE A 140 -22.93 -89.94 23.09
C ILE A 140 -23.75 -88.83 23.95
N ALA A 141 -24.80 -89.26 24.70
CA ALA A 141 -25.56 -88.47 25.69
C ALA A 141 -25.21 -88.99 27.10
N ASP A 142 -24.41 -90.12 27.10
CA ASP A 142 -23.85 -90.96 28.20
C ASP A 142 -22.34 -90.76 28.47
N LEU A 143 -21.51 -90.57 27.40
CA LEU A 143 -20.04 -90.35 27.44
C LEU A 143 -19.69 -88.85 27.49
N LEU A 144 -20.70 -87.96 27.22
CA LEU A 144 -20.64 -86.49 27.22
C LEU A 144 -21.37 -85.89 28.47
N SER A 145 -21.81 -86.80 29.37
CA SER A 145 -22.43 -86.61 30.70
C SER A 145 -21.46 -87.17 31.78
N MET A 146 -20.77 -88.30 31.45
CA MET A 146 -19.77 -89.05 32.25
C MET A 146 -18.55 -88.18 32.62
N TYR A 147 -18.15 -87.30 31.68
CA TYR A 147 -17.06 -86.34 31.85
C TYR A 147 -17.48 -85.23 32.82
N ALA A 148 -18.66 -84.61 32.55
CA ALA A 148 -19.25 -83.52 33.34
C ALA A 148 -19.54 -83.96 34.77
N ASP A 149 -20.04 -85.21 34.96
CA ASP A 149 -20.38 -85.84 36.25
C ASP A 149 -19.17 -85.79 37.19
N VAL A 150 -17.98 -86.21 36.71
CA VAL A 150 -16.79 -86.23 37.53
C VAL A 150 -16.14 -84.83 37.64
N GLU A 151 -15.94 -84.11 36.53
CA GLU A 151 -15.23 -82.82 36.51
C GLU A 151 -15.91 -81.65 37.22
N CYS A 152 -17.27 -81.60 37.19
CA CYS A 152 -18.00 -80.48 37.80
C CYS A 152 -17.71 -80.33 39.28
N GLN A 153 -17.48 -81.44 40.01
CA GLN A 153 -17.19 -81.37 41.45
C GLN A 153 -15.89 -80.65 41.71
N PHE A 154 -14.91 -80.81 40.82
CA PHE A 154 -13.58 -80.20 40.88
C PHE A 154 -13.62 -78.74 40.50
N SER A 155 -14.69 -78.36 39.80
CA SER A 155 -14.97 -76.98 39.45
C SER A 155 -16.17 -76.54 40.28
N GLY A 156 -16.51 -77.34 41.28
CA GLY A 156 -17.66 -77.18 42.15
C GLY A 156 -17.50 -76.14 43.22
N ARG A 157 -18.55 -76.02 44.06
CA ARG A 157 -18.74 -75.10 45.17
C ARG A 157 -17.47 -74.86 46.00
N ARG A 158 -16.60 -74.01 45.45
CA ARG A 158 -15.33 -73.49 45.99
C ARG A 158 -14.27 -74.56 46.29
N LEU A 159 -14.58 -75.85 46.01
CA LEU A 159 -13.66 -76.96 46.25
C LEU A 159 -12.79 -77.21 45.01
N GLN A 160 -11.57 -76.69 45.04
CA GLN A 160 -10.59 -76.86 43.97
C GLN A 160 -9.57 -77.92 44.37
N ASP A 161 -9.70 -78.43 45.59
CA ASP A 161 -8.84 -79.45 46.18
C ASP A 161 -9.62 -80.76 46.32
N GLU A 162 -9.02 -81.87 45.85
CA GLU A 162 -9.66 -83.19 45.91
C GLU A 162 -9.72 -83.73 47.34
N GLU A 163 -8.69 -83.50 48.16
CA GLU A 163 -8.68 -83.95 49.55
C GLU A 163 -9.79 -83.29 50.36
N ALA A 164 -9.99 -81.97 50.13
CA ALA A 164 -11.06 -81.20 50.74
C ALA A 164 -12.41 -81.75 50.28
N ILE A 165 -12.45 -82.21 49.00
CA ILE A 165 -13.62 -82.81 48.36
C ILE A 165 -13.93 -84.18 49.00
N LEU A 166 -12.89 -85.02 49.30
CA LEU A 166 -13.05 -86.34 49.94
C LEU A 166 -13.69 -86.19 51.31
N LYS A 167 -13.27 -85.16 52.08
CA LYS A 167 -13.78 -84.83 53.41
C LYS A 167 -15.20 -84.30 53.34
N LEU A 168 -15.55 -83.66 52.21
CA LEU A 168 -16.90 -83.16 51.99
C LEU A 168 -17.82 -84.32 51.62
N ARG A 169 -17.25 -85.35 50.94
CA ARG A 169 -17.94 -86.57 50.50
C ARG A 169 -18.37 -87.45 51.66
N ASP A 170 -17.82 -87.20 52.87
CA ASP A 170 -18.12 -87.95 54.10
C ASP A 170 -19.63 -88.13 54.32
N GLN A 171 -20.41 -87.26 53.68
CA GLN A 171 -21.87 -87.18 53.65
C GLN A 171 -22.56 -88.45 53.13
N TYR A 172 -22.00 -89.14 52.13
CA TYR A 172 -22.68 -90.31 51.55
C TYR A 172 -21.99 -91.63 51.85
N LYS A 173 -22.78 -92.62 52.31
CA LYS A 173 -22.34 -93.98 52.62
C LYS A 173 -21.94 -94.70 51.34
N ASP A 174 -22.78 -94.58 50.30
CA ASP A 174 -22.59 -95.20 48.99
C ASP A 174 -21.36 -94.62 48.30
N ASN A 175 -21.00 -93.37 48.64
CA ASN A 175 -19.83 -92.68 48.10
C ASN A 175 -18.55 -93.29 48.68
N ILE A 176 -18.62 -94.34 49.51
CA ILE A 176 -17.42 -94.98 50.07
C ILE A 176 -16.48 -95.42 48.93
N GLN A 177 -17.02 -96.17 47.96
CA GLN A 177 -16.32 -96.64 46.77
C GLN A 177 -16.18 -95.50 45.78
N LYS A 178 -17.25 -94.70 45.62
CA LYS A 178 -17.31 -93.59 44.66
C LYS A 178 -16.29 -92.49 44.97
N VAL A 179 -15.89 -92.31 46.26
CA VAL A 179 -14.91 -91.30 46.74
C VAL A 179 -13.63 -91.43 45.91
N VAL A 180 -13.04 -92.64 45.90
CA VAL A 180 -11.77 -92.95 45.22
C VAL A 180 -11.90 -92.95 43.68
N ASN A 181 -13.03 -93.49 43.13
CA ASN A 181 -13.28 -93.61 41.68
C ASN A 181 -13.25 -92.24 40.99
N THR A 182 -13.91 -91.23 41.59
CA THR A 182 -14.00 -89.87 41.07
C THR A 182 -12.61 -89.19 41.15
N VAL A 183 -11.83 -89.49 42.22
CA VAL A 183 -10.47 -88.96 42.42
C VAL A 183 -9.55 -89.54 41.35
N LEU A 184 -9.69 -90.86 41.08
CA LEU A 184 -8.92 -91.59 40.06
C LEU A 184 -9.15 -90.98 38.68
N SER A 185 -10.40 -90.57 38.40
CA SER A 185 -10.80 -89.96 37.13
C SER A 185 -10.17 -88.59 36.92
N HIS A 186 -10.20 -87.73 37.97
CA HIS A 186 -9.65 -86.37 37.88
C HIS A 186 -8.15 -86.37 37.61
N LYS A 187 -7.41 -87.36 38.16
CA LYS A 187 -5.96 -87.49 37.98
C LYS A 187 -5.60 -87.61 36.50
N ASN A 188 -6.37 -88.40 35.74
CA ASN A 188 -6.11 -88.58 34.32
C ASN A 188 -7.08 -87.77 33.48
N VAL A 189 -7.28 -86.49 33.82
CA VAL A 189 -8.19 -85.61 33.10
C VAL A 189 -7.60 -85.22 31.72
N MET A 190 -6.27 -85.19 31.60
CA MET A 190 -5.57 -84.84 30.36
C MET A 190 -5.98 -85.77 29.23
N SER A 191 -6.00 -87.10 29.51
CA SER A 191 -6.41 -88.12 28.56
C SER A 191 -7.90 -87.99 28.27
N LYS A 192 -8.69 -87.63 29.31
CA LYS A 192 -10.14 -87.44 29.23
C LYS A 192 -10.50 -86.27 28.32
N ASN A 193 -9.78 -85.12 28.47
CA ASN A 193 -9.99 -83.91 27.67
C ASN A 193 -9.82 -84.20 26.20
N SER A 194 -8.78 -84.99 25.84
CA SER A 194 -8.51 -85.37 24.45
C SER A 194 -9.66 -86.22 23.85
N LEU A 195 -10.26 -87.11 24.68
CA LEU A 195 -11.36 -87.97 24.23
C LEU A 195 -12.63 -87.19 23.96
N VAL A 196 -13.03 -86.31 24.91
CA VAL A 196 -14.22 -85.48 24.80
C VAL A 196 -14.08 -84.51 23.63
N LEU A 197 -12.90 -83.87 23.47
CA LEU A 197 -12.63 -82.93 22.37
C LEU A 197 -12.82 -83.60 21.02
N ALA A 198 -12.31 -84.86 20.87
CA ALA A 198 -12.43 -85.65 19.63
C ALA A 198 -13.89 -85.98 19.34
N LEU A 199 -14.69 -86.20 20.39
CA LEU A 199 -16.12 -86.48 20.32
C LEU A 199 -16.91 -85.19 19.97
N LEU A 200 -16.48 -84.03 20.52
CA LEU A 200 -17.07 -82.70 20.27
C LEU A 200 -16.84 -82.25 18.83
N ASP A 201 -15.68 -82.62 18.25
CA ASP A 201 -15.32 -82.31 16.87
C ASP A 201 -16.14 -83.16 15.89
N GLU A 202 -16.41 -84.43 16.24
CA GLU A 202 -17.16 -85.38 15.40
C GLU A 202 -18.63 -84.96 15.25
N TYR A 203 -19.27 -84.46 16.33
CA TYR A 203 -20.66 -84.03 16.34
C TYR A 203 -20.79 -82.50 16.16
N ARG A 204 -19.67 -81.79 15.87
CA ARG A 204 -19.64 -80.36 15.56
C ARG A 204 -20.51 -80.06 14.32
N PRO A 205 -20.69 -80.97 13.29
CA PRO A 205 -21.63 -80.65 12.21
C PRO A 205 -23.08 -80.75 12.73
N ASN A 206 -23.37 -79.83 13.67
CA ASN A 206 -24.60 -79.49 14.38
C ASN A 206 -25.39 -78.60 13.45
N LYS A 207 -24.67 -77.81 12.61
CA LYS A 207 -25.20 -76.93 11.57
C LYS A 207 -26.12 -77.76 10.64
N PRO A 208 -25.64 -78.89 10.00
CA PRO A 208 -26.56 -79.70 9.19
C PRO A 208 -27.73 -80.29 9.97
N ASN A 209 -27.47 -81.11 10.97
CA ASN A 209 -28.51 -81.75 11.77
C ASN A 209 -28.75 -80.96 13.10
N VAL A 210 -29.60 -79.86 13.11
CA VAL A 210 -29.91 -79.11 14.37
C VAL A 210 -31.10 -79.83 15.14
N GLY A 211 -31.22 -81.17 14.96
CA GLY A 211 -32.26 -82.01 15.56
C GLY A 211 -31.89 -83.44 15.95
N ASN A 212 -31.50 -84.30 14.97
CA ASN A 212 -31.15 -85.70 15.26
C ASN A 212 -29.94 -85.79 16.19
N VAL A 213 -28.75 -85.44 15.69
CA VAL A 213 -27.54 -85.50 16.51
C VAL A 213 -27.40 -84.25 17.43
N GLY A 214 -28.15 -83.18 17.13
CA GLY A 214 -28.07 -81.89 17.81
C GLY A 214 -28.96 -81.59 19.00
N LYS A 215 -30.29 -81.73 18.84
CA LYS A 215 -31.28 -81.49 19.90
C LYS A 215 -31.15 -82.53 21.01
N HIS A 216 -30.88 -83.82 20.62
CA HIS A 216 -30.67 -84.96 21.53
C HIS A 216 -29.46 -84.70 22.43
N LEU A 217 -28.45 -83.99 21.88
CA LEU A 217 -27.23 -83.62 22.56
C LEU A 217 -27.34 -82.21 23.22
N ARG A 218 -28.33 -81.34 22.84
CA ARG A 218 -28.51 -79.96 23.38
C ARG A 218 -28.42 -79.87 24.91
N PRO A 219 -29.21 -80.64 25.73
CA PRO A 219 -29.09 -80.52 27.19
C PRO A 219 -27.81 -81.18 27.78
N VAL A 220 -27.39 -82.38 27.29
CA VAL A 220 -26.21 -83.17 27.77
C VAL A 220 -24.85 -82.50 27.31
N LEU A 221 -24.93 -81.37 26.54
CA LEU A 221 -23.84 -80.52 26.01
C LEU A 221 -23.85 -79.15 26.69
N ARG A 222 -25.06 -78.62 27.04
CA ARG A 222 -25.16 -77.34 27.74
C ARG A 222 -24.50 -77.51 29.10
N ARG A 223 -24.52 -78.75 29.68
CA ARG A 223 -23.84 -79.09 30.93
C ARG A 223 -22.31 -79.29 30.68
N LEU A 224 -21.70 -78.46 29.78
CA LEU A 224 -20.26 -78.48 29.48
C LEU A 224 -19.69 -77.04 29.19
N THR A 225 -20.45 -75.94 29.46
CA THR A 225 -19.94 -74.58 29.22
C THR A 225 -19.52 -73.89 30.54
N GLU A 226 -20.08 -74.33 31.67
CA GLU A 226 -19.81 -73.81 33.02
C GLU A 226 -18.39 -74.16 33.48
N LEU A 227 -17.82 -75.28 32.98
CA LEU A 227 -16.47 -75.77 33.33
C LEU A 227 -15.40 -74.80 32.78
N GLU A 228 -15.30 -73.62 33.42
CA GLU A 228 -14.38 -72.54 33.09
C GLU A 228 -13.02 -72.81 33.69
N SER A 229 -12.95 -73.75 34.68
CA SER A 229 -11.75 -74.21 35.36
C SER A 229 -10.66 -74.49 34.33
N ARG A 230 -9.43 -74.06 34.61
CA ARG A 230 -8.24 -74.16 33.75
C ARG A 230 -8.12 -75.52 33.04
N GLN A 231 -8.35 -76.63 33.77
CA GLN A 231 -8.22 -77.97 33.24
C GLN A 231 -9.18 -78.20 32.06
N SER A 232 -10.45 -77.88 32.26
CA SER A 232 -11.53 -78.08 31.31
C SER A 232 -11.81 -76.85 30.40
N ALA A 233 -11.09 -75.73 30.63
CA ALA A 233 -11.30 -74.45 29.94
C ALA A 233 -11.44 -74.58 28.40
N LYS A 234 -10.53 -75.32 27.76
CA LYS A 234 -10.50 -75.53 26.32
C LYS A 234 -11.73 -76.28 25.84
N VAL A 235 -12.10 -77.34 26.56
CA VAL A 235 -13.22 -78.19 26.20
C VAL A 235 -14.54 -77.41 26.32
N SER A 236 -14.66 -76.49 27.32
CA SER A 236 -15.86 -75.67 27.52
C SER A 236 -16.08 -74.73 26.35
N LEU A 237 -14.99 -74.16 25.83
CA LEU A 237 -15.05 -73.28 24.69
C LEU A 237 -15.57 -74.03 23.48
N LYS A 238 -15.08 -75.27 23.28
CA LYS A 238 -15.49 -76.13 22.17
C LYS A 238 -16.97 -76.43 22.26
N ALA A 239 -17.48 -76.67 23.49
CA ALA A 239 -18.89 -76.94 23.75
C ALA A 239 -19.73 -75.77 23.29
N ARG A 240 -19.30 -74.53 23.62
CA ARG A 240 -19.99 -73.31 23.25
C ARG A 240 -20.15 -73.22 21.73
N GLU A 241 -19.11 -73.59 20.96
CA GLU A 241 -19.12 -73.57 19.49
C GLU A 241 -20.30 -74.35 18.95
N VAL A 242 -20.49 -75.56 19.46
CA VAL A 242 -21.55 -76.49 19.06
C VAL A 242 -22.94 -75.90 19.33
N LEU A 243 -23.15 -75.35 20.54
CA LEU A 243 -24.42 -74.78 20.98
C LEU A 243 -24.87 -73.63 20.11
N ILE A 244 -23.93 -72.79 19.69
CA ILE A 244 -24.24 -71.66 18.81
C ILE A 244 -24.88 -72.21 17.53
N LEU A 245 -24.37 -73.34 17.06
CA LEU A 245 -24.81 -74.03 15.85
C LEU A 245 -26.20 -74.63 16.01
N CYS A 246 -26.59 -74.98 17.25
CA CYS A 246 -27.90 -75.57 17.48
C CYS A 246 -28.96 -74.47 17.58
N SER A 250 -30.03 -77.81 10.78
CA SER A 250 -30.60 -76.84 9.87
C SER A 250 -30.39 -77.27 8.44
N LEU A 251 -29.16 -77.67 8.05
CA LEU A 251 -28.82 -78.10 6.67
C LEU A 251 -29.57 -79.36 6.29
N GLU A 252 -29.76 -80.31 7.22
CA GLU A 252 -30.48 -81.55 6.92
C GLU A 252 -31.90 -81.20 6.47
N GLU A 253 -32.57 -80.32 7.23
CA GLU A 253 -33.87 -79.78 6.91
C GLU A 253 -33.79 -78.88 5.68
N ARG A 254 -32.68 -78.14 5.55
CA ARG A 254 -32.42 -77.26 4.41
C ARG A 254 -32.32 -78.09 3.14
N THR A 255 -31.78 -79.34 3.22
CA THR A 255 -31.69 -80.25 2.09
C THR A 255 -33.07 -80.38 1.52
N ALA A 256 -34.05 -80.67 2.39
CA ALA A 256 -35.45 -80.81 2.04
C ALA A 256 -36.02 -79.50 1.50
N GLN A 257 -35.85 -78.39 2.25
CA GLN A 257 -36.35 -77.06 1.89
C GLN A 257 -35.99 -76.68 0.47
N MET A 258 -34.69 -76.65 0.19
CA MET A 258 -34.13 -76.29 -1.09
C MET A 258 -34.59 -77.28 -2.16
N GLU A 259 -34.65 -78.58 -1.82
CA GLU A 259 -35.10 -79.60 -2.76
C GLU A 259 -36.49 -79.28 -3.23
N HIS A 260 -37.35 -78.83 -2.31
CA HIS A 260 -38.71 -78.46 -2.63
C HIS A 260 -38.73 -77.23 -3.50
N ILE A 261 -37.96 -76.19 -3.15
CA ILE A 261 -37.97 -74.94 -3.91
C ILE A 261 -37.51 -75.19 -5.35
N LEU A 262 -36.48 -76.02 -5.53
CA LEU A 262 -35.98 -76.35 -6.87
C LEU A 262 -37.03 -77.07 -7.65
N ARG A 263 -37.72 -78.01 -7.03
CA ARG A 263 -38.73 -78.78 -7.72
C ARG A 263 -39.97 -77.93 -7.98
N SER A 264 -40.33 -77.00 -7.07
CA SER A 264 -41.47 -76.10 -7.26
C SER A 264 -41.19 -75.17 -8.40
N SER A 265 -39.91 -74.84 -8.60
CA SER A 265 -39.49 -73.98 -9.69
C SER A 265 -39.78 -74.67 -11.00
N VAL A 266 -39.35 -75.96 -11.12
CA VAL A 266 -39.49 -76.83 -12.29
C VAL A 266 -40.90 -76.76 -12.82
N VAL A 267 -41.80 -77.36 -12.08
CA VAL A 267 -43.18 -77.44 -12.47
C VAL A 267 -43.94 -76.38 -11.71
N GLN A 268 -44.37 -75.34 -12.42
CA GLN A 268 -45.19 -74.32 -11.78
C GLN A 268 -46.59 -74.87 -11.80
N SER A 269 -47.24 -74.91 -10.63
CA SER A 269 -48.56 -75.50 -10.46
C SER A 269 -49.52 -74.99 -11.52
N ARG A 270 -49.93 -73.71 -11.42
CA ARG A 270 -50.91 -73.07 -12.31
C ARG A 270 -52.00 -74.09 -12.61
N TYR A 271 -52.72 -74.50 -11.55
CA TYR A 271 -53.77 -75.50 -11.58
C TYR A 271 -54.71 -75.22 -12.72
N GLY A 272 -54.85 -76.21 -13.58
CA GLY A 272 -55.68 -76.11 -14.78
C GLY A 272 -54.93 -76.41 -16.06
N GLU A 273 -53.67 -76.87 -15.95
CA GLU A 273 -52.89 -77.26 -17.13
C GLU A 273 -52.07 -78.51 -16.84
N THR A 274 -51.94 -79.34 -17.89
CA THR A 274 -51.29 -80.66 -17.92
C THR A 274 -49.76 -80.65 -18.04
N GLY A 275 -49.16 -79.67 -18.72
CA GLY A 275 -47.73 -79.73 -18.96
C GLY A 275 -46.81 -78.57 -18.61
N TRP A 276 -46.41 -78.48 -17.32
CA TRP A 276 -45.46 -77.45 -16.88
C TRP A 276 -44.03 -77.97 -16.86
N SER A 277 -43.82 -79.27 -17.14
CA SER A 277 -42.51 -79.93 -17.12
C SER A 277 -41.48 -79.25 -18.01
N HIS A 278 -41.85 -78.95 -19.27
CA HIS A 278 -40.92 -78.34 -20.22
C HIS A 278 -40.50 -76.94 -19.80
N ARG A 279 -41.43 -76.15 -19.22
CA ARG A 279 -41.18 -74.77 -18.78
C ARG A 279 -39.92 -74.70 -17.96
N ARG A 280 -39.04 -73.73 -18.29
CA ARG A 280 -37.75 -73.51 -17.61
C ARG A 280 -37.99 -72.90 -16.19
N PRO A 281 -36.98 -72.85 -15.28
CA PRO A 281 -37.25 -72.42 -13.88
C PRO A 281 -37.54 -70.92 -13.69
N ASP A 282 -38.59 -70.63 -12.88
CA ASP A 282 -39.12 -69.29 -12.57
C ASP A 282 -38.36 -68.56 -11.47
N ARG A 283 -38.10 -67.27 -11.71
CA ARG A 283 -37.37 -66.38 -10.82
C ARG A 283 -38.02 -66.20 -9.44
N GLU A 284 -39.30 -65.80 -9.40
CA GLU A 284 -40.02 -65.46 -8.19
C GLU A 284 -39.74 -66.43 -7.04
N VAL A 285 -39.91 -67.74 -7.25
CA VAL A 285 -39.71 -68.74 -6.21
C VAL A 285 -38.23 -68.91 -5.89
N LEU A 286 -37.39 -69.06 -6.93
CA LEU A 286 -35.94 -69.28 -6.80
C LEU A 286 -35.22 -68.09 -6.14
N LYS A 287 -35.80 -66.89 -6.26
CA LYS A 287 -35.28 -65.65 -5.70
C LYS A 287 -35.04 -65.79 -4.19
N GLU A 288 -35.97 -66.48 -3.50
CA GLU A 288 -35.92 -66.74 -2.06
C GLU A 288 -34.59 -67.32 -1.63
N VAL A 289 -34.08 -68.29 -2.40
CA VAL A 289 -32.81 -68.94 -2.10
C VAL A 289 -31.64 -68.08 -2.52
N VAL A 290 -31.70 -67.50 -3.73
CA VAL A 290 -30.57 -66.74 -4.27
C VAL A 290 -30.21 -65.54 -3.38
N ASP A 291 -31.21 -64.78 -2.90
CA ASP A 291 -31.04 -63.58 -2.09
C ASP A 291 -31.07 -63.83 -0.57
N SER A 292 -31.17 -65.09 -0.12
CA SER A 292 -31.22 -65.43 1.32
C SER A 292 -29.98 -64.96 2.08
N LYS A 293 -30.18 -64.71 3.39
CA LYS A 293 -29.17 -64.29 4.37
C LYS A 293 -28.30 -65.47 4.77
N TYR A 294 -28.84 -66.68 4.62
CA TYR A 294 -28.16 -67.94 4.92
C TYR A 294 -27.19 -68.37 3.84
N THR A 295 -26.20 -69.18 4.22
CA THR A 295 -25.27 -69.77 3.27
C THR A 295 -26.03 -70.79 2.43
N VAL A 296 -25.91 -70.72 1.10
CA VAL A 296 -26.59 -71.62 0.16
C VAL A 296 -25.59 -72.61 -0.45
N PHE A 297 -24.37 -72.12 -0.71
CA PHE A 297 -23.24 -72.85 -1.28
C PHE A 297 -22.88 -74.08 -0.43
N ASP A 298 -23.20 -74.04 0.89
CA ASP A 298 -22.93 -75.08 1.89
C ASP A 298 -23.67 -76.42 1.62
N VAL A 299 -24.85 -76.35 0.97
CA VAL A 299 -25.63 -77.54 0.62
C VAL A 299 -25.75 -77.71 -0.92
N LEU A 300 -26.00 -76.61 -1.68
CA LEU A 300 -26.23 -76.60 -3.14
C LEU A 300 -25.41 -77.62 -3.98
N THR A 301 -24.12 -77.89 -3.63
CA THR A 301 -23.13 -78.77 -4.33
C THR A 301 -23.57 -80.21 -4.68
N LEU A 302 -24.59 -80.66 -4.00
CA LEU A 302 -25.12 -81.99 -4.21
C LEU A 302 -26.34 -81.94 -5.14
N PHE A 303 -26.99 -80.76 -5.32
CA PHE A 303 -28.22 -80.63 -6.12
C PHE A 303 -28.00 -80.57 -7.65
N PHE A 304 -26.81 -80.11 -8.12
CA PHE A 304 -26.51 -80.12 -9.57
C PHE A 304 -26.30 -81.57 -10.02
N ALA A 305 -26.04 -82.39 -9.00
CA ALA A 305 -25.66 -83.78 -8.90
C ALA A 305 -26.80 -84.77 -8.63
N HIS A 306 -26.70 -86.01 -9.19
CA HIS A 306 -27.59 -87.20 -9.04
C HIS A 306 -29.10 -86.96 -9.20
N GLU A 307 -29.50 -85.72 -9.45
CA GLU A 307 -30.89 -85.31 -9.54
C GLU A 307 -31.37 -85.41 -10.94
N ASP A 308 -32.65 -85.05 -11.14
CA ASP A 308 -33.26 -84.99 -12.45
C ASP A 308 -32.44 -83.99 -13.28
N PRO A 309 -32.15 -84.29 -14.56
CA PRO A 309 -31.33 -83.37 -15.37
C PRO A 309 -31.88 -81.96 -15.41
N TYR A 310 -33.21 -81.80 -15.24
CA TYR A 310 -33.87 -80.51 -15.15
C TYR A 310 -33.54 -79.85 -13.79
N VAL A 311 -33.59 -80.62 -12.69
CA VAL A 311 -33.33 -80.12 -11.34
C VAL A 311 -31.86 -79.68 -11.24
N ALA A 312 -30.95 -80.43 -11.92
CA ALA A 312 -29.54 -80.11 -12.01
C ALA A 312 -29.37 -78.72 -12.61
N LEU A 313 -30.20 -78.36 -13.63
CA LEU A 313 -30.28 -77.05 -14.31
C LEU A 313 -30.70 -75.97 -13.33
N ALA A 314 -31.79 -76.23 -12.57
CA ALA A 314 -32.40 -75.30 -11.63
C ALA A 314 -31.41 -74.88 -10.55
N ALA A 315 -30.64 -75.87 -10.05
CA ALA A 315 -29.61 -75.66 -9.03
C ALA A 315 -28.52 -74.71 -9.55
N LEU A 316 -28.08 -74.91 -10.83
CA LEU A 316 -27.04 -74.11 -11.54
C LEU A 316 -27.46 -72.65 -11.60
N GLU A 317 -28.77 -72.42 -11.84
CA GLU A 317 -29.38 -71.09 -11.89
C GLU A 317 -29.25 -70.41 -10.50
N VAL A 318 -29.65 -71.11 -9.40
CA VAL A 318 -29.59 -70.62 -8.00
C VAL A 318 -28.18 -70.13 -7.65
N TYR A 319 -27.19 -70.93 -8.02
CA TYR A 319 -25.78 -70.69 -7.78
C TYR A 319 -25.28 -69.45 -8.50
N VAL A 320 -25.52 -69.34 -9.83
CA VAL A 320 -25.09 -68.20 -10.65
C VAL A 320 -25.68 -66.88 -10.14
N ARG A 321 -26.99 -66.87 -9.85
CA ARG A 321 -27.70 -65.67 -9.38
C ARG A 321 -27.17 -65.22 -8.03
N ARG A 322 -26.85 -66.16 -7.13
CA ARG A 322 -26.34 -65.84 -5.81
C ARG A 322 -24.92 -65.27 -5.88
N ALA A 323 -24.02 -65.91 -6.63
CA ALA A 323 -22.62 -65.47 -6.67
C ALA A 323 -22.44 -64.17 -7.44
N TYR A 324 -22.97 -64.13 -8.67
CA TYR A 324 -22.81 -63.00 -9.57
C TYR A 324 -23.98 -62.01 -9.35
N ARG A 325 -24.08 -61.55 -8.06
CA ARG A 325 -25.01 -60.55 -7.50
C ARG A 325 -24.55 -59.14 -7.87
N ALA A 326 -23.24 -58.85 -7.67
CA ALA A 326 -22.61 -57.57 -7.99
C ALA A 326 -22.63 -57.33 -9.50
N TYR A 327 -22.50 -58.43 -10.26
CA TYR A 327 -22.50 -58.49 -11.71
C TYR A 327 -23.86 -58.20 -12.29
N ASN A 328 -23.93 -58.23 -13.62
CA ASN A 328 -25.18 -57.99 -14.30
C ASN A 328 -25.70 -59.27 -14.95
N LEU A 329 -27.01 -59.27 -15.12
CA LEU A 329 -27.85 -60.31 -15.71
C LEU A 329 -27.91 -60.17 -17.25
N ARG A 330 -28.03 -61.31 -18.00
CA ARG A 330 -28.22 -61.39 -19.48
C ARG A 330 -28.28 -62.85 -20.00
N GLU A 331 -29.42 -63.22 -20.66
CA GLU A 331 -29.87 -64.48 -21.26
C GLU A 331 -29.22 -65.74 -20.69
N VAL A 332 -30.04 -66.55 -19.96
CA VAL A 332 -29.64 -67.87 -19.43
C VAL A 332 -30.12 -68.90 -20.46
N ARG A 333 -29.18 -69.63 -21.05
CA ARG A 333 -29.51 -70.61 -22.08
C ARG A 333 -29.08 -71.99 -21.68
N TYR A 334 -30.04 -72.93 -21.55
CA TYR A 334 -29.71 -74.30 -21.20
C TYR A 334 -29.87 -75.20 -22.42
N HIS A 335 -28.76 -75.84 -22.83
CA HIS A 335 -28.69 -76.75 -23.96
C HIS A 335 -28.51 -78.17 -23.40
N ASP A 336 -29.23 -79.17 -23.95
CA ASP A 336 -29.07 -80.52 -23.42
C ASP A 336 -28.27 -81.34 -24.41
N GLU A 337 -26.94 -81.40 -24.16
CA GLU A 337 -26.00 -82.20 -24.94
C GLU A 337 -25.83 -83.55 -24.24
N GLU A 338 -24.63 -84.16 -24.33
CA GLU A 338 -24.30 -85.44 -23.67
C GLU A 338 -24.31 -85.26 -22.17
N ARG A 339 -23.70 -84.15 -21.73
CA ARG A 339 -23.65 -83.75 -20.33
C ARG A 339 -24.75 -82.68 -20.13
N PRO A 340 -25.93 -82.99 -19.51
CA PRO A 340 -26.94 -81.95 -19.29
C PRO A 340 -26.48 -81.11 -18.09
N TYR A 341 -25.67 -80.11 -18.43
CA TYR A 341 -25.04 -79.15 -17.54
C TYR A 341 -25.13 -77.72 -18.13
N PHE A 342 -24.90 -77.61 -19.47
CA PHE A 342 -24.70 -76.42 -20.30
C PHE A 342 -25.58 -75.17 -19.93
N ILE A 343 -25.17 -74.40 -18.89
CA ILE A 343 -25.85 -73.14 -18.55
C ILE A 343 -25.00 -72.04 -19.16
N ASP A 344 -25.52 -71.41 -20.22
CA ASP A 344 -24.91 -70.33 -20.99
C ASP A 344 -25.48 -68.97 -20.52
N TRP A 345 -24.83 -68.31 -19.51
CA TRP A 345 -25.23 -66.99 -18.98
C TRP A 345 -24.26 -65.91 -19.49
N ASP A 346 -24.77 -64.70 -19.74
CA ASP A 346 -23.96 -63.60 -20.23
C ASP A 346 -24.09 -62.40 -19.28
N PHE A 347 -23.17 -61.41 -19.40
CA PHE A 347 -23.20 -60.14 -18.66
C PHE A 347 -22.30 -59.10 -19.34
N VAL A 367 -18.70 -55.53 -12.60
CA VAL A 367 -18.92 -55.09 -13.97
C VAL A 367 -19.65 -53.73 -13.99
N PRO A 368 -20.52 -53.34 -13.00
CA PRO A 368 -21.06 -51.96 -13.04
C PRO A 368 -19.92 -50.95 -12.93
N SER A 369 -18.86 -51.32 -12.18
CA SER A 369 -17.55 -50.70 -11.96
C SER A 369 -17.52 -49.15 -12.06
N SER A 370 -17.99 -48.48 -10.99
CA SER A 370 -18.06 -47.04 -10.70
C SER A 370 -19.08 -46.76 -9.58
N PRO A 371 -20.43 -46.98 -9.76
CA PRO A 371 -21.34 -46.73 -8.63
C PRO A 371 -21.55 -47.96 -7.76
N ALA A 372 -20.97 -49.11 -8.16
CA ALA A 372 -21.09 -50.39 -7.46
C ALA A 372 -20.26 -50.43 -6.16
N THR A 373 -19.75 -51.63 -5.85
CA THR A 373 -18.92 -51.97 -4.69
C THR A 373 -17.74 -51.00 -4.55
N PRO A 374 -17.23 -50.71 -3.33
CA PRO A 374 -16.08 -49.80 -3.25
C PRO A 374 -14.89 -50.41 -4.00
N VAL A 375 -14.57 -49.81 -5.13
CA VAL A 375 -13.51 -50.23 -6.05
C VAL A 375 -12.84 -48.97 -6.62
N GLU A 376 -11.77 -49.13 -7.40
CA GLU A 376 -11.09 -47.97 -7.98
C GLU A 376 -11.22 -47.95 -9.48
N ASN A 377 -11.86 -46.88 -10.01
CA ASN A 377 -12.06 -46.68 -11.44
C ASN A 377 -11.55 -45.33 -11.93
N ASP A 378 -10.66 -45.38 -12.93
CA ASP A 378 -10.06 -44.23 -13.57
C ASP A 378 -10.50 -44.20 -15.02
N PHE A 379 -11.04 -43.05 -15.45
CA PHE A 379 -11.55 -42.83 -16.81
C PHE A 379 -12.67 -43.84 -17.08
N LYS A 380 -12.60 -44.57 -18.19
CA LYS A 380 -13.56 -45.60 -18.57
C LYS A 380 -12.86 -46.95 -18.61
N ARG A 381 -13.21 -47.81 -17.65
CA ARG A 381 -12.65 -49.15 -17.50
C ARG A 381 -13.59 -50.01 -16.64
N ILE A 382 -13.61 -51.32 -16.91
CA ILE A 382 -14.38 -52.31 -16.16
C ILE A 382 -13.49 -53.54 -15.98
N HIS A 383 -13.23 -53.93 -14.71
CA HIS A 383 -12.39 -55.08 -14.38
C HIS A 383 -13.20 -56.18 -13.66
N SER A 384 -12.63 -57.42 -13.64
CA SER A 384 -13.19 -58.65 -13.00
C SER A 384 -13.06 -58.58 -11.44
N ILE A 385 -13.63 -59.60 -10.72
CA ILE A 385 -13.63 -59.67 -9.23
C ILE A 385 -12.19 -60.03 -8.72
N SER A 386 -11.57 -61.11 -9.24
CA SER A 386 -10.22 -61.55 -8.86
C SER A 386 -9.18 -60.75 -9.63
N ASP A 387 -9.34 -60.68 -10.99
CA ASP A 387 -8.45 -59.96 -11.90
C ASP A 387 -8.68 -58.46 -11.72
N MET A 388 -7.87 -57.77 -10.88
CA MET A 388 -8.05 -56.31 -10.71
C MET A 388 -7.51 -55.55 -11.96
N THR A 389 -6.87 -56.29 -12.92
CA THR A 389 -6.33 -55.83 -14.21
C THR A 389 -6.79 -56.80 -15.36
N TYR A 390 -7.98 -56.54 -15.97
CA TYR A 390 -8.52 -57.36 -17.08
C TYR A 390 -8.13 -56.75 -18.42
N LEU A 391 -8.84 -55.66 -18.82
CA LEU A 391 -8.62 -54.87 -20.02
C LEU A 391 -9.18 -53.48 -19.75
N ALA A 392 -8.28 -52.56 -19.36
CA ALA A 392 -8.57 -51.19 -18.96
C ALA A 392 -8.94 -50.29 -20.12
N ARG A 393 -8.33 -50.51 -21.29
CA ARG A 393 -8.50 -49.74 -22.54
C ARG A 393 -9.88 -49.09 -22.63
N ARG A 394 -10.94 -49.92 -22.50
CA ARG A 394 -12.37 -49.60 -22.46
C ARG A 394 -13.17 -50.89 -22.64
N THR A 395 -14.46 -50.88 -22.31
CA THR A 395 -15.32 -52.06 -22.48
C THR A 395 -16.25 -51.93 -23.69
N ARG A 396 -15.95 -50.99 -24.61
CA ARG A 396 -16.75 -50.82 -25.83
C ARG A 396 -16.40 -51.96 -26.81
N ASP A 397 -15.08 -52.17 -27.05
CA ASP A 397 -14.54 -53.20 -27.91
C ASP A 397 -13.95 -54.32 -27.01
N GLU A 398 -14.87 -55.08 -26.39
CA GLU A 398 -14.64 -56.17 -25.47
C GLU A 398 -15.85 -57.09 -25.39
N PRO A 399 -15.66 -58.42 -25.39
CA PRO A 399 -16.82 -59.30 -25.28
C PRO A 399 -17.38 -59.34 -23.86
N ILE A 400 -18.54 -59.99 -23.73
CA ILE A 400 -19.20 -60.23 -22.46
C ILE A 400 -18.58 -61.53 -21.95
N ARG A 401 -18.78 -61.86 -20.68
CA ARG A 401 -18.14 -63.07 -20.17
C ARG A 401 -19.16 -64.22 -20.07
N LYS A 402 -19.14 -65.11 -21.10
CA LYS A 402 -19.99 -66.31 -21.25
C LYS A 402 -19.65 -67.34 -20.18
N GLY A 403 -20.68 -67.74 -19.44
CA GLY A 403 -20.55 -68.70 -18.37
C GLY A 403 -20.86 -70.12 -18.73
N VAL A 404 -20.29 -71.03 -17.95
CA VAL A 404 -20.43 -72.48 -18.07
C VAL A 404 -20.26 -73.06 -16.66
N ILE A 405 -21.28 -73.77 -16.12
CA ILE A 405 -21.20 -74.45 -14.81
C ILE A 405 -21.68 -75.89 -14.99
N VAL A 406 -20.82 -76.89 -14.66
CA VAL A 406 -21.05 -78.32 -14.87
C VAL A 406 -21.04 -79.17 -13.59
N PRO A 407 -22.08 -80.02 -13.37
CA PRO A 407 -22.07 -80.92 -12.21
C PRO A 407 -21.52 -82.30 -12.56
N CYS A 408 -20.26 -82.55 -12.20
CA CYS A 408 -19.63 -83.83 -12.45
C CYS A 408 -19.85 -84.74 -11.25
N LYS A 409 -19.72 -86.07 -11.44
CA LYS A 409 -19.92 -87.04 -10.35
C LYS A 409 -18.60 -87.56 -9.78
N ASP A 410 -17.62 -87.76 -10.66
CA ASP A 410 -16.31 -88.25 -10.28
C ASP A 410 -15.23 -87.36 -10.85
N LEU A 411 -14.02 -87.47 -10.30
CA LEU A 411 -12.86 -86.69 -10.70
C LEU A 411 -12.32 -87.11 -12.08
N LEU A 412 -12.34 -88.42 -12.39
CA LEU A 412 -11.88 -88.97 -13.68
C LEU A 412 -12.90 -88.63 -14.79
N ASP A 413 -14.20 -88.75 -14.47
CA ASP A 413 -15.31 -88.46 -15.37
C ASP A 413 -15.38 -86.98 -15.71
N ALA A 414 -14.97 -86.11 -14.76
CA ALA A 414 -14.97 -84.64 -14.90
C ALA A 414 -14.28 -84.14 -16.19
N GLU A 415 -13.31 -84.90 -16.73
CA GLU A 415 -12.57 -84.57 -17.96
C GLU A 415 -13.51 -84.52 -19.17
N GLU A 416 -14.51 -85.40 -19.21
CA GLU A 416 -15.49 -85.47 -20.31
C GLU A 416 -16.44 -84.26 -20.28
N ALA A 417 -16.52 -83.58 -19.13
CA ALA A 417 -17.30 -82.36 -18.91
C ALA A 417 -16.44 -81.14 -19.08
N LEU A 418 -15.33 -81.29 -19.80
CA LEU A 418 -14.37 -80.23 -20.07
C LEU A 418 -14.23 -80.10 -21.58
N SER A 419 -13.70 -81.15 -22.24
CA SER A 419 -13.48 -81.22 -23.69
C SER A 419 -14.78 -81.08 -24.48
N ARG A 420 -15.89 -81.62 -23.96
CA ARG A 420 -17.21 -81.53 -24.60
C ARG A 420 -17.90 -80.25 -24.21
N ALA A 421 -17.66 -79.80 -22.98
CA ALA A 421 -18.18 -78.59 -22.36
C ALA A 421 -17.81 -77.33 -23.10
N LEU A 422 -16.54 -77.28 -23.53
CA LEU A 422 -15.90 -76.15 -24.19
C LEU A 422 -16.45 -75.89 -25.59
N GLU A 423 -17.06 -76.89 -26.22
CA GLU A 423 -17.62 -76.81 -27.57
C GLU A 423 -18.74 -75.79 -27.70
N VAL A 424 -19.38 -75.41 -26.58
CA VAL A 424 -20.46 -74.43 -26.62
C VAL A 424 -19.93 -73.11 -26.04
N LEU A 425 -18.84 -72.63 -26.65
CA LEU A 425 -18.17 -71.37 -26.34
C LEU A 425 -17.61 -70.76 -27.64
N PRO A 426 -18.29 -69.74 -28.22
CA PRO A 426 -17.79 -69.13 -29.46
C PRO A 426 -16.61 -68.19 -29.20
N ALA A 467 -14.43 -64.38 -20.45
CA ALA A 467 -15.31 -65.47 -20.08
C ALA A 467 -14.91 -66.10 -18.73
N VAL A 468 -15.87 -66.81 -18.06
CA VAL A 468 -15.70 -67.49 -16.77
C VAL A 468 -16.41 -68.87 -16.75
N VAL A 469 -15.72 -69.91 -16.23
CA VAL A 469 -16.23 -71.30 -16.15
C VAL A 469 -16.07 -71.88 -14.72
N ASN A 470 -17.14 -72.58 -14.21
CA ASN A 470 -17.18 -73.25 -12.89
C ASN A 470 -17.50 -74.76 -13.07
N VAL A 471 -16.86 -75.65 -12.28
CA VAL A 471 -17.02 -77.12 -12.37
C VAL A 471 -17.26 -77.72 -10.95
N ALA A 472 -18.44 -78.34 -10.75
CA ALA A 472 -18.87 -78.98 -9.50
C ALA A 472 -18.61 -80.47 -9.51
N VAL A 473 -18.40 -81.08 -8.32
CA VAL A 473 -18.16 -82.54 -8.18
C VAL A 473 -19.09 -83.12 -7.08
N ARG A 474 -19.12 -84.46 -6.98
CA ARG A 474 -19.93 -85.19 -6.02
C ARG A 474 -19.12 -86.24 -5.24
N ASP A 475 -17.80 -86.02 -4.97
CA ASP A 475 -17.05 -87.03 -4.23
C ASP A 475 -16.38 -86.48 -2.94
N ALA A 476 -17.22 -86.35 -1.89
CA ALA A 476 -16.85 -85.90 -0.55
C ALA A 476 -16.17 -87.04 0.26
N GLU A 477 -15.79 -88.14 -0.45
CA GLU A 477 -15.15 -89.39 0.00
C GLU A 477 -13.98 -89.10 0.96
N GLY A 478 -13.05 -88.27 0.50
CA GLY A 478 -11.89 -87.86 1.27
C GLY A 478 -11.56 -86.41 1.06
N LYS A 479 -10.81 -85.84 2.01
CA LYS A 479 -10.34 -84.46 2.00
C LYS A 479 -9.02 -84.40 1.21
N ASN A 480 -9.13 -84.63 -0.11
CA ASN A 480 -7.98 -84.66 -1.00
C ASN A 480 -7.34 -83.28 -1.12
N ASP A 481 -6.04 -83.28 -0.91
CA ASP A 481 -5.15 -82.14 -0.94
C ASP A 481 -3.86 -82.58 -1.60
N GLU A 482 -3.33 -81.75 -2.52
CA GLU A 482 -2.11 -81.99 -3.31
C GLU A 482 -2.36 -83.11 -4.33
N GLU A 483 -2.99 -84.21 -3.91
CA GLU A 483 -3.35 -85.33 -4.76
C GLU A 483 -4.51 -84.95 -5.63
N ILE A 484 -5.38 -84.07 -5.12
CA ILE A 484 -6.50 -83.53 -5.87
C ILE A 484 -5.95 -82.49 -6.82
N LEU A 485 -4.86 -81.82 -6.42
CA LEU A 485 -4.16 -80.81 -7.22
C LEU A 485 -3.37 -81.49 -8.34
N ALA A 486 -3.02 -82.77 -8.14
CA ALA A 486 -2.31 -83.61 -9.11
C ALA A 486 -3.29 -84.37 -9.97
N LEU A 487 -4.58 -84.19 -9.67
CA LEU A 487 -5.70 -84.84 -10.33
C LEU A 487 -6.51 -83.85 -11.16
N ILE A 488 -6.22 -82.55 -11.04
CA ILE A 488 -6.91 -81.50 -11.80
C ILE A 488 -5.94 -80.84 -12.77
N LYS A 489 -4.64 -80.92 -12.49
CA LYS A 489 -3.59 -80.37 -13.35
C LYS A 489 -3.41 -81.20 -14.63
N PRO A 490 -3.58 -82.55 -14.67
CA PRO A 490 -3.41 -83.26 -15.95
C PRO A 490 -4.52 -82.92 -16.97
N TRP A 491 -5.69 -82.47 -16.50
CA TRP A 491 -6.79 -82.09 -17.38
C TRP A 491 -6.58 -80.69 -17.98
N VAL A 492 -5.85 -79.80 -17.27
CA VAL A 492 -5.61 -78.42 -17.69
C VAL A 492 -4.37 -78.32 -18.61
N GLN A 493 -3.36 -79.18 -18.39
CA GLN A 493 -2.15 -79.16 -19.21
C GLN A 493 -2.41 -79.81 -20.58
N ASN A 494 -3.35 -80.77 -20.64
CA ASN A 494 -3.75 -81.47 -21.87
C ASN A 494 -4.57 -80.54 -22.77
N SER A 495 -5.48 -79.78 -22.15
CA SER A 495 -6.32 -78.83 -22.84
C SER A 495 -5.75 -77.42 -22.66
N LYS A 496 -4.43 -77.28 -22.84
CA LYS A 496 -3.72 -76.00 -22.71
C LYS A 496 -4.02 -75.07 -23.87
N ALA A 497 -4.46 -75.62 -25.01
CA ALA A 497 -4.81 -74.88 -26.22
C ALA A 497 -6.31 -74.80 -26.42
N ASP A 498 -7.05 -75.72 -25.79
CA ASP A 498 -8.51 -75.80 -25.84
C ASP A 498 -9.15 -74.64 -25.06
N LEU A 499 -8.72 -74.41 -23.80
CA LEU A 499 -9.18 -73.33 -22.91
C LEU A 499 -8.67 -71.98 -23.37
N LEU A 500 -7.51 -71.99 -24.02
CA LEU A 500 -6.82 -70.84 -24.54
C LEU A 500 -7.55 -70.24 -25.76
N ALA A 501 -8.01 -71.10 -26.69
CA ALA A 501 -8.69 -70.72 -27.93
C ALA A 501 -10.02 -70.00 -27.68
N ARG A 502 -10.81 -70.44 -26.69
CA ARG A 502 -12.12 -69.84 -26.38
C ARG A 502 -11.99 -68.49 -25.63
N ARG A 503 -10.74 -68.10 -25.21
CA ARG A 503 -10.36 -66.85 -24.53
C ARG A 503 -10.99 -66.69 -23.13
N VAL A 504 -11.12 -67.80 -22.39
CA VAL A 504 -11.68 -67.79 -21.03
C VAL A 504 -10.55 -67.49 -20.01
N ARG A 505 -10.78 -66.53 -19.08
CA ARG A 505 -9.77 -66.10 -18.10
C ARG A 505 -9.76 -66.95 -16.82
N ARG A 506 -10.93 -67.18 -16.18
CA ARG A 506 -11.06 -67.93 -14.91
C ARG A 506 -11.72 -69.29 -15.05
N LEU A 507 -11.31 -70.25 -14.18
CA LEU A 507 -11.82 -71.63 -14.11
C LEU A 507 -11.84 -72.09 -12.64
N THR A 508 -13.04 -72.30 -12.08
CA THR A 508 -13.23 -72.69 -10.68
C THR A 508 -13.63 -74.19 -10.56
N PHE A 509 -13.21 -74.87 -9.46
CA PHE A 509 -13.53 -76.28 -9.19
C PHE A 509 -14.14 -76.48 -7.77
N ILE A 510 -15.48 -76.56 -7.66
CA ILE A 510 -16.21 -76.70 -6.39
C ILE A 510 -16.34 -78.19 -6.01
N CYS A 511 -16.04 -78.51 -4.73
CA CYS A 511 -16.07 -79.87 -4.17
C CYS A 511 -17.03 -79.95 -2.97
N GLY A 512 -18.24 -80.38 -3.25
CA GLY A 512 -19.31 -80.46 -2.27
C GLY A 512 -19.26 -81.53 -1.21
N ARG A 513 -19.18 -81.09 0.05
CA ARG A 513 -19.18 -81.99 1.17
C ARG A 513 -20.54 -82.04 1.80
N ASN A 514 -20.97 -83.25 2.08
CA ASN A 514 -22.26 -83.61 2.60
C ASN A 514 -22.47 -83.30 4.10
N ASP A 515 -21.41 -83.10 4.89
CA ASP A 515 -21.60 -82.85 6.33
C ASP A 515 -21.49 -81.37 6.70
N GLY A 516 -21.93 -80.52 5.80
CA GLY A 516 -21.93 -79.08 6.02
C GLY A 516 -20.55 -78.45 5.96
N SER A 517 -19.56 -79.17 5.41
CA SER A 517 -18.21 -78.64 5.25
C SER A 517 -18.20 -77.77 4.01
N TYR A 518 -17.75 -76.50 4.15
CA TYR A 518 -17.73 -75.55 3.05
C TYR A 518 -16.81 -76.07 1.95
N PRO A 519 -17.37 -76.17 0.73
CA PRO A 519 -16.61 -76.74 -0.39
C PRO A 519 -15.32 -76.03 -0.72
N SER A 520 -14.35 -76.80 -1.22
CA SER A 520 -13.03 -76.34 -1.62
C SER A 520 -13.03 -75.89 -3.09
N TYR A 521 -12.49 -74.69 -3.37
CA TYR A 521 -12.41 -74.09 -4.71
C TYR A 521 -10.95 -73.94 -5.17
N TYR A 522 -10.69 -74.23 -6.44
CA TYR A 522 -9.37 -74.14 -7.07
C TYR A 522 -9.52 -73.37 -8.38
N THR A 523 -8.81 -72.25 -8.51
CA THR A 523 -8.96 -71.41 -9.70
C THR A 523 -7.65 -71.33 -10.53
N PHE A 524 -7.78 -71.53 -11.86
CA PHE A 524 -6.71 -71.47 -12.88
C PHE A 524 -6.92 -70.20 -13.73
N ARG A 525 -5.90 -69.34 -13.80
CA ARG A 525 -5.98 -68.05 -14.50
C ARG A 525 -4.71 -67.75 -15.26
N GLY A 526 -4.85 -66.91 -16.29
CA GLY A 526 -3.74 -66.46 -17.11
C GLY A 526 -3.69 -67.10 -18.47
N PRO A 527 -2.49 -67.19 -19.06
CA PRO A 527 -2.37 -67.78 -20.41
C PRO A 527 -2.25 -69.30 -20.39
N ASP A 528 -1.33 -69.84 -19.56
CA ASP A 528 -1.09 -71.26 -19.42
C ASP A 528 -1.93 -71.85 -18.29
N TYR A 529 -2.56 -70.97 -17.50
CA TYR A 529 -3.42 -71.26 -16.35
C TYR A 529 -2.60 -72.02 -15.30
N ALA A 530 -1.64 -71.30 -14.70
CA ALA A 530 -0.67 -71.78 -13.72
C ALA A 530 -1.29 -72.07 -12.34
N GLU A 531 -2.56 -71.67 -12.12
CA GLU A 531 -3.33 -71.82 -10.87
C GLU A 531 -2.79 -70.86 -9.83
N ASP A 532 -3.52 -69.76 -9.59
CA ASP A 532 -3.13 -68.80 -8.57
C ASP A 532 -3.52 -69.34 -7.21
N ASP A 533 -2.52 -69.61 -6.36
CA ASP A 533 -2.68 -70.15 -5.02
C ASP A 533 -3.44 -69.19 -4.08
N SER A 534 -3.52 -67.89 -4.44
CA SER A 534 -4.22 -66.83 -3.71
C SER A 534 -5.70 -67.13 -3.53
N ILE A 535 -6.37 -67.52 -4.62
CA ILE A 535 -7.79 -67.87 -4.59
C ILE A 535 -7.93 -69.36 -4.41
N ARG A 536 -8.19 -69.76 -3.16
CA ARG A 536 -8.39 -71.14 -2.76
C ARG A 536 -9.46 -71.20 -1.70
N HIS A 537 -10.25 -72.28 -1.69
CA HIS A 537 -11.35 -72.56 -0.76
C HIS A 537 -12.36 -71.37 -0.69
N ILE A 538 -12.44 -70.57 -1.79
CA ILE A 538 -13.36 -69.44 -1.95
C ILE A 538 -13.54 -69.14 -3.47
N GLU A 539 -14.71 -68.62 -3.81
CA GLU A 539 -15.19 -68.31 -5.14
C GLU A 539 -14.49 -67.14 -5.84
N PRO A 540 -14.30 -67.21 -7.18
CA PRO A 540 -13.78 -66.05 -7.93
C PRO A 540 -14.83 -64.92 -8.08
N SER A 541 -15.76 -64.86 -7.11
CA SER A 541 -16.82 -63.88 -6.96
C SER A 541 -16.79 -63.32 -5.56
N LEU A 542 -16.71 -64.19 -4.54
CA LEU A 542 -16.59 -63.79 -3.14
C LEU A 542 -15.29 -63.00 -2.95
N ALA A 543 -14.40 -63.12 -3.94
CA ALA A 543 -13.04 -62.58 -3.97
C ALA A 543 -12.95 -61.06 -3.91
N PHE A 544 -13.94 -60.33 -4.46
CA PHE A 544 -13.88 -58.88 -4.38
C PHE A 544 -13.95 -58.50 -2.92
N GLN A 545 -14.79 -59.24 -2.17
CA GLN A 545 -14.98 -59.10 -0.74
C GLN A 545 -13.71 -59.49 0.02
N LEU A 546 -12.88 -60.37 -0.56
CA LEU A 546 -11.60 -60.77 0.02
C LEU A 546 -10.54 -59.71 -0.27
N GLU A 547 -10.76 -58.92 -1.35
CA GLU A 547 -9.92 -57.84 -1.87
C GLU A 547 -8.62 -58.43 -2.43
N LEU A 548 -7.60 -58.62 -1.55
CA LEU A 548 -6.24 -59.13 -1.83
C LEU A 548 -5.41 -58.17 -2.71
N GLY A 549 -6.08 -57.29 -3.47
CA GLY A 549 -5.45 -56.26 -4.30
C GLY A 549 -4.76 -55.18 -3.48
N ARG A 550 -4.68 -55.39 -2.15
CA ARG A 550 -4.07 -54.52 -1.15
C ARG A 550 -2.75 -55.16 -0.61
N LEU A 551 -2.49 -56.43 -0.99
CA LEU A 551 -1.27 -57.13 -0.58
C LEU A 551 -0.48 -57.47 -1.84
N SER A 552 -0.50 -56.53 -2.79
CA SER A 552 0.15 -56.62 -4.10
C SER A 552 1.65 -56.59 -3.96
N LYS A 553 2.16 -55.74 -3.05
CA LYS A 553 3.58 -55.57 -2.76
C LYS A 553 4.05 -56.68 -1.80
N PHE A 554 3.43 -57.86 -1.90
CA PHE A 554 3.76 -59.00 -1.08
C PHE A 554 3.62 -60.31 -1.83
N LYS A 555 4.59 -61.20 -1.61
CA LYS A 555 4.57 -62.56 -2.13
C LYS A 555 3.71 -63.32 -1.13
N LEU A 556 2.47 -63.61 -1.53
CA LEU A 556 1.56 -64.24 -0.59
C LEU A 556 1.41 -65.72 -0.87
N THR A 557 1.41 -66.48 0.22
CA THR A 557 1.27 -67.92 0.27
C THR A 557 0.30 -68.26 1.43
N PRO A 558 -0.88 -68.89 1.17
CA PRO A 558 -1.83 -69.16 2.25
C PRO A 558 -1.50 -70.41 3.08
N VAL A 559 -2.07 -70.47 4.30
CA VAL A 559 -1.91 -71.57 5.26
C VAL A 559 -3.32 -72.11 5.63
N PHE A 560 -3.40 -73.42 5.97
CA PHE A 560 -4.64 -74.13 6.30
C PHE A 560 -5.45 -73.46 7.40
N THR A 561 -6.75 -73.35 7.15
CA THR A 561 -7.73 -72.80 8.07
C THR A 561 -8.83 -73.85 8.26
N GLN A 562 -9.15 -74.14 9.53
CA GLN A 562 -10.19 -75.08 9.94
C GLN A 562 -11.57 -74.57 9.48
N ASN A 563 -11.79 -73.24 9.57
CA ASN A 563 -12.99 -72.52 9.12
C ASN A 563 -12.72 -72.07 7.67
N LYS A 564 -13.58 -72.45 6.71
CA LYS A 564 -13.35 -72.13 5.28
C LYS A 564 -13.69 -70.65 4.93
N ASN A 565 -14.37 -69.90 5.85
CA ASN A 565 -14.66 -68.47 5.67
C ASN A 565 -13.38 -67.63 5.75
N ILE A 566 -12.47 -67.99 6.69
CA ILE A 566 -11.22 -67.29 6.99
C ILE A 566 -10.04 -67.86 6.17
N HIS A 567 -9.15 -66.97 5.73
CA HIS A 567 -7.96 -67.33 4.97
C HIS A 567 -6.80 -66.51 5.47
N VAL A 568 -5.80 -67.20 6.01
CA VAL A 568 -4.60 -66.53 6.54
C VAL A 568 -3.53 -66.67 5.47
N TYR A 569 -2.74 -65.59 5.29
CA TYR A 569 -1.69 -65.55 4.28
C TYR A 569 -0.38 -65.10 4.85
N GLU A 570 0.70 -65.76 4.43
CA GLU A 570 2.04 -65.37 4.80
C GLU A 570 2.46 -64.32 3.81
N ALA A 571 2.87 -63.16 4.31
CA ALA A 571 3.30 -62.06 3.46
C ALA A 571 4.69 -61.61 3.80
N VAL A 572 5.54 -61.52 2.76
CA VAL A 572 6.92 -61.09 2.84
C VAL A 572 7.15 -60.06 1.72
N GLY A 573 7.66 -58.87 2.08
CA GLY A 573 7.94 -57.77 1.16
C GLY A 573 8.63 -58.23 -0.11
N ARG A 574 8.13 -57.78 -1.27
CA ARG A 574 8.63 -58.17 -2.60
C ARG A 574 10.10 -57.84 -2.77
N GLY A 575 10.50 -56.66 -2.33
CA GLY A 575 11.88 -56.23 -2.39
C GLY A 575 12.64 -56.80 -1.22
N VAL A 576 12.10 -56.59 0.00
CA VAL A 576 12.78 -57.04 1.21
C VAL A 576 12.06 -58.22 1.88
N GLU A 577 12.85 -59.25 2.23
CA GLU A 577 12.39 -60.51 2.82
C GLU A 577 12.25 -60.49 4.36
N THR A 578 12.85 -59.49 5.06
CA THR A 578 12.78 -59.32 6.53
C THR A 578 11.33 -59.17 7.02
N ASP A 579 10.54 -58.44 6.24
CA ASP A 579 9.15 -58.18 6.52
C ASP A 579 8.42 -59.48 6.36
N ARG A 580 7.96 -60.03 7.48
CA ARG A 580 7.26 -61.30 7.57
C ARG A 580 6.05 -61.05 8.41
N ARG A 581 4.87 -61.05 7.78
CA ARG A 581 3.62 -60.75 8.46
C ARG A 581 2.53 -61.72 8.07
N TYR A 582 1.62 -61.98 9.02
CA TYR A 582 0.47 -62.82 8.76
C TYR A 582 -0.74 -61.94 8.58
N PHE A 583 -1.23 -61.88 7.34
CA PHE A 583 -2.42 -61.09 7.00
C PHE A 583 -3.61 -62.02 6.90
N THR A 584 -4.67 -61.67 7.61
CA THR A 584 -5.89 -62.45 7.64
C THR A 584 -6.95 -61.74 6.83
N ARG A 585 -7.69 -62.52 6.05
CA ARG A 585 -8.76 -62.03 5.19
C ARG A 585 -10.00 -62.90 5.37
N ALA A 586 -11.09 -62.33 5.93
CA ALA A 586 -12.35 -63.04 6.22
C ALA A 586 -13.60 -62.32 5.64
N VAL A 587 -14.54 -63.09 5.06
CA VAL A 587 -15.82 -62.57 4.56
C VAL A 587 -16.94 -63.28 5.33
N VAL A 588 -17.68 -62.52 6.14
CA VAL A 588 -18.73 -63.08 6.96
C VAL A 588 -20.08 -62.86 6.25
N ARG A 589 -20.90 -63.90 6.34
CA ARG A 589 -22.22 -63.95 5.76
C ARG A 589 -23.22 -64.01 6.93
N PRO A 590 -23.72 -62.84 7.41
CA PRO A 590 -24.63 -62.83 8.58
C PRO A 590 -25.99 -63.38 8.17
N GLY A 591 -26.31 -64.56 8.68
CA GLY A 591 -27.52 -65.30 8.34
C GLY A 591 -28.66 -65.26 9.32
N ARG A 592 -28.73 -64.25 10.21
CA ARG A 592 -29.82 -64.10 11.18
C ARG A 592 -31.18 -64.04 10.47
N LEU A 593 -32.24 -64.47 11.16
CA LEU A 593 -33.62 -64.49 10.69
C LEU A 593 -34.16 -63.07 10.47
N ALA A 600 -29.20 -54.64 16.24
CA ALA A 600 -27.96 -53.88 16.28
C ALA A 600 -26.91 -54.56 17.15
N GLU A 601 -27.37 -55.33 18.15
CA GLU A 601 -26.56 -56.12 19.08
C GLU A 601 -26.06 -57.41 18.44
N TYR A 602 -26.65 -57.76 17.27
CA TYR A 602 -26.34 -58.98 16.54
C TYR A 602 -24.95 -58.91 15.88
N LEU A 603 -24.64 -57.81 15.15
CA LEU A 603 -23.36 -57.59 14.45
C LEU A 603 -22.15 -57.51 15.40
N ILE A 604 -22.31 -56.86 16.58
CA ILE A 604 -21.23 -56.73 17.56
C ILE A 604 -20.92 -58.11 18.19
N SER A 605 -21.96 -58.99 18.36
CA SER A 605 -21.84 -60.36 18.85
C SER A 605 -21.28 -61.28 17.74
N GLU A 606 -21.56 -60.92 16.47
CA GLU A 606 -21.05 -61.62 15.27
C GLU A 606 -19.55 -61.35 15.11
N ALA A 607 -19.11 -60.14 15.48
CA ALA A 607 -17.71 -59.71 15.45
C ALA A 607 -16.87 -60.55 16.42
N ASP A 608 -17.44 -60.87 17.60
CA ASP A 608 -16.81 -61.68 18.65
C ASP A 608 -16.57 -63.12 18.18
N ARG A 609 -17.55 -63.72 17.45
CA ARG A 609 -17.49 -65.08 16.90
C ARG A 609 -16.40 -65.20 15.82
N VAL A 610 -16.34 -64.23 14.89
CA VAL A 610 -15.40 -64.28 13.78
C VAL A 610 -13.96 -63.90 14.25
N VAL A 611 -13.80 -62.97 15.23
CA VAL A 611 -12.46 -62.59 15.73
C VAL A 611 -11.89 -63.73 16.60
N ASN A 612 -12.76 -64.45 17.31
CA ASN A 612 -12.36 -65.61 18.12
C ASN A 612 -11.86 -66.73 17.21
N ASP A 613 -12.57 -66.96 16.05
CA ASP A 613 -12.24 -67.96 15.00
C ASP A 613 -10.81 -67.73 14.48
N ILE A 614 -10.48 -66.46 14.25
CA ILE A 614 -9.19 -66.00 13.75
C ILE A 614 -8.13 -66.20 14.85
N PHE A 615 -8.44 -65.84 16.11
CA PHE A 615 -7.55 -65.97 17.27
C PHE A 615 -7.15 -67.41 17.52
N ASP A 616 -8.11 -68.33 17.34
CA ASP A 616 -7.86 -69.76 17.50
C ASP A 616 -7.06 -70.32 16.33
N ALA A 617 -7.23 -69.76 15.13
CA ALA A 617 -6.48 -70.21 13.95
C ALA A 617 -5.07 -69.67 13.99
N LEU A 618 -4.88 -68.46 14.51
CA LEU A 618 -3.56 -67.84 14.63
C LEU A 618 -2.76 -68.52 15.72
N GLU A 619 -3.47 -69.17 16.65
CA GLU A 619 -2.90 -69.92 17.75
C GLU A 619 -2.19 -71.18 17.20
N ILE A 620 -2.89 -71.97 16.35
CA ILE A 620 -2.39 -73.22 15.76
C ILE A 620 -1.24 -72.97 14.77
N ILE A 621 -1.31 -71.88 13.99
CA ILE A 621 -0.26 -71.53 13.04
C ILE A 621 0.90 -70.91 13.85
N GLY A 622 0.58 -70.35 15.02
CA GLY A 622 1.54 -69.76 15.93
C GLY A 622 1.88 -68.32 15.59
N THR A 623 2.41 -67.60 16.59
CA THR A 623 2.81 -66.21 16.45
C THR A 623 4.12 -66.13 15.60
N ASN A 624 5.00 -67.18 15.71
CA ASN A 624 6.30 -67.35 15.01
C ASN A 624 7.19 -66.10 15.17
N LYS A 625 7.61 -65.49 14.04
CA LYS A 625 8.40 -64.27 13.99
C LYS A 625 7.72 -63.28 13.02
N THR A 626 6.84 -62.42 13.57
CA THR A 626 6.05 -61.44 12.81
C THR A 626 6.21 -60.03 13.38
N ASP A 627 6.56 -59.07 12.50
CA ASP A 627 6.75 -57.66 12.85
C ASP A 627 5.40 -57.02 13.16
N LEU A 628 4.41 -57.32 12.31
CA LEU A 628 3.04 -56.81 12.39
C LEU A 628 2.06 -57.86 11.93
N ASN A 629 0.82 -57.77 12.38
CA ASN A 629 -0.21 -58.68 11.94
C ASN A 629 -1.49 -57.92 11.78
N HIS A 630 -2.22 -58.24 10.73
CA HIS A 630 -3.46 -57.59 10.39
C HIS A 630 -4.55 -58.61 10.03
N MET A 631 -5.81 -58.22 10.26
CA MET A 631 -6.98 -59.03 9.96
C MET A 631 -8.10 -58.16 9.42
N PHE A 632 -8.65 -58.57 8.27
CA PHE A 632 -9.74 -57.85 7.61
C PHE A 632 -11.01 -58.67 7.71
N ILE A 633 -12.11 -58.04 8.21
CA ILE A 633 -13.42 -58.67 8.38
C ILE A 633 -14.48 -57.85 7.61
N ASN A 634 -14.91 -58.41 6.47
CA ASN A 634 -15.92 -57.81 5.58
C ASN A 634 -17.32 -58.30 5.96
N PHE A 635 -18.29 -57.37 6.02
CA PHE A 635 -19.67 -57.68 6.35
C PHE A 635 -20.54 -57.55 5.10
N SER A 636 -21.08 -58.69 4.68
CA SER A 636 -21.95 -58.79 3.52
C SER A 636 -23.34 -58.22 3.84
N HIS A 637 -23.57 -57.84 5.11
CA HIS A 637 -24.83 -57.33 5.58
C HIS A 637 -25.05 -55.84 5.38
N THR A 638 -26.31 -55.51 5.05
CA THR A 638 -26.88 -54.17 4.81
C THR A 638 -27.78 -53.83 6.05
N PHE A 639 -27.21 -53.95 7.29
CA PHE A 639 -27.92 -53.69 8.56
C PHE A 639 -28.21 -52.19 8.80
N GLN A 640 -29.33 -51.86 9.52
CA GLN A 640 -29.78 -50.50 9.87
C GLN A 640 -29.24 -50.10 11.28
N VAL A 641 -28.13 -49.35 11.27
CA VAL A 641 -27.39 -48.83 12.43
C VAL A 641 -26.52 -47.66 11.93
N THR A 642 -25.87 -46.94 12.84
CA THR A 642 -24.94 -45.87 12.52
C THR A 642 -23.76 -46.09 13.44
N ALA A 643 -22.59 -45.67 13.01
CA ALA A 643 -21.34 -45.90 13.70
C ALA A 643 -21.22 -45.32 15.12
N ASP A 644 -21.91 -44.19 15.43
CA ASP A 644 -21.83 -43.49 16.73
C ASP A 644 -22.05 -44.42 17.95
N GLU A 645 -23.06 -45.31 17.87
CA GLU A 645 -23.38 -46.27 18.94
C GLU A 645 -22.44 -47.48 18.87
N VAL A 646 -22.03 -47.85 17.64
CA VAL A 646 -21.14 -48.97 17.33
C VAL A 646 -19.72 -48.66 17.90
N ALA A 647 -19.36 -47.35 18.00
CA ALA A 647 -18.08 -46.87 18.56
C ALA A 647 -17.99 -47.13 20.08
N GLU A 648 -19.14 -47.12 20.76
CA GLU A 648 -19.25 -47.38 22.19
C GLU A 648 -19.12 -48.89 22.47
N SER A 649 -19.82 -49.74 21.66
CA SER A 649 -19.82 -51.21 21.77
C SER A 649 -18.47 -51.81 21.36
N LEU A 650 -17.75 -51.14 20.44
CA LEU A 650 -16.41 -51.53 19.97
C LEU A 650 -15.43 -51.55 21.14
N GLN A 651 -15.44 -50.45 21.93
CA GLN A 651 -14.63 -50.22 23.14
C GLN A 651 -14.74 -51.41 24.12
N GLY A 652 -15.95 -51.94 24.26
CA GLY A 652 -16.27 -53.07 25.13
C GLY A 652 -15.53 -54.37 24.87
N PHE A 653 -15.62 -54.91 23.62
CA PHE A 653 -14.98 -56.19 23.30
C PHE A 653 -13.49 -56.09 22.96
N LEU A 654 -12.98 -54.90 22.59
CA LEU A 654 -11.56 -54.78 22.25
C LEU A 654 -10.66 -54.90 23.49
N ASP A 655 -11.12 -54.49 24.67
CA ASP A 655 -10.29 -54.57 25.88
C ASP A 655 -10.15 -56.03 26.35
N ARG A 656 -11.05 -56.93 25.91
CA ARG A 656 -11.03 -58.36 26.24
C ARG A 656 -10.16 -59.15 25.26
N PHE A 657 -10.35 -58.92 23.94
CA PHE A 657 -9.60 -59.61 22.89
C PHE A 657 -8.17 -59.06 22.75
N GLY A 658 -7.99 -57.76 23.04
CA GLY A 658 -6.72 -57.04 22.99
C GLY A 658 -5.49 -57.79 23.51
N PRO A 659 -5.50 -58.25 24.79
CA PRO A 659 -4.32 -58.99 25.31
C PRO A 659 -3.97 -60.24 24.49
N ARG A 660 -4.98 -61.02 24.01
CA ARG A 660 -4.78 -62.22 23.19
C ARG A 660 -4.18 -61.86 21.84
N GLY A 661 -4.70 -60.79 21.24
CA GLY A 661 -4.24 -60.26 19.96
C GLY A 661 -2.84 -59.71 20.07
N TRP A 662 -2.48 -59.26 21.27
CA TRP A 662 -1.17 -58.69 21.58
C TRP A 662 -0.09 -59.78 21.64
N ARG A 663 -0.47 -61.01 22.02
CA ARG A 663 0.45 -62.15 22.09
C ARG A 663 0.78 -62.67 20.69
N LEU A 664 -0.24 -62.74 19.81
CA LEU A 664 -0.14 -63.20 18.41
C LEU A 664 0.63 -62.21 17.54
N ARG A 665 0.94 -61.02 18.11
CA ARG A 665 1.69 -59.89 17.54
C ARG A 665 0.83 -59.12 16.51
N VAL A 666 -0.49 -59.12 16.72
CA VAL A 666 -1.44 -58.41 15.85
C VAL A 666 -1.41 -56.93 16.18
N HIS A 667 -1.15 -56.10 15.16
CA HIS A 667 -1.09 -54.67 15.37
C HIS A 667 -2.39 -53.95 15.02
N GLN A 668 -3.08 -54.37 13.94
CA GLN A 668 -4.32 -53.67 13.57
C GLN A 668 -5.39 -54.61 13.04
N VAL A 669 -6.65 -54.14 13.12
CA VAL A 669 -7.87 -54.83 12.70
C VAL A 669 -8.79 -53.83 11.97
N GLU A 670 -9.28 -54.25 10.78
CA GLU A 670 -10.15 -53.44 9.93
C GLU A 670 -11.52 -54.10 9.73
N ILE A 671 -12.59 -53.38 10.08
CA ILE A 671 -13.97 -53.87 9.94
C ILE A 671 -14.68 -53.04 8.90
N ARG A 672 -15.31 -53.70 7.93
CA ARG A 672 -16.03 -53.04 6.86
C ARG A 672 -17.52 -53.39 6.89
N ILE A 673 -18.30 -52.59 7.62
CA ILE A 673 -19.74 -52.79 7.72
C ILE A 673 -20.48 -51.83 6.79
N ASN A 674 -21.79 -52.06 6.59
CA ASN A 674 -22.70 -51.24 5.80
C ASN A 674 -23.78 -50.68 6.73
N CYS A 675 -24.34 -49.51 6.37
CA CYS A 675 -25.36 -48.82 7.16
C CYS A 675 -26.42 -48.19 6.24
N MET A 676 -27.55 -48.91 6.01
CA MET A 676 -28.71 -48.52 5.19
C MET A 676 -29.32 -47.17 5.71
N ARG A 677 -29.37 -46.96 7.05
CA ARG A 677 -29.91 -45.73 7.64
C ARG A 677 -28.87 -44.63 7.61
N SER A 678 -29.17 -43.62 6.81
CA SER A 678 -28.37 -42.42 6.67
C SER A 678 -28.88 -41.40 7.69
N GLU A 683 -32.32 -41.46 3.23
CA GLU A 683 -32.06 -42.03 1.91
C GLU A 683 -32.53 -43.50 1.82
N ASN A 684 -32.28 -44.31 2.89
CA ASN A 684 -32.53 -45.76 3.01
C ASN A 684 -31.59 -46.53 2.00
N ASP A 685 -30.39 -45.94 1.73
CA ASP A 685 -29.26 -46.44 0.92
C ASP A 685 -27.99 -46.49 1.80
N THR A 686 -27.15 -47.53 1.63
CA THR A 686 -25.95 -47.80 2.43
C THR A 686 -24.93 -46.64 2.51
N MET A 687 -24.30 -46.53 3.70
CA MET A 687 -23.23 -45.62 4.09
C MET A 687 -22.12 -46.54 4.67
N PRO A 688 -21.24 -47.13 3.80
CA PRO A 688 -20.26 -48.13 4.30
C PRO A 688 -19.17 -47.53 5.21
N LEU A 689 -19.17 -47.97 6.49
CA LEU A 689 -18.25 -47.47 7.50
C LEU A 689 -17.15 -48.47 7.81
N ARG A 690 -15.96 -48.16 7.33
CA ARG A 690 -14.78 -48.96 7.55
C ARG A 690 -14.10 -48.43 8.81
N VAL A 691 -13.67 -49.31 9.72
CA VAL A 691 -13.02 -48.85 10.95
C VAL A 691 -11.69 -49.60 11.19
N ILE A 692 -10.61 -48.82 11.46
CA ILE A 692 -9.25 -49.31 11.75
C ILE A 692 -8.96 -49.05 13.22
N ILE A 693 -8.43 -50.07 13.88
CA ILE A 693 -8.09 -50.04 15.30
C ILE A 693 -6.64 -50.51 15.40
N THR A 694 -5.71 -49.58 15.68
CA THR A 694 -4.30 -49.95 15.76
C THR A 694 -3.79 -49.86 17.20
N ASN A 695 -2.93 -50.82 17.57
CA ASN A 695 -2.33 -50.94 18.89
C ASN A 695 -0.91 -50.30 18.89
N THR A 696 -0.86 -48.97 18.69
CA THR A 696 0.37 -48.18 18.56
C THR A 696 0.93 -47.69 19.92
N SER A 697 2.28 -47.73 20.09
CA SER A 697 3.05 -47.36 21.30
C SER A 697 2.72 -48.32 22.44
N GLY A 698 1.98 -49.37 22.10
CA GLY A 698 1.44 -50.35 23.04
C GLY A 698 0.06 -49.92 23.52
N PHE A 699 -0.47 -48.82 22.93
CA PHE A 699 -1.78 -48.23 23.20
C PHE A 699 -2.67 -48.27 21.99
N VAL A 700 -3.97 -48.52 22.19
CA VAL A 700 -4.90 -48.46 21.07
C VAL A 700 -5.21 -46.98 20.89
N ILE A 701 -6.36 -46.48 21.42
CA ILE A 701 -6.92 -45.12 21.32
C ILE A 701 -7.04 -44.68 19.84
N GLN A 702 -6.40 -45.46 18.95
CA GLN A 702 -6.40 -45.31 17.51
C GLN A 702 -7.60 -46.08 17.08
N ILE A 703 -8.69 -45.35 17.11
CA ILE A 703 -10.01 -45.80 16.80
C ILE A 703 -10.50 -44.81 15.78
N GLU A 704 -10.17 -45.11 14.52
CA GLU A 704 -10.49 -44.24 13.41
C GLU A 704 -11.70 -44.78 12.65
N LEU A 705 -12.80 -44.05 12.74
CA LEU A 705 -14.05 -44.37 12.10
C LEU A 705 -14.18 -43.54 10.82
N TYR A 706 -14.20 -44.22 9.67
CA TYR A 706 -14.25 -43.61 8.33
C TYR A 706 -15.64 -43.61 7.73
N GLU A 707 -15.71 -43.27 6.45
CA GLU A 707 -16.91 -43.22 5.62
C GLU A 707 -16.47 -43.40 4.17
N GLU A 708 -17.04 -44.39 3.49
CA GLU A 708 -16.74 -44.70 2.09
C GLU A 708 -17.56 -43.77 1.18
N LYS A 709 -16.88 -42.74 0.66
CA LYS A 709 -17.42 -41.68 -0.19
C LYS A 709 -16.45 -41.45 -1.34
N LEU A 710 -16.95 -41.10 -2.54
CA LEU A 710 -16.00 -40.88 -3.61
C LEU A 710 -15.57 -39.42 -3.66
N SER A 711 -14.30 -39.27 -3.98
CA SER A 711 -13.52 -38.05 -4.04
C SER A 711 -13.92 -37.12 -5.18
N GLU A 712 -14.94 -37.47 -5.98
CA GLU A 712 -15.40 -36.75 -7.17
C GLU A 712 -14.57 -37.23 -8.37
N LYS A 713 -13.30 -37.63 -8.13
CA LYS A 713 -12.34 -38.07 -9.13
C LYS A 713 -12.64 -39.49 -9.68
N GLY A 714 -13.76 -40.07 -9.24
CA GLY A 714 -14.24 -41.38 -9.66
C GLY A 714 -13.77 -42.53 -8.79
N GLU A 715 -12.99 -42.24 -7.74
CA GLU A 715 -12.40 -43.19 -6.80
C GLU A 715 -13.08 -43.11 -5.44
N TRP A 716 -13.16 -44.26 -4.73
CA TRP A 716 -13.73 -44.35 -3.38
C TRP A 716 -12.61 -44.12 -2.36
N VAL A 717 -12.76 -43.06 -1.55
CA VAL A 717 -11.74 -42.67 -0.57
C VAL A 717 -12.20 -42.84 0.88
N TYR A 718 -11.21 -42.76 1.78
CA TYR A 718 -11.26 -42.91 3.22
C TYR A 718 -11.50 -41.56 3.92
N TYR A 719 -12.78 -41.17 4.01
CA TYR A 719 -13.22 -39.92 4.63
C TYR A 719 -13.64 -40.17 6.08
N TYR A 720 -12.76 -39.86 7.07
CA TYR A 720 -13.12 -40.21 8.44
C TYR A 720 -13.74 -39.08 9.23
N VAL A 721 -14.76 -39.48 9.98
CA VAL A 721 -15.52 -38.68 10.93
C VAL A 721 -15.42 -39.46 12.25
N SER A 722 -14.18 -39.84 12.59
CA SER A 722 -13.77 -40.65 13.74
C SER A 722 -14.03 -40.00 15.11
N GLY A 723 -13.47 -40.61 16.15
CA GLY A 723 -13.56 -40.17 17.54
C GLY A 723 -12.22 -39.90 18.20
N ASN A 724 -11.11 -40.01 17.44
CA ASN A 724 -9.76 -39.76 17.95
C ASN A 724 -9.33 -38.27 17.73
N ALA A 725 -10.34 -37.37 17.55
CA ALA A 725 -10.31 -35.90 17.37
C ALA A 725 -9.59 -35.40 16.06
N LYS A 726 -9.84 -36.10 14.91
CA LYS A 726 -9.36 -35.82 13.53
C LYS A 726 -7.84 -35.74 13.38
N ILE A 727 -7.11 -35.86 14.49
CA ILE A 727 -5.65 -35.92 14.49
C ILE A 727 -5.38 -37.41 14.43
N GLY A 728 -5.73 -37.98 13.28
CA GLY A 728 -5.58 -39.40 13.01
C GLY A 728 -4.55 -39.65 11.95
N SER A 729 -4.65 -40.81 11.30
CA SER A 729 -3.77 -41.25 10.23
C SER A 729 -4.62 -41.84 9.14
N MET A 730 -4.16 -41.75 7.87
CA MET A 730 -4.85 -42.23 6.68
C MET A 730 -6.16 -41.44 6.50
N HIS A 731 -6.14 -40.50 5.58
CA HIS A 731 -7.31 -39.67 5.32
C HIS A 731 -7.31 -39.24 3.87
N LEU A 732 -8.48 -39.42 3.23
CA LEU A 732 -8.74 -39.13 1.82
C LEU A 732 -7.69 -39.86 0.97
N LEU A 733 -7.68 -41.18 1.15
CA LEU A 733 -6.79 -42.15 0.51
C LEU A 733 -7.64 -43.22 -0.20
N PRO A 734 -7.21 -43.71 -1.39
CA PRO A 734 -8.00 -44.73 -2.09
C PRO A 734 -8.14 -46.04 -1.32
N VAL A 735 -9.14 -46.83 -1.68
CA VAL A 735 -9.36 -48.13 -1.08
C VAL A 735 -8.31 -49.13 -1.64
N SER A 736 -7.61 -48.73 -2.72
CA SER A 736 -6.61 -49.54 -3.43
C SER A 736 -5.17 -49.37 -2.90
N THR A 737 -4.97 -48.74 -1.73
CA THR A 737 -3.61 -48.61 -1.16
C THR A 737 -3.03 -50.02 -0.95
N PRO A 738 -1.79 -50.33 -1.39
CA PRO A 738 -1.29 -51.71 -1.27
C PRO A 738 -0.49 -52.03 0.01
N TYR A 739 -0.97 -51.55 1.20
CA TYR A 739 -0.39 -51.70 2.55
C TYR A 739 1.14 -51.57 2.49
N PRO A 740 1.69 -50.33 2.54
CA PRO A 740 3.15 -50.16 2.43
C PRO A 740 3.93 -51.08 3.35
N THR A 741 4.94 -51.75 2.77
CA THR A 741 5.80 -52.73 3.44
C THR A 741 6.76 -52.04 4.43
N LYS A 742 7.84 -52.76 4.75
CA LYS A 742 8.93 -52.30 5.58
C LYS A 742 10.10 -51.87 4.68
N ASN A 743 10.68 -50.68 4.95
CA ASN A 743 11.86 -50.02 4.34
C ASN A 743 11.57 -49.21 3.09
N TRP A 744 10.36 -49.32 2.49
CA TRP A 744 9.92 -48.61 1.28
C TRP A 744 10.24 -47.10 1.32
N LEU A 745 10.52 -46.58 2.50
CA LEU A 745 10.81 -45.19 2.76
C LEU A 745 12.21 -44.75 2.36
N GLN A 746 13.26 -45.60 2.54
CA GLN A 746 14.68 -45.26 2.34
C GLN A 746 15.18 -45.07 0.88
N PRO A 747 14.99 -45.96 -0.11
CA PRO A 747 15.53 -45.69 -1.45
C PRO A 747 15.23 -44.27 -1.93
N LYS A 748 14.05 -43.72 -1.54
CA LYS A 748 13.61 -42.35 -1.81
C LYS A 748 14.62 -41.38 -1.15
N ARG A 749 14.93 -41.61 0.13
CA ARG A 749 15.87 -40.84 0.95
C ARG A 749 17.21 -40.78 0.26
N TYR A 750 17.63 -41.91 -0.30
CA TYR A 750 18.90 -42.08 -0.97
C TYR A 750 19.10 -41.13 -2.14
N LYS A 751 18.11 -41.01 -3.00
CA LYS A 751 18.23 -40.12 -4.14
C LYS A 751 18.37 -38.68 -3.75
N ALA A 752 17.76 -38.29 -2.63
CA ALA A 752 17.89 -36.92 -2.12
C ALA A 752 19.28 -36.75 -1.48
N HIS A 753 19.75 -37.78 -0.76
CA HIS A 753 21.02 -37.77 -0.04
C HIS A 753 22.25 -37.78 -0.95
N ILE A 754 22.09 -38.22 -2.22
CA ILE A 754 23.20 -38.22 -3.17
C ILE A 754 23.43 -36.79 -3.67
N LEU A 755 22.42 -35.93 -3.51
CA LEU A 755 22.45 -34.54 -3.93
C LEU A 755 22.87 -33.59 -2.79
N GLY A 756 22.96 -34.12 -1.57
CA GLY A 756 23.35 -33.37 -0.37
C GLY A 756 22.21 -32.60 0.26
N THR A 757 21.00 -33.17 0.23
CA THR A 757 19.77 -32.60 0.79
C THR A 757 18.96 -33.70 1.46
N GLN A 758 18.22 -33.33 2.51
CA GLN A 758 17.39 -34.28 3.24
C GLN A 758 16.13 -34.57 2.43
N TYR A 759 15.59 -35.79 2.58
CA TYR A 759 14.34 -36.16 1.94
C TYR A 759 13.29 -35.32 2.58
N VAL A 760 12.54 -34.67 1.73
CA VAL A 760 11.50 -33.70 2.03
C VAL A 760 10.68 -34.02 3.32
N TYR A 761 10.23 -35.27 3.50
CA TYR A 761 9.41 -35.64 4.66
C TYR A 761 10.20 -35.78 5.98
N ASP A 762 11.51 -35.61 5.94
CA ASP A 762 12.34 -35.66 7.14
C ASP A 762 12.40 -34.30 7.81
N PHE A 763 12.12 -33.25 7.03
CA PHE A 763 12.18 -31.87 7.48
C PHE A 763 11.22 -31.51 8.63
N PRO A 764 9.97 -32.03 8.74
CA PRO A 764 9.14 -31.66 9.91
C PRO A 764 9.82 -31.98 11.22
N GLU A 765 10.52 -33.11 11.28
CA GLU A 765 11.23 -33.50 12.50
C GLU A 765 12.49 -32.65 12.72
N LEU A 766 13.07 -32.09 11.64
CA LEU A 766 14.24 -31.21 11.77
C LEU A 766 13.83 -29.95 12.49
N PHE A 767 12.64 -29.47 12.17
CA PHE A 767 12.06 -28.32 12.79
C PHE A 767 11.77 -28.56 14.26
N ARG A 768 11.28 -29.78 14.62
CA ARG A 768 10.99 -30.11 16.02
C ARG A 768 12.24 -29.97 16.87
N GLN A 769 13.37 -30.56 16.42
CA GLN A 769 14.66 -30.50 17.11
C GLN A 769 15.16 -29.07 17.22
N ALA A 770 14.93 -28.24 16.19
CA ALA A 770 15.34 -26.84 16.20
C ALA A 770 14.60 -26.05 17.28
N ILE A 771 13.28 -26.33 17.45
CA ILE A 771 12.44 -25.67 18.46
C ILE A 771 12.83 -26.19 19.82
N GLN A 772 13.10 -27.49 19.89
CA GLN A 772 13.56 -28.14 21.10
C GLN A 772 14.82 -27.45 21.59
N ASN A 773 15.70 -27.10 20.63
CA ASN A 773 16.94 -26.39 20.87
C ASN A 773 16.69 -24.95 21.29
N SER A 774 15.64 -24.32 20.73
CA SER A 774 15.29 -22.94 21.05
C SER A 774 14.92 -22.76 22.51
N TRP A 775 14.37 -23.82 23.12
CA TRP A 775 13.96 -23.85 24.52
C TRP A 775 15.14 -24.10 25.42
N THR A 776 15.90 -25.18 25.16
CA THR A 776 17.06 -25.60 25.95
C THR A 776 18.04 -24.45 26.20
N GLU A 777 18.14 -23.48 25.26
CA GLU A 777 19.01 -22.33 25.45
C GLU A 777 18.32 -21.24 26.22
N ALA A 778 17.04 -21.02 25.92
CA ALA A 778 16.26 -19.98 26.54
C ALA A 778 16.02 -20.24 28.04
N VAL A 779 15.94 -21.52 28.43
CA VAL A 779 15.72 -21.91 29.83
C VAL A 779 16.96 -21.56 30.66
N LYS A 780 18.16 -21.63 30.03
CA LYS A 780 19.44 -21.32 30.65
C LYS A 780 19.55 -19.83 30.91
N LYS A 781 19.46 -19.01 29.85
CA LYS A 781 19.56 -17.55 29.92
C LYS A 781 18.43 -16.99 30.78
N ILE A 782 17.22 -17.51 30.60
CA ILE A 782 16.06 -17.07 31.34
C ILE A 782 15.52 -18.24 32.13
N PRO A 783 15.90 -18.30 33.40
CA PRO A 783 15.35 -19.36 34.25
C PRO A 783 13.90 -19.01 34.56
N SER A 784 13.27 -19.77 35.47
CA SER A 784 11.87 -19.63 35.93
C SER A 784 10.95 -19.89 34.75
N LEU A 785 10.83 -18.89 33.88
CA LEU A 785 10.10 -18.87 32.62
C LEU A 785 10.86 -19.85 31.75
N ALA A 786 10.56 -21.14 31.94
CA ALA A 786 11.27 -22.28 31.37
C ALA A 786 10.47 -23.53 31.56
N ALA A 787 9.71 -23.56 32.65
CA ALA A 787 8.87 -24.68 33.05
C ALA A 787 7.76 -24.97 32.05
N LYS A 788 7.48 -24.02 31.14
CA LYS A 788 6.46 -24.19 30.12
C LYS A 788 6.99 -24.97 28.90
N GLN A 789 8.16 -25.64 29.05
CA GLN A 789 8.78 -26.46 28.01
C GLN A 789 7.89 -27.69 27.71
N PRO A 790 7.61 -28.03 26.42
CA PRO A 790 6.68 -29.13 26.14
C PRO A 790 7.38 -30.44 25.74
N ALA A 791 8.43 -30.85 26.48
CA ALA A 791 9.19 -32.09 26.29
C ALA A 791 9.83 -32.19 24.90
N ILE A 792 10.29 -33.40 24.52
CA ILE A 792 10.92 -33.69 23.22
C ILE A 792 9.82 -33.64 22.14
N GLY A 793 8.80 -34.48 22.29
CA GLY A 793 7.66 -34.49 21.38
C GLY A 793 6.79 -33.30 21.73
N GLU A 794 5.66 -33.16 21.04
CA GLU A 794 4.69 -32.09 21.25
C GLU A 794 5.30 -30.68 21.09
N CYS A 795 6.55 -30.58 20.63
CA CYS A 795 7.19 -29.29 20.41
C CYS A 795 6.48 -28.58 19.29
N ILE A 796 6.21 -29.34 18.22
CA ILE A 796 5.51 -28.89 17.02
C ILE A 796 4.33 -29.81 16.80
N ASP A 797 3.30 -29.28 16.11
CA ASP A 797 2.08 -30.02 15.80
C ASP A 797 1.64 -29.70 14.38
N TYR A 798 2.24 -30.45 13.45
CA TYR A 798 2.05 -30.37 12.01
C TYR A 798 0.93 -31.27 11.53
N ASN A 799 0.52 -31.02 10.29
CA ASN A 799 -0.45 -31.78 9.52
C ASN A 799 -0.25 -31.43 8.07
N GLU A 800 -0.07 -32.46 7.22
CA GLU A 800 0.15 -32.33 5.78
C GLU A 800 -0.95 -31.55 5.06
N LEU A 801 -0.63 -31.04 3.86
CA LEU A 801 -1.57 -30.30 3.04
C LEU A 801 -1.58 -30.92 1.65
N VAL A 802 -2.77 -31.32 1.15
CA VAL A 802 -2.97 -31.91 -0.18
C VAL A 802 -4.28 -31.37 -0.73
N LEU A 803 -4.27 -31.00 -2.02
CA LEU A 803 -5.39 -30.42 -2.75
C LEU A 803 -6.66 -31.23 -2.58
N GLY A 804 -7.70 -30.53 -2.12
CA GLY A 804 -9.01 -31.08 -1.85
C GLY A 804 -9.85 -31.34 -3.08
N ASP A 805 -11.13 -31.72 -2.84
CA ASP A 805 -12.15 -32.05 -3.84
C ASP A 805 -12.36 -30.92 -4.86
N GLN A 806 -12.60 -29.69 -4.37
CA GLN A 806 -12.87 -28.52 -5.20
C GLN A 806 -11.63 -27.62 -5.29
N ASP A 807 -10.45 -28.24 -5.25
CA ASP A 807 -9.15 -27.60 -5.30
C ASP A 807 -9.10 -26.48 -4.27
N ASN A 808 -9.25 -26.90 -3.02
CA ASN A 808 -9.20 -26.11 -1.83
C ASN A 808 -8.48 -26.98 -0.81
N LEU A 809 -7.20 -26.64 -0.55
CA LEU A 809 -6.25 -27.32 0.34
C LEU A 809 -6.90 -27.87 1.61
N ALA A 810 -6.55 -29.11 1.95
CA ALA A 810 -7.12 -29.76 3.13
C ALA A 810 -6.04 -30.31 4.03
N GLU A 811 -6.25 -30.12 5.35
CA GLU A 811 -5.37 -30.59 6.43
C GLU A 811 -5.52 -32.12 6.55
N VAL A 812 -4.44 -32.87 6.29
CA VAL A 812 -4.44 -34.33 6.34
C VAL A 812 -3.32 -34.81 7.29
N SER A 813 -3.62 -35.84 8.08
CA SER A 813 -2.65 -36.43 8.98
C SER A 813 -2.40 -37.84 8.49
N ARG A 814 -1.59 -37.97 7.44
CA ARG A 814 -1.27 -39.24 6.80
C ARG A 814 0.21 -39.57 6.95
N GLU A 815 0.55 -40.79 6.55
CA GLU A 815 1.89 -41.32 6.57
C GLU A 815 2.86 -40.51 5.71
N PRO A 816 4.13 -40.38 6.17
CA PRO A 816 5.13 -39.65 5.36
C PRO A 816 5.44 -40.38 4.05
N GLY A 817 5.79 -39.61 3.02
CA GLY A 817 6.07 -40.11 1.68
C GLY A 817 4.77 -40.25 0.91
N MET A 818 4.84 -40.93 -0.26
CA MET A 818 3.70 -41.22 -1.15
C MET A 818 2.94 -39.94 -1.60
N ASN A 819 3.65 -38.82 -1.68
CA ASN A 819 3.10 -37.52 -2.08
C ASN A 819 2.52 -37.58 -3.48
N SER A 820 1.31 -37.04 -3.63
CA SER A 820 0.53 -37.04 -4.86
C SER A 820 1.19 -36.19 -5.97
N THR A 821 1.76 -35.03 -5.59
CA THR A 821 2.41 -34.07 -6.48
C THR A 821 3.88 -33.84 -6.06
N GLY A 822 4.65 -33.14 -6.90
CA GLY A 822 6.07 -32.83 -6.69
C GLY A 822 6.34 -31.69 -5.71
N MET A 823 5.34 -31.43 -4.85
CA MET A 823 5.32 -30.40 -3.82
C MET A 823 4.55 -30.90 -2.59
N VAL A 824 5.04 -30.58 -1.39
CA VAL A 824 4.35 -30.94 -0.15
C VAL A 824 4.38 -29.75 0.79
N GLY A 825 3.29 -29.59 1.51
CA GLY A 825 3.11 -28.53 2.49
C GLY A 825 2.57 -29.04 3.81
N TRP A 826 2.81 -28.26 4.88
CA TRP A 826 2.35 -28.53 6.23
C TRP A 826 1.97 -27.25 6.97
N LEU A 827 1.00 -27.37 7.86
CA LEU A 827 0.56 -26.32 8.77
C LEU A 827 1.12 -26.71 10.12
N ILE A 828 2.12 -25.98 10.58
CA ILE A 828 2.78 -26.35 11.81
C ILE A 828 2.46 -25.39 12.93
N ASN A 829 2.03 -25.96 14.07
CA ASN A 829 1.77 -25.21 15.29
C ASN A 829 2.90 -25.48 16.28
N ALA A 830 3.94 -24.65 16.19
CA ALA A 830 5.13 -24.76 17.03
C ALA A 830 4.99 -23.96 18.30
N ARG A 831 5.36 -24.57 19.42
CA ARG A 831 5.31 -23.88 20.70
C ARG A 831 6.69 -23.33 20.94
N THR A 832 6.89 -22.07 20.54
CA THR A 832 8.17 -21.37 20.65
C THR A 832 8.23 -20.77 22.07
N PRO A 833 9.42 -20.42 22.63
CA PRO A 833 9.43 -19.87 24.00
C PRO A 833 8.82 -18.48 24.10
N GLU A 834 8.66 -17.82 22.96
CA GLU A 834 8.08 -16.48 22.86
C GLU A 834 6.56 -16.60 22.91
N TYR A 835 6.01 -17.62 22.19
CA TYR A 835 4.60 -18.02 22.09
C TYR A 835 4.52 -19.47 22.57
N PRO A 836 4.61 -19.68 23.90
CA PRO A 836 4.63 -21.06 24.43
C PRO A 836 3.30 -21.79 24.29
N ASP A 837 2.23 -21.05 24.00
CA ASP A 837 0.90 -21.62 23.81
C ASP A 837 0.77 -22.15 22.39
N GLY A 838 1.57 -21.60 21.47
CA GLY A 838 1.59 -21.99 20.07
C GLY A 838 1.63 -20.84 19.09
N ARG A 839 2.15 -21.13 17.89
CA ARG A 839 2.24 -20.20 16.77
C ARG A 839 2.20 -21.03 15.51
N LYS A 840 1.48 -20.55 14.52
CA LYS A 840 1.39 -21.31 13.30
C LYS A 840 2.22 -20.68 12.20
N PHE A 841 2.44 -21.47 11.13
CA PHE A 841 3.15 -21.12 9.91
C PHE A 841 3.04 -22.25 8.90
N ILE A 842 3.27 -21.90 7.64
CA ILE A 842 3.23 -22.82 6.51
C ILE A 842 4.65 -23.10 6.03
N VAL A 843 4.89 -24.37 5.68
CA VAL A 843 6.17 -24.81 5.16
C VAL A 843 5.90 -25.57 3.85
N VAL A 844 6.44 -25.04 2.76
CA VAL A 844 6.30 -25.60 1.42
C VAL A 844 7.67 -26.05 0.93
N ALA A 845 7.72 -27.23 0.30
CA ALA A 845 8.96 -27.80 -0.21
C ALA A 845 8.71 -28.72 -1.39
N ASN A 846 9.68 -28.80 -2.31
CA ASN A 846 9.61 -29.69 -3.48
C ASN A 846 10.32 -31.01 -3.22
N ASP A 847 9.72 -32.10 -3.69
CA ASP A 847 10.28 -33.43 -3.60
C ASP A 847 11.22 -33.59 -4.74
N ILE A 848 12.51 -33.47 -4.43
CA ILE A 848 13.61 -33.56 -5.38
C ILE A 848 13.64 -34.97 -6.07
N THR A 849 12.99 -36.00 -5.47
CA THR A 849 12.90 -37.35 -6.06
C THR A 849 11.79 -37.41 -7.12
N PHE A 850 10.69 -36.70 -6.86
CA PHE A 850 9.51 -36.60 -7.74
C PHE A 850 9.86 -35.73 -8.93
N LYS A 851 10.30 -36.38 -10.03
CA LYS A 851 10.68 -35.76 -11.29
C LYS A 851 11.62 -34.57 -11.08
N ILE A 852 12.86 -34.83 -10.64
CA ILE A 852 13.95 -33.86 -10.40
C ILE A 852 13.52 -32.62 -9.51
N GLY A 853 12.32 -32.65 -8.95
CA GLY A 853 11.77 -31.55 -8.17
C GLY A 853 11.28 -30.43 -9.06
N SER A 854 11.16 -30.70 -10.38
CA SER A 854 10.72 -29.77 -11.41
C SER A 854 9.31 -29.27 -11.16
N PHE A 855 9.03 -28.07 -11.69
CA PHE A 855 7.78 -27.32 -11.52
C PHE A 855 6.76 -27.54 -12.63
N GLY A 856 5.85 -28.45 -12.37
CA GLY A 856 4.73 -28.74 -13.24
C GLY A 856 3.52 -27.93 -12.82
N PRO A 857 2.44 -27.98 -13.61
CA PRO A 857 1.23 -27.20 -13.25
C PRO A 857 0.59 -27.60 -11.90
N LYS A 858 0.54 -28.91 -11.56
CA LYS A 858 -0.02 -29.43 -10.30
C LYS A 858 0.75 -28.88 -9.11
N GLU A 859 2.09 -28.81 -9.23
CA GLU A 859 3.05 -28.30 -8.27
C GLU A 859 2.82 -26.81 -8.05
N ASP A 860 2.52 -26.08 -9.15
CA ASP A 860 2.27 -24.65 -9.14
C ASP A 860 0.94 -24.37 -8.43
N THR A 861 -0.17 -25.00 -8.89
CA THR A 861 -1.51 -24.86 -8.29
C THR A 861 -1.44 -25.11 -6.78
N PHE A 862 -0.65 -26.13 -6.39
CA PHE A 862 -0.40 -26.54 -5.00
C PHE A 862 0.23 -25.36 -4.27
N PHE A 863 1.47 -25.01 -4.64
CA PHE A 863 2.26 -23.92 -4.05
C PHE A 863 1.43 -22.68 -3.84
N PHE A 864 0.65 -22.31 -4.87
CA PHE A 864 -0.19 -21.15 -4.84
C PHE A 864 -1.17 -21.24 -3.68
N LYS A 865 -1.99 -22.30 -3.65
CA LYS A 865 -3.02 -22.53 -2.64
C LYS A 865 -2.46 -22.54 -1.21
N CYS A 866 -1.14 -22.71 -1.06
CA CYS A 866 -0.49 -22.65 0.24
C CYS A 866 -0.18 -21.21 0.56
N THR A 867 0.36 -20.45 -0.43
CA THR A 867 0.67 -19.01 -0.32
C THR A 867 -0.60 -18.32 0.13
N GLU A 868 -1.67 -18.60 -0.61
CA GLU A 868 -3.04 -18.12 -0.41
C GLU A 868 -3.51 -18.38 1.02
N LEU A 869 -3.19 -19.56 1.58
CA LEU A 869 -3.55 -19.99 2.92
C LEU A 869 -2.81 -19.18 3.99
N ALA A 870 -1.47 -19.13 3.90
CA ALA A 870 -0.60 -18.38 4.81
C ALA A 870 -0.98 -16.90 4.86
N ARG A 871 -1.40 -16.36 3.71
CA ARG A 871 -1.86 -14.98 3.54
C ARG A 871 -3.16 -14.76 4.28
N LYS A 872 -4.14 -15.67 4.05
CA LYS A 872 -5.47 -15.70 4.64
C LYS A 872 -5.36 -15.58 6.16
N MET A 873 -4.41 -16.33 6.74
CA MET A 873 -4.18 -16.32 8.18
C MET A 873 -3.40 -15.07 8.58
N GLY A 874 -2.17 -14.96 8.10
CA GLY A 874 -1.24 -13.88 8.43
C GLY A 874 0.07 -14.47 8.94
N ILE A 875 0.05 -15.80 9.15
CA ILE A 875 1.15 -16.63 9.63
C ILE A 875 2.24 -16.66 8.56
N PRO A 876 3.52 -16.64 8.98
CA PRO A 876 4.61 -16.63 8.00
C PRO A 876 4.66 -17.87 7.10
N ARG A 877 5.36 -17.72 5.95
CA ARG A 877 5.57 -18.79 4.98
C ARG A 877 7.03 -19.09 4.82
N ILE A 878 7.33 -20.38 4.75
CA ILE A 878 8.70 -20.82 4.59
C ILE A 878 8.77 -21.78 3.41
N TYR A 879 9.62 -21.45 2.44
CA TYR A 879 9.80 -22.28 1.26
C TYR A 879 11.17 -22.89 1.27
N LEU A 880 11.20 -24.20 1.06
CA LEU A 880 12.40 -25.02 1.04
C LEU A 880 12.64 -25.41 -0.38
N SER A 881 13.60 -24.73 -1.01
CA SER A 881 13.88 -24.90 -2.41
C SER A 881 14.95 -25.96 -2.72
N ALA A 882 14.57 -26.90 -3.60
CA ALA A 882 15.34 -28.01 -4.15
C ALA A 882 14.62 -28.44 -5.42
N ASN A 883 14.89 -27.74 -6.53
CA ASN A 883 14.18 -27.99 -7.78
C ASN A 883 15.09 -28.00 -9.00
N SER A 884 14.47 -28.01 -10.19
CA SER A 884 15.13 -28.02 -11.48
C SER A 884 14.37 -27.15 -12.51
N GLY A 885 13.91 -25.98 -12.07
CA GLY A 885 13.14 -25.04 -12.89
C GLY A 885 11.82 -25.64 -13.32
N ALA A 886 11.35 -25.29 -14.54
CA ALA A 886 10.11 -25.86 -15.08
C ALA A 886 10.34 -27.27 -15.66
N ARG A 887 9.26 -28.08 -15.79
CA ARG A 887 9.27 -29.48 -16.26
C ARG A 887 9.61 -29.68 -17.71
N LEU A 888 10.16 -30.87 -18.03
CA LEU A 888 10.48 -31.14 -19.41
C LEU A 888 9.94 -32.47 -19.93
N GLY A 889 9.56 -32.37 -21.20
CA GLY A 889 8.99 -33.44 -22.01
C GLY A 889 8.63 -32.99 -23.41
N LEU A 890 8.36 -33.98 -24.25
CA LEU A 890 7.92 -33.87 -25.64
C LEU A 890 6.86 -34.95 -25.85
N ALA A 891 6.24 -35.05 -27.04
CA ALA A 891 5.23 -36.07 -27.23
C ALA A 891 5.88 -37.40 -27.59
N GLU A 892 6.01 -38.29 -26.59
CA GLU A 892 6.65 -39.61 -26.69
C GLU A 892 5.89 -40.56 -27.60
N GLU A 893 4.55 -40.50 -27.52
CA GLU A 893 3.62 -41.31 -28.27
C GLU A 893 3.74 -41.13 -29.80
N LEU A 894 4.15 -39.93 -30.24
CA LEU A 894 4.27 -39.56 -31.65
C LEU A 894 5.66 -39.78 -32.23
N MET A 895 6.60 -40.20 -31.39
CA MET A 895 7.96 -40.45 -31.82
C MET A 895 8.06 -41.72 -32.68
N PRO A 896 7.43 -42.87 -32.34
CA PRO A 896 7.57 -44.04 -33.21
C PRO A 896 6.39 -44.19 -34.19
N HIS A 897 5.72 -43.07 -34.54
CA HIS A 897 4.57 -43.09 -35.45
C HIS A 897 4.65 -42.06 -36.58
N PHE A 898 5.35 -40.93 -36.37
CA PHE A 898 5.45 -39.84 -37.35
C PHE A 898 6.32 -40.23 -38.56
N ASN A 899 5.93 -39.76 -39.76
CA ASN A 899 6.63 -40.04 -41.02
C ASN A 899 7.32 -38.78 -41.56
N VAL A 900 8.34 -38.98 -42.38
CA VAL A 900 9.13 -37.89 -42.98
C VAL A 900 8.92 -37.88 -44.48
N ALA A 901 8.76 -36.69 -45.04
CA ALA A 901 8.64 -36.50 -46.47
C ALA A 901 9.89 -35.77 -46.94
N TRP A 902 10.76 -36.49 -47.65
CA TRP A 902 12.02 -35.93 -48.15
C TRP A 902 11.88 -35.36 -49.54
N ASN A 903 12.88 -34.58 -49.95
CA ASN A 903 13.02 -33.99 -51.28
C ASN A 903 13.26 -35.14 -52.29
N ASP A 904 14.15 -36.07 -51.91
CA ASP A 904 14.52 -37.28 -52.65
C ASP A 904 14.47 -38.45 -51.66
N PRO A 905 13.66 -39.52 -51.95
CA PRO A 905 13.57 -40.64 -50.99
C PRO A 905 14.84 -41.51 -50.89
N ALA A 906 15.59 -41.66 -52.01
CA ALA A 906 16.82 -42.47 -52.10
C ALA A 906 17.93 -41.89 -51.22
N LYS A 907 18.17 -40.57 -51.31
CA LYS A 907 19.17 -39.87 -50.51
C LYS A 907 18.42 -38.96 -49.51
N PRO A 908 18.14 -39.43 -48.27
CA PRO A 908 17.39 -38.60 -47.31
C PRO A 908 18.16 -37.36 -46.83
N GLU A 909 19.51 -37.37 -46.94
CA GLU A 909 20.42 -36.28 -46.58
C GLU A 909 20.25 -35.02 -47.46
N ALA A 910 19.47 -35.15 -48.56
CA ALA A 910 19.20 -34.08 -49.53
C ALA A 910 18.03 -33.17 -49.08
N GLY A 911 17.84 -33.05 -47.78
CA GLY A 911 16.81 -32.20 -47.21
C GLY A 911 15.43 -32.83 -47.23
N PHE A 912 14.62 -32.46 -46.26
CA PHE A 912 13.27 -32.96 -46.14
C PHE A 912 12.32 -31.79 -46.26
N LYS A 913 11.19 -32.03 -46.93
CA LYS A 913 10.15 -31.05 -47.16
C LYS A 913 9.47 -30.67 -45.83
N TYR A 914 8.83 -31.66 -45.19
CA TYR A 914 8.13 -31.52 -43.92
C TYR A 914 8.01 -32.87 -43.23
N LEU A 915 7.18 -32.91 -42.18
CA LEU A 915 6.88 -34.12 -41.41
C LEU A 915 5.40 -34.37 -41.47
N TYR A 916 5.01 -35.60 -41.83
CA TYR A 916 3.61 -35.92 -41.94
C TYR A 916 3.25 -37.15 -41.11
N LEU A 917 1.98 -37.50 -41.08
CA LEU A 917 1.47 -38.65 -40.34
C LEU A 917 0.53 -39.47 -41.23
N SER A 918 0.68 -40.81 -41.18
CA SER A 918 -0.14 -41.77 -41.92
C SER A 918 -1.59 -41.64 -41.46
N ASP A 919 -2.55 -41.69 -42.39
CA ASP A 919 -4.00 -41.54 -42.14
C ASP A 919 -4.47 -42.42 -40.97
N GLU A 920 -3.99 -43.67 -40.91
CA GLU A 920 -4.34 -44.64 -39.86
C GLU A 920 -3.70 -44.28 -38.53
N ALA A 921 -2.55 -43.59 -38.57
CA ALA A 921 -1.85 -43.12 -37.38
C ALA A 921 -2.35 -41.71 -37.00
N LYS A 922 -3.04 -41.02 -37.92
CA LYS A 922 -3.61 -39.69 -37.77
C LYS A 922 -4.87 -39.75 -36.93
N ARG A 923 -5.74 -40.75 -37.22
CA ARG A 923 -7.00 -40.98 -36.51
C ARG A 923 -6.75 -41.40 -35.05
N ARG A 924 -5.57 -42.00 -34.79
CA ARG A 924 -5.13 -42.44 -33.46
C ARG A 924 -5.03 -41.29 -32.47
N PHE A 925 -4.66 -40.10 -32.95
CA PHE A 925 -4.46 -38.94 -32.09
C PHE A 925 -5.42 -37.82 -32.46
N GLU A 926 -5.16 -37.05 -33.56
CA GLU A 926 -5.95 -35.92 -34.09
C GLU A 926 -5.97 -34.70 -33.16
N ASN A 927 -6.22 -34.92 -31.86
CA ASN A 927 -6.28 -33.91 -30.80
C ASN A 927 -4.89 -33.69 -30.19
N GLU A 928 -3.96 -34.63 -30.44
CA GLU A 928 -2.59 -34.58 -29.92
C GLU A 928 -1.64 -33.94 -30.93
N VAL A 929 -2.10 -33.77 -32.20
CA VAL A 929 -1.36 -33.13 -33.30
C VAL A 929 -2.28 -32.39 -34.22
N ILE A 930 -1.87 -31.20 -34.60
CA ILE A 930 -2.61 -30.41 -35.56
C ILE A 930 -2.06 -30.79 -36.91
N THR A 931 -2.85 -31.55 -37.67
CA THR A 931 -2.41 -32.03 -38.97
C THR A 931 -3.27 -31.48 -40.08
N GLU A 932 -2.57 -30.92 -41.08
CA GLU A 932 -3.11 -30.37 -42.33
C GLU A 932 -2.98 -31.43 -43.42
N GLU A 933 -3.97 -31.52 -44.31
CA GLU A 933 -3.96 -32.50 -45.38
C GLU A 933 -3.41 -31.90 -46.68
N ILE A 934 -2.36 -32.53 -47.24
CA ILE A 934 -1.74 -32.16 -48.52
C ILE A 934 -1.29 -33.45 -49.23
N VAL A 935 -1.87 -33.70 -50.40
CA VAL A 935 -1.60 -34.89 -51.21
C VAL A 935 -0.24 -34.75 -51.92
N GLU A 936 0.64 -35.74 -51.69
CA GLU A 936 1.97 -35.86 -52.29
C GLU A 936 2.16 -37.33 -52.69
N ASP A 937 2.60 -37.56 -53.96
CA ASP A 937 2.84 -38.89 -54.57
C ASP A 937 1.50 -39.71 -54.70
N GLY A 938 0.36 -39.03 -54.56
CA GLY A 938 -0.97 -39.64 -54.60
C GLY A 938 -1.34 -40.33 -53.30
N GLU A 939 -0.86 -39.76 -52.16
CA GLU A 939 -1.04 -40.25 -50.80
C GLU A 939 -1.72 -39.20 -49.92
N LYS A 940 -2.66 -39.65 -49.06
CA LYS A 940 -3.37 -38.79 -48.11
C LYS A 940 -2.43 -38.53 -46.93
N ARG A 941 -1.52 -37.58 -47.13
CA ARG A 941 -0.50 -37.22 -46.14
C ARG A 941 -0.98 -36.07 -45.25
N HIS A 942 -1.03 -36.33 -43.93
CA HIS A 942 -1.45 -35.37 -42.92
C HIS A 942 -0.19 -34.75 -42.29
N LYS A 943 0.30 -33.64 -42.89
CA LYS A 943 1.49 -32.94 -42.44
C LYS A 943 1.27 -32.26 -41.11
N ILE A 944 2.21 -32.47 -40.19
CA ILE A 944 2.11 -31.87 -38.87
C ILE A 944 2.51 -30.41 -39.00
N ILE A 945 1.59 -29.52 -38.61
CA ILE A 945 1.80 -28.07 -38.65
C ILE A 945 2.08 -27.56 -37.22
N THR A 946 1.65 -28.32 -36.18
CA THR A 946 1.84 -28.05 -34.74
C THR A 946 1.59 -29.35 -33.93
N ILE A 947 2.42 -29.61 -32.88
CA ILE A 947 2.28 -30.76 -31.97
C ILE A 947 1.66 -30.27 -30.65
N VAL A 948 0.67 -31.00 -30.11
CA VAL A 948 0.01 -30.64 -28.86
C VAL A 948 0.45 -31.61 -27.73
N GLY A 949 0.28 -32.92 -27.96
CA GLY A 949 0.64 -33.95 -26.99
C GLY A 949 -0.35 -34.06 -25.85
N ALA A 950 -0.70 -35.32 -25.50
CA ALA A 950 -1.67 -35.60 -24.45
C ALA A 950 -1.16 -35.20 -23.04
N GLU A 951 0.04 -35.69 -22.64
CA GLU A 951 0.68 -35.48 -21.33
C GLU A 951 0.93 -34.00 -21.00
N GLU A 952 0.95 -33.65 -19.71
CA GLU A 952 1.17 -32.28 -19.25
C GLU A 952 2.59 -32.08 -18.76
N GLY A 953 3.11 -30.88 -18.98
CA GLY A 953 4.46 -30.46 -18.59
C GLY A 953 5.49 -30.69 -19.68
N LEU A 954 5.36 -29.95 -20.83
CA LEU A 954 6.25 -30.09 -22.01
C LEU A 954 6.71 -28.75 -22.58
N GLY A 955 5.88 -27.76 -22.36
CA GLY A 955 6.11 -26.42 -22.82
C GLY A 955 5.50 -25.43 -21.87
N VAL A 956 4.78 -24.51 -22.48
CA VAL A 956 4.11 -23.33 -21.93
C VAL A 956 3.20 -23.58 -20.72
N GLU A 957 2.59 -24.77 -20.58
CA GLU A 957 1.71 -25.10 -19.45
C GLU A 957 2.43 -24.91 -18.12
N CYS A 958 3.73 -25.22 -18.08
CA CYS A 958 4.59 -25.09 -16.91
C CYS A 958 4.91 -23.62 -16.65
N LEU A 959 5.19 -22.86 -17.73
CA LEU A 959 5.55 -21.44 -17.71
C LEU A 959 4.44 -20.58 -17.14
N ARG A 960 3.19 -20.87 -17.56
CA ARG A 960 1.95 -20.20 -17.13
C ARG A 960 1.82 -20.31 -15.60
N GLY A 961 1.93 -21.55 -15.09
CA GLY A 961 1.85 -21.84 -13.67
C GLY A 961 2.98 -21.20 -12.90
N SER A 962 4.20 -21.25 -13.48
CA SER A 962 5.38 -20.66 -12.90
C SER A 962 5.19 -19.15 -12.73
N GLY A 963 4.65 -18.48 -13.74
CA GLY A 963 4.37 -17.04 -13.70
C GLY A 963 3.37 -16.67 -12.63
N LEU A 964 2.36 -17.53 -12.45
CA LEU A 964 1.30 -17.35 -11.47
C LEU A 964 1.88 -17.33 -10.06
N ILE A 965 2.59 -18.40 -9.67
CA ILE A 965 3.19 -18.54 -8.34
C ILE A 965 4.26 -17.49 -8.14
N ALA A 966 4.90 -17.06 -9.24
CA ALA A 966 5.89 -15.99 -9.19
C ALA A 966 5.22 -14.73 -8.67
N GLY A 967 4.07 -14.40 -9.25
CA GLY A 967 3.28 -13.25 -8.83
C GLY A 967 2.83 -13.41 -7.40
N ALA A 968 2.31 -14.60 -7.04
CA ALA A 968 1.79 -14.95 -5.70
C ALA A 968 2.80 -14.70 -4.61
N THR A 969 4.07 -15.05 -4.84
CA THR A 969 5.16 -14.87 -3.90
C THR A 969 5.48 -13.37 -3.77
N SER A 970 5.47 -12.64 -4.92
CA SER A 970 5.74 -11.19 -4.98
C SER A 970 4.71 -10.44 -4.15
N ARG A 971 3.45 -10.89 -4.21
CA ARG A 971 2.32 -10.33 -3.49
C ARG A 971 2.39 -10.69 -2.00
N ALA A 972 2.76 -11.94 -1.69
CA ALA A 972 2.88 -12.46 -0.33
C ALA A 972 3.92 -11.73 0.50
N TYR A 973 5.09 -11.42 -0.08
CA TYR A 973 6.20 -10.71 0.58
C TYR A 973 5.76 -9.37 1.17
N ASN A 974 4.97 -8.59 0.41
CA ASN A 974 4.45 -7.28 0.79
C ASN A 974 3.34 -7.37 1.90
N ASP A 975 2.78 -8.60 2.18
CA ASP A 975 1.68 -8.82 3.15
C ASP A 975 2.15 -9.61 4.43
N ILE A 976 2.56 -10.89 4.28
CA ILE A 976 3.00 -11.74 5.40
C ILE A 976 4.51 -11.91 5.41
N PHE A 977 5.05 -12.47 6.50
CA PHE A 977 6.48 -12.73 6.53
C PHE A 977 6.78 -13.84 5.53
N THR A 978 7.76 -13.58 4.67
CA THR A 978 8.14 -14.51 3.61
C THR A 978 9.62 -14.94 3.77
N CYS A 979 9.91 -16.24 3.56
CA CYS A 979 11.27 -16.75 3.66
C CYS A 979 11.50 -18.03 2.89
N THR A 980 12.67 -18.12 2.29
CA THR A 980 13.11 -19.25 1.49
C THR A 980 14.41 -19.84 2.04
N LEU A 981 14.68 -21.08 1.69
CA LEU A 981 15.87 -21.82 2.11
C LEU A 981 16.36 -22.67 0.96
N VAL A 982 17.63 -22.47 0.58
CA VAL A 982 18.25 -23.20 -0.51
C VAL A 982 18.84 -24.50 0.02
N THR A 983 17.98 -25.52 0.22
CA THR A 983 18.35 -26.85 0.74
C THR A 983 19.15 -27.64 -0.33
N CYS A 984 18.91 -27.34 -1.61
CA CYS A 984 19.65 -27.84 -2.78
C CYS A 984 19.41 -26.94 -3.97
N ARG A 985 20.10 -27.21 -5.09
CA ARG A 985 20.05 -26.50 -6.35
C ARG A 985 18.64 -25.97 -6.68
N SER A 986 18.54 -24.63 -6.76
CA SER A 986 17.33 -23.86 -7.05
C SER A 986 17.52 -23.12 -8.38
N VAL A 987 16.94 -23.71 -9.44
CA VAL A 987 17.08 -23.28 -10.84
C VAL A 987 15.79 -22.64 -11.41
N GLY A 988 15.96 -21.87 -12.50
CA GLY A 988 14.93 -21.20 -13.29
C GLY A 988 13.93 -20.41 -12.49
N ILE A 989 12.70 -20.91 -12.47
CA ILE A 989 11.60 -20.31 -11.72
C ILE A 989 11.91 -20.39 -10.22
N GLY A 990 12.40 -21.56 -9.78
CA GLY A 990 12.77 -21.82 -8.39
C GLY A 990 13.70 -20.73 -7.89
N ALA A 991 14.70 -20.38 -8.73
CA ALA A 991 15.67 -19.35 -8.46
C ALA A 991 14.99 -18.01 -8.24
N TYR A 992 13.94 -17.72 -9.00
CA TYR A 992 13.26 -16.45 -8.84
C TYR A 992 12.44 -16.38 -7.60
N LEU A 993 11.80 -17.50 -7.22
CA LEU A 993 10.98 -17.55 -6.01
C LEU A 993 11.82 -17.30 -4.78
N VAL A 994 13.13 -17.47 -4.93
CA VAL A 994 14.10 -17.22 -3.87
C VAL A 994 14.20 -15.71 -3.69
N ARG A 995 14.24 -14.98 -4.82
CA ARG A 995 14.37 -13.54 -4.79
C ARG A 995 13.04 -12.88 -4.44
N LEU A 996 11.94 -13.45 -4.95
CA LEU A 996 10.60 -12.93 -4.68
C LEU A 996 10.28 -13.16 -3.21
N GLY A 997 10.92 -14.22 -2.65
CA GLY A 997 10.89 -14.60 -1.26
C GLY A 997 11.80 -13.72 -0.41
N GLN A 998 12.55 -12.80 -1.07
CA GLN A 998 13.47 -11.76 -0.57
C GLN A 998 14.44 -12.29 0.45
N ARG A 999 13.95 -12.51 1.68
CA ARG A 999 14.67 -13.10 2.81
C ARG A 999 15.01 -14.57 2.46
N ALA A 1000 16.31 -14.88 2.29
CA ALA A 1000 16.81 -16.19 1.88
C ALA A 1000 18.07 -16.68 2.64
N VAL A 1001 18.13 -18.01 2.85
CA VAL A 1001 19.27 -18.66 3.51
C VAL A 1001 19.83 -19.67 2.56
N GLN A 1002 21.15 -19.61 2.37
CA GLN A 1002 21.77 -20.52 1.45
C GLN A 1002 22.70 -21.49 2.15
N VAL A 1003 22.46 -22.80 1.93
CA VAL A 1003 23.31 -23.88 2.45
C VAL A 1003 24.56 -23.89 1.58
N GLU A 1004 25.75 -23.81 2.22
CA GLU A 1004 27.12 -23.69 1.67
C GLU A 1004 27.39 -24.44 0.32
N GLY A 1005 26.79 -25.62 0.12
CA GLY A 1005 26.96 -26.43 -1.09
C GLY A 1005 25.77 -26.55 -2.05
N GLN A 1006 24.88 -25.54 -2.05
CA GLN A 1006 23.69 -25.52 -2.92
C GLN A 1006 23.63 -24.23 -3.76
N PRO A 1007 23.59 -24.32 -5.13
CA PRO A 1007 23.61 -23.08 -5.93
C PRO A 1007 22.25 -22.52 -6.40
N ILE A 1008 22.19 -21.18 -6.54
CA ILE A 1008 21.03 -20.47 -7.08
C ILE A 1008 21.44 -20.07 -8.48
N ILE A 1009 21.22 -20.98 -9.41
CA ILE A 1009 21.61 -20.85 -10.80
C ILE A 1009 20.38 -20.51 -11.66
N LEU A 1010 20.61 -19.82 -12.79
CA LEU A 1010 19.58 -19.41 -13.75
C LEU A 1010 19.59 -20.35 -14.97
N THR A 1011 20.76 -20.48 -15.62
CA THR A 1011 20.99 -21.33 -16.80
C THR A 1011 22.07 -22.35 -16.45
N GLY A 1012 21.81 -23.63 -16.78
CA GLY A 1012 22.72 -24.74 -16.54
C GLY A 1012 24.16 -24.44 -16.94
N ALA A 1013 25.13 -24.75 -16.04
CA ALA A 1013 26.56 -24.52 -16.27
C ALA A 1013 27.05 -25.15 -17.60
N PRO A 1014 26.63 -26.39 -18.02
CA PRO A 1014 27.07 -26.90 -19.33
C PRO A 1014 26.38 -26.19 -20.49
N ALA A 1015 25.13 -25.75 -20.28
CA ALA A 1015 24.32 -25.05 -21.26
C ALA A 1015 24.97 -23.72 -21.64
N LEU A 1016 25.63 -23.04 -20.67
CA LEU A 1016 26.33 -21.77 -20.89
C LEU A 1016 27.58 -21.98 -21.72
N ASN A 1017 28.33 -23.04 -21.42
CA ASN A 1017 29.56 -23.37 -22.14
C ASN A 1017 29.29 -23.71 -23.58
N SER A 1018 28.22 -24.50 -23.86
CA SER A 1018 27.81 -24.95 -25.19
C SER A 1018 27.37 -23.76 -26.04
N LEU A 1019 26.73 -22.77 -25.41
CA LEU A 1019 26.25 -21.53 -26.03
C LEU A 1019 27.45 -20.64 -26.43
N LEU A 1020 28.43 -20.48 -25.51
CA LEU A 1020 29.63 -19.66 -25.74
C LEU A 1020 30.63 -20.39 -26.64
N GLY A 1021 30.47 -21.71 -26.74
CA GLY A 1021 31.28 -22.60 -27.55
C GLY A 1021 32.50 -23.11 -26.81
N ARG A 1022 32.87 -22.43 -25.72
CA ARG A 1022 34.05 -22.77 -24.94
C ARG A 1022 33.73 -23.02 -23.45
N GLU A 1023 34.54 -23.93 -22.85
CA GLU A 1023 34.45 -24.39 -21.47
C GLU A 1023 34.94 -23.32 -20.50
N VAL A 1024 34.04 -22.39 -20.19
CA VAL A 1024 34.35 -21.30 -19.29
C VAL A 1024 34.01 -21.73 -17.87
N TYR A 1025 32.72 -22.02 -17.59
CA TYR A 1025 32.23 -22.45 -16.28
C TYR A 1025 32.21 -23.95 -16.20
N THR A 1026 32.56 -24.52 -15.04
CA THR A 1026 32.59 -25.99 -14.85
C THR A 1026 31.64 -26.40 -13.73
N SER A 1027 31.51 -25.50 -12.76
CA SER A 1027 30.68 -25.70 -11.60
C SER A 1027 29.47 -24.82 -11.69
N ASN A 1028 28.35 -25.37 -11.23
CA ASN A 1028 27.08 -24.66 -11.15
C ASN A 1028 27.16 -23.65 -10.00
N LEU A 1029 28.10 -23.90 -9.06
CA LEU A 1029 28.44 -23.09 -7.89
C LEU A 1029 29.37 -21.95 -8.27
N GLN A 1030 30.11 -22.13 -9.39
CA GLN A 1030 31.04 -21.14 -9.92
C GLN A 1030 30.30 -19.88 -10.36
N LEU A 1031 28.95 -19.98 -10.46
CA LEU A 1031 28.02 -18.93 -10.87
C LEU A 1031 26.70 -18.86 -10.02
N GLY A 1032 26.42 -19.89 -9.22
CA GLY A 1032 25.23 -19.94 -8.40
C GLY A 1032 25.46 -20.01 -6.91
N GLY A 1033 26.66 -20.42 -6.52
CA GLY A 1033 27.09 -20.63 -5.15
C GLY A 1033 27.00 -19.44 -4.20
N THR A 1034 27.34 -19.71 -2.94
CA THR A 1034 27.34 -18.80 -1.80
C THR A 1034 28.20 -17.57 -2.05
N GLN A 1035 29.44 -17.81 -2.52
CA GLN A 1035 30.46 -16.81 -2.84
C GLN A 1035 29.96 -15.75 -3.83
N ILE A 1036 28.79 -15.98 -4.45
CA ILE A 1036 28.17 -15.07 -5.40
C ILE A 1036 26.93 -14.46 -4.74
N MET A 1037 25.95 -15.27 -4.38
CA MET A 1037 24.68 -14.79 -3.86
C MET A 1037 24.78 -14.12 -2.48
N TYR A 1038 25.69 -14.54 -1.59
CA TYR A 1038 25.82 -13.85 -0.30
C TYR A 1038 26.62 -12.55 -0.45
N ARG A 1039 27.63 -12.58 -1.32
CA ARG A 1039 28.51 -11.46 -1.58
C ARG A 1039 27.85 -10.38 -2.48
N ASN A 1040 26.62 -10.65 -3.02
CA ASN A 1040 25.86 -9.71 -3.85
C ASN A 1040 24.52 -9.34 -3.19
N GLY A 1041 24.21 -9.95 -2.05
CA GLY A 1041 23.00 -9.66 -1.29
C GLY A 1041 21.73 -10.39 -1.67
N VAL A 1042 21.86 -11.50 -2.41
CA VAL A 1042 20.71 -12.31 -2.77
C VAL A 1042 20.44 -13.16 -1.53
N SER A 1043 21.51 -13.74 -0.94
CA SER A 1043 21.46 -14.53 0.29
C SER A 1043 21.68 -13.62 1.47
N HIS A 1044 20.86 -13.79 2.50
CA HIS A 1044 20.93 -13.02 3.73
C HIS A 1044 21.86 -13.70 4.69
N LEU A 1045 21.94 -15.06 4.64
CA LEU A 1045 22.81 -15.85 5.53
C LEU A 1045 23.29 -17.16 4.92
N THR A 1046 24.40 -17.68 5.52
CA THR A 1046 25.16 -18.87 5.19
C THR A 1046 24.98 -19.96 6.24
N ALA A 1047 24.38 -21.10 5.87
CA ALA A 1047 24.20 -22.23 6.79
C ALA A 1047 25.06 -23.41 6.38
N LYS A 1048 25.77 -24.03 7.34
CA LYS A 1048 26.68 -25.16 7.08
C LYS A 1048 25.98 -26.42 6.55
N ASP A 1049 24.79 -26.74 7.07
CA ASP A 1049 24.02 -27.91 6.65
C ASP A 1049 22.54 -27.62 6.66
N ASP A 1050 21.76 -28.57 6.14
CA ASP A 1050 20.31 -28.52 6.03
C ASP A 1050 19.64 -28.14 7.37
N PHE A 1051 20.10 -28.75 8.48
CA PHE A 1051 19.57 -28.44 9.82
C PHE A 1051 19.99 -27.03 10.23
N ASP A 1052 21.28 -26.69 10.10
CA ASP A 1052 21.81 -25.38 10.47
C ASP A 1052 20.94 -24.26 9.90
N GLY A 1053 20.37 -24.53 8.72
CA GLY A 1053 19.44 -23.64 8.04
C GLY A 1053 18.21 -23.44 8.89
N VAL A 1054 17.49 -24.53 9.14
CA VAL A 1054 16.27 -24.59 9.95
C VAL A 1054 16.53 -23.80 11.27
N THR A 1055 17.64 -24.11 11.97
CA THR A 1055 18.09 -23.49 13.23
C THR A 1055 18.04 -21.97 13.12
N LYS A 1056 18.77 -21.45 12.15
CA LYS A 1056 18.89 -20.02 11.91
C LYS A 1056 17.56 -19.38 11.48
N ILE A 1057 16.65 -20.17 10.90
CA ILE A 1057 15.35 -19.68 10.46
C ILE A 1057 14.43 -19.53 11.66
N VAL A 1058 14.35 -20.59 12.48
CA VAL A 1058 13.52 -20.58 13.68
C VAL A 1058 13.94 -19.39 14.54
N GLN A 1059 15.20 -18.98 14.38
CA GLN A 1059 15.80 -17.84 15.04
C GLN A 1059 15.14 -16.56 14.58
N TRP A 1060 14.99 -16.37 13.26
CA TRP A 1060 14.30 -15.19 12.73
C TRP A 1060 12.91 -15.15 13.26
N LEU A 1061 12.24 -16.29 13.25
CA LEU A 1061 10.87 -16.47 13.71
C LEU A 1061 10.70 -15.99 15.11
N SER A 1062 11.75 -16.08 15.92
CA SER A 1062 11.71 -15.61 17.30
C SER A 1062 11.53 -14.08 17.34
N PHE A 1063 12.04 -13.32 16.36
CA PHE A 1063 11.91 -11.86 16.31
C PHE A 1063 10.57 -11.38 15.80
N ILE A 1064 9.88 -12.22 15.04
CA ILE A 1064 8.65 -11.86 14.32
C ILE A 1064 7.35 -12.25 15.04
N PRO A 1065 6.31 -11.36 15.05
CA PRO A 1065 5.02 -11.74 15.69
C PRO A 1065 4.35 -12.95 15.02
N ASP A 1066 3.68 -13.81 15.83
CA ASP A 1066 3.01 -15.07 15.45
C ASP A 1066 2.07 -14.91 14.27
N GLN A 1067 1.45 -13.72 14.17
CA GLN A 1067 0.51 -13.31 13.12
C GLN A 1067 1.07 -12.06 12.39
N ARG A 1068 0.21 -11.42 11.59
CA ARG A 1068 0.47 -10.23 10.80
C ARG A 1068 0.51 -8.99 11.72
N ASN A 1069 -0.68 -8.43 12.08
CA ASN A 1069 -0.86 -7.25 12.95
C ASN A 1069 -0.95 -7.65 14.41
N ASN A 1070 -0.03 -8.49 14.86
CA ASN A 1070 0.02 -8.97 16.23
C ASN A 1070 1.19 -8.36 16.98
N PRO A 1071 1.11 -8.22 18.33
CA PRO A 1071 2.22 -7.60 19.07
C PRO A 1071 3.46 -8.47 19.00
N LEU A 1072 4.61 -7.81 18.97
CA LEU A 1072 5.95 -8.38 18.87
C LEU A 1072 6.25 -9.42 19.96
N PRO A 1073 7.15 -10.39 19.69
CA PRO A 1073 7.48 -11.40 20.72
C PRO A 1073 8.45 -10.84 21.78
N ILE A 1074 7.90 -10.01 22.66
CA ILE A 1074 8.65 -9.36 23.74
C ILE A 1074 8.69 -10.31 24.96
N LEU A 1075 9.77 -10.23 25.74
CA LEU A 1075 9.98 -11.03 26.94
C LEU A 1075 10.33 -10.12 28.12
N SER A 1076 10.66 -10.71 29.28
CA SER A 1076 11.08 -9.94 30.46
C SER A 1076 12.50 -9.38 30.20
N PRO A 1077 12.98 -8.32 30.90
CA PRO A 1077 14.36 -7.81 30.62
C PRO A 1077 15.41 -8.93 30.65
N SER A 1078 15.25 -9.88 31.60
CA SER A 1078 15.97 -11.12 31.92
C SER A 1078 17.52 -11.21 31.54
N PRO A 1079 18.07 -11.45 30.31
CA PRO A 1079 19.54 -11.59 30.19
C PRO A 1079 20.28 -10.28 30.39
N ASP A 1080 19.68 -9.17 29.94
CA ASP A 1080 20.21 -7.83 30.06
C ASP A 1080 19.10 -6.92 30.57
N PRO A 1081 19.21 -6.42 31.83
CA PRO A 1081 18.13 -5.57 32.36
C PRO A 1081 18.03 -4.24 31.62
N TRP A 1082 16.83 -3.65 31.61
CA TRP A 1082 16.59 -2.40 30.91
C TRP A 1082 17.32 -1.23 31.62
N ASP A 1083 17.42 -1.29 32.97
CA ASP A 1083 17.99 -0.22 33.79
C ASP A 1083 19.53 -0.32 33.93
N ARG A 1084 20.22 -0.51 32.81
CA ARG A 1084 21.68 -0.53 32.83
C ARG A 1084 22.21 0.51 31.85
N ASP A 1085 23.33 1.15 32.20
CA ASP A 1085 23.90 2.18 31.35
C ASP A 1085 24.79 1.58 30.28
N VAL A 1086 24.85 2.24 29.12
CA VAL A 1086 25.64 1.82 27.97
C VAL A 1086 27.09 2.09 28.29
N VAL A 1087 27.83 1.01 28.55
CA VAL A 1087 29.22 1.07 28.98
C VAL A 1087 30.15 1.32 27.81
N TYR A 1088 30.03 0.55 26.72
CA TYR A 1088 30.93 0.76 25.60
C TYR A 1088 30.68 2.09 24.96
N THR A 1089 31.69 2.94 24.97
CA THR A 1089 31.63 4.25 24.32
C THR A 1089 32.78 4.26 23.27
N PRO A 1090 32.48 4.64 22.01
CA PRO A 1090 33.50 4.54 20.96
C PRO A 1090 34.69 5.51 21.09
N PRO A 1091 35.94 5.07 20.74
CA PRO A 1091 37.08 6.00 20.80
C PRO A 1091 36.95 7.04 19.71
N TYR A 1092 37.21 8.30 20.03
CA TYR A 1092 37.03 9.39 19.09
C TYR A 1092 38.17 9.55 18.07
N LYS A 1093 39.37 9.06 18.39
CA LYS A 1093 40.49 9.22 17.47
C LYS A 1093 40.38 8.30 16.25
N GLN A 1094 40.47 6.98 16.49
CA GLN A 1094 40.47 5.95 15.46
C GLN A 1094 39.10 5.37 15.20
N THR A 1095 39.10 4.31 14.39
CA THR A 1095 37.93 3.55 14.00
C THR A 1095 37.65 2.44 14.99
N TYR A 1096 36.39 2.06 15.06
CA TYR A 1096 35.86 1.05 15.97
C TYR A 1096 34.86 0.18 15.26
N ASP A 1097 34.73 -1.07 15.68
CA ASP A 1097 33.72 -1.94 15.12
C ASP A 1097 32.41 -1.56 15.74
N VAL A 1098 31.59 -0.89 14.96
CA VAL A 1098 30.28 -0.37 15.31
C VAL A 1098 29.40 -1.47 15.93
N ARG A 1099 29.68 -2.76 15.62
CA ARG A 1099 28.99 -3.94 16.16
C ARG A 1099 29.05 -3.96 17.67
N TRP A 1100 30.15 -3.44 18.22
CA TRP A 1100 30.39 -3.34 19.65
C TRP A 1100 29.45 -2.38 20.32
N MET A 1101 28.99 -1.36 19.58
CA MET A 1101 28.05 -0.39 20.13
C MET A 1101 26.64 -0.97 20.21
N ILE A 1102 26.36 -2.01 19.43
CA ILE A 1102 25.04 -2.63 19.36
C ILE A 1102 24.84 -3.71 20.42
N ALA A 1103 25.60 -4.82 20.36
CA ALA A 1103 25.46 -5.94 21.29
C ALA A 1103 26.39 -5.77 22.48
N GLY A 1104 27.62 -5.35 22.21
CA GLY A 1104 28.65 -5.15 23.21
C GLY A 1104 30.02 -5.52 22.68
N LYS A 1105 31.06 -4.99 23.33
CA LYS A 1105 32.41 -5.31 22.94
C LYS A 1105 32.93 -6.37 23.84
N GLU A 1106 33.27 -7.51 23.24
CA GLU A 1106 33.91 -8.55 24.01
C GLU A 1106 35.34 -8.12 24.07
N ASP A 1107 35.76 -7.80 25.28
CA ASP A 1107 37.08 -7.26 25.50
C ASP A 1107 37.98 -8.22 26.26
N GLU A 1108 39.25 -7.88 26.24
CA GLU A 1108 40.29 -8.58 26.94
C GLU A 1108 39.96 -8.48 28.46
N ASP A 1109 39.78 -7.23 28.95
CA ASP A 1109 39.40 -6.90 30.33
C ASP A 1109 37.89 -6.74 30.43
N GLY A 1110 37.23 -7.79 30.92
CA GLY A 1110 35.79 -7.84 31.09
C GLY A 1110 35.01 -7.76 29.79
N PHE A 1111 33.75 -7.33 29.89
CA PHE A 1111 32.85 -7.17 28.75
C PHE A 1111 32.06 -5.89 28.94
N GLN A 1112 32.17 -4.98 27.97
CA GLN A 1112 31.45 -3.69 28.00
C GLN A 1112 30.22 -3.79 27.10
N PRO A 1113 29.01 -3.82 27.69
CA PRO A 1113 27.80 -3.99 26.87
C PRO A 1113 27.43 -2.78 26.02
N GLY A 1114 26.72 -3.06 24.92
CA GLY A 1114 26.22 -2.08 23.96
C GLY A 1114 24.90 -1.50 24.41
N LEU A 1115 24.08 -0.99 23.48
CA LEU A 1115 22.83 -0.42 23.96
C LEU A 1115 21.70 -1.43 23.77
N PHE A 1116 21.98 -2.57 23.11
CA PHE A 1116 21.02 -3.65 23.00
C PHE A 1116 21.40 -4.77 23.94
N ASP A 1117 20.52 -5.78 24.06
CA ASP A 1117 20.72 -6.93 24.93
C ASP A 1117 21.94 -7.72 24.56
N LYS A 1118 22.63 -8.18 25.60
CA LYS A 1118 23.81 -9.02 25.47
C LYS A 1118 23.41 -10.27 24.72
N ASP A 1119 24.17 -10.60 23.65
CA ASP A 1119 23.99 -11.76 22.79
C ASP A 1119 22.55 -11.83 22.23
N SER A 1120 22.20 -10.80 21.43
CA SER A 1120 20.86 -10.75 20.84
C SER A 1120 20.94 -10.37 19.35
N PHE A 1121 22.10 -9.90 18.86
CA PHE A 1121 22.29 -9.44 17.50
C PHE A 1121 22.52 -10.54 16.44
N VAL A 1122 21.76 -10.47 15.30
CA VAL A 1122 21.85 -11.41 14.16
C VAL A 1122 22.04 -10.63 12.84
N GLU A 1123 23.31 -10.48 12.41
CA GLU A 1123 23.66 -9.73 11.20
C GLU A 1123 23.25 -10.45 9.92
N THR A 1124 22.70 -9.68 8.94
CA THR A 1124 22.33 -10.17 7.62
C THR A 1124 22.92 -9.30 6.47
N LEU A 1125 23.17 -9.93 5.29
CA LEU A 1125 23.70 -9.38 4.04
C LEU A 1125 25.08 -8.68 4.16
N GLY A 1126 25.73 -8.81 5.31
CA GLY A 1126 27.05 -8.21 5.59
C GLY A 1126 28.22 -8.67 4.75
N GLY A 1127 27.95 -9.39 3.65
CA GLY A 1127 28.94 -9.88 2.69
C GLY A 1127 28.91 -9.04 1.42
N TRP A 1128 27.90 -8.18 1.31
CA TRP A 1128 27.66 -7.24 0.23
C TRP A 1128 27.51 -5.87 0.85
N ALA A 1129 28.31 -4.90 0.40
CA ALA A 1129 28.31 -3.51 0.88
C ALA A 1129 28.41 -3.44 2.42
N ARG A 1130 29.52 -3.93 2.97
CA ARG A 1130 29.78 -4.00 4.41
C ARG A 1130 29.89 -2.58 5.07
N THR A 1131 29.85 -1.51 4.25
CA THR A 1131 29.91 -0.09 4.68
C THR A 1131 28.67 0.31 5.45
N VAL A 1132 27.73 -0.61 5.55
CA VAL A 1132 26.50 -0.48 6.29
C VAL A 1132 26.20 -1.86 6.89
N VAL A 1133 25.99 -1.89 8.20
CA VAL A 1133 25.75 -3.11 8.96
C VAL A 1133 24.26 -3.21 9.32
N VAL A 1134 23.64 -4.34 8.93
CA VAL A 1134 22.21 -4.60 9.11
C VAL A 1134 21.96 -5.85 9.95
N GLY A 1135 20.93 -5.81 10.78
CA GLY A 1135 20.55 -6.96 11.57
C GLY A 1135 19.37 -6.74 12.48
N ARG A 1136 19.01 -7.80 13.19
CA ARG A 1136 17.91 -7.80 14.16
C ARG A 1136 18.49 -8.06 15.55
N ALA A 1137 17.98 -7.34 16.57
CA ALA A 1137 18.41 -7.42 17.99
C ALA A 1137 17.25 -7.07 18.96
N ARG A 1138 17.46 -7.26 20.29
CA ARG A 1138 16.44 -6.98 21.33
C ARG A 1138 16.89 -5.86 22.28
N LEU A 1139 15.93 -4.98 22.66
CA LEU A 1139 16.15 -3.86 23.58
C LEU A 1139 15.27 -4.05 24.83
N GLY A 1140 15.87 -4.63 25.88
CA GLY A 1140 15.24 -4.95 27.15
C GLY A 1140 14.12 -5.98 27.00
N GLY A 1141 14.20 -6.77 25.92
CA GLY A 1141 13.22 -7.78 25.57
C GLY A 1141 12.49 -7.46 24.28
N ILE A 1142 12.36 -6.16 23.93
CA ILE A 1142 11.66 -5.69 22.73
C ILE A 1142 12.53 -5.94 21.48
N PRO A 1143 12.10 -6.83 20.56
CA PRO A 1143 12.89 -7.04 19.33
C PRO A 1143 12.70 -5.90 18.33
N MET A 1144 13.77 -5.53 17.61
CA MET A 1144 13.70 -4.47 16.61
C MET A 1144 14.85 -4.51 15.58
N GLY A 1145 14.64 -3.84 14.46
CA GLY A 1145 15.59 -3.72 13.36
C GLY A 1145 16.69 -2.72 13.65
N VAL A 1146 17.91 -3.08 13.23
CA VAL A 1146 19.10 -2.27 13.46
C VAL A 1146 19.88 -2.05 12.18
N ILE A 1147 20.23 -0.79 11.95
CA ILE A 1147 21.05 -0.32 10.84
C ILE A 1147 22.09 0.62 11.43
N ALA A 1148 23.37 0.37 11.12
CA ALA A 1148 24.47 1.19 11.59
C ALA A 1148 25.51 1.39 10.51
N VAL A 1149 26.33 2.46 10.63
CA VAL A 1149 27.36 2.77 9.63
C VAL A 1149 28.70 2.31 10.08
N GLU A 1150 29.37 1.51 9.24
CA GLU A 1150 30.74 1.05 9.50
C GLU A 1150 31.68 2.23 9.34
N THR A 1151 32.56 2.44 10.34
CA THR A 1151 33.53 3.52 10.41
C THR A 1151 34.87 3.14 9.77
N ARG A 1152 35.23 1.84 9.82
CA ARG A 1152 36.47 1.32 9.25
C ARG A 1152 36.39 1.23 7.74
N THR A 1153 37.51 1.47 7.06
CA THR A 1153 37.59 1.42 5.62
C THR A 1153 37.59 -0.04 5.18
N ILE A 1154 36.43 -0.53 4.74
CA ILE A 1154 36.28 -1.90 4.27
C ILE A 1154 36.73 -1.97 2.79
N GLU A 1155 37.08 -3.16 2.33
CA GLU A 1155 37.56 -3.36 0.97
C GLU A 1155 36.91 -4.58 0.34
N ASN A 1156 35.93 -4.33 -0.54
CA ASN A 1156 35.28 -5.43 -1.22
C ASN A 1156 35.98 -5.62 -2.54
N ILE A 1157 36.35 -6.86 -2.85
CA ILE A 1157 37.07 -7.12 -4.09
C ILE A 1157 36.22 -8.03 -4.92
N THR A 1158 35.76 -7.50 -6.04
CA THR A 1158 34.91 -8.22 -6.98
C THR A 1158 35.74 -9.25 -7.73
N PRO A 1159 35.24 -10.50 -7.92
CA PRO A 1159 36.03 -11.50 -8.65
C PRO A 1159 36.15 -11.21 -10.15
N ALA A 1160 37.14 -11.83 -10.80
CA ALA A 1160 37.38 -11.71 -12.24
C ALA A 1160 36.42 -12.66 -12.99
N ASP A 1161 35.85 -12.17 -14.11
CA ASP A 1161 34.93 -12.98 -14.92
C ASP A 1161 35.72 -13.97 -15.80
N PRO A 1162 35.44 -15.30 -15.77
CA PRO A 1162 36.20 -16.21 -16.63
C PRO A 1162 35.78 -16.12 -18.09
N ALA A 1163 34.53 -15.64 -18.34
CA ALA A 1163 33.92 -15.45 -19.67
C ALA A 1163 34.73 -14.46 -20.51
N ASN A 1164 35.20 -13.35 -19.89
CA ASN A 1164 36.07 -12.39 -20.57
C ASN A 1164 37.45 -12.58 -19.95
N PRO A 1165 38.42 -13.16 -20.70
CA PRO A 1165 39.73 -13.52 -20.12
C PRO A 1165 40.53 -12.35 -19.55
N ASP A 1166 40.24 -11.13 -20.01
CA ASP A 1166 40.96 -9.93 -19.58
C ASP A 1166 40.44 -9.43 -18.23
N SER A 1167 39.10 -9.52 -18.00
CA SER A 1167 38.43 -9.11 -16.77
C SER A 1167 39.24 -9.52 -15.56
N ILE A 1168 39.65 -8.53 -14.79
CA ILE A 1168 40.48 -8.73 -13.62
C ILE A 1168 39.63 -8.48 -12.38
N GLU A 1169 40.09 -9.00 -11.23
CA GLU A 1169 39.47 -8.79 -9.92
C GLU A 1169 39.62 -7.32 -9.59
N GLN A 1170 38.53 -6.59 -9.31
CA GLN A 1170 38.73 -5.17 -9.07
C GLN A 1170 38.59 -4.79 -7.61
N VAL A 1171 39.64 -4.08 -7.22
CA VAL A 1171 39.95 -3.49 -5.94
C VAL A 1171 39.06 -2.28 -5.69
N THR A 1172 38.29 -2.34 -4.62
CA THR A 1172 37.45 -1.23 -4.25
C THR A 1172 37.51 -1.10 -2.75
N ASN A 1173 37.98 0.06 -2.30
CA ASN A 1173 38.09 0.37 -0.89
C ASN A 1173 37.01 1.30 -0.54
N GLU A 1174 35.94 0.72 0.00
CA GLU A 1174 34.76 1.46 0.44
C GLU A 1174 35.11 2.08 1.80
N ALA A 1175 35.66 3.32 1.78
CA ALA A 1175 36.04 4.04 3.00
C ALA A 1175 34.83 4.22 3.93
N GLY A 1176 35.02 3.89 5.20
CA GLY A 1176 33.97 3.94 6.23
C GLY A 1176 33.28 5.28 6.45
N GLY A 1177 31.99 5.19 6.79
CA GLY A 1177 31.14 6.34 7.05
C GLY A 1177 30.67 7.10 5.83
N VAL A 1178 30.65 6.45 4.64
CA VAL A 1178 30.22 7.05 3.35
C VAL A 1178 29.17 6.14 2.66
N TRP A 1179 28.30 6.75 1.83
CA TRP A 1179 27.31 6.00 1.11
C TRP A 1179 27.72 5.79 -0.30
N TYR A 1180 27.66 4.53 -0.72
CA TYR A 1180 28.01 4.08 -2.05
C TYR A 1180 26.78 3.49 -2.70
N PRO A 1181 26.74 3.35 -4.05
CA PRO A 1181 25.55 2.76 -4.71
C PRO A 1181 25.02 1.50 -4.01
N ASN A 1182 25.92 0.53 -3.74
CA ASN A 1182 25.62 -0.73 -3.07
C ASN A 1182 25.19 -0.52 -1.59
N SER A 1183 25.82 0.43 -0.82
CA SER A 1183 25.48 0.73 0.60
C SER A 1183 24.06 1.26 0.71
N ALA A 1184 23.70 2.20 -0.18
CA ALA A 1184 22.39 2.81 -0.28
C ALA A 1184 21.33 1.75 -0.55
N PHE A 1185 21.55 0.89 -1.58
CA PHE A 1185 20.69 -0.23 -1.98
C PHE A 1185 20.48 -1.15 -0.78
N LYS A 1186 21.58 -1.47 -0.06
CA LYS A 1186 21.53 -2.30 1.14
C LYS A 1186 20.57 -1.65 2.15
N THR A 1187 20.78 -0.33 2.46
CA THR A 1187 19.96 0.46 3.39
C THR A 1187 18.49 0.32 3.02
N ALA A 1188 18.15 0.69 1.77
CA ALA A 1188 16.80 0.65 1.19
C ALA A 1188 16.13 -0.74 1.28
N GLN A 1189 16.85 -1.81 0.87
CA GLN A 1189 16.36 -3.18 0.92
C GLN A 1189 15.92 -3.51 2.33
N ALA A 1190 16.84 -3.33 3.29
CA ALA A 1190 16.67 -3.59 4.71
C ALA A 1190 15.42 -2.94 5.28
N ILE A 1191 15.17 -1.66 4.94
CA ILE A 1191 14.02 -0.87 5.41
C ILE A 1191 12.70 -1.57 5.01
N ASN A 1192 12.55 -1.92 3.72
CA ASN A 1192 11.37 -2.61 3.21
C ASN A 1192 11.22 -4.01 3.83
N ASP A 1193 12.36 -4.73 4.06
CA ASP A 1193 12.39 -6.06 4.65
C ASP A 1193 11.85 -6.00 6.10
N PHE A 1194 12.32 -5.04 6.93
CA PHE A 1194 11.82 -4.86 8.31
C PHE A 1194 10.38 -4.26 8.36
N ASN A 1195 9.90 -3.75 7.21
CA ASN A 1195 8.58 -3.15 7.10
C ASN A 1195 7.50 -4.19 6.75
N TYR A 1196 7.59 -4.80 5.54
CA TYR A 1196 6.64 -5.80 5.06
C TYR A 1196 6.86 -7.16 5.69
N GLY A 1197 5.79 -7.72 6.25
CA GLY A 1197 5.78 -9.03 6.89
C GLY A 1197 6.32 -9.04 8.30
N GLU A 1198 7.62 -8.64 8.43
CA GLU A 1198 8.38 -8.57 9.68
C GLU A 1198 7.67 -7.64 10.69
N GLN A 1199 7.38 -6.41 10.24
CA GLN A 1199 6.68 -5.34 10.97
C GLN A 1199 7.38 -5.07 12.31
N LEU A 1200 8.64 -4.63 12.21
CA LEU A 1200 9.50 -4.35 13.35
C LEU A 1200 9.81 -2.88 13.49
N PRO A 1201 10.10 -2.39 14.71
CA PRO A 1201 10.54 -0.99 14.87
C PRO A 1201 11.98 -0.85 14.44
N LEU A 1202 12.39 0.33 14.08
CA LEU A 1202 13.76 0.50 13.66
C LEU A 1202 14.59 1.44 14.37
N MET A 1203 15.89 1.10 14.45
CA MET A 1203 16.90 1.97 14.99
C MET A 1203 18.00 2.18 13.96
N ILE A 1204 18.29 3.45 13.65
CA ILE A 1204 19.34 3.81 12.70
C ILE A 1204 20.38 4.70 13.35
N LEU A 1205 21.57 4.14 13.50
CA LEU A 1205 22.72 4.83 14.04
C LEU A 1205 23.39 5.57 12.93
N ALA A 1206 22.78 6.67 12.55
CA ALA A 1206 23.20 7.55 11.48
C ALA A 1206 24.62 8.09 11.72
N ASN A 1207 25.57 7.77 10.81
CA ASN A 1207 26.97 8.17 10.92
C ASN A 1207 27.59 8.49 9.54
N TRP A 1208 26.78 8.58 8.45
CA TRP A 1208 27.32 8.93 7.11
C TRP A 1208 27.60 10.45 6.99
N ARG A 1209 28.76 10.83 6.41
CA ARG A 1209 29.18 12.23 6.21
C ARG A 1209 28.81 12.75 4.78
N GLY A 1210 27.99 11.97 4.07
CA GLY A 1210 27.51 12.30 2.73
C GLY A 1210 27.63 11.15 1.74
N PHE A 1211 27.80 11.53 0.48
CA PHE A 1211 27.93 10.59 -0.62
C PHE A 1211 29.21 10.78 -1.34
N SER A 1212 29.59 9.77 -2.14
CA SER A 1212 30.74 9.80 -3.03
C SER A 1212 30.23 10.28 -4.40
N GLY A 1213 30.58 11.51 -4.74
CA GLY A 1213 30.19 12.11 -6.01
C GLY A 1213 31.14 11.76 -7.13
N GLY A 1214 32.02 10.78 -6.88
CA GLY A 1214 33.00 10.25 -7.82
C GLY A 1214 32.33 9.73 -9.07
N GLN A 1215 32.91 10.07 -10.23
CA GLN A 1215 32.39 9.73 -11.57
C GLN A 1215 31.84 8.34 -11.64
N ARG A 1216 32.66 7.36 -11.26
CA ARG A 1216 32.28 5.97 -11.29
C ARG A 1216 31.01 5.74 -10.49
N ASP A 1217 30.95 6.23 -9.23
CA ASP A 1217 29.80 6.05 -8.34
C ASP A 1217 28.55 6.76 -8.90
N MET A 1218 28.74 7.89 -9.58
CA MET A 1218 27.66 8.66 -10.16
C MET A 1218 27.03 7.93 -11.33
N TYR A 1219 27.89 7.44 -12.25
CA TYR A 1219 27.51 6.63 -13.41
C TYR A 1219 26.85 5.34 -12.93
N ASN A 1220 27.32 4.80 -11.80
CA ASN A 1220 26.78 3.57 -11.23
C ASN A 1220 25.41 3.82 -10.56
N GLU A 1221 24.66 4.85 -11.04
CA GLU A 1221 23.29 5.20 -10.67
C GLU A 1221 23.13 5.43 -9.13
N VAL A 1222 24.15 6.09 -8.48
CA VAL A 1222 24.15 6.34 -7.02
C VAL A 1222 22.84 7.00 -6.61
N LEU A 1223 22.41 7.96 -7.41
CA LEU A 1223 21.20 8.73 -7.22
C LEU A 1223 19.93 7.86 -7.24
N LYS A 1224 19.86 6.82 -8.11
CA LYS A 1224 18.70 5.94 -8.23
C LYS A 1224 18.42 5.21 -6.93
N TYR A 1225 19.43 4.60 -6.35
CA TYR A 1225 19.30 3.89 -5.08
C TYR A 1225 19.15 4.82 -3.90
N GLY A 1226 19.59 6.08 -4.03
CA GLY A 1226 19.50 7.08 -2.98
C GLY A 1226 18.06 7.46 -2.70
N SER A 1227 17.30 7.61 -3.79
CA SER A 1227 15.88 7.90 -3.79
C SER A 1227 15.12 6.76 -3.15
N PHE A 1228 15.56 5.52 -3.44
CA PHE A 1228 14.95 4.29 -2.95
C PHE A 1228 14.96 4.19 -1.41
N ILE A 1229 15.84 4.96 -0.71
CA ILE A 1229 15.86 5.05 0.76
C ILE A 1229 14.58 5.83 1.16
N VAL A 1230 14.41 7.04 0.56
CA VAL A 1230 13.28 7.95 0.77
C VAL A 1230 11.95 7.21 0.51
N ASP A 1231 11.82 6.52 -0.64
CA ASP A 1231 10.63 5.76 -1.01
C ASP A 1231 10.31 4.72 0.08
N ALA A 1232 11.30 3.91 0.46
CA ALA A 1232 11.20 2.86 1.49
C ALA A 1232 10.79 3.39 2.86
N LEU A 1233 11.19 4.63 3.20
CA LEU A 1233 10.90 5.26 4.48
C LEU A 1233 9.45 5.78 4.59
N THR A 1234 8.84 6.24 3.47
CA THR A 1234 7.45 6.77 3.44
C THR A 1234 6.41 5.64 3.54
N ARG A 1235 6.85 4.42 3.19
CA ARG A 1235 6.05 3.19 3.18
C ARG A 1235 5.89 2.59 4.60
N PHE A 1236 6.91 2.79 5.50
CA PHE A 1236 6.95 2.29 6.88
C PHE A 1236 5.72 2.69 7.78
N GLU A 1237 5.31 1.77 8.69
CA GLU A 1237 4.14 1.84 9.57
C GLU A 1237 4.55 1.98 11.04
N LYS A 1238 5.42 1.06 11.48
CA LYS A 1238 5.98 0.95 12.81
C LYS A 1238 6.94 2.11 13.12
N PRO A 1239 7.18 2.46 14.40
CA PRO A 1239 8.14 3.53 14.73
C PRO A 1239 9.61 3.31 14.28
N ILE A 1240 10.26 4.42 13.89
CA ILE A 1240 11.64 4.46 13.42
C ILE A 1240 12.40 5.52 14.20
N PHE A 1241 13.58 5.17 14.69
CA PHE A 1241 14.38 6.12 15.43
C PHE A 1241 15.72 6.32 14.78
N ILE A 1242 15.98 7.58 14.45
CA ILE A 1242 17.22 8.01 13.84
C ILE A 1242 18.04 8.63 14.95
N TYR A 1243 19.07 7.94 15.38
CA TYR A 1243 19.87 8.47 16.45
C TYR A 1243 21.29 8.63 16.00
N ILE A 1244 21.78 9.86 16.02
CA ILE A 1244 23.17 10.13 15.69
C ILE A 1244 23.98 9.79 16.93
N PRO A 1245 24.89 8.79 16.86
CA PRO A 1245 25.62 8.40 18.07
C PRO A 1245 26.78 9.35 18.40
N PRO A 1246 27.46 9.22 19.58
CA PRO A 1246 28.63 10.07 19.83
C PRO A 1246 29.64 9.89 18.73
N HIS A 1247 30.26 11.00 18.29
CA HIS A 1247 31.26 11.02 17.22
C HIS A 1247 30.58 10.93 15.86
N GLY A 1248 29.34 10.44 15.82
CA GLY A 1248 28.55 10.32 14.59
C GLY A 1248 28.31 11.63 13.89
N GLU A 1249 28.32 11.60 12.54
CA GLU A 1249 28.13 12.79 11.70
C GLU A 1249 26.96 12.63 10.74
N LEU A 1250 26.34 13.75 10.32
CA LEU A 1250 25.25 13.73 9.35
C LEU A 1250 25.23 15.00 8.56
N ARG A 1251 26.07 15.05 7.55
CA ARG A 1251 26.17 16.22 6.72
C ARG A 1251 25.41 16.04 5.40
N GLY A 1252 25.23 17.15 4.67
CA GLY A 1252 24.54 17.33 3.40
C GLY A 1252 23.60 16.23 2.91
N GLY A 1253 23.91 15.72 1.72
CA GLY A 1253 23.16 14.66 1.04
C GLY A 1253 22.65 13.51 1.90
N SER A 1254 23.42 13.13 2.94
CA SER A 1254 23.08 12.06 3.87
C SER A 1254 21.80 12.39 4.64
N TRP A 1255 21.82 13.48 5.42
CA TRP A 1255 20.70 13.95 6.24
C TRP A 1255 19.36 13.91 5.53
N VAL A 1256 19.32 14.48 4.34
CA VAL A 1256 18.13 14.62 3.52
C VAL A 1256 17.37 13.30 3.38
N VAL A 1257 18.07 12.21 3.02
CA VAL A 1257 17.42 10.93 2.76
C VAL A 1257 17.07 10.19 4.05
N VAL A 1258 17.15 10.85 5.22
CA VAL A 1258 16.82 10.19 6.47
C VAL A 1258 16.01 11.08 7.44
N ASP A 1259 15.78 12.37 7.11
CA ASP A 1259 15.05 13.31 7.96
C ASP A 1259 13.63 12.82 8.42
N PRO A 1260 13.21 13.06 9.70
CA PRO A 1260 11.88 12.62 10.15
C PRO A 1260 10.68 13.19 9.39
N THR A 1261 10.82 14.33 8.69
CA THR A 1261 9.72 14.93 7.93
C THR A 1261 9.33 14.10 6.68
N ILE A 1262 10.07 13.00 6.41
CA ILE A 1262 9.76 12.08 5.31
C ILE A 1262 8.47 11.35 5.75
N ASN A 1263 8.52 10.64 6.89
CA ASN A 1263 7.33 10.00 7.47
C ASN A 1263 7.25 10.45 8.94
N PRO A 1264 6.69 11.66 9.20
CA PRO A 1264 6.64 12.16 10.59
C PRO A 1264 5.80 11.30 11.54
N ALA A 1265 4.85 10.50 10.99
CA ALA A 1265 3.93 9.61 11.70
C ALA A 1265 4.61 8.43 12.40
N SER A 1266 5.72 7.95 11.82
CA SER A 1266 6.44 6.82 12.39
C SER A 1266 7.90 7.18 12.70
N MET A 1267 8.47 8.26 12.12
CA MET A 1267 9.87 8.62 12.42
C MET A 1267 10.00 9.51 13.63
N GLU A 1268 11.13 9.37 14.33
CA GLU A 1268 11.48 10.12 15.54
C GLU A 1268 13.00 10.31 15.54
N MET A 1269 13.49 11.57 15.54
CA MET A 1269 14.93 11.77 15.46
C MET A 1269 15.59 12.32 16.72
N TYR A 1270 16.66 11.66 17.12
CA TYR A 1270 17.45 12.01 18.27
C TYR A 1270 18.92 12.14 17.89
N ALA A 1271 19.67 12.94 18.64
CA ALA A 1271 21.10 13.15 18.39
C ALA A 1271 21.89 13.15 19.69
N ASP A 1272 23.12 12.61 19.66
CA ASP A 1272 23.97 12.56 20.85
C ASP A 1272 24.48 13.94 21.20
N GLU A 1273 24.75 14.16 22.50
CA GLU A 1273 25.28 15.41 23.01
C GLU A 1273 26.57 15.79 22.32
N GLU A 1274 27.42 14.79 22.02
CA GLU A 1274 28.70 15.04 21.38
C GLU A 1274 28.73 14.55 19.92
N ALA A 1275 27.59 14.65 19.23
CA ALA A 1275 27.49 14.31 17.82
C ALA A 1275 27.54 15.62 17.00
N ARG A 1276 27.80 15.51 15.67
CA ARG A 1276 27.89 16.68 14.77
C ARG A 1276 26.98 16.52 13.56
N GLY A 1277 26.46 17.63 13.07
CA GLY A 1277 25.57 17.62 11.90
C GLY A 1277 25.37 19.01 11.34
N GLY A 1278 25.86 19.22 10.12
CA GLY A 1278 25.74 20.50 9.44
C GLY A 1278 25.51 20.34 7.96
N VAL A 1279 25.52 21.48 7.21
CA VAL A 1279 25.34 21.52 5.75
C VAL A 1279 26.55 20.83 5.11
N LEU A 1280 27.73 21.18 5.62
CA LEU A 1280 29.01 20.67 5.18
C LEU A 1280 29.95 20.55 6.36
N GLU A 1281 31.07 19.83 6.15
CA GLU A 1281 32.15 19.63 7.11
C GLU A 1281 32.68 21.01 7.53
N PRO A 1282 33.05 21.24 8.81
CA PRO A 1282 33.58 22.56 9.20
C PRO A 1282 34.81 22.95 8.37
N GLU A 1283 35.46 21.97 7.72
CA GLU A 1283 36.62 22.18 6.85
C GLU A 1283 36.18 22.63 5.45
N GLY A 1284 34.94 22.34 5.12
CA GLY A 1284 34.36 22.71 3.85
C GLY A 1284 33.73 24.08 3.85
N ILE A 1285 33.10 24.49 4.96
CA ILE A 1285 32.42 25.80 5.04
C ILE A 1285 33.42 26.96 5.13
N ILE A 1286 34.52 26.79 5.88
CA ILE A 1286 35.55 27.81 6.11
C ILE A 1286 36.00 28.47 4.79
N PRO A 1287 36.31 27.79 3.67
CA PRO A 1287 36.72 28.53 2.48
C PRO A 1287 35.55 29.19 1.74
N ILE A 1288 34.33 29.18 2.30
CA ILE A 1288 33.16 29.79 1.65
C ILE A 1288 32.63 30.96 2.48
N LYS A 1289 32.51 30.78 3.79
CA LYS A 1289 31.97 31.87 4.57
C LYS A 1289 33.04 32.57 5.41
N TYR A 1290 34.18 31.91 5.70
CA TYR A 1290 35.27 32.52 6.46
C TYR A 1290 36.59 32.49 5.68
N LYS A 1291 36.59 33.16 4.52
CA LYS A 1291 37.73 33.27 3.63
C LYS A 1291 38.90 34.00 4.28
N LYS A 1292 40.07 33.95 3.63
CA LYS A 1292 41.32 34.58 4.05
C LYS A 1292 41.13 36.05 4.52
N ASP A 1293 40.43 36.88 3.71
CA ASP A 1293 40.17 38.30 3.98
C ASP A 1293 39.34 38.50 5.24
N LYS A 1294 38.40 37.58 5.51
CA LYS A 1294 37.53 37.60 6.68
C LYS A 1294 38.30 37.21 7.93
N GLN A 1295 39.36 36.38 7.77
CA GLN A 1295 40.24 35.92 8.85
C GLN A 1295 41.22 37.01 9.26
N LEU A 1296 41.63 37.86 8.30
CA LEU A 1296 42.57 38.96 8.50
C LEU A 1296 41.90 40.16 9.18
N GLU A 1297 40.58 40.35 8.94
CA GLU A 1297 39.80 41.42 9.56
C GLU A 1297 39.60 41.13 11.05
N THR A 1298 39.57 39.82 11.37
CA THR A 1298 39.44 39.29 12.72
C THR A 1298 40.84 39.18 13.34
N MET A 1299 41.89 39.10 12.49
CA MET A 1299 43.31 39.04 12.90
C MET A 1299 43.76 40.42 13.39
N ALA A 1300 43.38 41.49 12.65
CA ALA A 1300 43.66 42.89 12.98
C ALA A 1300 42.67 43.39 14.07
N ARG A 1301 42.18 42.45 14.90
CA ARG A 1301 41.22 42.67 15.97
C ARG A 1301 41.67 41.94 17.26
N LEU A 1302 41.99 40.61 17.19
CA LEU A 1302 42.41 39.80 18.32
C LEU A 1302 43.93 39.80 18.53
N ASP A 1303 44.73 39.69 17.43
CA ASP A 1303 46.19 39.71 17.54
C ASP A 1303 46.66 41.14 17.77
N PRO A 1304 47.52 41.35 18.79
CA PRO A 1304 47.97 42.73 19.07
C PRO A 1304 49.05 43.22 18.09
N VAL A 1305 49.91 42.31 17.60
CA VAL A 1305 51.04 42.61 16.71
C VAL A 1305 50.54 43.10 15.33
N TYR A 1306 49.55 42.40 14.74
CA TYR A 1306 49.01 42.71 13.42
C TYR A 1306 48.29 44.06 13.35
N ARG A 1307 47.48 44.42 14.37
CA ARG A 1307 46.75 45.68 14.36
C ARG A 1307 47.69 46.88 14.64
N SER A 1308 48.83 46.63 15.32
CA SER A 1308 49.85 47.65 15.62
C SER A 1308 50.61 48.01 14.36
N LEU A 1309 50.92 47.00 13.54
CA LEU A 1309 51.59 47.14 12.27
C LEU A 1309 50.70 47.84 11.25
N LYS A 1310 49.36 47.67 11.41
CA LYS A 1310 48.32 48.26 10.57
C LYS A 1310 48.26 49.77 10.78
N LYS A 1311 48.60 50.25 12.00
CA LYS A 1311 48.62 51.66 12.38
C LYS A 1311 49.74 52.41 11.66
N GLU A 1312 50.82 51.70 11.27
CA GLU A 1312 52.00 52.25 10.60
C GLU A 1312 51.73 52.60 9.13
N MET A 1313 51.10 51.68 8.38
CA MET A 1313 50.81 51.85 6.95
C MET A 1313 49.73 52.89 6.71
N ALA A 1314 48.76 52.97 7.63
CA ALA A 1314 47.62 53.88 7.57
C ALA A 1314 48.03 55.35 7.78
N LYS A 1315 49.02 55.61 8.68
CA LYS A 1315 49.47 56.96 9.06
C LYS A 1315 50.37 57.64 8.01
N GLU A 1316 50.87 56.88 6.99
CA GLU A 1316 51.76 57.32 5.91
C GLU A 1316 53.05 57.98 6.51
N GLY A 1317 53.61 59.00 5.85
CA GLY A 1317 54.81 59.69 6.28
C GLY A 1317 56.06 58.83 6.26
N LEU A 1318 56.05 57.78 5.41
CA LEU A 1318 57.13 56.82 5.24
C LEU A 1318 57.37 56.58 3.76
N SER A 1319 58.64 56.69 3.35
CA SER A 1319 59.11 56.55 1.96
C SER A 1319 58.83 55.16 1.36
N LYS A 1320 59.25 54.96 0.09
CA LYS A 1320 59.10 53.74 -0.70
C LYS A 1320 59.85 52.55 -0.07
N GLU A 1321 61.01 52.82 0.57
CA GLU A 1321 61.82 51.82 1.24
C GLU A 1321 61.33 51.58 2.67
N GLU A 1322 60.58 52.56 3.22
CA GLU A 1322 60.01 52.53 4.56
C GLU A 1322 58.67 51.77 4.57
N SER A 1323 57.82 51.97 3.53
CA SER A 1323 56.51 51.31 3.38
C SER A 1323 56.68 49.84 3.02
N ASP A 1324 57.80 49.48 2.37
CA ASP A 1324 58.16 48.11 1.98
C ASP A 1324 58.43 47.26 3.23
N ASN A 1325 58.94 47.88 4.32
CA ASN A 1325 59.25 47.24 5.61
C ASN A 1325 57.99 46.68 6.27
N ILE A 1326 56.94 47.53 6.45
CA ILE A 1326 55.65 47.19 7.07
C ILE A 1326 54.98 46.01 6.30
N LYS A 1327 55.10 46.02 4.96
CA LYS A 1327 54.56 45.00 4.06
C LYS A 1327 55.25 43.63 4.32
N LYS A 1328 56.60 43.63 4.42
CA LYS A 1328 57.45 42.46 4.65
C LYS A 1328 57.47 42.03 6.12
N LYS A 1329 56.89 42.83 7.03
CA LYS A 1329 56.82 42.52 8.46
C LYS A 1329 55.49 41.84 8.77
N MET A 1330 54.39 42.35 8.16
CA MET A 1330 53.03 41.84 8.31
C MET A 1330 52.88 40.53 7.58
N GLN A 1331 53.36 40.47 6.32
CA GLN A 1331 53.27 39.27 5.49
C GLN A 1331 54.32 38.22 5.91
N GLN A 1332 54.64 38.21 7.21
CA GLN A 1332 55.51 37.29 7.92
C GLN A 1332 54.80 36.90 9.20
N ARG A 1333 54.19 37.90 9.87
CA ARG A 1333 53.41 37.71 11.09
C ARG A 1333 52.08 37.01 10.76
N GLU A 1334 51.41 37.40 9.65
CA GLU A 1334 50.14 36.80 9.19
C GLU A 1334 50.35 35.38 8.69
N GLU A 1335 51.57 35.05 8.25
CA GLU A 1335 51.94 33.72 7.76
C GLU A 1335 52.12 32.73 8.91
N LEU A 1336 52.48 33.22 10.10
CA LEU A 1336 52.69 32.44 11.32
C LEU A 1336 51.38 32.19 12.06
N LEU A 1337 50.50 33.20 12.05
CA LEU A 1337 49.21 33.17 12.74
C LEU A 1337 48.16 32.43 11.94
N LEU A 1338 48.28 32.46 10.60
CA LEU A 1338 47.41 31.80 9.64
C LEU A 1338 47.04 30.33 10.00
N PRO A 1339 47.97 29.41 10.37
CA PRO A 1339 47.55 28.02 10.67
C PRO A 1339 46.65 27.90 11.90
N ILE A 1340 46.95 28.67 12.98
CA ILE A 1340 46.16 28.62 14.21
C ILE A 1340 44.85 29.42 14.01
N TYR A 1341 44.88 30.51 13.21
CA TYR A 1341 43.70 31.33 12.89
C TYR A 1341 42.73 30.56 12.04
N HIS A 1342 43.26 29.64 11.22
CA HIS A 1342 42.52 28.74 10.36
C HIS A 1342 41.71 27.80 11.24
N GLN A 1343 42.41 27.12 12.17
CA GLN A 1343 41.84 26.17 13.12
C GLN A 1343 40.79 26.84 14.04
N ILE A 1344 40.93 28.15 14.30
CA ILE A 1344 39.99 28.93 15.12
C ILE A 1344 38.65 28.94 14.41
N CYS A 1345 38.65 29.29 13.12
CA CYS A 1345 37.46 29.35 12.29
C CYS A 1345 36.85 27.96 12.13
N VAL A 1346 37.70 26.91 12.16
CA VAL A 1346 37.26 25.51 12.08
C VAL A 1346 36.42 25.21 13.32
N GLN A 1347 36.93 25.56 14.53
CA GLN A 1347 36.25 25.38 15.82
C GLN A 1347 34.98 26.23 15.82
N PHE A 1348 35.08 27.47 15.32
CA PHE A 1348 33.96 28.41 15.20
C PHE A 1348 32.85 27.80 14.36
N ALA A 1349 33.22 27.22 13.23
CA ALA A 1349 32.30 26.57 12.30
C ALA A 1349 31.73 25.31 12.89
N ASP A 1350 32.52 24.60 13.72
CA ASP A 1350 32.07 23.37 14.34
C ASP A 1350 31.01 23.64 15.40
N LEU A 1351 31.09 24.82 16.05
CA LEU A 1351 30.12 25.21 17.08
C LEU A 1351 28.72 25.35 16.46
N HIS A 1352 28.63 25.62 15.14
CA HIS A 1352 27.38 25.67 14.37
C HIS A 1352 26.81 24.27 14.24
N ASP A 1353 27.67 23.32 13.91
CA ASP A 1353 27.25 21.96 13.65
C ASP A 1353 27.13 21.10 14.94
N ARG A 1354 27.22 21.75 16.13
CA ARG A 1354 27.02 21.13 17.45
C ARG A 1354 25.57 20.72 17.69
N ALA A 1355 25.35 19.78 18.63
CA ALA A 1355 24.05 19.21 19.00
C ALA A 1355 23.05 20.25 19.53
N GLY A 1356 23.52 21.17 20.38
CA GLY A 1356 22.70 22.22 20.98
C GLY A 1356 21.88 22.98 19.96
N ARG A 1357 22.53 23.37 18.84
CA ARG A 1357 21.95 24.09 17.71
C ARG A 1357 20.82 23.30 17.09
N MET A 1358 21.00 21.97 16.96
CA MET A 1358 20.02 21.08 16.35
C MET A 1358 18.74 21.05 17.12
N LYS A 1359 18.83 20.92 18.45
CA LYS A 1359 17.66 20.92 19.32
C LYS A 1359 17.01 22.30 19.28
N ALA A 1360 17.83 23.37 19.19
CA ALA A 1360 17.38 24.76 19.14
C ALA A 1360 16.56 25.07 17.87
N LYS A 1361 16.95 24.53 16.69
CA LYS A 1361 16.20 24.76 15.44
C LYS A 1361 15.09 23.68 15.27
N GLY A 1362 14.99 22.80 16.26
CA GLY A 1362 13.99 21.75 16.37
C GLY A 1362 14.04 20.67 15.32
N VAL A 1363 15.25 20.31 14.86
CA VAL A 1363 15.44 19.27 13.85
C VAL A 1363 15.46 17.90 14.56
N ILE A 1364 15.72 17.90 15.87
CA ILE A 1364 15.74 16.70 16.69
C ILE A 1364 14.86 16.92 17.89
N ARG A 1365 14.37 15.84 18.50
CA ARG A 1365 13.49 15.93 19.67
C ARG A 1365 14.30 16.31 20.90
N GLN A 1366 15.32 15.51 21.25
CA GLN A 1366 16.16 15.74 22.44
C GLN A 1366 17.62 15.43 22.16
N SER A 1367 18.52 16.03 22.99
CA SER A 1367 19.96 15.77 23.00
C SER A 1367 20.13 14.58 23.92
N LEU A 1368 20.90 13.57 23.50
CA LEU A 1368 20.99 12.35 24.30
C LEU A 1368 22.37 12.00 24.78
N GLN A 1369 22.43 11.52 26.02
CA GLN A 1369 23.65 11.03 26.61
C GLN A 1369 23.71 9.56 26.30
N TRP A 1370 24.72 9.18 25.51
CA TRP A 1370 24.95 7.82 25.06
C TRP A 1370 24.85 6.81 26.22
N ARG A 1371 25.36 7.17 27.40
CA ARG A 1371 25.30 6.33 28.58
C ARG A 1371 23.89 5.88 28.90
N GLN A 1372 22.90 6.79 28.81
CA GLN A 1372 21.53 6.46 29.16
C GLN A 1372 20.60 6.46 27.96
N SER A 1373 21.12 5.97 26.83
CA SER A 1373 20.38 5.81 25.59
C SER A 1373 19.41 4.64 25.71
N ARG A 1374 19.94 3.49 26.16
CA ARG A 1374 19.20 2.24 26.41
C ARG A 1374 17.96 2.54 27.25
N ARG A 1375 18.17 3.17 28.43
CA ARG A 1375 17.16 3.54 29.42
C ARG A 1375 16.06 4.43 28.84
N PHE A 1376 16.43 5.37 27.96
CA PHE A 1376 15.46 6.26 27.35
C PHE A 1376 14.61 5.52 26.29
N PHE A 1377 15.28 4.81 25.39
CA PHE A 1377 14.60 4.14 24.29
C PHE A 1377 13.73 3.02 24.76
N TYR A 1378 14.10 2.27 25.80
CA TYR A 1378 13.24 1.16 26.27
C TYR A 1378 11.81 1.62 26.48
N TRP A 1379 11.64 2.72 27.22
CA TRP A 1379 10.32 3.25 27.53
C TRP A 1379 9.77 4.04 26.37
N ARG A 1380 10.61 4.69 25.53
CA ARG A 1380 10.05 5.41 24.39
C ARG A 1380 9.56 4.43 23.34
N VAL A 1381 10.22 3.28 23.23
CA VAL A 1381 9.87 2.21 22.30
C VAL A 1381 8.55 1.62 22.73
N ARG A 1382 8.49 1.18 23.99
CA ARG A 1382 7.30 0.59 24.54
C ARG A 1382 6.15 1.59 24.48
N ARG A 1383 6.40 2.90 24.81
CA ARG A 1383 5.36 3.96 24.79
C ARG A 1383 4.81 4.13 23.40
N ARG A 1384 5.67 4.14 22.39
CA ARG A 1384 5.19 4.31 21.03
C ARG A 1384 4.47 3.08 20.54
N LEU A 1385 4.96 1.87 20.91
CA LEU A 1385 4.37 0.57 20.59
C LEU A 1385 2.91 0.49 20.95
N ILE A 1386 2.62 0.82 22.21
CA ILE A 1386 1.28 0.75 22.79
C ILE A 1386 0.42 1.91 22.30
N GLU A 1387 0.97 3.16 22.32
CA GLU A 1387 0.27 4.36 21.89
C GLU A 1387 -0.20 4.22 20.47
N ASP A 1388 0.75 3.88 19.56
CA ASP A 1388 0.44 3.66 18.14
C ASP A 1388 -0.79 2.72 18.03
N ASP A 1389 -0.80 1.55 18.75
CA ASP A 1389 -1.92 0.58 18.72
C ASP A 1389 -3.23 1.18 19.24
N ILE A 1390 -3.17 1.98 20.32
CA ILE A 1390 -4.35 2.64 20.86
C ILE A 1390 -4.93 3.61 19.80
N LEU A 1391 -4.07 4.39 19.13
CA LEU A 1391 -4.47 5.36 18.08
C LEU A 1391 -5.08 4.65 16.86
N ARG A 1392 -4.51 3.50 16.49
CA ARG A 1392 -4.97 2.64 15.38
C ARG A 1392 -6.38 2.15 15.70
N ARG A 1393 -6.59 1.80 16.99
CA ARG A 1393 -7.84 1.31 17.55
C ARG A 1393 -8.85 2.44 17.59
N ILE A 1394 -8.39 3.70 17.82
CA ILE A 1394 -9.23 4.90 17.82
C ILE A 1394 -9.84 5.06 16.44
N GLU A 1395 -8.99 4.98 15.44
CA GLU A 1395 -9.45 5.12 14.08
C GLU A 1395 -10.35 3.99 13.61
N GLU A 1396 -10.08 2.75 14.04
CA GLU A 1396 -10.89 1.57 13.70
C GLU A 1396 -12.31 1.70 14.21
N ALA A 1397 -12.47 2.47 15.28
CA ALA A 1397 -13.76 2.73 15.89
C ALA A 1397 -14.44 3.95 15.26
N ILE A 1398 -13.69 5.07 15.04
CA ILE A 1398 -14.22 6.34 14.51
C ILE A 1398 -14.72 6.14 13.05
N ASN A 1399 -13.85 5.72 12.13
CA ASN A 1399 -14.19 5.47 10.74
C ASN A 1399 -13.79 4.02 10.42
N PRO A 1400 -14.73 3.04 10.34
CA PRO A 1400 -14.31 1.65 10.08
C PRO A 1400 -13.94 1.41 8.59
N ALA A 1401 -13.30 2.42 7.94
CA ALA A 1401 -12.83 2.44 6.55
C ALA A 1401 -11.35 2.04 6.47
N ASN A 1410 2.65 16.24 9.66
CA ASN A 1410 2.65 15.77 8.29
C ASN A 1410 2.77 16.95 7.32
N THR A 1411 1.85 17.91 7.43
CA THR A 1411 1.66 19.06 6.56
C THR A 1411 2.77 20.17 6.61
N SER A 1412 3.72 20.15 7.59
CA SER A 1412 4.75 21.21 7.66
C SER A 1412 6.09 20.75 8.28
N LEU A 1413 7.05 21.71 8.48
CA LEU A 1413 8.35 21.53 9.14
C LEU A 1413 8.17 21.21 10.60
N ALA A 1414 7.03 21.65 11.14
CA ALA A 1414 6.60 21.50 12.52
C ALA A 1414 6.24 20.04 12.88
N ALA A 1415 6.01 19.17 11.86
CA ALA A 1415 5.63 17.75 12.01
C ALA A 1415 6.61 17.00 12.89
N SER A 1416 6.27 16.95 14.19
CA SER A 1416 7.01 16.32 15.27
C SER A 1416 6.17 15.21 15.88
N PRO A 1417 6.78 14.07 16.27
CA PRO A 1417 6.02 12.94 16.87
C PRO A 1417 5.06 13.29 18.00
N GLU A 1418 5.28 14.40 18.69
CA GLU A 1418 4.40 14.83 19.77
C GLU A 1418 3.04 15.33 19.19
N THR A 1419 2.96 15.42 17.84
CA THR A 1419 1.81 15.83 17.01
C THR A 1419 1.66 14.90 15.78
N ARG A 1420 2.08 13.64 15.91
CA ARG A 1420 2.03 12.64 14.84
C ARG A 1420 0.58 12.25 14.46
N SER A 1421 -0.39 12.32 15.41
CA SER A 1421 -1.79 11.96 15.19
C SER A 1421 -2.74 13.04 15.76
N PRO A 1422 -3.90 13.31 15.12
CA PRO A 1422 -4.82 14.31 15.69
C PRO A 1422 -5.61 13.82 16.91
N HIS A 1423 -5.55 12.50 17.21
CA HIS A 1423 -6.23 11.89 18.34
C HIS A 1423 -5.42 12.03 19.63
N LEU A 1424 -4.09 12.31 19.54
CA LEU A 1424 -3.19 12.48 20.69
C LEU A 1424 -3.63 13.63 21.61
N VAL A 1425 -4.71 14.31 21.23
CA VAL A 1425 -5.35 15.40 21.97
C VAL A 1425 -6.46 14.80 22.83
N GLN A 1426 -7.25 13.86 22.25
CA GLN A 1426 -8.33 13.14 22.93
C GLN A 1426 -7.77 12.18 23.95
N LEU A 1427 -6.80 11.35 23.54
CA LEU A 1427 -6.11 10.36 24.38
C LEU A 1427 -5.42 11.05 25.57
N GLU A 1428 -4.87 12.26 25.34
CA GLU A 1428 -4.20 13.10 26.35
C GLU A 1428 -5.14 13.34 27.56
N SER A 1429 -6.39 13.76 27.28
CA SER A 1429 -7.41 14.04 28.30
C SER A 1429 -7.99 12.77 28.94
N TRP A 1430 -7.99 11.61 28.23
CA TRP A 1430 -8.48 10.32 28.75
C TRP A 1430 -7.52 9.77 29.77
N VAL A 1431 -6.22 9.98 29.54
CA VAL A 1431 -5.15 9.53 30.41
C VAL A 1431 -5.19 10.36 31.71
N GLY A 1432 -5.02 11.68 31.61
CA GLY A 1432 -5.05 12.58 32.76
C GLY A 1432 -3.69 12.93 33.34
N ILE A 1433 -2.60 12.42 32.73
CA ILE A 1433 -1.22 12.69 33.16
C ILE A 1433 -0.78 14.07 32.61
N PRO A 1434 -0.25 14.97 33.47
CA PRO A 1434 0.18 16.30 32.99
C PRO A 1434 1.35 16.27 31.98
N GLY A 1435 2.51 15.69 32.36
CA GLY A 1435 3.69 15.55 31.52
C GLY A 1435 3.55 14.32 30.64
N PHE A 1436 2.60 14.40 29.69
CA PHE A 1436 2.19 13.32 28.80
C PHE A 1436 3.20 13.02 27.68
N LYS A 1437 3.63 14.07 26.96
CA LYS A 1437 4.55 14.01 25.81
C LYS A 1437 5.96 13.52 26.23
N THR A 1438 6.30 13.76 27.49
CA THR A 1438 7.53 13.34 28.13
C THR A 1438 7.15 12.13 29.02
N ASN A 1439 7.68 12.05 30.27
CA ASN A 1439 7.48 11.01 31.30
C ASN A 1439 6.91 9.72 30.73
N ASP A 1440 7.66 9.16 29.78
CA ASP A 1440 7.33 7.98 29.02
C ASP A 1440 6.98 6.81 29.93
N ARG A 1441 7.83 6.54 30.92
CA ARG A 1441 7.65 5.48 31.90
C ARG A 1441 6.29 5.57 32.60
N GLU A 1442 5.90 6.77 33.06
CA GLU A 1442 4.61 7.03 33.74
C GLU A 1442 3.43 6.70 32.84
N VAL A 1443 3.56 7.00 31.54
CA VAL A 1443 2.55 6.78 30.51
C VAL A 1443 2.30 5.27 30.33
N VAL A 1444 3.35 4.49 30.01
CA VAL A 1444 3.31 3.04 29.77
C VAL A 1444 2.53 2.33 30.88
N GLU A 1445 2.94 2.59 32.12
CA GLU A 1445 2.37 2.01 33.33
C GLU A 1445 0.89 2.40 33.48
N TRP A 1446 0.46 3.55 32.93
CA TRP A 1446 -0.94 3.94 33.01
C TRP A 1446 -1.81 3.07 32.12
N TYR A 1447 -1.36 2.84 30.87
CA TYR A 1447 -2.10 2.03 29.89
C TYR A 1447 -2.33 0.63 30.38
N GLU A 1448 -1.27 0.06 30.94
CA GLU A 1448 -1.22 -1.28 31.50
C GLU A 1448 -2.23 -1.46 32.60
N GLN A 1449 -2.39 -0.43 33.44
CA GLN A 1449 -3.37 -0.46 34.52
C GLN A 1449 -4.79 -0.21 33.98
N ASN A 1450 -5.00 0.86 33.18
CA ASN A 1450 -6.33 1.24 32.66
C ASN A 1450 -6.60 0.72 31.24
N GLN A 1451 -6.36 -0.58 31.03
CA GLN A 1451 -6.65 -1.29 29.78
C GLN A 1451 -8.19 -1.39 29.61
N ASP A 1452 -8.93 -1.39 30.75
CA ASP A 1452 -10.39 -1.49 30.83
C ASP A 1452 -11.07 -0.20 30.50
N ARG A 1453 -10.48 0.90 30.97
CA ARG A 1453 -11.03 2.22 30.78
C ARG A 1453 -10.91 2.67 29.33
N ILE A 1454 -9.88 2.23 28.61
CA ILE A 1454 -9.76 2.62 27.21
C ILE A 1454 -10.74 1.78 26.37
N ASN A 1455 -10.96 0.48 26.73
CA ASN A 1455 -11.92 -0.42 26.05
C ASN A 1455 -13.33 0.09 26.28
N GLU A 1456 -13.50 0.87 27.33
CA GLU A 1456 -14.73 1.55 27.70
C GLU A 1456 -14.93 2.72 26.70
N LYS A 1457 -13.86 3.51 26.43
CA LYS A 1457 -13.87 4.66 25.52
C LYS A 1457 -14.04 4.24 24.08
N LEU A 1458 -13.48 3.07 23.71
CA LEU A 1458 -13.54 2.52 22.37
C LEU A 1458 -14.96 2.17 21.97
N GLU A 1459 -15.66 1.42 22.82
CA GLU A 1459 -17.01 1.00 22.55
C GLU A 1459 -17.98 2.16 22.56
N LYS A 1460 -17.66 3.22 23.33
CA LYS A 1460 -18.43 4.46 23.38
C LYS A 1460 -18.38 5.12 22.02
N LEU A 1461 -17.18 5.19 21.46
CA LEU A 1461 -16.91 5.81 20.17
C LEU A 1461 -17.41 4.95 19.01
N LYS A 1462 -17.41 3.61 19.19
CA LYS A 1462 -17.85 2.66 18.16
C LYS A 1462 -19.34 2.79 17.88
N LYS A 1463 -20.12 2.99 18.94
CA LYS A 1463 -21.55 3.14 18.85
C LYS A 1463 -21.89 4.55 18.34
N GLU A 1464 -21.00 5.53 18.62
CA GLU A 1464 -21.12 6.92 18.17
C GLU A 1464 -20.89 7.04 16.67
N SER A 1465 -19.94 6.26 16.14
CA SER A 1465 -19.63 6.23 14.72
C SER A 1465 -20.73 5.53 13.93
N ILE A 1466 -21.44 4.55 14.56
CA ILE A 1466 -22.57 3.80 14.00
C ILE A 1466 -23.72 4.78 13.73
N ALA A 1467 -23.92 5.73 14.66
CA ALA A 1467 -24.94 6.77 14.63
C ALA A 1467 -24.72 7.75 13.49
N ASP A 1468 -23.46 8.01 13.12
CA ASP A 1468 -23.09 8.94 12.05
C ASP A 1468 -23.40 8.35 10.67
N GLN A 1469 -22.93 7.11 10.42
CA GLN A 1469 -23.08 6.39 9.16
C GLN A 1469 -24.52 6.02 8.87
N MET A 1470 -25.29 5.66 9.90
CA MET A 1470 -26.70 5.30 9.78
C MET A 1470 -27.54 6.54 9.49
N ARG A 1471 -27.17 7.72 10.06
CA ARG A 1471 -27.85 9.01 9.85
C ARG A 1471 -27.63 9.55 8.42
N GLU A 1472 -26.41 9.36 7.88
CA GLU A 1472 -26.03 9.82 6.54
C GLU A 1472 -26.72 8.98 5.44
N LEU A 1473 -27.05 7.69 5.75
CA LEU A 1473 -27.71 6.72 4.85
C LEU A 1473 -29.15 7.15 4.50
N UNK A 1476 -35.49 12.38 -1.25
CA UNK A 1476 -35.54 11.24 -2.16
C UNK A 1476 -34.90 9.96 -1.53
N UNK A 1477 -33.63 10.06 -0.98
CA UNK A 1477 -32.86 8.96 -0.34
C UNK A 1477 -33.47 8.52 1.01
N UNK A 1478 -34.30 9.41 1.60
CA UNK A 1478 -35.07 9.22 2.82
C UNK A 1478 -36.30 8.35 2.52
N UNK A 1479 -36.97 8.59 1.36
CA UNK A 1479 -38.12 7.81 0.88
C UNK A 1479 -37.70 6.35 0.61
N UNK A 1480 -36.47 6.15 0.09
CA UNK A 1480 -35.84 4.85 -0.17
C UNK A 1480 -35.50 4.16 1.15
N UNK A 1481 -35.07 4.94 2.15
CA UNK A 1481 -34.75 4.45 3.49
C UNK A 1481 -36.06 4.04 4.24
N UNK A 1482 -37.20 4.74 3.96
CA UNK A 1482 -38.55 4.50 4.53
C UNK A 1482 -39.28 3.33 3.84
N UNK A 1483 -38.59 2.71 2.86
CA UNK A 1483 -38.94 1.53 2.09
C UNK A 1483 -38.04 0.37 2.53
N UNK A 1484 -36.73 0.64 2.71
CA UNK A 1484 -35.68 -0.30 3.16
C UNK A 1484 -35.93 -0.78 4.59
N UNK A 1485 -36.56 0.09 5.42
CA UNK A 1485 -36.94 -0.16 6.82
C UNK A 1485 -38.19 -1.05 6.89
N UNK A 1486 -39.14 -0.86 5.95
CA UNK A 1486 -40.38 -1.64 5.82
C UNK A 1486 -40.09 -3.11 5.44
N UNK A 1487 -38.90 -3.35 4.81
CA UNK A 1487 -38.36 -4.64 4.36
C UNK A 1487 -37.57 -5.31 5.50
N SER B 2 -7.48 124.60 -3.48
CA SER B 2 -8.73 124.87 -2.76
C SER B 2 -8.73 124.23 -1.35
N PRO B 3 -9.17 124.95 -0.29
CA PRO B 3 -9.16 124.35 1.06
C PRO B 3 -10.14 123.18 1.19
N VAL B 4 -9.80 122.21 2.07
CA VAL B 4 -10.61 121.02 2.34
C VAL B 4 -10.85 120.89 3.86
N VAL B 5 -11.66 119.92 4.29
CA VAL B 5 -11.94 119.67 5.71
C VAL B 5 -10.77 118.90 6.32
N VAL B 6 -10.44 119.21 7.60
CA VAL B 6 -9.36 118.59 8.37
C VAL B 6 -9.44 117.06 8.33
N GLY B 7 -10.64 116.52 8.54
CA GLY B 7 -10.84 115.09 8.50
C GLY B 7 -11.93 114.73 7.53
N SER B 8 -11.60 114.64 6.23
CA SER B 8 -12.56 114.27 5.20
C SER B 8 -11.91 113.44 4.10
N LYS B 9 -10.61 113.13 4.26
CA LYS B 9 -9.85 112.35 3.28
C LYS B 9 -10.46 110.93 3.12
N PRO B 10 -10.57 110.09 4.19
CA PRO B 10 -11.15 108.75 3.99
C PRO B 10 -12.62 108.75 3.53
N ALA B 11 -13.42 109.79 3.90
CA ALA B 11 -14.84 109.88 3.50
C ALA B 11 -15.00 110.04 2.02
N GLN B 12 -14.22 110.98 1.44
CA GLN B 12 -14.22 111.26 0.01
C GLN B 12 -13.62 110.10 -0.79
N ARG B 13 -12.64 109.37 -0.20
CA ARG B 13 -11.95 108.23 -0.84
C ARG B 13 -12.85 106.95 -0.82
N PHE B 14 -13.74 106.81 0.18
CA PHE B 14 -14.70 105.70 0.25
C PHE B 14 -15.80 105.87 -0.80
N ALA B 15 -16.37 107.11 -0.91
CA ALA B 15 -17.47 107.52 -1.82
C ALA B 15 -17.10 107.44 -3.33
N VAL B 16 -15.76 107.33 -3.67
CA VAL B 16 -15.21 107.20 -5.05
C VAL B 16 -14.88 105.72 -5.40
N LEU B 17 -14.34 104.93 -4.45
CA LEU B 17 -13.97 103.53 -4.67
C LEU B 17 -15.18 102.60 -4.81
N TYR B 18 -16.34 102.98 -4.21
CA TYR B 18 -17.62 102.28 -4.37
C TYR B 18 -18.23 102.70 -5.72
N GLY B 19 -18.01 103.96 -6.11
CA GLY B 19 -18.48 104.53 -7.38
C GLY B 19 -17.78 104.00 -8.62
N THR B 20 -16.45 103.67 -8.53
CA THR B 20 -15.60 103.12 -9.60
C THR B 20 -15.97 101.65 -9.90
N MET B 21 -16.73 101.01 -8.95
CA MET B 21 -17.27 99.64 -8.99
C MET B 21 -18.80 99.65 -9.38
N CYS B 22 -19.56 100.72 -8.95
CA CYS B 22 -21.01 101.02 -9.19
C CYS B 22 -21.28 101.14 -10.70
N ASP B 23 -20.35 101.81 -11.43
CA ASP B 23 -20.39 102.05 -12.88
C ASP B 23 -20.19 100.77 -13.69
N ILE B 24 -19.38 99.82 -13.20
CA ILE B 24 -19.16 98.57 -13.90
C ILE B 24 -20.41 97.65 -13.72
N LEU B 25 -20.97 97.52 -12.48
CA LEU B 25 -22.16 96.71 -12.15
C LEU B 25 -23.43 97.18 -12.89
N ASN B 26 -23.56 98.52 -13.09
CA ASN B 26 -24.71 99.11 -13.78
C ASN B 26 -24.55 99.11 -15.32
N GLY B 27 -23.32 98.83 -15.82
CA GLY B 27 -23.04 98.70 -17.24
C GLY B 27 -22.45 99.88 -17.98
N TYR B 28 -21.91 100.85 -17.23
CA TYR B 28 -21.29 102.03 -17.81
C TYR B 28 -19.86 101.75 -18.20
N ASP B 29 -19.33 102.62 -19.07
CA ASP B 29 -18.00 102.58 -19.67
C ASP B 29 -16.83 102.59 -18.67
N ASN B 30 -17.01 103.23 -17.51
CA ASN B 30 -15.97 103.39 -16.50
C ASN B 30 -15.37 102.04 -16.17
N GLN B 31 -14.12 101.87 -16.61
CA GLN B 31 -13.32 100.68 -16.40
C GLN B 31 -12.09 101.11 -15.67
N VAL B 32 -11.93 100.60 -14.46
CA VAL B 32 -10.82 100.92 -13.58
C VAL B 32 -10.42 99.61 -12.89
N VAL B 33 -9.08 99.37 -12.82
CA VAL B 33 -8.35 98.18 -12.30
C VAL B 33 -9.12 97.50 -11.13
N MET B 34 -9.88 96.46 -11.52
CA MET B 34 -10.80 95.61 -10.76
C MET B 34 -10.27 95.08 -9.42
N GLN B 35 -8.99 94.68 -9.35
CA GLN B 35 -8.42 94.10 -8.15
C GLN B 35 -7.97 95.15 -7.14
N GLN B 36 -7.27 96.20 -7.59
CA GLN B 36 -6.71 97.24 -6.73
C GLN B 36 -7.77 98.15 -6.07
N LYS B 37 -8.78 98.65 -6.84
CA LYS B 37 -9.85 99.53 -6.34
C LYS B 37 -10.80 98.83 -5.35
N LEU B 38 -10.94 97.49 -5.50
CA LEU B 38 -11.75 96.61 -4.63
C LEU B 38 -11.08 96.49 -3.27
N LYS B 39 -9.76 96.21 -3.26
CA LYS B 39 -8.94 96.06 -2.04
C LYS B 39 -8.83 97.40 -1.28
N GLU B 40 -8.88 98.55 -2.03
CA GLU B 40 -8.86 99.91 -1.48
C GLU B 40 -10.21 100.23 -0.79
N PHE B 41 -11.35 99.69 -1.34
CA PHE B 41 -12.71 99.81 -0.79
C PHE B 41 -12.80 99.02 0.52
N ILE B 42 -12.20 97.81 0.57
CA ILE B 42 -12.19 96.92 1.76
C ILE B 42 -11.34 97.60 2.90
N GLU B 43 -10.21 98.28 2.54
CA GLU B 43 -9.27 98.99 3.43
C GLU B 43 -9.80 100.33 4.00
N VAL B 44 -10.95 100.83 3.47
CA VAL B 44 -11.60 102.09 3.90
C VAL B 44 -12.93 101.79 4.68
N LEU B 45 -13.43 100.51 4.63
CA LEU B 45 -14.62 100.04 5.35
C LEU B 45 -14.21 99.45 6.72
N ARG B 46 -12.93 99.03 6.81
CA ARG B 46 -12.25 98.45 7.98
C ARG B 46 -11.61 99.50 8.91
N ASP B 47 -11.32 100.74 8.40
CA ASP B 47 -10.67 101.77 9.24
C ASP B 47 -11.72 102.50 10.11
N PRO B 48 -11.44 102.68 11.43
CA PRO B 48 -12.43 103.30 12.32
C PRO B 48 -12.62 104.81 12.13
N LYS B 49 -11.78 105.46 11.30
CA LYS B 49 -11.87 106.90 11.05
C LYS B 49 -13.02 107.27 10.11
N LEU B 50 -13.36 106.39 9.13
CA LEU B 50 -14.40 106.59 8.09
C LEU B 50 -15.74 107.09 8.65
N PRO B 51 -16.40 106.44 9.66
CA PRO B 51 -17.70 106.96 10.12
C PRO B 51 -17.63 108.44 10.55
N TYR B 52 -16.52 108.82 11.22
CA TYR B 52 -16.25 110.21 11.68
C TYR B 52 -16.02 111.12 10.51
N SER B 53 -15.25 110.63 9.51
CA SER B 53 -14.90 111.35 8.30
C SER B 53 -16.15 111.70 7.49
N GLU B 54 -17.09 110.74 7.31
CA GLU B 54 -18.32 110.98 6.57
C GLU B 54 -19.19 112.01 7.31
N PHE B 55 -19.18 111.99 8.66
CA PHE B 55 -19.93 112.93 9.48
C PHE B 55 -19.33 114.33 9.39
N SER B 56 -18.01 114.47 9.64
CA SER B 56 -17.29 115.75 9.61
C SER B 56 -17.45 116.50 8.28
N ALA B 57 -17.60 115.77 7.15
CA ALA B 57 -17.79 116.37 5.84
C ALA B 57 -19.17 117.00 5.70
N GLN B 58 -20.23 116.22 6.03
CA GLN B 58 -21.63 116.65 5.93
C GLN B 58 -22.01 117.68 6.98
N PHE B 59 -21.56 117.50 8.24
CA PHE B 59 -21.91 118.39 9.35
C PHE B 59 -21.37 119.80 9.19
N SER B 60 -20.16 119.97 8.58
CA SER B 60 -19.53 121.28 8.37
C SER B 60 -20.47 122.25 7.67
N ALA B 61 -21.15 121.80 6.60
CA ALA B 61 -22.10 122.61 5.85
C ALA B 61 -23.41 122.79 6.64
N LEU B 62 -23.78 121.78 7.46
CA LEU B 62 -25.01 121.73 8.22
C LEU B 62 -24.93 122.31 9.65
N HIS B 63 -23.80 122.97 10.02
CA HIS B 63 -23.64 123.62 11.33
C HIS B 63 -24.64 124.77 11.45
N ALA B 64 -24.71 125.59 10.39
CA ALA B 64 -25.56 126.77 10.29
C ALA B 64 -27.02 126.43 9.93
N ARG B 65 -27.48 125.21 10.25
CA ARG B 65 -28.85 124.78 9.98
C ARG B 65 -29.82 125.26 11.08
N MET B 66 -30.91 124.51 11.29
CA MET B 66 -31.97 124.80 12.25
C MET B 66 -31.49 124.64 13.73
N PRO B 67 -32.37 124.86 14.77
CA PRO B 67 -31.94 124.81 16.17
C PRO B 67 -30.62 124.11 16.50
N HIS B 68 -29.64 125.01 16.74
CA HIS B 68 -28.24 124.82 17.12
C HIS B 68 -28.13 123.98 18.38
N LYS B 69 -29.16 124.00 19.25
CA LYS B 69 -29.22 123.23 20.50
C LYS B 69 -28.83 121.78 20.23
N LEU B 70 -29.38 121.22 19.15
CA LEU B 70 -29.08 119.86 18.70
C LEU B 70 -27.72 119.81 18.04
N ASP B 71 -27.38 120.82 17.22
CA ASP B 71 -26.11 120.87 16.48
C ASP B 71 -24.89 120.77 17.40
N ALA B 72 -24.91 121.51 18.54
CA ALA B 72 -23.80 121.50 19.51
C ALA B 72 -23.71 120.20 20.30
N GLN B 73 -24.86 119.62 20.73
CA GLN B 73 -24.86 118.38 21.52
C GLN B 73 -24.32 117.19 20.74
N LEU B 74 -24.56 117.13 19.42
CA LEU B 74 -24.04 116.05 18.57
C LEU B 74 -22.53 116.17 18.44
N THR B 75 -22.01 117.40 18.24
CA THR B 75 -20.58 117.68 18.08
C THR B 75 -19.81 117.22 19.33
N GLN B 76 -20.35 117.45 20.54
CA GLN B 76 -19.72 117.05 21.79
C GLN B 76 -19.48 115.54 21.81
N VAL B 77 -20.49 114.77 21.34
CA VAL B 77 -20.41 113.31 21.32
C VAL B 77 -19.32 112.86 20.35
N LEU B 78 -19.28 113.42 19.12
CA LEU B 78 -18.30 113.07 18.09
C LEU B 78 -16.89 113.33 18.58
N GLU B 79 -16.63 114.55 19.09
CA GLU B 79 -15.29 114.96 19.54
C GLU B 79 -14.80 114.10 20.70
N ARG B 80 -15.68 113.75 21.65
CA ARG B 80 -15.28 112.96 22.79
C ARG B 80 -14.96 111.53 22.36
N ALA B 81 -15.82 110.92 21.52
CA ALA B 81 -15.67 109.54 21.06
C ALA B 81 -14.46 109.37 20.14
N GLN B 82 -14.03 110.44 19.45
CA GLN B 82 -12.89 110.37 18.54
C GLN B 82 -11.60 110.11 19.32
N ASN B 83 -11.26 110.98 20.28
CA ASN B 83 -10.06 110.83 21.10
C ASN B 83 -10.24 109.73 22.14
N ARG B 84 -11.28 109.85 22.99
CA ARG B 84 -11.61 108.86 24.01
C ARG B 84 -12.42 107.75 23.34
N GLY B 85 -11.80 106.59 23.20
CA GLY B 85 -12.44 105.45 22.53
C GLY B 85 -12.25 105.54 21.03
N ALA B 86 -12.56 104.45 20.33
CA ALA B 86 -12.38 104.40 18.88
C ALA B 86 -13.69 104.44 18.08
N GLU B 87 -14.67 103.54 18.39
CA GLU B 87 -15.90 103.41 17.61
C GLU B 87 -16.86 104.60 17.72
N PHE B 88 -17.47 104.89 16.57
CA PHE B 88 -18.45 105.92 16.28
C PHE B 88 -19.73 105.73 17.08
N PRO B 89 -20.19 106.83 17.68
CA PRO B 89 -21.44 106.78 18.47
C PRO B 89 -22.70 106.90 17.59
N ALA B 90 -22.78 106.08 16.52
CA ALA B 90 -23.88 106.06 15.56
C ALA B 90 -25.25 105.95 16.23
N ARG B 91 -25.42 105.01 17.19
CA ARG B 91 -26.68 104.82 17.90
C ARG B 91 -27.03 106.02 18.82
N GLN B 92 -26.02 106.68 19.47
CA GLN B 92 -26.24 107.88 20.31
C GLN B 92 -26.79 109.02 19.48
N LEU B 93 -26.25 109.15 18.25
CA LEU B 93 -26.61 110.18 17.27
C LEU B 93 -28.02 109.95 16.70
N LEU B 94 -28.50 108.67 16.67
CA LEU B 94 -29.86 108.31 16.24
C LEU B 94 -30.86 108.83 17.26
N LYS B 95 -30.61 108.51 18.54
CA LYS B 95 -31.48 108.84 19.66
C LYS B 95 -31.68 110.35 19.80
N VAL B 96 -30.60 111.12 19.71
CA VAL B 96 -30.67 112.58 19.85
C VAL B 96 -31.45 113.21 18.68
N PHE B 97 -31.30 112.70 17.43
CA PHE B 97 -32.02 113.29 16.29
C PHE B 97 -33.52 112.98 16.38
N ASN B 98 -33.94 111.73 16.74
CA ASN B 98 -35.36 111.40 16.84
C ASN B 98 -36.07 112.22 17.91
N LYS B 99 -35.41 112.44 19.05
CA LYS B 99 -35.95 113.21 20.17
C LYS B 99 -36.19 114.65 19.79
N PHE B 100 -35.25 115.25 19.04
CA PHE B 100 -35.37 116.65 18.67
C PHE B 100 -36.21 116.87 17.41
N LEU B 101 -35.88 116.21 16.28
CA LEU B 101 -36.61 116.46 15.02
C LEU B 101 -38.10 116.05 15.08
N ASP B 102 -38.42 114.77 14.88
CA ASP B 102 -39.80 114.30 14.84
C ASP B 102 -40.49 114.27 16.21
N ASP B 103 -39.72 114.19 17.32
CA ASP B 103 -40.32 114.15 18.65
C ASP B 103 -40.52 115.56 19.20
N ASN B 104 -39.50 116.43 19.18
CA ASN B 104 -39.69 117.79 19.67
C ASN B 104 -40.33 118.63 18.56
N VAL B 105 -41.62 118.37 18.34
CA VAL B 105 -42.45 119.06 17.35
C VAL B 105 -42.55 120.53 17.75
N PRO B 106 -42.86 120.91 19.02
CA PRO B 106 -43.00 122.35 19.31
C PRO B 106 -41.74 123.22 19.04
N ASN B 107 -40.70 123.19 19.91
CA ASN B 107 -39.55 124.08 19.75
C ASN B 107 -38.63 123.74 18.60
N LYS B 108 -38.09 122.50 18.61
CA LYS B 108 -37.09 122.09 17.63
C LYS B 108 -37.61 122.15 16.18
N THR B 109 -38.80 121.59 15.90
CA THR B 109 -39.28 121.62 14.52
C THR B 109 -40.62 122.34 14.42
N ASP B 110 -40.56 123.66 14.21
CA ASP B 110 -41.76 124.50 14.07
C ASP B 110 -42.71 123.86 13.06
N GLN B 111 -42.18 123.56 11.87
CA GLN B 111 -42.87 122.86 10.80
C GLN B 111 -41.96 121.71 10.42
N ASP B 112 -42.47 120.69 9.72
CA ASP B 112 -41.69 119.53 9.34
C ASP B 112 -40.67 119.86 8.23
N LEU B 113 -39.70 120.72 8.57
CA LEU B 113 -38.59 121.14 7.72
C LEU B 113 -37.37 120.33 8.02
N LEU B 114 -37.08 120.15 9.32
CA LEU B 114 -35.89 119.49 9.86
C LEU B 114 -35.56 118.14 9.25
N LYS B 115 -36.58 117.29 9.01
CA LYS B 115 -36.40 115.96 8.43
C LYS B 115 -35.54 116.02 7.17
N SER B 116 -35.83 116.98 6.28
CA SER B 116 -35.09 117.15 5.02
C SER B 116 -33.67 117.66 5.25
N THR B 117 -33.48 118.62 6.18
CA THR B 117 -32.18 119.24 6.44
C THR B 117 -31.15 118.26 6.99
N LEU B 118 -31.46 117.59 8.11
CA LEU B 118 -30.53 116.67 8.77
C LEU B 118 -30.48 115.25 8.12
N GLU B 119 -31.18 115.04 6.97
CA GLU B 119 -31.24 113.77 6.24
C GLU B 119 -29.84 113.18 5.90
N PRO B 120 -28.82 113.92 5.34
CA PRO B 120 -27.53 113.26 5.07
C PRO B 120 -26.85 112.67 6.33
N LEU B 121 -27.04 113.32 7.51
CA LEU B 121 -26.52 112.86 8.81
C LEU B 121 -27.22 111.59 9.24
N THR B 122 -28.56 111.50 9.02
CA THR B 122 -29.41 110.36 9.38
C THR B 122 -29.09 109.11 8.53
N SER B 123 -28.49 109.30 7.33
CA SER B 123 -28.09 108.22 6.40
C SER B 123 -26.61 107.77 6.67
N VAL B 124 -26.01 108.34 7.75
CA VAL B 124 -24.67 108.03 8.29
C VAL B 124 -24.84 107.29 9.61
N LEU B 125 -25.66 107.82 10.56
CA LEU B 125 -25.84 107.13 11.84
C LEU B 125 -26.61 105.77 11.67
N ASN B 126 -27.27 105.52 10.48
CA ASN B 126 -28.01 104.26 10.17
C ASN B 126 -27.08 103.16 9.52
N LEU B 127 -26.13 103.52 8.60
CA LEU B 127 -25.19 102.54 8.01
C LEU B 127 -24.18 102.06 9.09
N TYR B 128 -23.90 102.88 10.19
CA TYR B 128 -22.99 102.59 11.32
C TYR B 128 -23.67 102.12 12.63
N LEU B 129 -25.05 102.21 12.76
CA LEU B 129 -25.80 101.79 13.96
C LEU B 129 -25.45 100.33 14.31
N ASP B 130 -25.37 99.44 13.28
CA ASP B 130 -25.04 98.00 13.38
C ASP B 130 -23.56 97.76 13.76
N GLY B 131 -22.67 98.68 13.36
CA GLY B 131 -21.24 98.61 13.60
C GLY B 131 -20.41 99.12 12.44
N GLN B 132 -19.07 98.95 12.52
CA GLN B 132 -18.09 99.36 11.50
C GLN B 132 -17.84 98.25 10.47
N LYS B 133 -17.65 96.99 10.96
CA LYS B 133 -17.48 95.83 10.08
C LYS B 133 -18.84 95.44 9.50
N ALA B 134 -19.97 95.68 10.25
CA ALA B 134 -21.35 95.44 9.78
C ALA B 134 -21.74 96.44 8.69
N ARG B 135 -21.07 97.64 8.66
CA ARG B 135 -21.23 98.66 7.62
C ARG B 135 -20.50 98.17 6.37
N GLU B 136 -19.38 97.44 6.57
CA GLU B 136 -18.58 96.84 5.50
C GLU B 136 -19.37 95.73 4.84
N LEU B 137 -20.11 94.92 5.64
CA LEU B 137 -20.96 93.81 5.18
C LEU B 137 -22.23 94.32 4.51
N ASN B 138 -22.74 95.53 4.91
CA ASN B 138 -23.90 96.20 4.30
C ASN B 138 -23.60 96.49 2.81
N LEU B 139 -22.40 97.05 2.50
CA LEU B 139 -21.93 97.41 1.15
C LEU B 139 -21.12 96.24 0.46
N ILE B 140 -21.57 94.95 0.72
CA ILE B 140 -21.19 93.61 0.18
C ILE B 140 -22.49 92.64 0.24
N ALA B 141 -23.65 93.17 0.73
CA ALA B 141 -24.98 92.53 0.72
C ALA B 141 -25.87 93.30 -0.28
N ASP B 142 -25.29 94.46 -0.80
CA ASP B 142 -25.75 95.49 -1.77
C ASP B 142 -25.16 95.39 -3.19
N LEU B 143 -23.84 95.05 -3.30
CA LEU B 143 -23.07 94.87 -4.55
C LEU B 143 -23.09 93.41 -5.06
N LEU B 144 -23.55 92.46 -4.18
CA LEU B 144 -23.70 91.01 -4.42
C LEU B 144 -25.21 90.61 -4.57
N SER B 145 -26.09 91.65 -4.61
CA SER B 145 -27.53 91.68 -4.86
C SER B 145 -27.80 92.44 -6.17
N MET B 146 -27.00 93.53 -6.43
CA MET B 146 -26.99 94.45 -7.60
C MET B 146 -26.70 93.68 -8.92
N TYR B 147 -25.82 92.66 -8.83
CA TYR B 147 -25.46 91.77 -9.94
C TYR B 147 -26.63 90.84 -10.26
N ALA B 148 -27.17 90.13 -9.23
CA ALA B 148 -28.29 89.19 -9.31
C ALA B 148 -29.56 89.86 -9.81
N ASP B 149 -29.83 91.12 -9.36
CA ASP B 149 -30.98 91.96 -9.73
C ASP B 149 -31.06 92.11 -11.26
N VAL B 150 -29.94 92.45 -11.91
CA VAL B 150 -29.93 92.66 -13.35
C VAL B 150 -29.83 91.31 -14.13
N GLU B 151 -28.90 90.42 -13.74
CA GLU B 151 -28.65 89.15 -14.46
C GLU B 151 -29.76 88.12 -14.43
N CYS B 152 -30.53 88.02 -13.32
CA CYS B 152 -31.57 87.00 -13.18
C CYS B 152 -32.62 87.10 -14.28
N GLN B 153 -32.95 88.32 -14.76
CA GLN B 153 -33.95 88.50 -15.82
C GLN B 153 -33.48 87.86 -17.11
N PHE B 154 -32.18 87.90 -17.38
CA PHE B 154 -31.54 87.34 -18.57
C PHE B 154 -31.43 85.84 -18.48
N SER B 155 -31.54 85.32 -17.26
CA SER B 155 -31.58 83.90 -17.00
C SER B 155 -33.00 83.57 -16.56
N GLY B 156 -33.91 84.51 -16.75
CA GLY B 156 -35.31 84.46 -16.37
C GLY B 156 -36.17 83.56 -17.23
N ARG B 157 -37.48 83.51 -16.89
CA ARG B 157 -38.55 82.71 -17.49
C ARG B 157 -38.48 82.65 -19.02
N ARG B 158 -37.61 81.74 -19.50
CA ARG B 158 -37.34 81.37 -20.89
C ARG B 158 -36.83 82.53 -21.79
N LEU B 159 -36.67 83.75 -21.22
CA LEU B 159 -36.20 84.91 -21.97
C LEU B 159 -34.68 85.00 -21.92
N GLN B 160 -34.01 84.51 -22.98
CA GLN B 160 -32.56 84.56 -23.11
C GLN B 160 -32.16 85.70 -24.05
N ASP B 161 -33.17 86.38 -24.61
CA ASP B 161 -33.03 87.50 -25.53
C ASP B 161 -33.45 88.79 -24.83
N GLU B 162 -32.60 89.82 -24.91
CA GLU B 162 -32.88 91.12 -24.30
C GLU B 162 -33.99 91.86 -25.01
N GLU B 163 -34.08 91.79 -26.35
CA GLU B 163 -35.14 92.45 -27.10
C GLU B 163 -36.52 91.90 -26.74
N ALA B 164 -36.59 90.56 -26.58
CA ALA B 164 -37.81 89.88 -26.15
C ALA B 164 -38.16 90.33 -24.74
N ILE B 165 -37.11 90.57 -23.93
CA ILE B 165 -37.21 91.04 -22.55
C ILE B 165 -37.75 92.49 -22.51
N LEU B 166 -37.28 93.39 -23.43
CA LEU B 166 -37.73 94.79 -23.53
C LEU B 166 -39.23 94.85 -23.80
N LYS B 167 -39.71 93.96 -24.70
CA LYS B 167 -41.12 93.85 -25.09
C LYS B 167 -41.95 93.28 -23.94
N LEU B 168 -41.33 92.46 -23.08
CA LEU B 168 -41.99 91.90 -21.91
C LEU B 168 -42.08 92.98 -20.82
N ARG B 169 -41.09 93.90 -20.79
CA ARG B 169 -40.99 95.03 -19.86
C ARG B 169 -42.08 96.08 -20.07
N ASP B 170 -42.78 96.02 -21.22
CA ASP B 170 -43.87 96.93 -21.59
C ASP B 170 -44.90 97.10 -20.45
N GLN B 171 -44.91 96.13 -19.53
CA GLN B 171 -45.70 96.01 -18.32
C GLN B 171 -45.55 97.20 -17.34
N TYR B 172 -44.34 97.77 -17.18
CA TYR B 172 -44.15 98.84 -16.20
C TYR B 172 -43.84 100.21 -16.83
N LYS B 173 -44.57 101.25 -16.38
CA LYS B 173 -44.37 102.63 -16.84
C LYS B 173 -43.04 103.16 -16.36
N ASP B 174 -42.72 102.91 -15.07
CA ASP B 174 -41.48 103.34 -14.43
C ASP B 174 -40.28 102.66 -15.06
N ASN B 175 -40.49 101.47 -15.66
CA ASN B 175 -39.46 100.72 -16.36
C ASN B 175 -39.09 101.40 -17.68
N ILE B 176 -39.68 102.58 -18.01
CA ILE B 176 -39.36 103.29 -19.25
C ILE B 176 -37.83 103.57 -19.31
N GLN B 177 -37.28 104.15 -18.24
CA GLN B 177 -35.87 104.46 -18.09
C GLN B 177 -35.12 103.18 -17.72
N LYS B 178 -35.71 102.36 -16.82
CA LYS B 178 -35.11 101.13 -16.33
C LYS B 178 -34.90 100.07 -17.44
N VAL B 179 -35.72 100.09 -18.52
CA VAL B 179 -35.64 99.18 -19.68
C VAL B 179 -34.21 99.20 -20.22
N VAL B 180 -33.71 100.39 -20.58
CA VAL B 180 -32.39 100.61 -21.16
C VAL B 180 -31.24 100.38 -20.16
N ASN B 181 -31.39 100.80 -18.87
CA ASN B 181 -30.37 100.68 -17.82
C ASN B 181 -29.96 99.22 -17.59
N THR B 182 -30.94 98.31 -17.51
CA THR B 182 -30.74 96.87 -17.29
C THR B 182 -30.07 96.25 -18.53
N VAL B 183 -30.44 96.73 -19.74
CA VAL B 183 -29.88 96.26 -21.02
C VAL B 183 -28.41 96.70 -21.10
N LEU B 184 -28.11 97.95 -20.67
CA LEU B 184 -26.75 98.52 -20.63
C LEU B 184 -25.84 97.70 -19.73
N SER B 185 -26.39 97.21 -18.60
CA SER B 185 -25.68 96.40 -17.62
C SER B 185 -25.34 95.02 -18.18
N HIS B 186 -26.30 94.35 -18.84
CA HIS B 186 -26.09 93.01 -19.41
C HIS B 186 -25.02 92.99 -20.49
N LYS B 187 -24.90 94.07 -21.28
CA LYS B 187 -23.90 94.21 -22.34
C LYS B 187 -22.49 94.10 -21.78
N ASN B 188 -22.22 94.74 -20.65
CA ASN B 188 -20.91 94.68 -20.04
C ASN B 188 -20.90 93.72 -18.87
N VAL B 189 -21.45 92.51 -19.05
CA VAL B 189 -21.49 91.48 -18.00
C VAL B 189 -20.10 90.89 -17.77
N MET B 190 -19.24 90.87 -18.79
CA MET B 190 -17.88 90.32 -18.72
C MET B 190 -17.07 91.05 -17.65
N SER B 191 -17.15 92.40 -17.63
CA SER B 191 -16.48 93.25 -16.64
C SER B 191 -17.11 93.04 -15.28
N LYS B 192 -18.45 92.82 -15.25
CA LYS B 192 -19.25 92.59 -14.04
C LYS B 192 -18.87 91.27 -13.37
N ASN B 193 -18.72 90.19 -14.18
CA ASN B 193 -18.33 88.85 -13.72
C ASN B 193 -17.00 88.91 -13.01
N SER B 194 -16.02 89.65 -13.56
CA SER B 194 -14.70 89.80 -12.95
C SER B 194 -14.77 90.50 -11.59
N LEU B 195 -15.67 91.50 -11.43
CA LEU B 195 -15.83 92.24 -10.17
C LEU B 195 -16.44 91.37 -9.08
N VAL B 196 -17.54 90.68 -9.38
CA VAL B 196 -18.23 89.80 -8.45
C VAL B 196 -17.32 88.65 -8.03
N LEU B 197 -16.58 88.04 -8.99
CA LEU B 197 -15.65 86.93 -8.72
C LEU B 197 -14.56 87.36 -7.75
N ALA B 198 -14.00 88.58 -7.92
CA ALA B 198 -12.96 89.15 -7.05
C ALA B 198 -13.50 89.37 -5.64
N LEU B 199 -14.80 89.74 -5.54
CA LEU B 199 -15.52 89.95 -4.28
C LEU B 199 -15.82 88.61 -3.60
N LEU B 200 -16.18 87.57 -4.40
CA LEU B 200 -16.48 86.20 -3.94
C LEU B 200 -15.21 85.52 -3.40
N ASP B 201 -14.04 85.82 -3.99
CA ASP B 201 -12.74 85.30 -3.56
C ASP B 201 -12.29 85.94 -2.24
N GLU B 202 -12.58 87.23 -2.05
CA GLU B 202 -12.21 87.99 -0.84
C GLU B 202 -12.95 87.50 0.41
N TYR B 203 -14.26 87.17 0.26
CA TYR B 203 -15.11 86.69 1.35
C TYR B 203 -15.24 85.15 1.36
N ARG B 204 -14.46 84.45 0.50
CA ARG B 204 -14.36 82.98 0.46
C ARG B 204 -13.89 82.44 1.81
N PRO B 205 -13.04 83.15 2.65
CA PRO B 205 -12.72 82.60 3.98
C PRO B 205 -13.93 82.71 4.90
N ASN B 206 -14.98 81.96 4.50
CA ASN B 206 -16.28 81.70 5.08
C ASN B 206 -16.08 80.62 6.12
N LYS B 207 -15.08 79.74 5.89
CA LYS B 207 -14.65 78.67 6.78
C LYS B 207 -14.32 79.27 8.18
N PRO B 208 -13.39 80.25 8.34
CA PRO B 208 -13.18 80.83 9.68
C PRO B 208 -14.41 81.51 10.24
N ASN B 209 -14.91 82.56 9.57
CA ASN B 209 -16.06 83.34 10.02
C ASN B 209 -17.39 82.79 9.38
N VAL B 210 -18.00 81.68 9.94
CA VAL B 210 -19.30 81.15 9.40
C VAL B 210 -20.50 81.96 10.04
N GLY B 211 -20.26 83.24 10.39
CA GLY B 211 -21.25 84.13 11.01
C GLY B 211 -21.17 85.62 10.68
N ASN B 212 -20.05 86.30 11.00
CA ASN B 212 -19.88 87.73 10.76
C ASN B 212 -19.97 88.05 9.26
N VAL B 213 -18.95 87.65 8.50
CA VAL B 213 -18.92 87.90 7.07
C VAL B 213 -19.73 86.84 6.28
N GLY B 214 -20.05 85.71 6.93
CA GLY B 214 -20.72 84.55 6.32
C GLY B 214 -22.23 84.45 6.35
N LYS B 215 -22.84 84.50 7.56
CA LYS B 215 -24.30 84.42 7.75
C LYS B 215 -24.98 85.66 7.17
N HIS B 216 -24.35 86.85 7.31
CA HIS B 216 -24.84 88.14 6.77
C HIS B 216 -24.91 88.09 5.25
N LEU B 217 -23.99 87.34 4.65
CA LEU B 217 -23.90 87.13 3.22
C LEU B 217 -24.68 85.87 2.76
N ARG B 218 -25.04 84.90 3.69
CA ARG B 218 -25.76 83.63 3.35
C ARG B 218 -26.99 83.82 2.43
N PRO B 219 -27.98 84.69 2.74
CA PRO B 219 -29.13 84.83 1.82
C PRO B 219 -28.83 85.64 0.52
N VAL B 220 -28.03 86.76 0.59
CA VAL B 220 -27.67 87.65 -0.54
C VAL B 220 -26.62 86.96 -1.50
N LEU B 221 -26.17 85.71 -1.15
CA LEU B 221 -25.23 84.82 -1.87
C LEU B 221 -25.97 83.57 -2.40
N ARG B 222 -27.00 83.08 -1.65
CA ARG B 222 -27.79 81.95 -2.13
C ARG B 222 -28.53 82.37 -3.39
N ARG B 223 -28.83 83.70 -3.55
CA ARG B 223 -29.44 84.26 -4.76
C ARG B 223 -28.35 84.46 -5.86
N LEU B 224 -27.37 83.52 -5.96
CA LEU B 224 -26.31 83.52 -6.97
C LEU B 224 -25.92 82.07 -7.44
N THR B 225 -26.70 81.00 -7.10
CA THR B 225 -26.41 79.62 -7.55
C THR B 225 -27.34 79.19 -8.71
N GLU B 226 -28.52 79.81 -8.80
CA GLU B 226 -29.55 79.56 -9.81
C GLU B 226 -29.07 80.02 -11.19
N LEU B 227 -28.20 81.06 -11.26
CA LEU B 227 -27.66 81.62 -12.50
C LEU B 227 -26.74 80.61 -13.21
N GLU B 228 -27.34 79.56 -13.79
CA GLU B 228 -26.70 78.46 -14.50
C GLU B 228 -26.37 78.89 -15.92
N SER B 229 -27.02 79.97 -16.41
CA SER B 229 -26.83 80.59 -17.73
C SER B 229 -25.34 80.70 -18.00
N ARG B 230 -24.92 80.36 -19.23
CA ARG B 230 -23.53 80.33 -19.71
C ARG B 230 -22.71 81.55 -19.26
N GLN B 231 -23.29 82.76 -19.34
CA GLN B 231 -22.59 83.99 -18.98
C GLN B 231 -22.16 84.00 -17.52
N SER B 232 -23.09 83.68 -16.62
CA SER B 232 -22.90 83.68 -15.18
C SER B 232 -22.49 82.31 -14.61
N ALA B 233 -22.41 81.27 -15.46
CA ALA B 233 -22.11 79.88 -15.06
C ALA B 233 -20.93 79.75 -14.09
N LYS B 234 -19.79 80.39 -14.41
CA LYS B 234 -18.58 80.34 -13.60
C LYS B 234 -18.78 80.98 -12.23
N VAL B 235 -19.46 82.13 -12.20
CA VAL B 235 -19.68 82.87 -10.98
C VAL B 235 -20.63 82.08 -10.05
N SER B 236 -21.62 81.34 -10.60
CA SER B 236 -22.57 80.53 -9.84
C SER B 236 -21.87 79.40 -9.13
N LEU B 237 -20.89 78.79 -9.80
CA LEU B 237 -20.10 77.71 -9.23
C LEU B 237 -19.31 78.23 -8.04
N LYS B 238 -18.71 79.44 -8.19
CA LYS B 238 -17.94 80.08 -7.13
C LYS B 238 -18.81 80.35 -5.93
N ALA B 239 -20.05 80.77 -6.16
CA ALA B 239 -21.03 81.04 -5.11
C ALA B 239 -21.29 79.77 -4.31
N ARG B 240 -21.46 78.63 -5.00
CA ARG B 240 -21.71 77.34 -4.39
C ARG B 240 -20.57 76.98 -3.43
N GLU B 241 -19.31 77.25 -3.82
CA GLU B 241 -18.12 76.98 -3.00
C GLU B 241 -18.25 77.61 -1.64
N VAL B 242 -18.61 78.90 -1.61
CA VAL B 242 -18.75 79.70 -0.40
C VAL B 242 -19.83 79.11 0.53
N LEU B 243 -21.01 78.78 -0.03
CA LEU B 243 -22.16 78.26 0.71
C LEU B 243 -21.83 76.96 1.41
N ILE B 244 -21.07 76.08 0.76
CA ILE B 244 -20.68 74.81 1.36
C ILE B 244 -19.91 75.11 2.65
N LEU B 245 -19.09 76.17 2.62
CA LEU B 245 -18.27 76.61 3.75
C LEU B 245 -19.10 77.18 4.87
N CYS B 246 -20.29 77.74 4.57
CA CYS B 246 -21.13 78.30 5.60
C CYS B 246 -21.95 77.21 6.28
N SER B 250 -16.63 79.07 11.52
CA SER B 250 -16.18 77.82 12.09
C SER B 250 -14.77 77.96 12.65
N LEU B 251 -13.80 78.49 11.87
CA LEU B 251 -12.41 78.65 12.36
C LEU B 251 -12.34 79.78 13.38
N GLU B 252 -12.95 80.93 13.11
CA GLU B 252 -12.96 82.02 14.06
C GLU B 252 -13.55 81.51 15.37
N GLU B 253 -14.56 80.65 15.26
CA GLU B 253 -15.24 79.96 16.36
C GLU B 253 -14.26 79.01 17.06
N ARG B 254 -13.45 78.28 16.27
CA ARG B 254 -12.47 77.33 16.79
C ARG B 254 -11.42 78.08 17.59
N THR B 255 -11.05 79.33 17.17
CA THR B 255 -10.10 80.15 17.92
C THR B 255 -10.58 80.24 19.33
N ALA B 256 -11.87 80.59 19.50
CA ALA B 256 -12.51 80.70 20.80
C ALA B 256 -12.56 79.35 21.51
N GLN B 257 -13.08 78.31 20.82
CA GLN B 257 -13.22 76.96 21.38
C GLN B 257 -11.95 76.48 22.02
N MET B 258 -10.87 76.43 21.24
CA MET B 258 -9.57 75.96 21.65
C MET B 258 -9.02 76.87 22.74
N GLU B 259 -9.24 78.19 22.64
CA GLU B 259 -8.76 79.12 23.65
C GLU B 259 -9.35 78.78 24.99
N HIS B 260 -10.64 78.42 25.00
CA HIS B 260 -11.33 78.02 26.21
C HIS B 260 -10.76 76.72 26.74
N ILE B 261 -10.57 75.71 25.88
CA ILE B 261 -10.09 74.40 26.31
C ILE B 261 -8.71 74.52 26.93
N LEU B 262 -7.84 75.34 26.33
CA LEU B 262 -6.49 75.55 26.86
C LEU B 262 -6.54 76.20 28.21
N ARG B 263 -7.40 77.20 28.37
CA ARG B 263 -7.52 77.90 29.63
C ARG B 263 -8.19 77.01 30.70
N SER B 264 -9.17 76.18 30.30
CA SER B 264 -9.84 75.26 31.22
C SER B 264 -8.87 74.21 31.71
N SER B 265 -7.89 73.90 30.87
CA SER B 265 -6.88 72.94 31.21
C SER B 265 -6.03 73.50 32.34
N VAL B 266 -5.57 74.76 32.17
CA VAL B 266 -4.73 75.51 33.12
C VAL B 266 -5.26 75.36 34.53
N VAL B 267 -6.38 76.01 34.77
CA VAL B 267 -6.97 76.02 36.07
C VAL B 267 -8.11 75.04 36.07
N GLN B 268 -7.94 73.93 36.78
CA GLN B 268 -9.04 73.00 36.91
C GLN B 268 -9.89 73.52 38.06
N SER B 269 -11.19 73.71 37.82
CA SER B 269 -12.10 74.29 38.80
C SER B 269 -11.95 73.64 40.16
N ARG B 270 -12.42 72.38 40.28
CA ARG B 270 -12.42 71.60 41.51
C ARG B 270 -12.79 72.55 42.66
N TYR B 271 -14.01 73.14 42.59
CA TYR B 271 -14.51 74.11 43.57
C TYR B 271 -14.32 73.52 44.97
N GLY B 272 -13.61 74.26 45.80
CA GLY B 272 -13.25 73.85 47.14
C GLY B 272 -11.77 73.95 47.41
N GLU B 273 -11.01 74.57 46.47
CA GLU B 273 -9.59 74.81 46.66
C GLU B 273 -9.19 76.15 46.04
N THR B 274 -8.23 76.81 46.71
CA THR B 274 -7.71 78.13 46.42
C THR B 274 -6.69 78.24 45.29
N GLY B 275 -5.86 77.21 45.05
CA GLY B 275 -4.79 77.33 44.08
C GLY B 275 -4.60 76.32 42.98
N TRP B 276 -5.35 76.41 41.85
CA TRP B 276 -5.14 75.50 40.71
C TRP B 276 -4.20 76.08 39.65
N SER B 277 -3.78 77.34 39.81
CA SER B 277 -2.91 78.05 38.86
C SER B 277 -1.59 77.33 38.59
N HIS B 278 -0.89 76.88 39.66
CA HIS B 278 0.41 76.21 39.53
C HIS B 278 0.28 74.88 38.82
N ARG B 279 -0.81 74.14 39.08
CA ARG B 279 -1.06 72.81 38.49
C ARG B 279 -0.86 72.86 37.00
N ARG B 280 -0.10 71.89 36.48
CA ARG B 280 0.22 71.74 35.06
C ARG B 280 -1.05 71.25 34.28
N PRO B 281 -1.09 71.30 32.92
CA PRO B 281 -2.34 71.00 32.20
C PRO B 281 -2.78 69.53 32.20
N ASP B 282 -4.10 69.32 32.43
CA ASP B 282 -4.78 68.03 32.54
C ASP B 282 -5.15 67.41 31.20
N ARG B 283 -4.90 66.10 31.10
CA ARG B 283 -5.15 65.30 29.91
C ARG B 283 -6.60 65.23 29.48
N GLU B 284 -7.52 64.85 30.38
CA GLU B 284 -8.93 64.62 30.08
C GLU B 284 -9.52 65.69 29.15
N VAL B 285 -9.39 66.97 29.51
CA VAL B 285 -9.95 68.06 28.72
C VAL B 285 -9.17 68.24 27.40
N LEU B 286 -7.83 68.30 27.48
CA LEU B 286 -6.94 68.51 26.33
C LEU B 286 -7.03 67.39 25.31
N LYS B 287 -7.42 66.18 25.75
CA LYS B 287 -7.57 64.97 24.92
C LYS B 287 -8.51 65.24 23.76
N GLU B 288 -9.60 65.99 24.02
CA GLU B 288 -10.62 66.37 23.04
C GLU B 288 -10.01 66.97 21.79
N VAL B 289 -9.04 67.87 21.97
CA VAL B 289 -8.38 68.54 20.86
C VAL B 289 -7.34 67.64 20.23
N VAL B 290 -6.50 66.97 21.05
CA VAL B 290 -5.40 66.16 20.53
C VAL B 290 -5.90 65.03 19.61
N ASP B 291 -6.97 64.33 20.00
CA ASP B 291 -7.51 63.19 19.27
C ASP B 291 -8.65 63.54 18.29
N SER B 292 -9.00 64.85 18.14
CA SER B 292 -10.09 65.27 17.23
C SER B 292 -9.81 64.84 15.80
N LYS B 293 -10.87 64.51 15.04
CA LYS B 293 -10.68 64.09 13.65
C LYS B 293 -10.10 65.25 12.85
N TYR B 294 -10.70 66.42 13.03
CA TYR B 294 -10.47 67.68 12.36
C TYR B 294 -9.10 68.32 12.66
N THR B 295 -8.63 69.20 11.73
CA THR B 295 -7.30 69.82 11.76
C THR B 295 -7.15 70.75 12.94
N VAL B 296 -6.07 70.57 13.70
CA VAL B 296 -5.76 71.37 14.88
C VAL B 296 -4.58 72.31 14.60
N PHE B 297 -3.59 71.79 13.83
CA PHE B 297 -2.37 72.47 13.41
C PHE B 297 -2.66 73.75 12.67
N ASP B 298 -3.83 73.81 12.03
CA ASP B 298 -4.31 74.94 11.27
C ASP B 298 -4.33 76.21 12.13
N VAL B 299 -4.94 76.14 13.32
CA VAL B 299 -5.09 77.31 14.19
C VAL B 299 -4.01 77.35 15.30
N LEU B 300 -3.68 76.19 15.93
CA LEU B 300 -2.75 76.07 17.07
C LEU B 300 -1.51 77.01 17.07
N THR B 301 -0.89 77.31 15.89
CA THR B 301 0.34 78.12 15.64
C THR B 301 0.41 79.50 16.29
N LEU B 302 -0.75 80.02 16.65
CA LEU B 302 -0.86 81.31 17.27
C LEU B 302 -0.98 81.18 18.78
N PHE B 303 -1.37 80.01 19.33
CA PHE B 303 -1.60 79.82 20.77
C PHE B 303 -0.32 79.62 21.62
N PHE B 304 0.79 79.11 21.01
CA PHE B 304 2.07 78.98 21.74
C PHE B 304 2.67 80.34 21.97
N ALA B 305 2.24 81.21 21.09
CA ALA B 305 2.56 82.58 20.85
C ALA B 305 1.70 83.56 21.61
N HIS B 306 2.30 84.68 22.07
CA HIS B 306 1.74 85.92 22.63
C HIS B 306 0.67 85.77 23.75
N GLU B 307 0.45 84.55 24.22
CA GLU B 307 -0.50 84.21 25.26
C GLU B 307 0.19 84.21 26.61
N ASP B 308 -0.54 83.82 27.66
CA ASP B 308 0.01 83.66 29.00
C ASP B 308 1.10 82.58 28.90
N PRO B 309 2.28 82.77 29.55
CA PRO B 309 3.37 81.79 29.44
C PRO B 309 2.95 80.37 29.77
N TYR B 310 1.91 80.24 30.63
CA TYR B 310 1.34 78.96 31.00
C TYR B 310 0.50 78.41 29.81
N VAL B 311 -0.31 79.28 29.17
CA VAL B 311 -1.18 78.90 28.03
C VAL B 311 -0.29 78.47 26.84
N ALA B 312 0.87 79.16 26.65
CA ALA B 312 1.85 78.83 25.64
C ALA B 312 2.31 77.38 25.84
N LEU B 313 2.51 76.96 27.11
CA LEU B 313 2.88 75.58 27.53
C LEU B 313 1.80 74.58 27.15
N ALA B 314 0.53 74.92 27.47
CA ALA B 314 -0.64 74.06 27.24
C ALA B 314 -0.81 73.75 25.77
N ALA B 315 -0.61 74.76 24.92
CA ALA B 315 -0.69 74.63 23.47
C ALA B 315 0.36 73.64 22.95
N LEU B 316 1.62 73.73 23.47
CA LEU B 316 2.76 72.88 23.12
C LEU B 316 2.46 71.44 23.40
N GLU B 317 1.73 71.18 24.51
CA GLU B 317 1.29 69.85 24.93
C GLU B 317 0.28 69.29 23.89
N VAL B 318 -0.74 70.07 23.51
CA VAL B 318 -1.78 69.70 22.51
C VAL B 318 -1.13 69.23 21.19
N TYR B 319 -0.13 70.00 20.75
CA TYR B 319 0.61 69.77 19.51
C TYR B 319 1.41 68.46 19.57
N VAL B 320 2.23 68.26 20.62
CA VAL B 320 3.07 67.04 20.80
C VAL B 320 2.19 65.78 20.82
N ARG B 321 1.09 65.80 21.60
CA ARG B 321 0.20 64.65 21.76
C ARG B 321 -0.49 64.29 20.44
N ARG B 322 -0.85 65.31 19.64
CA ARG B 322 -1.51 65.09 18.35
C ARG B 322 -0.54 64.52 17.32
N ALA B 323 0.67 65.09 17.18
CA ALA B 323 1.61 64.62 16.16
C ALA B 323 2.22 63.26 16.49
N TYR B 324 2.76 63.14 17.70
CA TYR B 324 3.45 61.94 18.13
C TYR B 324 2.43 60.96 18.80
N ARG B 325 1.39 60.62 17.98
CA ARG B 325 0.28 59.69 18.24
C ARG B 325 0.77 58.25 18.06
N ALA B 326 1.50 57.99 16.95
CA ALA B 326 2.09 56.69 16.59
C ALA B 326 3.14 56.30 17.60
N TYR B 327 3.86 57.31 18.11
CA TYR B 327 4.91 57.22 19.12
C TYR B 327 4.38 56.80 20.46
N ASN B 328 5.29 56.62 21.42
CA ASN B 328 4.99 56.28 22.80
C ASN B 328 5.24 57.49 23.69
N LEU B 329 4.29 57.76 24.60
CA LEU B 329 4.30 58.86 25.57
C LEU B 329 5.28 58.60 26.71
N ARG B 330 5.65 59.67 27.46
CA ARG B 330 6.50 59.59 28.66
C ARG B 330 6.39 60.87 29.49
N GLU B 331 7.47 61.19 30.23
CA GLU B 331 7.62 62.33 31.13
C GLU B 331 7.53 63.67 30.43
N VAL B 332 6.50 64.47 30.79
CA VAL B 332 6.35 65.85 30.31
C VAL B 332 6.98 66.75 31.39
N ARG B 333 8.06 67.47 31.03
CA ARG B 333 8.74 68.34 31.96
C ARG B 333 8.83 69.71 31.36
N TYR B 334 8.23 70.68 32.03
CA TYR B 334 8.32 72.04 31.54
C TYR B 334 9.28 72.79 32.44
N HIS B 335 10.30 73.39 31.82
CA HIS B 335 11.31 74.19 32.51
C HIS B 335 11.07 75.65 32.15
N ASP B 336 11.07 76.57 33.14
CA ASP B 336 10.79 77.96 32.80
C ASP B 336 12.07 78.75 32.79
N GLU B 337 12.66 78.90 31.61
CA GLU B 337 13.88 79.66 31.46
C GLU B 337 13.55 81.02 30.87
N GLU B 338 14.40 81.55 29.96
CA GLU B 338 14.21 82.87 29.37
C GLU B 338 12.98 82.89 28.46
N ARG B 339 12.93 81.98 27.50
CA ARG B 339 11.81 81.92 26.59
C ARG B 339 10.77 80.97 27.14
N PRO B 340 9.45 81.35 27.16
CA PRO B 340 8.43 80.39 27.62
C PRO B 340 8.19 79.37 26.51
N TYR B 341 9.13 78.37 26.44
CA TYR B 341 9.20 77.26 25.47
C TYR B 341 9.56 75.86 26.11
N PHE B 342 10.70 75.75 26.85
CA PHE B 342 11.39 74.54 27.35
C PHE B 342 10.50 73.36 27.82
N ILE B 343 10.17 72.49 26.86
CA ILE B 343 9.49 71.22 27.09
C ILE B 343 10.57 70.17 26.85
N ASP B 344 10.44 69.05 27.57
CA ASP B 344 11.38 67.92 27.51
C ASP B 344 10.57 66.59 27.40
N TRP B 345 10.22 66.12 26.14
CA TRP B 345 9.44 64.90 25.82
C TRP B 345 10.35 63.70 25.49
N ASP B 346 9.88 62.47 25.78
CA ASP B 346 10.68 61.28 25.55
C ASP B 346 9.85 60.22 24.81
N PHE B 347 10.36 59.67 23.69
CA PHE B 347 9.63 58.65 22.94
C PHE B 347 10.53 57.45 22.63
N VAL B 367 7.51 54.21 17.18
CA VAL B 367 8.26 53.42 18.14
C VAL B 367 7.69 52.01 18.35
N PRO B 368 6.36 51.71 18.20
CA PRO B 368 5.91 50.32 18.42
C PRO B 368 6.46 49.40 17.34
N SER B 369 6.59 49.93 16.10
CA SER B 369 7.18 49.39 14.87
C SER B 369 7.14 47.84 14.71
N SER B 370 5.96 47.32 14.33
CA SER B 370 5.58 45.92 14.04
C SER B 370 4.04 45.79 14.07
N PRO B 371 3.33 45.92 15.23
CA PRO B 371 1.86 45.83 15.18
C PRO B 371 1.18 47.18 14.92
N ALA B 372 1.97 48.28 14.89
CA ALA B 372 1.49 49.64 14.73
C ALA B 372 1.12 49.97 13.28
N THR B 373 1.29 51.26 12.92
CA THR B 373 1.03 51.92 11.65
C THR B 373 1.54 51.10 10.47
N PRO B 374 0.94 51.21 9.24
CA PRO B 374 1.42 50.41 8.11
C PRO B 374 2.86 50.75 7.68
N VAL B 375 3.81 50.13 8.39
CA VAL B 375 5.26 50.22 8.18
C VAL B 375 5.78 48.78 8.16
N GLU B 376 6.88 48.56 7.45
CA GLU B 376 7.41 47.21 7.32
C GLU B 376 8.67 47.08 8.14
N ASN B 377 8.74 45.96 8.87
CA ASN B 377 9.81 45.65 9.79
C ASN B 377 10.40 44.29 9.50
N ASP B 378 11.72 44.24 9.41
CA ASP B 378 12.51 43.04 9.16
C ASP B 378 13.37 42.76 10.39
N PHE B 379 13.28 41.51 10.90
CA PHE B 379 13.98 41.06 12.10
C PHE B 379 13.53 41.96 13.27
N LYS B 380 14.47 42.53 14.04
CA LYS B 380 14.18 43.41 15.15
C LYS B 380 14.78 44.78 14.84
N ARG B 381 13.92 45.77 14.60
CA ARG B 381 14.32 47.15 14.29
C ARG B 381 13.19 48.13 14.57
N ILE B 382 13.53 49.38 14.90
CA ILE B 382 12.57 50.47 15.14
C ILE B 382 13.14 51.72 14.48
N HIS B 383 12.37 52.31 13.54
CA HIS B 383 12.81 53.50 12.82
C HIS B 383 11.90 54.73 13.10
N SER B 384 12.40 55.95 12.77
CA SER B 384 11.75 57.27 12.92
C SER B 384 10.61 57.44 11.86
N ILE B 385 9.78 58.49 12.00
CA ILE B 385 8.65 58.79 11.09
C ILE B 385 9.16 59.35 9.74
N SER B 386 10.24 60.15 9.80
CA SER B 386 10.92 60.90 8.74
C SER B 386 12.08 60.08 8.11
N ASP B 387 12.97 59.60 8.98
CA ASP B 387 14.11 58.75 8.72
C ASP B 387 13.61 57.28 8.63
N MET B 388 13.40 56.73 7.42
CA MET B 388 12.98 55.33 7.31
C MET B 388 14.16 54.37 7.60
N THR B 389 15.38 54.94 7.80
CA THR B 389 16.66 54.27 8.15
C THR B 389 17.35 55.04 9.32
N TYR B 390 17.03 54.70 10.60
CA TYR B 390 17.62 55.34 11.79
C TYR B 390 18.81 54.53 12.28
N LEU B 391 18.54 53.43 13.00
CA LEU B 391 19.50 52.46 13.51
C LEU B 391 18.78 51.14 13.64
N ALA B 392 18.95 50.30 12.61
CA ALA B 392 18.30 49.02 12.40
C ALA B 392 18.84 47.93 13.31
N ARG B 393 20.16 47.98 13.64
CA ARG B 393 20.88 47.00 14.48
C ARG B 393 19.94 46.34 15.50
N ARG B 394 19.23 47.15 16.30
CA ARG B 394 18.21 46.84 17.32
C ARG B 394 18.00 48.06 18.19
N THR B 395 16.88 48.11 18.90
CA THR B 395 16.57 49.24 19.78
C THR B 395 16.67 48.84 21.24
N ARG B 396 17.41 47.74 21.54
CA ARG B 396 17.65 47.30 22.90
C ARG B 396 18.65 48.29 23.54
N ASP B 397 19.78 48.55 22.84
CA ASP B 397 20.83 49.46 23.27
C ASP B 397 20.83 50.70 22.36
N GLU B 398 19.94 51.66 22.65
CA GLU B 398 19.80 52.95 21.95
C GLU B 398 19.05 53.97 22.85
N PRO B 399 19.46 55.27 22.87
CA PRO B 399 18.81 56.22 23.77
C PRO B 399 17.43 56.69 23.31
N ILE B 400 16.59 57.10 24.28
CA ILE B 400 15.23 57.57 24.04
C ILE B 400 15.25 58.96 23.37
N ARG B 401 14.33 59.18 22.44
CA ARG B 401 14.20 60.47 21.77
C ARG B 401 13.60 61.50 22.69
N LYS B 402 13.94 62.77 22.48
CA LYS B 402 13.43 63.87 23.27
C LYS B 402 12.75 64.89 22.37
N GLY B 403 11.49 65.23 22.65
CA GLY B 403 10.68 66.17 21.90
C GLY B 403 10.76 67.57 22.47
N VAL B 404 11.13 68.54 21.63
CA VAL B 404 11.31 69.96 22.01
C VAL B 404 10.44 70.82 21.05
N ILE B 405 9.71 71.86 21.56
CA ILE B 405 8.87 72.78 20.73
C ILE B 405 9.08 74.27 21.17
N VAL B 406 9.70 75.10 20.28
CA VAL B 406 10.10 76.50 20.54
C VAL B 406 9.18 77.62 19.92
N PRO B 407 8.18 78.19 20.65
CA PRO B 407 7.43 79.32 20.06
C PRO B 407 8.20 80.63 20.10
N CYS B 408 8.35 81.30 18.95
CA CYS B 408 9.07 82.57 18.83
C CYS B 408 8.34 83.52 17.88
N LYS B 409 8.19 84.79 18.32
CA LYS B 409 7.45 85.85 17.61
C LYS B 409 8.05 86.24 16.27
N ASP B 410 9.38 86.35 16.20
CA ASP B 410 10.05 86.77 14.99
C ASP B 410 11.15 85.79 14.58
N LEU B 411 11.58 85.90 13.32
CA LEU B 411 12.60 85.08 12.67
C LEU B 411 14.01 85.39 13.22
N LEU B 412 14.30 86.68 13.52
CA LEU B 412 15.58 87.11 14.10
C LEU B 412 15.66 86.67 15.57
N ASP B 413 14.52 86.79 16.25
CA ASP B 413 14.21 86.44 17.64
C ASP B 413 14.40 84.94 17.90
N ALA B 414 14.12 84.11 16.88
CA ALA B 414 14.17 82.65 16.90
C ALA B 414 15.55 82.08 17.26
N GLU B 415 16.65 82.81 16.93
CA GLU B 415 18.05 82.41 17.20
C GLU B 415 18.31 82.26 18.72
N GLU B 416 17.71 83.13 19.56
CA GLU B 416 17.88 83.10 21.02
C GLU B 416 17.18 81.88 21.63
N ALA B 417 16.23 81.31 20.87
CA ALA B 417 15.48 80.12 21.24
C ALA B 417 16.10 78.88 20.63
N LEU B 418 17.38 78.98 20.28
CA LEU B 418 18.16 77.91 19.68
C LEU B 418 19.37 77.64 20.58
N SER B 419 20.28 78.63 20.67
CA SER B 419 21.51 78.58 21.47
C SER B 419 21.22 78.37 22.96
N ARG B 420 20.13 78.96 23.48
CA ARG B 420 19.73 78.82 24.87
C ARG B 420 18.90 77.58 25.07
N ALA B 421 18.12 77.22 24.04
CA ALA B 421 17.24 76.07 23.95
C ALA B 421 17.97 74.74 24.09
N LEU B 422 19.11 74.66 23.43
CA LEU B 422 19.96 73.48 23.34
C LEU B 422 20.62 73.11 24.66
N GLU B 423 20.75 74.06 25.58
CA GLU B 423 21.37 73.87 26.89
C GLU B 423 20.64 72.83 27.76
N VAL B 424 19.35 72.55 27.45
CA VAL B 424 18.52 71.60 28.20
C VAL B 424 18.43 70.27 27.38
N LEU B 425 19.60 69.77 26.96
CA LEU B 425 19.75 68.54 26.20
C LEU B 425 21.05 67.81 26.60
N PRO B 426 20.97 66.76 27.43
CA PRO B 426 22.21 66.06 27.83
C PRO B 426 22.72 65.12 26.74
N ALA B 467 17.10 62.24 19.05
CA ALA B 467 16.35 63.40 19.54
C ALA B 467 15.70 64.18 18.38
N VAL B 468 14.65 64.98 18.69
CA VAL B 468 13.88 65.82 17.74
C VAL B 468 13.53 67.21 18.35
N VAL B 469 13.73 68.29 17.57
CA VAL B 469 13.46 69.68 17.99
C VAL B 469 12.59 70.41 16.91
N ASN B 470 11.49 71.05 17.37
CA ASN B 470 10.53 71.82 16.55
C ASN B 470 10.60 73.32 16.98
N VAL B 471 10.57 74.29 16.02
CA VAL B 471 10.64 75.74 16.33
C VAL B 471 9.42 76.46 15.68
N ALA B 472 8.45 76.89 16.52
CA ALA B 472 7.22 77.55 16.09
C ALA B 472 7.38 79.04 15.87
N VAL B 473 6.68 79.58 14.86
CA VAL B 473 6.73 81.01 14.52
C VAL B 473 5.32 81.59 14.52
N ARG B 474 5.20 82.67 15.26
CA ARG B 474 3.98 83.42 15.47
C ARG B 474 3.78 84.37 14.35
N ASP B 475 4.88 84.85 13.71
CA ASP B 475 4.82 85.82 12.63
C ASP B 475 4.11 85.21 11.41
N ALA B 476 2.78 85.33 11.42
CA ALA B 476 1.87 84.87 10.38
C ALA B 476 1.93 85.84 9.20
N GLU B 477 2.71 86.91 9.39
CA GLU B 477 2.98 88.03 8.49
C GLU B 477 3.96 87.66 7.35
N GLY B 478 5.26 87.55 7.67
CA GLY B 478 6.36 87.31 6.76
C GLY B 478 6.58 85.88 6.36
N LYS B 479 6.06 85.51 5.19
CA LYS B 479 6.19 84.17 4.62
C LYS B 479 7.06 84.23 3.38
N ASN B 480 8.37 84.36 3.61
CA ASN B 480 9.34 84.43 2.54
C ASN B 480 9.54 83.04 1.91
N ASP B 481 10.16 83.00 0.73
CA ASP B 481 10.51 81.80 0.00
C ASP B 481 11.89 82.06 -0.58
N GLU B 482 12.86 81.17 -0.29
CA GLU B 482 14.28 81.29 -0.64
C GLU B 482 14.92 82.30 0.32
N GLU B 483 14.22 83.42 0.59
CA GLU B 483 14.66 84.48 1.49
C GLU B 483 14.36 84.09 2.94
N ILE B 484 13.51 83.08 3.13
CA ILE B 484 13.22 82.50 4.43
C ILE B 484 14.22 81.40 4.64
N LEU B 485 14.70 80.82 3.52
CA LEU B 485 15.68 79.75 3.48
C LEU B 485 17.09 80.30 3.71
N ALA B 486 17.29 81.59 3.38
CA ALA B 486 18.55 82.31 3.57
C ALA B 486 18.54 83.04 4.92
N LEU B 487 17.44 82.89 5.65
CA LEU B 487 17.20 83.50 6.96
C LEU B 487 17.22 82.45 8.07
N ILE B 488 17.18 81.15 7.70
CA ILE B 488 17.18 80.03 8.66
C ILE B 488 18.51 79.27 8.58
N LYS B 489 19.19 79.37 7.43
CA LYS B 489 20.49 78.74 7.21
C LYS B 489 21.61 79.44 7.99
N PRO B 490 21.63 80.79 8.24
CA PRO B 490 22.73 81.35 9.03
C PRO B 490 22.71 80.92 10.49
N TRP B 491 21.53 80.51 11.02
CA TRP B 491 21.42 80.05 12.39
C TRP B 491 21.89 78.60 12.54
N VAL B 492 21.80 77.79 11.47
CA VAL B 492 22.17 76.36 11.48
C VAL B 492 23.67 76.17 11.16
N GLN B 493 24.26 77.05 10.31
CA GLN B 493 25.67 76.94 9.96
C GLN B 493 26.56 77.44 11.12
N ASN B 494 26.05 78.40 11.92
CA ASN B 494 26.73 78.96 13.08
C ASN B 494 26.79 77.94 14.22
N SER B 495 25.66 77.26 14.43
CA SER B 495 25.54 76.24 15.46
C SER B 495 25.68 74.85 14.82
N LYS B 496 26.69 74.69 13.95
CA LYS B 496 26.97 73.44 13.24
C LYS B 496 27.54 72.38 14.17
N ALA B 497 28.13 72.81 15.31
CA ALA B 497 28.74 71.95 16.31
C ALA B 497 27.88 71.86 17.57
N ASP B 498 27.00 72.84 17.76
CA ASP B 498 26.09 72.94 18.89
C ASP B 498 24.99 71.87 18.79
N LEU B 499 24.32 71.76 17.61
CA LEU B 499 23.26 70.78 17.32
C LEU B 499 23.83 69.38 17.16
N LEU B 500 25.08 69.32 16.71
CA LEU B 500 25.84 68.11 16.47
C LEU B 500 26.21 67.40 17.79
N ALA B 501 26.67 68.17 18.80
CA ALA B 501 27.10 67.67 20.11
C ALA B 501 25.98 66.99 20.90
N ARG B 502 24.76 67.53 20.85
CA ARG B 502 23.61 66.99 21.60
C ARG B 502 23.01 65.72 20.93
N ARG B 503 23.49 65.37 19.70
CA ARG B 503 23.10 64.19 18.90
C ARG B 503 21.62 64.19 18.45
N VAL B 504 21.09 65.37 18.11
CA VAL B 504 19.71 65.53 17.64
C VAL B 504 19.71 65.32 16.12
N ARG B 505 18.78 64.45 15.62
CA ARG B 505 18.67 64.13 14.19
C ARG B 505 17.88 65.18 13.38
N ARG B 506 16.61 65.50 13.80
CA ARG B 506 15.72 66.43 13.11
C ARG B 506 15.56 67.79 13.79
N LEU B 507 15.47 68.87 12.98
CA LEU B 507 15.23 70.27 13.38
C LEU B 507 14.13 70.84 12.45
N THR B 508 12.86 70.82 12.91
CA THR B 508 11.68 71.29 12.17
C THR B 508 11.41 72.80 12.51
N PHE B 509 10.64 73.52 11.64
CA PHE B 509 10.25 74.92 11.80
C PHE B 509 8.81 75.11 11.37
N ILE B 510 7.94 75.57 12.30
CA ILE B 510 6.52 75.78 12.02
C ILE B 510 6.26 77.26 11.74
N CYS B 511 5.51 77.55 10.69
CA CYS B 511 5.13 78.92 10.35
C CYS B 511 3.66 78.96 9.97
N GLY B 512 2.79 79.20 10.95
CA GLY B 512 1.34 79.23 10.76
C GLY B 512 0.78 80.59 10.41
N ARG B 513 -0.28 80.59 9.61
CA ARG B 513 -0.94 81.79 9.13
C ARG B 513 -2.29 81.96 9.76
N ASN B 514 -2.59 83.19 10.12
CA ASN B 514 -3.81 83.64 10.79
C ASN B 514 -5.11 83.60 9.92
N ASP B 515 -5.02 83.10 8.67
CA ASP B 515 -6.19 83.06 7.79
C ASP B 515 -6.72 81.65 7.53
N GLY B 516 -6.05 80.65 8.10
CA GLY B 516 -6.42 79.26 7.90
C GLY B 516 -5.48 78.50 7.00
N SER B 517 -4.43 79.18 6.49
CA SER B 517 -3.46 78.57 5.61
C SER B 517 -2.47 77.70 6.42
N TYR B 518 -2.35 76.41 6.01
CA TYR B 518 -1.51 75.37 6.63
C TYR B 518 -0.09 75.83 6.87
N PRO B 519 0.50 75.47 8.03
CA PRO B 519 1.86 75.94 8.33
C PRO B 519 2.93 75.45 7.36
N SER B 520 4.04 76.21 7.30
CA SER B 520 5.20 75.96 6.44
C SER B 520 6.36 75.40 7.27
N TYR B 521 6.75 74.13 6.98
CA TYR B 521 7.80 73.38 7.69
C TYR B 521 9.09 73.27 6.89
N TYR B 522 10.20 73.43 7.60
CA TYR B 522 11.55 73.37 7.06
C TYR B 522 12.34 72.44 7.98
N THR B 523 12.84 71.32 7.44
CA THR B 523 13.52 70.35 8.30
C THR B 523 14.99 70.15 7.87
N PHE B 524 15.89 70.18 8.89
CA PHE B 524 17.34 69.99 8.79
C PHE B 524 17.72 68.63 9.40
N ARG B 525 18.34 67.73 8.60
CA ARG B 525 18.68 66.38 9.03
C ARG B 525 20.08 65.96 8.56
N GLY B 526 20.66 65.03 9.30
CA GLY B 526 21.97 64.46 8.99
C GLY B 526 23.08 64.96 9.90
N PRO B 527 24.33 64.98 9.41
CA PRO B 527 25.44 65.41 10.25
C PRO B 527 25.65 66.93 10.25
N ASP B 528 25.70 67.55 9.05
CA ASP B 528 25.88 68.99 8.87
C ASP B 528 24.54 69.70 8.78
N TYR B 529 23.44 68.90 8.65
CA TYR B 529 22.05 69.33 8.56
C TYR B 529 21.89 70.19 7.30
N ALA B 530 22.03 69.52 6.14
CA ALA B 530 21.97 70.13 4.81
C ALA B 530 20.56 70.56 4.37
N GLU B 531 19.52 70.20 5.16
CA GLU B 531 18.10 70.48 4.92
C GLU B 531 17.59 69.61 3.79
N ASP B 532 16.78 68.61 4.13
CA ASP B 532 16.19 67.73 3.13
C ASP B 532 14.96 68.43 2.56
N ASP B 533 15.03 68.73 1.27
CA ASP B 533 13.94 69.39 0.55
C ASP B 533 12.74 68.44 0.41
N SER B 534 12.98 67.12 0.55
CA SER B 534 11.98 66.06 0.48
C SER B 534 10.83 66.34 1.43
N ILE B 535 11.15 66.60 2.71
CA ILE B 535 10.13 66.92 3.70
C ILE B 535 10.08 68.43 3.86
N ARG B 536 8.98 69.02 3.41
CA ARG B 536 8.67 70.45 3.45
C ARG B 536 7.17 70.63 3.62
N HIS B 537 6.73 71.73 4.27
CA HIS B 537 5.33 72.12 4.54
C HIS B 537 4.50 70.97 5.21
N ILE B 538 5.19 69.95 5.78
CA ILE B 538 4.55 68.80 6.44
C ILE B 538 5.23 68.47 7.79
N GLU B 539 4.39 68.03 8.73
CA GLU B 539 4.71 67.71 10.11
C GLU B 539 5.53 66.43 10.26
N PRO B 540 6.36 66.31 11.32
CA PRO B 540 7.06 65.05 11.56
C PRO B 540 6.13 63.87 11.45
N SER B 541 5.03 63.85 12.22
CA SER B 541 4.07 62.75 12.16
C SER B 541 3.46 62.61 10.80
N LEU B 542 3.22 63.75 10.13
CA LEU B 542 2.62 63.79 8.80
C LEU B 542 3.59 63.14 7.82
N ALA B 543 4.88 63.01 8.20
CA ALA B 543 5.90 62.38 7.36
C ALA B 543 5.53 60.94 6.99
N PHE B 544 4.86 60.19 7.90
CA PHE B 544 4.48 58.81 7.54
C PHE B 544 3.43 58.82 6.44
N GLN B 545 2.36 59.60 6.67
CA GLN B 545 1.19 59.70 5.81
C GLN B 545 1.62 59.96 4.35
N LEU B 546 2.57 60.89 4.12
CA LEU B 546 3.11 61.24 2.79
C LEU B 546 4.14 60.19 2.29
N GLU B 547 4.34 59.12 3.08
CA GLU B 547 5.24 58.00 2.84
C GLU B 547 6.69 58.46 2.60
N LEU B 548 7.15 58.57 1.32
CA LEU B 548 8.53 58.90 0.89
C LEU B 548 9.35 57.60 0.76
N GLY B 549 8.88 56.54 1.42
CA GLY B 549 9.50 55.22 1.45
C GLY B 549 9.09 54.32 0.30
N ARG B 550 8.18 54.83 -0.53
CA ARG B 550 7.69 54.14 -1.73
C ARG B 550 8.43 54.67 -2.96
N LEU B 551 9.44 55.52 -2.70
CA LEU B 551 10.28 56.17 -3.68
C LEU B 551 11.73 56.14 -3.19
N SER B 552 12.15 54.97 -2.73
CA SER B 552 13.51 54.77 -2.23
C SER B 552 14.45 54.79 -3.41
N LYS B 553 14.06 54.05 -4.48
CA LYS B 553 14.77 53.86 -5.75
C LYS B 553 14.64 55.11 -6.64
N PHE B 554 14.64 56.29 -6.02
CA PHE B 554 14.57 57.53 -6.76
C PHE B 554 15.32 58.63 -6.06
N LYS B 555 15.93 59.51 -6.84
CA LYS B 555 16.63 60.68 -6.34
C LYS B 555 15.69 61.84 -6.55
N LEU B 556 15.05 62.18 -5.44
CA LEU B 556 14.01 63.18 -5.37
C LEU B 556 14.56 64.58 -5.23
N THR B 557 13.93 65.48 -5.95
CA THR B 557 14.18 66.91 -5.95
C THR B 557 12.78 67.51 -6.08
N PRO B 558 12.20 68.03 -4.97
CA PRO B 558 10.83 68.56 -5.03
C PRO B 558 10.72 69.85 -5.80
N VAL B 559 9.48 70.28 -6.08
CA VAL B 559 9.21 71.51 -6.82
C VAL B 559 8.10 72.30 -6.09
N PHE B 560 8.14 73.66 -6.24
CA PHE B 560 7.20 74.60 -5.62
C PHE B 560 5.73 74.27 -5.95
N THR B 561 4.92 74.31 -4.91
CA THR B 561 3.49 74.09 -4.95
C THR B 561 2.79 75.30 -4.33
N GLN B 562 1.81 75.86 -5.06
CA GLN B 562 1.01 77.01 -4.64
C GLN B 562 0.18 76.63 -3.40
N ASN B 563 -0.35 75.39 -3.38
CA ASN B 563 -1.10 74.79 -2.28
C ASN B 563 -0.08 74.05 -1.40
N LYS B 564 -0.01 74.42 -0.09
CA LYS B 564 0.95 73.85 0.85
C LYS B 564 0.66 72.36 1.23
N ASN B 565 -0.59 71.87 0.98
CA ASN B 565 -1.02 70.48 1.25
C ASN B 565 -0.34 69.47 0.31
N ILE B 566 -0.19 69.86 -0.97
CA ILE B 566 0.37 69.04 -2.06
C ILE B 566 1.90 69.26 -2.22
N HIS B 567 2.62 68.17 -2.57
CA HIS B 567 4.06 68.16 -2.81
C HIS B 567 4.37 67.35 -4.05
N VAL B 568 5.10 67.96 -4.98
CA VAL B 568 5.49 67.31 -6.23
C VAL B 568 6.99 67.17 -6.27
N TYR B 569 7.48 66.00 -6.67
CA TYR B 569 8.89 65.67 -6.71
C TYR B 569 9.32 65.25 -8.09
N GLU B 570 10.50 65.70 -8.50
CA GLU B 570 11.08 65.30 -9.77
C GLU B 570 11.92 64.06 -9.48
N ALA B 571 11.30 62.90 -9.62
CA ALA B 571 11.96 61.63 -9.36
C ALA B 571 12.65 61.14 -10.61
N VAL B 572 13.89 60.70 -10.41
CA VAL B 572 14.72 60.15 -11.45
C VAL B 572 15.22 58.83 -10.91
N GLY B 573 15.17 57.76 -11.72
CA GLY B 573 15.69 56.47 -11.31
C GLY B 573 17.14 56.64 -10.92
N ARG B 574 17.51 56.31 -9.67
CA ARG B 574 18.86 56.49 -9.11
C ARG B 574 19.95 55.86 -10.00
N GLY B 575 19.70 54.65 -10.47
CA GLY B 575 20.57 53.95 -11.40
C GLY B 575 20.28 54.35 -12.83
N VAL B 576 19.12 53.86 -13.36
CA VAL B 576 18.62 54.11 -14.73
C VAL B 576 18.23 55.61 -14.84
N GLU B 577 19.04 56.39 -15.61
CA GLU B 577 18.90 57.85 -15.77
C GLU B 577 17.76 58.28 -16.72
N THR B 578 17.40 57.44 -17.73
CA THR B 578 16.34 57.72 -18.74
C THR B 578 14.98 57.89 -18.05
N ASP B 579 14.81 57.11 -16.97
CA ASP B 579 13.63 57.11 -16.14
C ASP B 579 13.50 58.45 -15.44
N ARG B 580 12.56 59.25 -15.90
CA ARG B 580 12.29 60.59 -15.39
C ARG B 580 10.79 60.67 -15.15
N ARG B 581 10.35 60.81 -13.86
CA ARG B 581 8.92 60.83 -13.51
C ARG B 581 8.57 61.88 -12.44
N TYR B 582 7.33 62.43 -12.48
CA TYR B 582 6.82 63.38 -11.50
C TYR B 582 5.80 62.67 -10.60
N PHE B 583 6.17 62.49 -9.32
CA PHE B 583 5.32 61.84 -8.34
C PHE B 583 4.74 62.87 -7.41
N THR B 584 3.43 62.82 -7.25
CA THR B 584 2.70 63.76 -6.41
C THR B 584 2.28 63.08 -5.16
N ARG B 585 2.44 63.79 -4.05
CA ARG B 585 2.09 63.28 -2.74
C ARG B 585 1.31 64.33 -1.96
N ALA B 586 0.04 64.02 -1.69
CA ALA B 586 -0.86 64.93 -1.00
C ALA B 586 -1.49 64.32 0.25
N VAL B 587 -1.59 65.16 1.28
CA VAL B 587 -2.18 64.81 2.57
C VAL B 587 -3.41 65.67 2.81
N VAL B 588 -4.60 65.05 2.77
CA VAL B 588 -5.84 65.77 3.02
C VAL B 588 -6.18 65.63 4.52
N ARG B 589 -6.18 66.79 5.20
CA ARG B 589 -6.56 66.93 6.60
C ARG B 589 -8.01 67.54 6.60
N PRO B 590 -8.97 67.06 7.45
CA PRO B 590 -10.35 67.57 7.33
C PRO B 590 -10.66 68.84 8.13
N GLY B 591 -11.68 69.55 7.67
CA GLY B 591 -12.15 70.76 8.32
C GLY B 591 -13.19 70.47 9.37
N ARG B 592 -13.14 71.25 10.46
CA ARG B 592 -14.07 71.20 11.60
C ARG B 592 -15.52 71.59 11.24
N LEU B 593 -16.51 71.03 11.99
CA LEU B 593 -17.96 71.30 11.92
C LEU B 593 -18.53 71.12 10.49
N ALA B 600 -21.64 61.18 2.67
CA ALA B 600 -20.93 60.22 1.82
C ALA B 600 -20.53 60.85 0.49
N GLU B 601 -21.33 61.83 0.04
CA GLU B 601 -21.13 62.61 -1.19
C GLU B 601 -20.06 63.68 -1.00
N TYR B 602 -19.67 63.93 0.27
CA TYR B 602 -18.71 64.94 0.64
C TYR B 602 -17.28 64.55 0.22
N LEU B 603 -16.83 63.32 0.55
CA LEU B 603 -15.49 62.79 0.24
C LEU B 603 -15.22 62.67 -1.27
N ILE B 604 -16.23 62.25 -2.07
CA ILE B 604 -16.08 62.08 -3.52
C ILE B 604 -15.95 63.48 -4.18
N SER B 605 -16.64 64.52 -3.60
CA SER B 605 -16.56 65.93 -4.04
C SER B 605 -15.24 66.56 -3.56
N GLU B 606 -14.71 66.07 -2.42
CA GLU B 606 -13.43 66.50 -1.84
C GLU B 606 -12.27 65.97 -2.71
N ALA B 607 -12.44 64.76 -3.30
CA ALA B 607 -11.48 64.10 -4.20
C ALA B 607 -11.29 64.94 -5.48
N ASP B 608 -12.38 65.53 -5.98
CA ASP B 608 -12.42 66.39 -7.16
C ASP B 608 -11.63 67.68 -6.94
N ARG B 609 -11.76 68.31 -5.75
CA ARG B 609 -11.07 69.55 -5.35
C ARG B 609 -9.54 69.33 -5.25
N VAL B 610 -9.11 68.23 -4.63
CA VAL B 610 -7.69 67.95 -4.41
C VAL B 610 -7.02 67.43 -5.74
N VAL B 611 -7.73 66.64 -6.60
CA VAL B 611 -7.16 66.16 -7.86
C VAL B 611 -7.05 67.33 -8.86
N ASN B 612 -7.99 68.28 -8.79
CA ASN B 612 -7.96 69.47 -9.64
C ASN B 612 -6.75 70.36 -9.24
N ASP B 613 -6.47 70.49 -7.91
CA ASP B 613 -5.34 71.25 -7.32
C ASP B 613 -4.01 70.74 -7.88
N ILE B 614 -3.91 69.40 -7.98
CA ILE B 614 -2.74 68.69 -8.49
C ILE B 614 -2.64 68.91 -10.01
N PHE B 615 -3.76 68.83 -10.75
CA PHE B 615 -3.83 69.02 -12.19
C PHE B 615 -3.38 70.41 -12.60
N ASP B 616 -3.75 71.42 -11.80
CA ASP B 616 -3.37 72.81 -12.03
C ASP B 616 -1.90 73.04 -11.67
N ALA B 617 -1.37 72.30 -10.69
CA ALA B 617 0.02 72.45 -10.29
C ALA B 617 0.93 71.74 -11.30
N LEU B 618 0.46 70.60 -11.84
CA LEU B 618 1.20 69.84 -12.85
C LEU B 618 1.23 70.58 -14.17
N GLU B 619 0.26 71.47 -14.36
CA GLU B 619 0.12 72.31 -15.53
C GLU B 619 1.27 73.35 -15.56
N ILE B 620 1.50 74.06 -14.42
CA ILE B 620 2.52 75.11 -14.28
C ILE B 620 3.95 74.54 -14.33
N ILE B 621 4.15 73.35 -13.75
CA ILE B 621 5.46 72.69 -13.77
C ILE B 621 5.64 72.06 -15.17
N GLY B 622 4.52 71.76 -15.83
CA GLY B 622 4.49 71.19 -17.17
C GLY B 622 4.63 69.69 -17.19
N THR B 623 4.22 69.09 -18.32
CA THR B 623 4.30 67.65 -18.54
C THR B 623 5.77 67.24 -18.80
N ASN B 624 6.58 68.16 -19.42
CA ASN B 624 8.00 68.02 -19.78
C ASN B 624 8.27 66.71 -20.55
N LYS B 625 9.18 65.85 -20.03
CA LYS B 625 9.50 64.55 -20.60
C LYS B 625 9.42 63.51 -19.48
N THR B 626 8.24 62.87 -19.33
CA THR B 626 7.95 61.87 -18.30
C THR B 626 7.37 60.58 -18.90
N ASP B 627 7.95 59.43 -18.52
CA ASP B 627 7.53 58.10 -18.95
C ASP B 627 6.18 57.74 -18.27
N LEU B 628 6.08 57.95 -16.95
CA LEU B 628 4.90 57.71 -16.12
C LEU B 628 4.76 58.78 -15.07
N ASN B 629 3.57 58.93 -14.52
CA ASN B 629 3.34 59.89 -13.47
C ASN B 629 2.34 59.32 -12.52
N HIS B 630 2.54 59.58 -11.23
CA HIS B 630 1.69 59.07 -10.17
C HIS B 630 1.36 60.14 -9.15
N MET B 631 0.22 60.00 -8.48
CA MET B 631 -0.25 60.90 -7.43
C MET B 631 -0.93 60.13 -6.32
N PHE B 632 -0.53 60.42 -5.08
CA PHE B 632 -1.06 59.77 -3.89
C PHE B 632 -1.82 60.76 -3.02
N ILE B 633 -3.00 60.34 -2.52
CA ILE B 633 -3.89 61.16 -1.71
C ILE B 633 -4.28 60.41 -0.44
N ASN B 634 -3.70 60.85 0.69
CA ASN B 634 -3.87 60.24 2.01
C ASN B 634 -4.94 60.96 2.84
N PHE B 635 -6.00 60.22 3.25
CA PHE B 635 -7.08 60.70 4.11
C PHE B 635 -6.84 60.36 5.57
N SER B 636 -6.72 61.42 6.39
CA SER B 636 -6.63 61.31 7.84
C SER B 636 -8.08 61.14 8.33
N HIS B 637 -9.08 61.35 7.41
CA HIS B 637 -10.51 61.26 7.68
C HIS B 637 -11.11 59.87 7.43
N THR B 638 -11.75 59.40 8.50
CA THR B 638 -12.40 58.11 8.63
C THR B 638 -13.91 58.24 8.38
N PHE B 639 -14.32 58.86 7.24
CA PHE B 639 -15.75 59.01 6.94
C PHE B 639 -16.35 57.64 6.57
N GLN B 640 -17.53 57.30 7.14
CA GLN B 640 -18.25 56.02 6.99
C GLN B 640 -18.41 55.64 5.51
N VAL B 641 -17.60 54.66 5.09
CA VAL B 641 -17.50 54.17 3.72
C VAL B 641 -17.94 52.71 3.59
N THR B 642 -18.63 52.44 2.49
CA THR B 642 -19.05 51.12 2.02
C THR B 642 -18.56 51.10 0.59
N ALA B 643 -17.37 50.55 0.39
CA ALA B 643 -16.62 50.50 -0.86
C ALA B 643 -17.44 50.13 -2.11
N ASP B 644 -18.40 49.18 -2.00
CA ASP B 644 -19.23 48.73 -3.13
C ASP B 644 -19.98 49.91 -3.77
N GLU B 645 -20.28 50.93 -2.96
CA GLU B 645 -20.93 52.18 -3.37
C GLU B 645 -19.90 53.16 -3.94
N VAL B 646 -18.69 53.21 -3.35
CA VAL B 646 -17.65 54.15 -3.76
C VAL B 646 -17.12 53.79 -5.16
N ALA B 647 -17.21 52.48 -5.53
CA ALA B 647 -16.78 51.95 -6.83
C ALA B 647 -17.51 52.62 -7.99
N GLU B 648 -18.84 52.78 -7.86
CA GLU B 648 -19.63 53.42 -8.90
C GLU B 648 -19.39 54.95 -8.91
N SER B 649 -19.21 55.61 -7.71
CA SER B 649 -18.94 57.06 -7.57
C SER B 649 -17.57 57.42 -8.15
N LEU B 650 -16.65 56.46 -8.10
CA LEU B 650 -15.30 56.56 -8.63
C LEU B 650 -15.36 56.68 -10.17
N GLN B 651 -16.13 55.78 -10.83
CA GLN B 651 -16.34 55.69 -12.29
C GLN B 651 -16.76 57.04 -12.89
N GLY B 652 -17.62 57.76 -12.16
CA GLY B 652 -18.15 59.05 -12.56
C GLY B 652 -17.13 60.14 -12.81
N PHE B 653 -16.27 60.46 -11.82
CA PHE B 653 -15.30 61.55 -11.96
C PHE B 653 -14.03 61.18 -12.72
N LEU B 654 -13.68 59.88 -12.83
CA LEU B 654 -12.47 59.50 -13.54
C LEU B 654 -12.57 59.71 -15.06
N ASP B 655 -13.78 59.59 -15.64
CA ASP B 655 -13.93 59.77 -17.09
C ASP B 655 -13.81 61.25 -17.48
N ARG B 656 -13.98 62.18 -16.51
CA ARG B 656 -13.87 63.63 -16.73
C ARG B 656 -12.42 64.09 -16.56
N PHE B 657 -11.74 63.67 -15.46
CA PHE B 657 -10.36 64.04 -15.16
C PHE B 657 -9.36 63.30 -16.05
N GLY B 658 -9.70 62.06 -16.43
CA GLY B 658 -8.90 61.19 -17.30
C GLY B 658 -8.19 61.85 -18.47
N PRO B 659 -8.93 62.52 -19.40
CA PRO B 659 -8.26 63.18 -20.53
C PRO B 659 -7.19 64.21 -20.12
N ARG B 660 -7.45 65.02 -19.05
CA ARG B 660 -6.51 66.01 -18.53
C ARG B 660 -5.27 65.34 -17.96
N GLY B 661 -5.49 64.28 -17.20
CA GLY B 661 -4.42 63.48 -16.61
C GLY B 661 -3.61 62.76 -17.66
N TRP B 662 -4.23 62.48 -18.81
CA TRP B 662 -3.60 61.83 -19.94
C TRP B 662 -2.62 62.77 -20.67
N ARG B 663 -2.88 64.08 -20.63
CA ARG B 663 -2.01 65.08 -21.26
C ARG B 663 -0.73 65.28 -20.43
N LEU B 664 -0.89 65.32 -19.09
CA LEU B 664 0.20 65.50 -18.12
C LEU B 664 1.12 64.27 -18.04
N ARG B 665 0.71 63.17 -18.72
CA ARG B 665 1.36 61.87 -18.85
C ARG B 665 1.24 61.03 -17.55
N VAL B 666 0.15 61.26 -16.80
CA VAL B 666 -0.14 60.55 -15.55
C VAL B 666 -0.66 59.16 -15.88
N HIS B 667 -0.02 58.14 -15.33
CA HIS B 667 -0.45 56.78 -15.58
C HIS B 667 -1.35 56.22 -14.48
N GLN B 668 -1.08 56.53 -13.19
CA GLN B 668 -1.93 55.99 -12.11
C GLN B 668 -2.13 56.96 -10.95
N VAL B 669 -3.15 56.65 -10.11
CA VAL B 669 -3.57 57.43 -8.95
C VAL B 669 -3.97 56.50 -7.81
N GLU B 670 -3.51 56.84 -6.60
CA GLU B 670 -3.80 56.04 -5.43
C GLU B 670 -4.42 56.84 -4.31
N ILE B 671 -5.54 56.36 -3.79
CA ILE B 671 -6.27 57.00 -2.69
C ILE B 671 -6.35 56.09 -1.50
N ARG B 672 -6.17 56.65 -0.30
CA ARG B 672 -6.21 55.92 0.97
C ARG B 672 -7.32 56.49 1.88
N ILE B 673 -8.47 55.83 1.91
CA ILE B 673 -9.63 56.23 2.73
C ILE B 673 -9.90 55.21 3.83
N ASN B 674 -10.46 55.65 4.95
CA ASN B 674 -10.78 54.76 6.07
C ASN B 674 -12.30 54.55 6.13
N CYS B 675 -12.76 53.29 6.38
CA CYS B 675 -14.20 53.00 6.45
C CYS B 675 -14.62 52.59 7.86
N MET B 676 -15.34 53.50 8.54
CA MET B 676 -15.85 53.27 9.89
C MET B 676 -17.01 52.25 9.84
N ARG B 677 -17.95 52.42 8.87
CA ARG B 677 -19.11 51.54 8.71
C ARG B 677 -18.71 50.16 8.23
N SER B 678 -18.93 49.19 9.14
CA SER B 678 -18.70 47.75 9.03
C SER B 678 -19.34 47.02 10.23
N GLU B 683 -17.20 54.81 18.28
CA GLU B 683 -17.35 54.71 16.82
C GLU B 683 -17.50 53.24 16.40
N ASN B 684 -16.89 52.89 15.26
CA ASN B 684 -16.80 51.54 14.70
C ASN B 684 -15.36 51.37 14.19
N ASP B 685 -14.90 50.12 14.00
CA ASP B 685 -13.53 49.79 13.55
C ASP B 685 -13.28 50.25 12.11
N THR B 686 -12.28 51.14 11.92
CA THR B 686 -11.97 51.75 10.62
C THR B 686 -11.05 50.84 9.79
N MET B 687 -11.63 50.21 8.76
CA MET B 687 -10.90 49.34 7.84
C MET B 687 -10.37 50.23 6.70
N PRO B 688 -9.03 50.50 6.62
CA PRO B 688 -8.51 51.39 5.56
C PRO B 688 -8.49 50.69 4.19
N LEU B 689 -9.06 51.34 3.16
CA LEU B 689 -9.19 50.78 1.81
C LEU B 689 -8.50 51.64 0.73
N ARG B 690 -7.37 51.14 0.22
CA ARG B 690 -6.60 51.80 -0.83
C ARG B 690 -7.28 51.53 -2.18
N VAL B 691 -7.09 52.42 -3.17
CA VAL B 691 -7.66 52.24 -4.50
C VAL B 691 -6.75 52.85 -5.57
N ILE B 692 -6.35 52.02 -6.53
CA ILE B 692 -5.46 52.42 -7.61
C ILE B 692 -6.21 52.38 -8.91
N ILE B 693 -6.04 53.42 -9.68
CA ILE B 693 -6.70 53.52 -10.96
C ILE B 693 -5.66 53.88 -11.97
N THR B 694 -5.36 52.91 -12.82
CA THR B 694 -4.31 53.06 -13.82
C THR B 694 -4.92 53.26 -15.18
N ASN B 695 -4.12 53.74 -16.14
CA ASN B 695 -4.49 54.02 -17.52
C ASN B 695 -3.60 53.19 -18.47
N THR B 696 -3.77 51.85 -18.43
CA THR B 696 -2.95 50.88 -19.17
C THR B 696 -3.51 50.58 -20.59
N SER B 697 -2.61 50.46 -21.59
CA SER B 697 -2.88 50.24 -23.04
C SER B 697 -3.64 51.43 -23.63
N GLY B 698 -3.75 52.47 -22.82
CA GLY B 698 -4.51 53.66 -23.14
C GLY B 698 -5.94 53.53 -22.64
N PHE B 699 -6.30 52.36 -22.07
CA PHE B 699 -7.66 52.10 -21.55
C PHE B 699 -7.58 51.89 -20.04
N VAL B 700 -8.13 52.84 -19.22
CA VAL B 700 -8.09 52.81 -17.76
C VAL B 700 -8.61 51.45 -17.24
N ILE B 701 -9.96 51.28 -17.20
CA ILE B 701 -10.77 50.11 -16.75
C ILE B 701 -10.18 49.47 -15.44
N GLN B 702 -9.31 50.21 -14.72
CA GLN B 702 -8.64 49.73 -13.53
C GLN B 702 -9.19 50.36 -12.31
N ILE B 703 -10.26 49.76 -11.82
CA ILE B 703 -10.95 50.16 -10.63
C ILE B 703 -10.64 49.09 -9.61
N GLU B 704 -9.53 49.27 -8.91
CA GLU B 704 -9.10 48.23 -7.99
C GLU B 704 -9.33 48.66 -6.55
N LEU B 705 -10.25 47.94 -5.89
CA LEU B 705 -10.65 48.20 -4.52
C LEU B 705 -9.95 47.24 -3.60
N TYR B 706 -8.92 47.74 -2.92
CA TYR B 706 -8.07 46.98 -2.02
C TYR B 706 -8.54 47.05 -0.59
N GLU B 707 -7.84 46.29 0.28
CA GLU B 707 -8.07 46.19 1.71
C GLU B 707 -6.72 46.05 2.43
N GLU B 708 -6.40 47.01 3.34
CA GLU B 708 -5.16 47.06 4.13
C GLU B 708 -5.22 46.03 5.25
N LYS B 709 -4.55 44.88 5.06
CA LYS B 709 -4.53 43.82 6.08
C LYS B 709 -3.12 43.30 6.31
N LEU B 710 -2.83 42.89 7.55
CA LEU B 710 -1.52 42.35 7.95
C LEU B 710 -1.41 40.86 7.61
N SER B 711 -0.27 40.48 7.03
CA SER B 711 0.09 39.13 6.62
C SER B 711 0.35 38.16 7.76
N GLU B 712 0.29 38.64 9.02
CA GLU B 712 0.56 37.91 10.27
C GLU B 712 2.06 37.83 10.51
N LYS B 713 2.85 38.29 9.55
CA LYS B 713 4.30 38.33 9.62
C LYS B 713 4.81 39.70 10.13
N GLY B 714 3.90 40.61 10.48
CA GLY B 714 4.24 41.94 11.00
C GLY B 714 4.39 43.00 9.92
N GLU B 715 3.90 42.70 8.70
CA GLU B 715 3.94 43.55 7.51
C GLU B 715 2.51 43.76 6.95
N TRP B 716 2.24 44.90 6.27
CA TRP B 716 0.93 45.26 5.70
C TRP B 716 0.81 45.02 4.18
N VAL B 717 -0.20 44.20 3.75
CA VAL B 717 -0.36 43.87 2.33
C VAL B 717 -1.67 44.36 1.69
N TYR B 718 -1.70 44.26 0.35
CA TYR B 718 -2.73 44.71 -0.57
C TYR B 718 -3.70 43.57 -0.97
N TYR B 719 -4.74 43.31 -0.15
CA TYR B 719 -5.74 42.27 -0.45
C TYR B 719 -6.94 42.93 -1.16
N TYR B 720 -7.09 42.72 -2.49
CA TYR B 720 -8.19 43.38 -3.21
C TYR B 720 -9.46 42.54 -3.31
N VAL B 721 -10.58 43.24 -3.13
CA VAL B 721 -11.96 42.78 -3.27
C VAL B 721 -12.60 43.77 -4.25
N SER B 722 -11.86 44.03 -5.33
CA SER B 722 -12.15 45.00 -6.38
C SER B 722 -13.45 44.76 -7.14
N GLY B 723 -13.85 45.77 -7.90
CA GLY B 723 -15.00 45.75 -8.80
C GLY B 723 -14.60 45.15 -10.13
N ASN B 724 -13.28 44.92 -10.29
CA ASN B 724 -12.57 44.28 -11.40
C ASN B 724 -12.85 42.76 -11.34
N ALA B 725 -12.49 41.98 -12.40
CA ALA B 725 -12.72 40.53 -12.50
C ALA B 725 -11.87 39.67 -11.50
N LYS B 726 -11.26 40.33 -10.48
CA LYS B 726 -10.42 39.78 -9.40
C LYS B 726 -9.03 39.35 -9.93
N ILE B 727 -8.75 39.68 -11.19
CA ILE B 727 -7.48 39.42 -11.85
C ILE B 727 -6.94 40.79 -12.23
N GLY B 728 -6.21 41.35 -11.30
CA GLY B 728 -5.64 42.67 -11.47
C GLY B 728 -4.26 42.80 -10.89
N SER B 729 -3.44 43.65 -11.55
CA SER B 729 -2.05 43.98 -11.19
C SER B 729 -1.95 44.34 -9.74
N MET B 730 -0.85 43.91 -9.09
CA MET B 730 -0.55 44.21 -7.69
C MET B 730 -1.57 43.50 -6.77
N HIS B 731 -1.14 42.43 -6.09
CA HIS B 731 -2.00 41.70 -5.16
C HIS B 731 -1.16 41.07 -4.08
N LEU B 732 -1.60 41.20 -2.81
CA LEU B 732 -0.94 40.72 -1.60
C LEU B 732 0.52 41.17 -1.63
N LEU B 733 0.72 42.49 -1.81
CA LEU B 733 2.04 43.09 -1.90
C LEU B 733 2.27 44.03 -0.75
N PRO B 734 3.50 44.09 -0.20
CA PRO B 734 3.72 44.99 0.94
C PRO B 734 3.46 46.43 0.59
N VAL B 735 3.20 47.24 1.62
CA VAL B 735 2.88 48.65 1.48
C VAL B 735 4.14 49.47 1.19
N SER B 736 5.32 48.89 1.39
CA SER B 736 6.58 49.58 1.18
C SER B 736 7.19 49.33 -0.21
N THR B 737 6.36 49.13 -1.28
CA THR B 737 6.83 48.93 -2.67
C THR B 737 7.63 50.17 -3.14
N PRO B 738 8.76 50.04 -3.87
CA PRO B 738 9.55 51.25 -4.19
C PRO B 738 9.17 51.90 -5.51
N TYR B 739 8.05 51.46 -6.12
CA TYR B 739 7.55 51.85 -7.43
C TYR B 739 8.67 51.51 -8.40
N PRO B 740 8.68 50.24 -8.88
CA PRO B 740 9.78 49.76 -9.72
C PRO B 740 10.16 50.67 -10.88
N THR B 741 11.48 50.82 -11.09
CA THR B 741 12.00 51.63 -12.18
C THR B 741 12.17 50.77 -13.40
N LYS B 742 11.84 51.32 -14.55
CA LYS B 742 11.93 50.73 -15.88
C LYS B 742 13.33 50.17 -16.13
N ASN B 743 13.43 49.03 -16.84
CA ASN B 743 14.69 48.35 -17.23
C ASN B 743 15.34 47.58 -16.10
N TRP B 744 14.69 47.50 -14.95
CA TRP B 744 15.18 46.79 -13.79
C TRP B 744 15.33 45.29 -14.06
N LEU B 745 14.48 44.75 -14.95
CA LEU B 745 14.39 43.32 -15.28
C LEU B 745 15.62 42.74 -15.98
N GLN B 746 16.23 43.47 -16.92
CA GLN B 746 17.38 42.98 -17.67
C GLN B 746 18.56 42.57 -16.77
N PRO B 747 18.99 43.34 -15.75
CA PRO B 747 20.14 42.91 -14.94
C PRO B 747 19.92 41.55 -14.28
N LYS B 748 18.68 41.25 -13.84
CA LYS B 748 18.28 39.96 -13.25
C LYS B 748 18.45 38.87 -14.33
N ARG B 749 17.91 39.14 -15.54
CA ARG B 749 17.98 38.25 -16.70
C ARG B 749 19.43 37.89 -17.01
N TYR B 750 20.31 38.90 -16.92
CA TYR B 750 21.74 38.79 -17.20
C TYR B 750 22.42 37.75 -16.36
N LYS B 751 22.17 37.75 -15.05
CA LYS B 751 22.82 36.78 -14.17
C LYS B 751 22.41 35.36 -14.48
N ALA B 752 21.18 35.15 -14.94
CA ALA B 752 20.72 33.83 -15.31
C ALA B 752 21.33 33.45 -16.65
N HIS B 753 21.41 34.41 -17.58
CA HIS B 753 21.92 34.20 -18.94
C HIS B 753 23.42 33.93 -19.01
N ILE B 754 24.18 34.33 -17.96
CA ILE B 754 25.63 34.07 -17.92
C ILE B 754 25.85 32.59 -17.57
N LEU B 755 24.82 31.95 -17.00
CA LEU B 755 24.85 30.54 -16.59
C LEU B 755 24.28 29.59 -17.68
N GLY B 756 23.68 30.17 -18.72
CA GLY B 756 23.09 29.44 -19.84
C GLY B 756 21.69 28.93 -19.55
N THR B 757 20.90 29.71 -18.79
CA THR B 757 19.52 29.41 -18.41
C THR B 757 18.69 30.68 -18.49
N GLN B 758 17.41 30.53 -18.82
CA GLN B 758 16.50 31.65 -18.94
C GLN B 758 16.09 32.12 -17.54
N TYR B 759 15.83 33.44 -17.42
CA TYR B 759 15.35 34.00 -16.16
C TYR B 759 14.01 33.40 -15.92
N VAL B 760 13.84 32.84 -14.75
CA VAL B 760 12.69 32.11 -14.26
C VAL B 760 11.33 32.66 -14.76
N TYR B 761 11.11 33.99 -14.70
CA TYR B 761 9.84 34.59 -15.11
C TYR B 761 9.63 34.66 -16.64
N ASP B 762 10.61 34.25 -17.44
CA ASP B 762 10.49 34.23 -18.89
C ASP B 762 9.86 32.92 -19.33
N PHE B 763 9.92 31.89 -18.47
CA PHE B 763 9.42 30.55 -18.76
C PHE B 763 7.92 30.47 -19.03
N PRO B 764 6.99 31.22 -18.37
CA PRO B 764 5.57 31.10 -18.73
C PRO B 764 5.31 31.40 -20.19
N GLU B 765 6.02 32.38 -20.76
CA GLU B 765 5.87 32.73 -22.18
C GLU B 765 6.51 31.67 -23.08
N LEU B 766 7.53 30.94 -22.57
CA LEU B 766 8.16 29.87 -23.36
C LEU B 766 7.16 28.77 -23.59
N PHE B 767 6.36 28.50 -22.55
CA PHE B 767 5.30 27.51 -22.58
C PHE B 767 4.22 27.92 -23.58
N ARG B 768 3.86 29.23 -23.63
CA ARG B 768 2.82 29.72 -24.55
C ARG B 768 3.22 29.41 -26.00
N GLN B 769 4.46 29.76 -26.40
CA GLN B 769 5.01 29.52 -27.73
C GLN B 769 5.04 28.04 -28.05
N ALA B 770 5.36 27.19 -27.06
CA ALA B 770 5.40 25.73 -27.24
C ALA B 770 4.01 25.17 -27.56
N ILE B 771 2.95 25.69 -26.89
CA ILE B 771 1.56 25.27 -27.10
C ILE B 771 1.10 25.80 -28.44
N GLN B 772 1.52 27.04 -28.74
CA GLN B 772 1.23 27.70 -30.00
C GLN B 772 1.75 26.82 -31.13
N ASN B 773 2.96 26.25 -30.93
CA ASN B 773 3.62 25.35 -31.86
C ASN B 773 2.90 24.00 -31.94
N SER B 774 2.33 23.53 -30.82
CA SER B 774 1.60 22.25 -30.76
C SER B 774 0.38 22.26 -31.65
N TRP B 775 -0.23 23.45 -31.82
CA TRP B 775 -1.40 23.64 -32.66
C TRP B 775 -1.03 23.77 -34.13
N THR B 776 -0.07 24.68 -34.45
CA THR B 776 0.38 24.94 -35.83
C THR B 776 0.76 23.66 -36.58
N GLU B 777 1.24 22.63 -35.87
CA GLU B 777 1.56 21.37 -36.53
C GLU B 777 0.36 20.49 -36.62
N ALA B 778 -0.46 20.47 -35.57
CA ALA B 778 -1.65 19.63 -35.50
C ALA B 778 -2.72 20.06 -36.53
N VAL B 779 -2.79 21.36 -36.87
CA VAL B 779 -3.77 21.88 -37.83
C VAL B 779 -3.42 21.38 -39.23
N LYS B 780 -2.11 21.17 -39.49
CA LYS B 780 -1.57 20.68 -40.76
C LYS B 780 -1.94 19.21 -40.94
N LYS B 781 -1.49 18.34 -40.00
CA LYS B 781 -1.74 16.89 -40.02
C LYS B 781 -3.24 16.61 -39.94
N ILE B 782 -3.95 17.35 -39.07
CA ILE B 782 -5.39 17.19 -38.91
C ILE B 782 -6.05 18.49 -39.25
N PRO B 783 -6.54 18.58 -40.48
CA PRO B 783 -7.30 19.78 -40.87
C PRO B 783 -8.67 19.72 -40.20
N SER B 784 -9.57 20.67 -40.53
CA SER B 784 -10.94 20.80 -40.02
C SER B 784 -10.87 21.12 -38.53
N LEU B 785 -10.61 20.07 -37.74
CA LEU B 785 -10.38 20.07 -36.30
C LEU B 785 -9.08 20.82 -36.14
N ALA B 786 -9.18 22.16 -36.15
CA ALA B 786 -8.07 23.11 -36.21
C ALA B 786 -8.55 24.49 -35.90
N ALA B 787 -9.81 24.74 -36.24
CA ALA B 787 -10.51 26.00 -36.07
C ALA B 787 -10.67 26.37 -34.59
N LYS B 788 -10.44 25.42 -33.68
CA LYS B 788 -10.54 25.66 -32.25
C LYS B 788 -9.24 26.26 -31.70
N GLN B 789 -8.34 26.73 -32.58
CA GLN B 789 -7.06 27.36 -32.23
C GLN B 789 -7.32 28.71 -31.52
N PRO B 790 -6.67 29.01 -30.37
CA PRO B 790 -6.98 30.24 -29.65
C PRO B 790 -5.96 31.38 -29.86
N ALA B 791 -5.56 31.64 -31.12
CA ALA B 791 -4.62 32.69 -31.54
C ALA B 791 -3.25 32.59 -30.85
N ILE B 792 -2.45 33.67 -30.92
CA ILE B 792 -1.11 33.75 -30.31
C ILE B 792 -1.27 33.82 -28.78
N GLY B 793 -1.99 34.83 -28.31
CA GLY B 793 -2.28 34.97 -26.89
C GLY B 793 -3.36 34.00 -26.52
N GLU B 794 -3.81 34.00 -25.26
CA GLU B 794 -4.88 33.13 -24.76
C GLU B 794 -4.57 31.64 -24.91
N CYS B 795 -3.35 31.28 -25.35
CA CYS B 795 -2.97 29.88 -25.51
C CYS B 795 -2.91 29.24 -24.14
N ILE B 796 -2.32 29.97 -23.19
CA ILE B 796 -2.18 29.58 -21.78
C ILE B 796 -2.76 30.68 -20.92
N ASP B 797 -3.21 30.31 -19.71
CA ASP B 797 -3.79 31.24 -18.74
C ASP B 797 -3.28 30.90 -17.34
N TYR B 798 -2.10 31.47 -17.05
CA TYR B 798 -1.35 31.32 -15.81
C TYR B 798 -1.72 32.38 -14.78
N ASN B 799 -1.30 32.12 -13.55
CA ASN B 799 -1.40 32.99 -12.39
C ASN B 799 -0.39 32.50 -11.37
N GLU B 800 0.48 33.43 -10.89
CA GLU B 800 1.53 33.16 -9.90
C GLU B 800 1.02 32.54 -8.60
N LEU B 801 1.92 31.91 -7.85
CA LEU B 801 1.61 31.29 -6.56
C LEU B 801 2.59 31.80 -5.52
N VAL B 802 2.09 32.35 -4.40
CA VAL B 802 2.90 32.87 -3.29
C VAL B 802 2.16 32.55 -1.99
N LEU B 803 2.92 32.08 -0.98
CA LEU B 803 2.43 31.68 0.33
C LEU B 803 1.52 32.71 0.95
N GLY B 804 0.33 32.25 1.29
CA GLY B 804 -0.72 33.05 1.90
C GLY B 804 -0.51 33.38 3.35
N ASP B 805 -1.51 34.03 3.94
CA ASP B 805 -1.55 34.50 5.31
C ASP B 805 -1.28 33.38 6.33
N GLN B 806 -2.03 32.23 6.20
CA GLN B 806 -1.99 31.05 7.09
C GLN B 806 -1.17 29.92 6.46
N ASP B 807 -0.19 30.30 5.63
CA ASP B 807 0.70 29.42 4.87
C ASP B 807 -0.13 28.38 4.12
N ASN B 808 -0.95 28.93 3.23
CA ASN B 808 -1.82 28.22 2.31
C ASN B 808 -1.77 29.02 1.03
N LEU B 809 -1.03 28.47 0.02
CA LEU B 809 -0.76 29.03 -1.30
C LEU B 809 -1.95 29.79 -1.90
N ALA B 810 -1.67 30.97 -2.47
CA ALA B 810 -2.72 31.79 -3.05
C ALA B 810 -2.39 32.19 -4.48
N GLU B 811 -3.42 32.15 -5.36
CA GLU B 811 -3.35 32.52 -6.79
C GLU B 811 -3.27 34.05 -6.88
N VAL B 812 -2.15 34.56 -7.43
CA VAL B 812 -1.91 36.00 -7.57
C VAL B 812 -1.59 36.33 -9.04
N SER B 813 -2.11 37.47 -9.51
CA SER B 813 -1.83 37.92 -10.85
C SER B 813 -1.07 39.23 -10.72
N ARG B 814 0.24 39.11 -10.44
CA ARG B 814 1.13 40.24 -10.23
C ARG B 814 2.20 40.29 -11.30
N GLU B 815 2.94 41.40 -11.28
CA GLU B 815 4.04 41.70 -12.18
C GLU B 815 5.15 40.67 -12.09
N PRO B 816 5.78 40.32 -13.24
CA PRO B 816 6.90 39.37 -13.21
C PRO B 816 8.11 39.93 -12.44
N GLY B 817 8.88 39.04 -11.81
CA GLY B 817 10.03 39.39 -10.99
C GLY B 817 9.58 39.72 -9.58
N MET B 818 10.50 40.29 -8.77
CA MET B 818 10.27 40.74 -7.39
C MET B 818 9.73 39.60 -6.48
N ASN B 819 10.12 38.36 -6.78
CA ASN B 819 9.71 37.17 -6.03
C ASN B 819 10.17 37.27 -4.59
N SER B 820 9.26 36.96 -3.67
CA SER B 820 9.47 37.02 -2.23
C SER B 820 10.48 35.98 -1.75
N THR B 821 10.45 34.76 -2.33
CA THR B 821 11.32 33.61 -1.99
C THR B 821 12.14 33.15 -3.23
N GLY B 822 13.11 32.24 -3.02
CA GLY B 822 13.97 31.69 -4.08
C GLY B 822 13.34 30.58 -4.91
N MET B 823 12.00 30.55 -4.93
CA MET B 823 11.14 29.62 -5.62
C MET B 823 9.88 30.33 -6.12
N VAL B 824 9.42 30.01 -7.35
CA VAL B 824 8.18 30.58 -7.87
C VAL B 824 7.38 29.47 -8.54
N GLY B 825 6.07 29.58 -8.42
CA GLY B 825 5.12 28.64 -8.98
C GLY B 825 3.98 29.33 -9.70
N TRP B 826 3.34 28.60 -10.62
CA TRP B 826 2.18 29.03 -11.41
C TRP B 826 1.20 27.91 -11.64
N LEU B 827 -0.08 28.28 -11.73
CA LEU B 827 -1.17 27.39 -12.11
C LEU B 827 -1.53 27.77 -13.51
N ILE B 828 -1.21 26.90 -14.46
CA ILE B 828 -1.41 27.22 -15.85
C ILE B 828 -2.54 26.42 -16.45
N ASN B 829 -3.48 27.14 -17.10
CA ASN B 829 -4.58 26.53 -17.83
C ASN B 829 -4.29 26.65 -19.34
N ALA B 830 -3.62 25.64 -19.87
CA ALA B 830 -3.22 25.60 -21.27
C ALA B 830 -4.27 24.91 -22.13
N ARG B 831 -4.58 25.53 -23.27
CA ARG B 831 -5.53 24.96 -24.21
C ARG B 831 -4.74 24.18 -25.22
N THR B 832 -4.58 22.90 -24.95
CA THR B 832 -3.81 21.98 -25.80
C THR B 832 -4.76 21.47 -26.91
N PRO B 833 -4.28 20.95 -28.06
CA PRO B 833 -5.23 20.49 -29.09
C PRO B 833 -6.01 19.24 -28.68
N GLU B 834 -5.55 18.55 -27.64
CA GLU B 834 -6.17 17.34 -27.10
C GLU B 834 -7.33 17.73 -26.18
N TYR B 835 -7.11 18.77 -25.36
CA TYR B 835 -8.03 19.42 -24.43
C TYR B 835 -8.12 20.89 -24.85
N PRO B 836 -8.85 21.17 -25.96
CA PRO B 836 -8.92 22.55 -26.46
C PRO B 836 -9.69 23.49 -25.56
N ASP B 837 -10.46 22.94 -24.61
CA ASP B 837 -11.24 23.72 -23.65
C ASP B 837 -10.34 24.17 -22.51
N GLY B 838 -9.26 23.43 -22.27
CA GLY B 838 -8.30 23.72 -21.22
C GLY B 838 -7.89 22.52 -20.40
N ARG B 839 -6.70 22.63 -19.82
CA ARG B 839 -6.11 21.63 -18.93
C ARG B 839 -5.18 22.36 -18.00
N LYS B 840 -5.18 21.95 -16.75
CA LYS B 840 -4.34 22.62 -15.79
C LYS B 840 -3.14 21.78 -15.43
N PHE B 841 -2.16 22.43 -14.80
CA PHE B 841 -0.91 21.89 -14.28
C PHE B 841 -0.14 22.94 -13.50
N ILE B 842 0.77 22.46 -12.64
CA ILE B 842 1.62 23.31 -11.80
C ILE B 842 3.04 23.30 -12.34
N VAL B 843 3.68 24.47 -12.31
CA VAL B 843 5.06 24.62 -12.72
C VAL B 843 5.80 25.32 -11.59
N VAL B 844 6.81 24.61 -11.03
CA VAL B 844 7.66 25.09 -9.96
C VAL B 844 9.07 25.24 -10.47
N ALA B 845 9.73 26.34 -10.11
CA ALA B 845 11.10 26.64 -10.54
C ALA B 845 11.84 27.51 -9.56
N ASN B 846 13.18 27.41 -9.64
CA ASN B 846 14.13 28.14 -8.84
C ASN B 846 14.57 29.42 -9.49
N ASP B 847 14.68 30.47 -8.67
CA ASP B 847 15.27 31.70 -9.15
C ASP B 847 16.74 31.59 -8.87
N ILE B 848 17.49 31.25 -9.91
CA ILE B 848 18.93 31.07 -9.88
C ILE B 848 19.65 32.40 -9.47
N THR B 849 18.98 33.57 -9.58
CA THR B 849 19.54 34.87 -9.18
C THR B 849 19.41 35.06 -7.66
N PHE B 850 18.27 34.58 -7.10
CA PHE B 850 17.92 34.65 -5.68
C PHE B 850 18.79 33.65 -4.93
N LYS B 851 19.94 34.13 -4.41
CA LYS B 851 20.91 33.37 -3.64
C LYS B 851 21.27 32.04 -4.30
N ILE B 852 21.97 32.10 -5.45
CA ILE B 852 22.45 30.95 -6.25
C ILE B 852 21.33 29.88 -6.58
N GLY B 853 20.08 30.17 -6.26
CA GLY B 853 18.96 29.25 -6.45
C GLY B 853 18.95 28.19 -5.37
N SER B 854 19.75 28.39 -4.30
CA SER B 854 19.89 27.48 -3.17
C SER B 854 18.57 27.28 -2.44
N PHE B 855 18.47 26.11 -1.78
CA PHE B 855 17.28 25.62 -1.06
C PHE B 855 17.25 25.97 0.43
N GLY B 856 16.57 27.05 0.71
CA GLY B 856 16.35 27.49 2.08
C GLY B 856 15.01 26.96 2.57
N PRO B 857 14.71 27.16 3.86
CA PRO B 857 13.43 26.64 4.41
C PRO B 857 12.15 27.23 3.75
N LYS B 858 12.15 28.55 3.43
CA LYS B 858 11.02 29.25 2.79
C LYS B 858 10.74 28.64 1.42
N GLU B 859 11.83 28.33 0.66
CA GLU B 859 11.85 27.70 -0.66
C GLU B 859 11.26 26.30 -0.57
N ASP B 860 11.60 25.56 0.51
CA ASP B 860 11.13 24.21 0.76
C ASP B 860 9.63 24.22 1.09
N THR B 861 9.20 25.01 2.11
CA THR B 861 7.79 25.15 2.51
C THR B 861 6.94 25.47 1.28
N PHE B 862 7.46 26.36 0.40
CA PHE B 862 6.86 26.80 -0.85
C PHE B 862 6.63 25.59 -1.74
N PHE B 863 7.75 24.99 -2.21
CA PHE B 863 7.77 23.82 -3.09
C PHE B 863 6.78 22.77 -2.64
N PHE B 864 6.78 22.48 -1.33
CA PHE B 864 5.90 21.49 -0.74
C PHE B 864 4.45 21.84 -1.03
N LYS B 865 4.01 23.04 -0.61
CA LYS B 865 2.64 23.52 -0.76
C LYS B 865 2.15 23.54 -2.22
N CYS B 866 3.09 23.46 -3.17
CA CYS B 866 2.76 23.36 -4.59
C CYS B 866 2.52 21.92 -4.94
N THR B 867 3.41 20.99 -4.44
CA THR B 867 3.30 19.54 -4.63
C THR B 867 1.94 19.13 -4.15
N GLU B 868 1.65 19.55 -2.92
CA GLU B 868 0.40 19.35 -2.18
C GLU B 868 -0.81 19.80 -3.02
N LEU B 869 -0.69 20.94 -3.74
CA LEU B 869 -1.73 21.51 -4.58
C LEU B 869 -1.97 20.64 -5.82
N ALA B 870 -0.92 20.34 -6.59
CA ALA B 870 -0.98 19.51 -7.80
C ALA B 870 -1.57 18.13 -7.49
N ARG B 871 -1.27 17.60 -6.29
CA ARG B 871 -1.77 16.32 -5.78
C ARG B 871 -3.25 16.41 -5.52
N LYS B 872 -3.67 17.48 -4.79
CA LYS B 872 -5.05 17.78 -4.42
C LYS B 872 -5.95 17.74 -5.66
N MET B 873 -5.45 18.33 -6.76
CA MET B 873 -6.18 18.37 -8.01
C MET B 873 -6.07 17.03 -8.72
N GLY B 874 -4.85 16.65 -9.11
CA GLY B 874 -4.55 15.45 -9.88
C GLY B 874 -3.79 15.83 -11.15
N ILE B 875 -3.70 17.15 -11.39
CA ILE B 875 -3.02 17.81 -12.51
C ILE B 875 -1.52 17.56 -12.38
N PRO B 876 -0.83 17.41 -13.53
CA PRO B 876 0.62 17.15 -13.47
C PRO B 876 1.45 18.30 -12.89
N ARG B 877 2.58 17.93 -12.29
CA ARG B 877 3.55 18.85 -11.69
C ARG B 877 4.84 18.83 -12.49
N ILE B 878 5.34 20.01 -12.80
CA ILE B 878 6.55 20.18 -13.58
C ILE B 878 7.55 21.02 -12.78
N TYR B 879 8.74 20.47 -12.54
CA TYR B 879 9.78 21.18 -11.81
C TYR B 879 10.92 21.52 -12.73
N LEU B 880 11.33 22.79 -12.67
CA LEU B 880 12.41 23.35 -13.46
C LEU B 880 13.56 23.59 -12.55
N SER B 881 14.54 22.70 -12.61
CA SER B 881 15.69 22.71 -11.72
C SER B 881 16.87 23.53 -12.24
N ALA B 882 17.32 24.47 -11.38
CA ALA B 882 18.46 25.37 -11.53
C ALA B 882 18.80 25.84 -10.13
N ASN B 883 19.59 25.04 -9.39
CA ASN B 883 19.89 25.32 -8.01
C ASN B 883 21.35 25.08 -7.64
N SER B 884 21.63 25.13 -6.33
CA SER B 884 22.96 24.93 -5.76
C SER B 884 22.88 24.15 -4.43
N GLY B 885 22.03 23.11 -4.39
CA GLY B 885 21.78 22.28 -3.21
C GLY B 885 21.16 23.09 -2.09
N ALA B 886 21.50 22.75 -0.83
CA ALA B 886 21.01 23.51 0.34
C ALA B 886 21.82 24.82 0.53
N ARG B 887 21.25 25.82 1.27
CA ARG B 887 21.81 27.16 1.50
C ARG B 887 23.04 27.19 2.38
N LEU B 888 23.89 28.23 2.17
CA LEU B 888 25.06 28.36 3.02
C LEU B 888 25.23 29.73 3.64
N GLY B 889 25.70 29.66 4.87
CA GLY B 889 25.99 30.77 5.76
C GLY B 889 26.52 30.31 7.10
N LEU B 890 27.05 31.28 7.83
CA LEU B 890 27.59 31.18 9.18
C LEU B 890 27.13 32.42 9.93
N ALA B 891 27.43 32.55 11.22
CA ALA B 891 26.97 33.75 11.94
C ALA B 891 27.95 34.89 11.71
N GLU B 892 27.59 35.80 10.79
CA GLU B 892 28.39 36.97 10.35
C GLU B 892 28.56 37.99 11.47
N GLU B 893 27.49 38.20 12.25
CA GLU B 893 27.40 39.13 13.35
C GLU B 893 28.42 38.83 14.48
N LEU B 894 28.78 37.54 14.66
CA LEU B 894 29.67 37.09 15.71
C LEU B 894 31.12 37.00 15.28
N MET B 895 31.38 37.27 14.01
CA MET B 895 32.73 37.23 13.47
C MET B 895 33.59 38.40 13.97
N PRO B 896 33.12 39.66 14.02
CA PRO B 896 34.00 40.73 14.51
C PRO B 896 33.73 41.05 16.00
N HIS B 897 33.23 40.06 16.77
CA HIS B 897 32.93 40.26 18.20
C HIS B 897 33.50 39.17 19.11
N PHE B 898 33.66 37.93 18.60
CA PHE B 898 34.14 36.79 19.39
C PHE B 898 35.62 36.93 19.75
N ASN B 899 36.00 36.49 20.96
CA ASN B 899 37.37 36.54 21.47
C ASN B 899 37.99 35.15 21.56
N VAL B 900 39.32 35.09 21.55
CA VAL B 900 40.08 33.84 21.61
C VAL B 900 40.87 33.79 22.90
N ALA B 901 40.89 32.61 23.53
CA ALA B 901 41.65 32.36 24.73
C ALA B 901 42.76 31.38 24.38
N TRP B 902 44.00 31.89 24.33
CA TRP B 902 45.16 31.09 23.96
C TRP B 902 45.81 30.46 25.17
N ASN B 903 46.70 29.49 24.90
CA ASN B 903 47.52 28.79 25.88
C ASN B 903 48.54 29.81 26.45
N ASP B 904 49.15 30.58 25.54
CA ASP B 904 50.10 31.66 25.81
C ASP B 904 49.65 32.90 25.01
N PRO B 905 49.42 34.07 25.66
CA PRO B 905 48.94 35.24 24.91
C PRO B 905 50.00 35.87 24.00
N ALA B 906 51.30 35.83 24.39
CA ALA B 906 52.43 36.39 23.64
C ALA B 906 52.63 35.69 22.29
N LYS B 907 52.63 34.35 22.29
CA LYS B 907 52.76 33.53 21.09
C LYS B 907 51.41 32.83 20.85
N PRO B 908 50.51 33.43 20.02
CA PRO B 908 49.19 32.80 19.80
C PRO B 908 49.25 31.47 19.03
N GLU B 909 50.34 31.25 18.26
CA GLU B 909 50.60 30.04 17.46
C GLU B 909 50.79 28.78 18.33
N ALA B 910 50.92 28.95 19.65
CA ALA B 910 51.12 27.89 20.65
C ALA B 910 49.78 27.22 21.07
N GLY B 911 48.80 27.22 20.18
CA GLY B 911 47.50 26.62 20.45
C GLY B 911 46.60 27.49 21.29
N PHE B 912 45.30 27.33 21.08
CA PHE B 912 44.28 28.07 21.81
C PHE B 912 43.43 27.08 22.58
N LYS B 913 43.04 27.49 23.80
CA LYS B 913 42.21 26.70 24.71
C LYS B 913 40.80 26.53 24.13
N TYR B 914 40.10 27.66 23.96
CA TYR B 914 38.74 27.74 23.43
C TYR B 914 38.46 29.12 22.86
N LEU B 915 37.17 29.39 22.57
CA LEU B 915 36.69 30.67 22.07
C LEU B 915 35.65 31.21 23.02
N TYR B 916 35.82 32.46 23.46
CA TYR B 916 34.89 33.05 24.40
C TYR B 916 34.34 34.37 23.88
N LEU B 917 33.42 34.97 24.64
CA LEU B 917 32.80 36.24 24.30
C LEU B 917 32.82 37.17 25.51
N SER B 918 33.16 38.45 25.26
CA SER B 918 33.18 39.52 26.28
C SER B 918 31.78 39.69 26.83
N ASP B 919 31.65 39.88 28.16
CA ASP B 919 30.37 40.03 28.87
C ASP B 919 29.46 41.07 28.20
N GLU B 920 30.02 42.19 27.75
CA GLU B 920 29.29 43.27 27.08
C GLU B 920 28.87 42.88 25.66
N ALA B 921 29.64 41.98 25.03
CA ALA B 921 29.33 41.45 23.71
C ALA B 921 28.44 40.20 23.83
N LYS B 922 28.36 39.61 25.05
CA LYS B 922 27.57 38.42 25.38
C LYS B 922 26.11 38.79 25.51
N ARG B 923 25.82 39.91 26.20
CA ARG B 923 24.48 40.43 26.41
C ARG B 923 23.84 40.88 25.08
N ARG B 924 24.67 41.24 24.10
CA ARG B 924 24.27 41.67 22.75
C ARG B 924 23.49 40.59 22.01
N PHE B 925 23.84 39.31 22.25
CA PHE B 925 23.23 38.18 21.56
C PHE B 925 22.53 37.26 22.53
N GLU B 926 23.27 36.40 23.28
CA GLU B 926 22.79 35.41 24.28
C GLU B 926 21.95 34.27 23.66
N ASN B 927 20.99 34.61 22.79
CA ASN B 927 20.09 33.69 22.09
C ASN B 927 20.70 33.24 20.77
N GLU B 928 21.74 33.97 20.31
CA GLU B 928 22.44 33.69 19.05
C GLU B 928 23.66 32.80 19.29
N VAL B 929 24.08 32.65 20.57
CA VAL B 929 25.21 31.82 21.01
C VAL B 929 24.94 31.21 22.36
N ILE B 930 25.28 29.94 22.49
CA ILE B 930 25.16 29.27 23.76
C ILE B 930 26.49 29.44 24.43
N THR B 931 26.51 30.29 25.46
CA THR B 931 27.74 30.60 26.17
C THR B 931 27.71 30.16 27.61
N GLU B 932 28.76 29.41 27.99
CA GLU B 932 29.03 28.90 29.33
C GLU B 932 30.00 29.84 30.00
N GLU B 933 29.84 30.06 31.32
CA GLU B 933 30.73 30.96 32.05
C GLU B 933 31.84 30.19 32.76
N ILE B 934 33.10 30.57 32.48
CA ILE B 934 34.30 30.00 33.11
C ILE B 934 35.33 31.14 33.27
N VAL B 935 35.68 31.43 34.54
CA VAL B 935 36.62 32.49 34.91
C VAL B 935 38.06 32.04 34.62
N GLU B 936 38.77 32.85 33.82
CA GLU B 936 40.17 32.68 33.44
C GLU B 936 40.85 34.05 33.52
N ASP B 937 42.02 34.12 34.21
CA ASP B 937 42.83 35.33 34.43
C ASP B 937 42.07 36.38 35.31
N GLY B 938 40.98 35.95 35.96
CA GLY B 938 40.13 36.80 36.79
C GLY B 938 39.18 37.63 35.96
N GLU B 939 38.70 37.06 34.83
CA GLU B 939 37.79 37.66 33.84
C GLU B 939 36.53 36.82 33.66
N LYS B 940 35.37 37.49 33.56
CA LYS B 940 34.06 36.84 33.33
C LYS B 940 33.99 36.47 31.84
N ARG B 941 34.61 35.35 31.49
CA ARG B 941 34.70 34.86 30.12
C ARG B 941 33.56 33.88 29.82
N HIS B 942 32.75 34.23 28.81
CA HIS B 942 31.61 33.43 28.36
C HIS B 942 32.03 32.61 27.14
N LYS B 943 32.57 31.40 27.38
CA LYS B 943 33.05 30.52 26.32
C LYS B 943 31.91 29.97 25.48
N ILE B 944 32.08 30.06 24.17
CA ILE B 944 31.07 29.57 23.24
C ILE B 944 31.18 28.06 23.20
N ILE B 945 30.08 27.38 23.55
CA ILE B 945 30.00 25.92 23.56
C ILE B 945 29.20 25.45 22.32
N THR B 946 28.37 26.35 21.73
CA THR B 946 27.56 26.12 20.51
C THR B 946 27.08 27.48 19.94
N ILE B 947 27.10 27.64 18.60
CA ILE B 947 26.63 28.84 17.89
C ILE B 947 25.24 28.57 17.30
N VAL B 948 24.31 29.53 17.45
CA VAL B 948 22.96 29.39 16.90
C VAL B 948 22.77 30.31 15.68
N GLY B 949 23.05 31.61 15.85
CA GLY B 949 22.94 32.60 14.78
C GLY B 949 21.51 33.00 14.52
N ALA B 950 21.27 34.31 14.36
CA ALA B 950 19.93 34.86 14.11
C ALA B 950 19.37 34.48 12.74
N GLU B 951 20.12 34.71 11.64
CA GLU B 951 19.74 34.44 10.25
C GLU B 951 19.45 32.95 9.98
N GLU B 952 18.57 32.68 9.00
CA GLU B 952 18.18 31.31 8.65
C GLU B 952 18.90 30.86 7.40
N GLY B 953 19.20 29.56 7.35
CA GLY B 953 19.90 28.91 6.25
C GLY B 953 21.40 28.87 6.41
N LEU B 954 21.89 28.11 7.43
CA LEU B 954 23.33 28.00 7.77
C LEU B 954 23.78 26.58 8.03
N GLY B 955 22.83 25.78 8.44
CA GLY B 955 23.04 24.38 8.73
C GLY B 955 21.78 23.59 8.46
N VAL B 956 21.44 22.80 9.47
CA VAL B 956 20.36 21.81 9.57
C VAL B 956 18.95 22.31 9.19
N GLU B 957 18.65 23.60 9.38
CA GLU B 957 17.34 24.17 9.04
C GLU B 957 16.99 23.91 7.57
N CYS B 958 18.01 23.97 6.70
CA CYS B 958 17.87 23.74 5.27
C CYS B 958 17.66 22.28 4.97
N LEU B 959 18.40 21.41 5.69
CA LEU B 959 18.39 19.95 5.55
C LEU B 959 17.02 19.37 5.90
N ARG B 960 16.40 19.87 6.99
CA ARG B 960 15.07 19.48 7.48
C ARG B 960 14.03 19.71 6.37
N GLY B 961 14.02 20.92 5.81
CA GLY B 961 13.13 21.31 4.73
C GLY B 961 13.37 20.49 3.48
N SER B 962 14.66 20.29 3.16
CA SER B 962 15.08 19.51 2.00
C SER B 962 14.54 18.08 2.10
N GLY B 963 14.63 17.46 3.28
CA GLY B 963 14.13 16.11 3.53
C GLY B 963 12.64 16.00 3.35
N LEU B 964 11.93 17.04 3.79
CA LEU B 964 10.48 17.12 3.69
C LEU B 964 10.03 17.07 2.24
N ILE B 965 10.53 18.00 1.42
CA ILE B 965 10.18 18.10 0.00
C ILE B 965 10.65 16.88 -0.75
N ALA B 966 11.74 16.27 -0.27
CA ALA B 966 12.26 15.05 -0.85
C ALA B 966 11.19 13.99 -0.74
N GLY B 967 10.63 13.83 0.46
CA GLY B 967 9.57 12.89 0.72
C GLY B 967 8.35 13.20 -0.12
N ALA B 968 7.95 14.49 -0.16
CA ALA B 968 6.79 15.00 -0.89
C ALA B 968 6.80 14.63 -2.36
N THR B 969 7.98 14.73 -3.00
CA THR B 969 8.17 14.39 -4.40
C THR B 969 8.05 12.88 -4.59
N SER B 970 8.63 12.09 -3.65
CA SER B 970 8.58 10.63 -3.66
C SER B 970 7.14 10.13 -3.58
N ARG B 971 6.32 10.81 -2.78
CA ARG B 971 4.91 10.50 -2.59
C ARG B 971 4.10 10.92 -3.80
N ALA B 972 4.43 12.11 -4.39
CA ALA B 972 3.75 12.69 -5.55
C ALA B 972 3.89 11.82 -6.81
N TYR B 973 5.10 11.26 -7.07
CA TYR B 973 5.44 10.39 -8.22
C TYR B 973 4.47 9.19 -8.32
N ASN B 974 4.15 8.57 -7.17
CA ASN B 974 3.27 7.42 -7.06
C ASN B 974 1.74 7.79 -7.22
N ASP B 975 1.37 9.10 -7.18
CA ASP B 975 -0.04 9.58 -7.26
C ASP B 975 -0.34 10.35 -8.59
N ILE B 976 0.30 11.52 -8.84
CA ILE B 976 0.09 12.36 -10.03
C ILE B 976 1.26 12.25 -10.99
N PHE B 977 1.11 12.88 -12.18
CA PHE B 977 2.20 12.92 -13.14
C PHE B 977 3.26 13.88 -12.64
N THR B 978 4.48 13.39 -12.51
CA THR B 978 5.58 14.19 -12.01
C THR B 978 6.68 14.27 -13.06
N CYS B 979 7.21 15.48 -13.31
CA CYS B 979 8.30 15.67 -14.26
C CYS B 979 9.19 16.83 -13.90
N THR B 980 10.48 16.66 -14.18
CA THR B 980 11.54 17.62 -13.90
C THR B 980 12.28 18.00 -15.18
N LEU B 981 12.97 19.15 -15.16
CA LEU B 981 13.75 19.66 -16.27
C LEU B 981 15.00 20.32 -15.75
N VAL B 982 16.15 19.86 -16.24
CA VAL B 982 17.46 20.37 -15.82
C VAL B 982 17.81 21.57 -16.71
N THR B 983 17.22 22.74 -16.39
CA THR B 983 17.43 24.01 -17.12
C THR B 983 18.86 24.57 -16.85
N CYS B 984 19.44 24.23 -15.68
CA CYS B 984 20.83 24.50 -15.28
C CYS B 984 21.22 23.58 -14.15
N ARG B 985 22.51 23.65 -13.75
CA ARG B 985 23.14 22.86 -12.69
C ARG B 985 22.18 22.59 -11.52
N SER B 986 21.90 21.28 -11.29
CA SER B 986 21.02 20.73 -10.25
C SER B 986 21.86 19.87 -9.30
N VAL B 987 22.22 20.48 -8.16
CA VAL B 987 23.13 19.94 -7.14
C VAL B 987 22.39 19.52 -5.83
N GLY B 988 23.06 18.66 -5.03
CA GLY B 988 22.65 18.15 -3.73
C GLY B 988 21.24 17.62 -3.65
N ILE B 989 20.39 18.36 -2.94
CA ILE B 989 18.98 18.04 -2.79
C ILE B 989 18.28 18.16 -4.16
N GLY B 990 18.58 19.23 -4.89
CA GLY B 990 18.04 19.50 -6.22
C GLY B 990 18.22 18.30 -7.12
N ALA B 991 19.42 17.71 -7.07
CA ALA B 991 19.80 16.53 -7.82
C ALA B 991 18.90 15.37 -7.46
N TYR B 992 18.52 15.23 -6.19
CA TYR B 992 17.67 14.13 -5.79
C TYR B 992 16.25 14.29 -6.22
N LEU B 993 15.74 15.53 -6.19
CA LEU B 993 14.38 15.82 -6.62
C LEU B 993 14.19 15.49 -8.09
N VAL B 994 15.31 15.37 -8.81
CA VAL B 994 15.35 15.00 -10.22
C VAL B 994 15.02 13.50 -10.32
N ARG B 995 15.59 12.70 -9.44
CA ARG B 995 15.30 11.28 -9.51
C ARG B 995 14.03 10.95 -8.80
N LEU B 996 13.67 11.69 -7.76
CA LEU B 996 12.41 11.44 -7.08
C LEU B 996 11.27 11.80 -7.99
N GLY B 997 11.48 12.83 -8.81
CA GLY B 997 10.54 13.25 -9.83
C GLY B 997 10.45 12.20 -10.92
N GLN B 998 11.38 11.20 -10.88
CA GLN B 998 11.53 10.05 -11.77
C GLN B 998 11.80 10.51 -13.23
N ARG B 999 10.74 11.01 -13.95
CA ARG B 999 10.67 11.48 -15.37
C ARG B 999 11.42 12.84 -15.57
N ALA B 1000 12.64 12.79 -16.18
CA ALA B 1000 13.54 13.95 -16.29
C ALA B 1000 14.10 14.24 -17.71
N VAL B 1001 14.26 15.54 -17.99
CA VAL B 1001 14.82 16.02 -19.26
C VAL B 1001 16.04 16.84 -18.96
N GLN B 1002 17.14 16.52 -19.64
CA GLN B 1002 18.37 17.23 -19.39
C GLN B 1002 18.80 18.04 -20.58
N VAL B 1003 19.01 19.36 -20.35
CA VAL B 1003 19.52 20.29 -21.35
C VAL B 1003 21.01 20.00 -21.47
N GLU B 1004 21.47 19.73 -22.71
CA GLU B 1004 22.83 19.31 -23.14
C GLU B 1004 24.03 19.92 -22.34
N GLY B 1005 23.93 21.18 -21.87
CA GLY B 1005 24.97 21.88 -21.12
C GLY B 1005 24.72 22.16 -19.65
N GLN B 1006 23.87 21.33 -19.00
CA GLN B 1006 23.52 21.48 -17.58
C GLN B 1006 23.76 20.16 -16.81
N PRO B 1007 24.61 20.15 -15.72
CA PRO B 1007 24.91 18.87 -15.02
C PRO B 1007 24.07 18.54 -13.77
N ILE B 1008 23.85 17.22 -13.53
CA ILE B 1008 23.17 16.70 -12.34
C ILE B 1008 24.29 16.12 -11.50
N ILE B 1009 24.88 17.00 -10.71
CA ILE B 1009 26.02 16.69 -9.88
C ILE B 1009 25.56 16.51 -8.42
N LEU B 1010 26.29 15.65 -7.68
CA LEU B 1010 26.04 15.35 -6.26
C LEU B 1010 27.01 16.11 -5.35
N THR B 1011 28.34 15.93 -5.60
CA THR B 1011 29.43 16.56 -4.86
C THR B 1011 30.20 17.44 -5.86
N GLY B 1012 30.45 18.70 -5.48
CA GLY B 1012 31.17 19.68 -6.28
C GLY B 1012 32.46 19.11 -6.87
N ALA B 1013 32.69 19.34 -8.18
CA ALA B 1013 33.88 18.87 -8.90
C ALA B 1013 35.20 19.30 -8.18
N PRO B 1014 35.35 20.57 -7.63
CA PRO B 1014 36.59 20.90 -6.90
C PRO B 1014 36.67 20.20 -5.55
N ALA B 1015 35.50 19.98 -4.90
CA ALA B 1015 35.38 19.32 -3.61
C ALA B 1015 35.90 17.89 -3.66
N LEU B 1016 35.68 17.18 -4.80
CA LEU B 1016 36.13 15.81 -5.03
C LEU B 1016 37.65 15.76 -5.18
N ASN B 1017 38.21 16.71 -5.94
CA ASN B 1017 39.65 16.80 -6.17
C ASN B 1017 40.42 17.07 -4.89
N SER B 1018 39.90 18.00 -4.04
CA SER B 1018 40.50 18.40 -2.77
C SER B 1018 40.53 17.25 -1.78
N LEU B 1019 39.48 16.41 -1.82
CA LEU B 1019 39.32 15.22 -0.98
C LEU B 1019 40.33 14.13 -1.38
N LEU B 1020 40.47 13.89 -2.70
CA LEU B 1020 41.39 12.89 -3.25
C LEU B 1020 42.84 13.40 -3.22
N GLY B 1021 42.98 14.73 -3.11
CA GLY B 1021 44.26 15.43 -3.05
C GLY B 1021 44.81 15.79 -4.42
N ARG B 1022 44.28 15.12 -5.47
CA ARG B 1022 44.73 15.31 -6.84
C ARG B 1022 43.59 15.72 -7.79
N GLU B 1023 43.97 16.53 -8.80
CA GLU B 1023 43.09 17.10 -9.83
C GLU B 1023 42.68 16.03 -10.84
N VAL B 1024 41.65 15.28 -10.48
CA VAL B 1024 41.13 14.21 -11.31
C VAL B 1024 40.04 14.79 -12.23
N TYR B 1025 38.94 15.31 -11.63
CA TYR B 1025 37.81 15.89 -12.36
C TYR B 1025 38.01 17.38 -12.49
N THR B 1026 37.64 17.97 -13.63
CA THR B 1026 37.80 19.42 -13.86
C THR B 1026 36.47 20.06 -14.16
N SER B 1027 35.60 19.27 -14.78
CA SER B 1027 34.29 19.70 -15.18
C SER B 1027 33.26 19.03 -14.32
N ASN B 1028 32.25 19.80 -13.99
CA ASN B 1028 31.09 19.34 -13.24
C ASN B 1028 30.25 18.44 -14.14
N LEU B 1029 30.42 18.59 -15.48
CA LEU B 1029 29.78 17.82 -16.56
C LEU B 1029 30.52 16.52 -16.80
N GLN B 1030 31.81 16.46 -16.42
CA GLN B 1030 32.67 15.30 -16.54
C GLN B 1030 32.14 14.16 -15.69
N LEU B 1031 31.21 14.49 -14.74
CA LEU B 1031 30.56 13.58 -13.77
C LEU B 1031 29.01 13.83 -13.59
N GLY B 1032 28.50 14.97 -14.08
CA GLY B 1032 27.09 15.30 -13.95
C GLY B 1032 26.34 15.45 -15.25
N GLY B 1033 27.08 15.65 -16.34
CA GLY B 1033 26.56 15.86 -17.68
C GLY B 1033 25.66 14.79 -18.26
N THR B 1034 25.16 15.08 -19.47
CA THR B 1034 24.26 14.25 -20.29
C THR B 1034 24.83 12.87 -20.57
N GLN B 1035 26.09 12.84 -20.99
CA GLN B 1035 26.86 11.64 -21.34
C GLN B 1035 26.93 10.63 -20.18
N ILE B 1036 26.47 11.05 -18.97
CA ILE B 1036 26.44 10.20 -17.79
C ILE B 1036 24.99 9.88 -17.46
N MET B 1037 24.18 10.90 -17.19
CA MET B 1037 22.80 10.71 -16.76
C MET B 1037 21.86 10.13 -17.83
N TYR B 1038 22.07 10.43 -19.12
CA TYR B 1038 21.22 9.81 -20.15
C TYR B 1038 21.67 8.38 -20.44
N ARG B 1039 23.00 8.15 -20.41
CA ARG B 1039 23.60 6.85 -20.69
C ARG B 1039 23.46 5.86 -19.50
N ASN B 1040 22.93 6.33 -18.32
CA ASN B 1040 22.68 5.50 -17.14
C ASN B 1040 21.17 5.44 -16.76
N GLY B 1041 20.35 6.17 -17.51
CA GLY B 1041 18.90 6.18 -17.32
C GLY B 1041 18.33 7.10 -16.26
N VAL B 1042 19.09 8.12 -15.85
CA VAL B 1042 18.61 9.13 -14.91
C VAL B 1042 17.80 10.11 -15.75
N SER B 1043 18.37 10.50 -16.93
CA SER B 1043 17.71 11.35 -17.90
C SER B 1043 16.94 10.49 -18.89
N HIS B 1044 15.71 10.89 -19.17
CA HIS B 1044 14.85 10.20 -20.12
C HIS B 1044 15.07 10.75 -21.49
N LEU B 1045 15.40 12.07 -21.60
CA LEU B 1045 15.63 12.73 -22.88
C LEU B 1045 16.62 13.90 -22.80
N THR B 1046 17.17 14.23 -23.99
CA THR B 1046 18.18 15.26 -24.30
C THR B 1046 17.59 16.44 -25.06
N ALA B 1047 17.61 17.64 -24.47
CA ALA B 1047 17.10 18.83 -25.15
C ALA B 1047 18.23 19.79 -25.45
N LYS B 1048 18.27 20.32 -26.68
CA LYS B 1048 19.32 21.23 -27.16
C LYS B 1048 19.38 22.56 -26.40
N ASP B 1049 18.22 23.15 -26.06
CA ASP B 1049 18.15 24.42 -25.33
C ASP B 1049 16.97 24.43 -24.37
N ASP B 1050 16.88 25.48 -23.53
CA ASP B 1050 15.86 25.68 -22.52
C ASP B 1050 14.45 25.54 -23.11
N PHE B 1051 14.20 26.13 -24.31
CA PHE B 1051 12.91 26.03 -24.99
C PHE B 1051 12.68 24.60 -25.47
N ASP B 1052 13.68 24.01 -26.16
CA ASP B 1052 13.59 22.65 -26.69
C ASP B 1052 13.08 21.68 -25.64
N GLY B 1053 13.44 21.97 -24.37
CA GLY B 1053 13.00 21.23 -23.20
C GLY B 1053 11.50 21.33 -23.07
N VAL B 1054 11.00 22.56 -22.89
CA VAL B 1054 9.59 22.90 -22.78
C VAL B 1054 8.80 22.19 -23.91
N THR B 1055 9.25 22.34 -25.16
CA THR B 1055 8.68 21.74 -26.37
C THR B 1055 8.42 20.25 -26.18
N LYS B 1056 9.48 19.53 -25.84
CA LYS B 1056 9.45 18.09 -25.65
C LYS B 1056 8.60 17.71 -24.43
N ILE B 1057 8.42 18.61 -23.47
CA ILE B 1057 7.62 18.36 -22.27
C ILE B 1057 6.15 18.47 -22.63
N VAL B 1058 5.76 19.57 -23.27
CA VAL B 1058 4.39 19.79 -23.68
C VAL B 1058 3.94 18.59 -24.53
N GLN B 1059 4.91 17.94 -25.17
CA GLN B 1059 4.75 16.75 -25.98
C GLN B 1059 4.31 15.55 -25.11
N TRP B 1060 4.97 15.29 -23.96
CA TRP B 1060 4.56 14.19 -23.05
C TRP B 1060 3.18 14.46 -22.53
N LEU B 1061 2.90 15.75 -22.24
CA LEU B 1061 1.62 16.20 -21.74
C LEU B 1061 0.53 15.84 -22.68
N SER B 1062 0.84 15.80 -23.98
CA SER B 1062 -0.15 15.42 -24.99
C SER B 1062 -0.59 13.96 -24.82
N PHE B 1063 0.27 13.05 -24.32
CA PHE B 1063 -0.07 11.64 -24.12
C PHE B 1063 -0.84 11.38 -22.84
N ILE B 1064 -0.72 12.28 -21.87
CA ILE B 1064 -1.24 12.10 -20.52
C ILE B 1064 -2.62 12.77 -20.27
N PRO B 1065 -3.58 12.10 -19.57
CA PRO B 1065 -4.88 12.73 -19.28
C PRO B 1065 -4.74 14.00 -18.41
N ASP B 1066 -5.61 15.02 -18.66
CA ASP B 1066 -5.63 16.35 -18.03
C ASP B 1066 -5.63 16.28 -16.52
N GLN B 1067 -6.24 15.21 -15.98
CA GLN B 1067 -6.35 14.90 -14.55
C GLN B 1067 -5.71 13.52 -14.26
N ARG B 1068 -5.96 12.99 -13.07
CA ARG B 1068 -5.50 11.72 -12.54
C ARG B 1068 -6.27 10.57 -13.19
N ASN B 1069 -7.50 10.26 -12.69
CA ASN B 1069 -8.41 9.19 -13.17
C ASN B 1069 -9.33 9.69 -14.27
N ASN B 1070 -8.75 10.38 -15.24
CA ASN B 1070 -9.49 10.95 -16.36
C ASN B 1070 -9.21 10.19 -17.64
N PRO B 1071 -10.16 10.18 -18.62
CA PRO B 1071 -9.92 9.44 -19.87
C PRO B 1071 -8.78 10.05 -20.65
N LEU B 1072 -8.02 9.20 -21.32
CA LEU B 1072 -6.84 9.52 -22.11
C LEU B 1072 -7.11 10.56 -23.20
N PRO B 1073 -6.07 11.31 -23.63
CA PRO B 1073 -6.27 12.33 -24.69
C PRO B 1073 -6.32 11.69 -26.08
N ILE B 1074 -7.45 11.04 -26.36
CA ILE B 1074 -7.71 10.35 -27.62
C ILE B 1074 -8.26 11.37 -28.64
N LEU B 1075 -8.00 11.12 -29.93
CA LEU B 1075 -8.44 11.97 -31.04
C LEU B 1075 -9.10 11.09 -32.11
N SER B 1076 -9.46 11.69 -33.26
CA SER B 1076 -10.00 10.98 -34.42
C SER B 1076 -8.86 10.15 -35.05
N PRO B 1077 -9.11 9.07 -35.84
CA PRO B 1077 -7.99 8.31 -36.44
C PRO B 1077 -6.99 9.20 -37.18
N SER B 1078 -7.51 10.22 -37.88
CA SER B 1078 -6.94 11.33 -38.66
C SER B 1078 -5.53 11.08 -39.36
N PRO B 1079 -4.28 11.13 -38.78
CA PRO B 1079 -3.09 10.96 -39.63
C PRO B 1079 -2.90 9.55 -40.14
N ASP B 1080 -3.29 8.56 -39.34
CA ASP B 1080 -3.23 7.17 -39.68
C ASP B 1080 -4.55 6.51 -39.31
N PRO B 1081 -5.36 6.08 -40.30
CA PRO B 1081 -6.68 5.49 -39.98
C PRO B 1081 -6.55 4.16 -39.25
N TRP B 1082 -7.55 3.82 -38.45
CA TRP B 1082 -7.54 2.58 -37.69
C TRP B 1082 -7.69 1.35 -38.61
N ASP B 1083 -8.44 1.48 -39.72
CA ASP B 1083 -8.76 0.40 -40.65
C ASP B 1083 -7.67 0.20 -41.73
N ARG B 1084 -6.40 0.17 -41.31
CA ARG B 1084 -5.32 -0.09 -42.24
C ARG B 1084 -4.51 -1.29 -41.75
N ASP B 1085 -4.02 -2.10 -42.68
CA ASP B 1085 -3.26 -3.29 -42.33
C ASP B 1085 -1.80 -2.93 -42.11
N VAL B 1086 -1.15 -3.68 -41.19
CA VAL B 1086 0.25 -3.50 -40.83
C VAL B 1086 1.08 -4.04 -41.98
N VAL B 1087 1.68 -3.11 -42.72
CA VAL B 1087 2.44 -3.40 -43.92
C VAL B 1087 3.82 -3.91 -43.59
N TYR B 1088 4.57 -3.21 -42.73
CA TYR B 1088 5.93 -3.68 -42.42
C TYR B 1088 5.88 -4.98 -41.66
N THR B 1089 6.47 -6.01 -42.25
CA THR B 1089 6.59 -7.32 -41.62
C THR B 1089 8.10 -7.63 -41.54
N PRO B 1090 8.61 -8.02 -40.36
CA PRO B 1090 10.06 -8.19 -40.19
C PRO B 1090 10.68 -9.35 -40.98
N PRO B 1091 11.92 -9.19 -41.53
CA PRO B 1091 12.56 -10.31 -42.23
C PRO B 1091 12.95 -11.39 -41.24
N TYR B 1092 12.68 -12.65 -41.56
CA TYR B 1092 12.93 -13.76 -40.66
C TYR B 1092 14.39 -14.21 -40.59
N LYS B 1093 15.18 -13.94 -41.63
CA LYS B 1093 16.57 -14.37 -41.63
C LYS B 1093 17.43 -13.54 -40.66
N GLN B 1094 17.62 -12.25 -40.97
CA GLN B 1094 18.47 -11.34 -40.22
C GLN B 1094 17.72 -10.51 -39.18
N THR B 1095 18.43 -9.54 -38.62
CA THR B 1095 17.97 -8.59 -37.64
C THR B 1095 17.36 -7.39 -38.32
N TYR B 1096 16.44 -6.76 -37.61
CA TYR B 1096 15.68 -5.62 -38.07
C TYR B 1096 15.55 -4.61 -36.95
N ASP B 1097 15.43 -3.32 -37.28
CA ASP B 1097 15.20 -2.30 -36.28
C ASP B 1097 13.73 -2.36 -35.92
N VAL B 1098 13.49 -2.92 -34.75
CA VAL B 1098 12.17 -3.16 -34.16
C VAL B 1098 11.33 -1.86 -34.17
N ARG B 1099 12.00 -0.67 -34.20
CA ARG B 1099 11.37 0.66 -34.27
C ARG B 1099 10.46 0.78 -35.47
N TRP B 1100 10.85 0.08 -36.55
CA TRP B 1100 10.11 0.04 -37.80
C TRP B 1100 8.78 -0.67 -37.65
N MET B 1101 8.70 -1.63 -36.72
CA MET B 1101 7.46 -2.37 -36.49
C MET B 1101 6.46 -1.52 -35.70
N ILE B 1102 6.95 -0.49 -34.99
CA ILE B 1102 6.13 0.36 -34.14
C ILE B 1102 5.51 1.53 -34.92
N ALA B 1103 6.34 2.47 -35.41
CA ALA B 1103 5.87 3.65 -36.13
C ALA B 1103 5.79 3.39 -37.63
N GLY B 1104 6.80 2.72 -38.17
CA GLY B 1104 6.91 2.40 -39.59
C GLY B 1104 8.34 2.45 -40.08
N LYS B 1105 8.60 1.77 -41.19
CA LYS B 1105 9.93 1.77 -41.77
C LYS B 1105 9.97 2.76 -42.90
N GLU B 1106 10.83 3.76 -42.77
CA GLU B 1106 11.03 4.67 -43.88
C GLU B 1106 11.96 3.93 -44.82
N ASP B 1107 11.43 3.61 -45.98
CA ASP B 1107 12.17 2.80 -46.92
C ASP B 1107 12.52 3.55 -48.18
N GLU B 1108 13.39 2.93 -48.98
CA GLU B 1108 13.83 3.38 -50.30
C GLU B 1108 12.57 3.41 -51.19
N ASP B 1109 11.85 2.26 -51.28
CA ASP B 1109 10.60 2.09 -52.02
C ASP B 1109 9.41 2.31 -51.09
N GLY B 1110 8.84 3.51 -51.19
CA GLY B 1110 7.71 3.97 -50.38
C GLY B 1110 7.96 3.99 -48.90
N PHE B 1111 6.88 3.90 -48.12
CA PHE B 1111 6.93 3.88 -46.66
C PHE B 1111 5.96 2.82 -46.19
N GLN B 1112 6.48 1.83 -45.46
CA GLN B 1112 5.67 0.74 -44.92
C GLN B 1112 5.34 1.02 -43.46
N PRO B 1113 4.07 1.34 -43.15
CA PRO B 1113 3.72 1.69 -41.76
C PRO B 1113 3.74 0.50 -40.79
N GLY B 1114 3.96 0.85 -39.52
CA GLY B 1114 3.99 -0.08 -38.39
C GLY B 1114 2.60 -0.37 -37.87
N LEU B 1115 2.47 -0.78 -36.59
CA LEU B 1115 1.12 -1.06 -36.12
C LEU B 1115 0.59 0.14 -35.33
N PHE B 1116 1.44 1.14 -35.08
CA PHE B 1116 1.00 2.38 -34.46
C PHE B 1116 0.92 3.48 -35.50
N ASP B 1117 0.38 4.64 -35.10
CA ASP B 1117 0.21 5.80 -35.98
C ASP B 1117 1.51 6.30 -36.50
N LYS B 1118 1.48 6.70 -37.77
CA LYS B 1118 2.61 7.28 -38.49
C LYS B 1118 3.02 8.55 -37.73
N ASP B 1119 4.33 8.64 -37.41
CA ASP B 1119 4.97 9.75 -36.71
C ASP B 1119 4.24 10.07 -35.38
N SER B 1120 4.26 9.08 -34.46
CA SER B 1120 3.62 9.22 -33.16
C SER B 1120 4.53 8.70 -32.03
N PHE B 1121 5.62 7.97 -32.38
CA PHE B 1121 6.53 7.38 -31.39
C PHE B 1121 7.58 8.34 -30.81
N VAL B 1122 7.73 8.34 -29.46
CA VAL B 1122 8.70 9.15 -28.69
C VAL B 1122 9.53 8.25 -27.74
N GLU B 1123 10.72 7.83 -28.19
CA GLU B 1123 11.62 6.94 -27.42
C GLU B 1123 12.26 7.65 -26.23
N THR B 1124 12.29 6.95 -25.06
CA THR B 1124 12.92 7.42 -23.82
C THR B 1124 13.91 6.36 -23.25
N LEU B 1125 14.96 6.85 -22.54
CA LEU B 1125 16.05 6.12 -21.86
C LEU B 1125 16.87 5.19 -22.78
N GLY B 1126 16.66 5.27 -24.08
CA GLY B 1126 17.34 4.47 -25.09
C GLY B 1126 18.84 4.62 -25.21
N GLY B 1127 19.47 5.29 -24.23
CA GLY B 1127 20.92 5.50 -24.13
C GLY B 1127 21.54 4.60 -23.08
N TRP B 1128 20.67 3.96 -22.30
CA TRP B 1128 21.00 3.02 -21.25
C TRP B 1128 20.24 1.74 -21.54
N ALA B 1129 20.95 0.60 -21.65
CA ALA B 1129 20.37 -0.72 -21.93
C ALA B 1129 19.46 -0.70 -23.16
N ARG B 1130 20.04 -0.40 -24.33
CA ARG B 1130 19.33 -0.30 -25.61
C ARG B 1130 18.73 -1.65 -26.09
N THR B 1131 19.00 -2.75 -25.36
CA THR B 1131 18.51 -4.12 -25.64
C THR B 1131 17.01 -4.22 -25.43
N VAL B 1132 16.42 -3.13 -24.97
CA VAL B 1132 14.99 -2.99 -24.76
C VAL B 1132 14.66 -1.54 -25.13
N VAL B 1133 13.67 -1.37 -26.02
CA VAL B 1133 13.26 -0.07 -26.54
C VAL B 1133 11.94 0.34 -25.90
N VAL B 1134 11.95 1.53 -25.29
CA VAL B 1134 10.81 2.07 -24.54
C VAL B 1134 10.35 3.40 -25.11
N GLY B 1135 9.04 3.61 -25.12
CA GLY B 1135 8.48 4.88 -25.57
C GLY B 1135 6.97 4.95 -25.51
N ARG B 1136 6.45 6.10 -25.90
CA ARG B 1136 5.03 6.38 -25.96
C ARG B 1136 4.63 6.64 -27.42
N ALA B 1137 3.47 6.09 -27.85
CA ALA B 1137 2.92 6.20 -29.21
C ALA B 1137 1.37 6.15 -29.21
N ARG B 1138 0.72 6.40 -30.38
CA ARG B 1138 -0.74 6.39 -30.52
C ARG B 1138 -1.24 5.28 -31.46
N LEU B 1139 -2.36 4.62 -31.10
CA LEU B 1139 -2.99 3.55 -31.87
C LEU B 1139 -4.40 4.00 -32.30
N GLY B 1140 -4.49 4.52 -33.52
CA GLY B 1140 -5.71 5.06 -34.12
C GLY B 1140 -6.26 6.26 -33.38
N GLY B 1141 -5.38 6.94 -32.64
CA GLY B 1141 -5.72 8.08 -31.81
C GLY B 1141 -5.51 7.81 -30.33
N ILE B 1142 -5.63 6.52 -29.90
CA ILE B 1142 -5.49 6.11 -28.50
C ILE B 1142 -4.01 6.10 -28.09
N PRO B 1143 -3.58 6.98 -27.17
CA PRO B 1143 -2.16 6.97 -26.74
C PRO B 1143 -1.88 5.82 -25.77
N MET B 1144 -0.67 5.21 -25.86
CA MET B 1144 -0.30 4.09 -24.97
C MET B 1144 1.23 3.85 -24.91
N GLY B 1145 1.65 3.15 -23.85
CA GLY B 1145 3.03 2.78 -23.58
C GLY B 1145 3.47 1.60 -24.43
N VAL B 1146 4.72 1.70 -24.91
CA VAL B 1146 5.30 0.69 -25.79
C VAL B 1146 6.65 0.24 -25.26
N ILE B 1147 6.82 -1.08 -25.22
CA ILE B 1147 8.04 -1.78 -24.84
C ILE B 1147 8.28 -2.86 -25.88
N ALA B 1148 9.48 -2.88 -26.48
CA ALA B 1148 9.84 -3.85 -27.49
C ALA B 1148 11.26 -4.32 -27.29
N VAL B 1149 11.59 -5.50 -27.84
CA VAL B 1149 12.92 -6.07 -27.69
C VAL B 1149 13.73 -5.85 -28.92
N GLU B 1150 14.94 -5.25 -28.74
CA GLU B 1150 15.88 -5.05 -29.83
C GLU B 1150 16.47 -6.40 -30.23
N THR B 1151 16.46 -6.69 -31.54
CA THR B 1151 16.94 -7.95 -32.13
C THR B 1151 18.42 -7.88 -32.49
N ARG B 1152 18.92 -6.68 -32.85
CA ARG B 1152 20.32 -6.45 -33.24
C ARG B 1152 21.21 -6.45 -32.02
N THR B 1153 22.45 -6.95 -32.18
CA THR B 1153 23.43 -7.01 -31.11
C THR B 1153 23.99 -5.61 -30.87
N ILE B 1154 23.47 -4.93 -29.84
CA ILE B 1154 23.92 -3.58 -29.47
C ILE B 1154 25.18 -3.70 -28.59
N GLU B 1155 25.96 -2.61 -28.52
CA GLU B 1155 27.23 -2.59 -27.80
C GLU B 1155 27.37 -1.35 -26.97
N ASN B 1156 27.16 -1.47 -25.66
CA ASN B 1156 27.31 -0.34 -24.77
C ASN B 1156 28.73 -0.38 -24.23
N ILE B 1157 29.43 0.74 -24.29
CA ILE B 1157 30.81 0.77 -23.81
C ILE B 1157 30.88 1.75 -22.68
N THR B 1158 31.17 1.23 -21.50
CA THR B 1158 31.29 2.00 -20.28
C THR B 1158 32.59 2.81 -20.29
N PRO B 1159 32.57 4.09 -19.88
CA PRO B 1159 33.82 4.88 -19.90
C PRO B 1159 34.81 4.47 -18.80
N ALA B 1160 36.09 4.85 -18.99
CA ALA B 1160 37.18 4.61 -18.04
C ALA B 1160 37.16 5.67 -16.94
N ASP B 1161 37.38 5.26 -15.70
CA ASP B 1161 37.37 6.18 -14.56
C ASP B 1161 38.71 6.95 -14.46
N PRO B 1162 38.70 8.30 -14.39
CA PRO B 1162 39.98 9.03 -14.28
C PRO B 1162 40.57 8.92 -12.88
N ALA B 1163 39.72 8.65 -11.86
CA ALA B 1163 40.09 8.49 -10.45
C ALA B 1163 41.05 7.33 -10.25
N ASN B 1164 40.82 6.20 -10.95
CA ASN B 1164 41.74 5.06 -10.93
C ASN B 1164 42.39 5.03 -12.31
N PRO B 1165 43.70 5.36 -12.38
CA PRO B 1165 44.36 5.50 -13.69
C PRO B 1165 44.38 4.24 -14.57
N ASP B 1166 44.25 3.07 -13.95
CA ASP B 1166 44.28 1.79 -14.64
C ASP B 1166 42.93 1.46 -15.30
N SER B 1167 41.81 1.84 -14.63
CA SER B 1167 40.43 1.62 -15.10
C SER B 1167 40.32 1.93 -16.58
N ILE B 1168 39.92 0.93 -17.34
CA ILE B 1168 39.79 1.00 -18.79
C ILE B 1168 38.31 1.00 -19.16
N GLU B 1169 38.01 1.51 -20.38
CA GLU B 1169 36.67 1.51 -20.96
C GLU B 1169 36.31 0.08 -21.24
N GLN B 1170 35.16 -0.41 -20.72
CA GLN B 1170 34.90 -1.81 -20.99
C GLN B 1170 33.79 -2.05 -22.01
N VAL B 1171 34.18 -2.88 -22.94
CA VAL B 1171 33.48 -3.40 -24.10
C VAL B 1171 32.44 -4.42 -23.66
N THR B 1172 31.17 -4.15 -23.97
CA THR B 1172 30.10 -5.06 -23.66
C THR B 1172 29.16 -5.08 -24.81
N ASN B 1173 28.99 -6.26 -25.39
CA ASN B 1173 28.10 -6.48 -26.51
C ASN B 1173 26.88 -7.17 -26.03
N GLU B 1174 25.86 -6.38 -25.79
CA GLU B 1174 24.56 -6.84 -25.33
C GLU B 1174 23.83 -7.44 -26.56
N ALA B 1175 24.02 -8.75 -26.82
CA ALA B 1175 23.40 -9.45 -27.96
C ALA B 1175 21.87 -9.33 -27.89
N GLY B 1176 21.27 -8.97 -29.02
CA GLY B 1176 19.83 -8.74 -29.15
C GLY B 1176 18.90 -9.88 -28.80
N GLY B 1177 17.75 -9.53 -28.25
CA GLY B 1177 16.70 -10.46 -27.85
C GLY B 1177 16.97 -11.21 -26.55
N VAL B 1178 17.83 -10.65 -25.65
CA VAL B 1178 18.20 -11.24 -24.35
C VAL B 1178 18.02 -10.20 -23.21
N TRP B 1179 17.77 -10.68 -21.99
CA TRP B 1179 17.62 -9.80 -20.84
C TRP B 1179 18.88 -9.78 -20.04
N TYR B 1180 19.33 -8.57 -19.76
CA TYR B 1180 20.53 -8.28 -18.99
C TYR B 1180 20.15 -7.51 -17.75
N PRO B 1181 21.01 -7.46 -16.68
CA PRO B 1181 20.65 -6.70 -15.47
C PRO B 1181 20.05 -5.32 -15.75
N ASN B 1182 20.75 -4.53 -16.59
CA ASN B 1182 20.33 -3.19 -16.99
C ASN B 1182 19.01 -3.21 -17.85
N SER B 1183 18.82 -4.20 -18.79
CA SER B 1183 17.62 -4.34 -19.64
C SER B 1183 16.37 -4.59 -18.80
N ALA B 1184 16.50 -5.50 -17.82
CA ALA B 1184 15.45 -5.87 -16.87
C ALA B 1184 15.03 -4.65 -16.04
N PHE B 1185 16.02 -3.93 -15.45
CA PHE B 1185 15.85 -2.70 -14.67
C PHE B 1185 15.11 -1.66 -15.51
N LYS B 1186 15.52 -1.51 -16.79
CA LYS B 1186 14.88 -0.59 -17.75
C LYS B 1186 13.41 -1.00 -17.88
N THR B 1187 13.12 -2.31 -18.16
CA THR B 1187 11.76 -2.87 -18.30
C THR B 1187 10.92 -2.49 -17.05
N ALA B 1188 11.41 -2.86 -15.85
CA ALA B 1188 10.76 -2.59 -14.55
C ALA B 1188 10.47 -1.10 -14.30
N GLN B 1189 11.48 -0.22 -14.51
CA GLN B 1189 11.34 1.24 -14.36
C GLN B 1189 10.18 1.74 -15.22
N ALA B 1190 10.24 1.46 -16.54
CA ALA B 1190 9.25 1.84 -17.55
C ALA B 1190 7.84 1.48 -17.16
N ILE B 1191 7.61 0.24 -16.63
CA ILE B 1191 6.30 -0.28 -16.21
C ILE B 1191 5.69 0.63 -15.14
N ASN B 1192 6.46 0.91 -14.06
CA ASN B 1192 6.04 1.79 -12.97
C ASN B 1192 5.80 3.24 -13.47
N ASP B 1193 6.66 3.73 -14.41
CA ASP B 1193 6.55 5.07 -15.00
C ASP B 1193 5.22 5.21 -15.77
N PHE B 1194 4.87 4.23 -16.64
CA PHE B 1194 3.60 4.23 -17.38
C PHE B 1194 2.36 3.93 -16.46
N ASN B 1195 2.60 3.45 -15.25
CA ASN B 1195 1.56 3.10 -14.29
C ASN B 1195 1.19 4.28 -13.40
N TYR B 1196 2.13 4.78 -12.56
CA TYR B 1196 1.89 5.90 -11.65
C TYR B 1196 1.93 7.23 -12.37
N GLY B 1197 0.88 8.01 -12.15
CA GLY B 1197 0.73 9.32 -12.73
C GLY B 1197 0.31 9.33 -14.19
N GLU B 1198 1.16 8.72 -15.07
CA GLU B 1198 0.95 8.63 -16.53
C GLU B 1198 -0.36 7.91 -16.88
N GLN B 1199 -0.64 6.77 -16.20
CA GLN B 1199 -1.82 5.87 -16.26
C GLN B 1199 -2.21 5.58 -17.71
N LEU B 1200 -1.31 4.91 -18.39
CA LEU B 1200 -1.42 4.56 -19.79
C LEU B 1200 -1.56 3.05 -19.99
N PRO B 1201 -2.21 2.61 -21.08
CA PRO B 1201 -2.25 1.17 -21.40
C PRO B 1201 -0.92 0.73 -21.96
N LEU B 1202 -0.60 -0.54 -21.85
CA LEU B 1202 0.68 -0.97 -22.36
C LEU B 1202 0.67 -2.02 -23.37
N MET B 1203 1.61 -1.91 -24.28
CA MET B 1203 1.86 -2.90 -25.30
C MET B 1203 3.30 -3.40 -25.18
N ILE B 1204 3.46 -4.73 -25.06
CA ILE B 1204 4.77 -5.35 -24.97
C ILE B 1204 4.96 -6.37 -26.06
N LEU B 1205 5.88 -6.02 -26.97
CA LEU B 1205 6.26 -6.89 -28.07
C LEU B 1205 7.32 -7.82 -27.57
N ALA B 1206 6.88 -8.81 -26.81
CA ALA B 1206 7.70 -9.83 -26.18
C ALA B 1206 8.52 -10.61 -27.22
N ASN B 1207 9.86 -10.54 -27.13
CA ASN B 1207 10.77 -11.21 -28.07
C ASN B 1207 12.05 -11.72 -27.37
N TRP B 1208 12.10 -11.73 -26.00
CA TRP B 1208 13.29 -12.26 -25.30
C TRP B 1208 13.27 -13.81 -25.29
N ARG B 1209 14.45 -14.44 -25.55
CA ARG B 1209 14.61 -15.90 -25.54
C ARG B 1209 15.14 -16.43 -24.18
N GLY B 1210 15.12 -15.56 -23.17
CA GLY B 1210 15.54 -15.88 -21.81
C GLY B 1210 16.47 -14.85 -21.19
N PHE B 1211 17.33 -15.33 -20.31
CA PHE B 1211 18.30 -14.51 -19.61
C PHE B 1211 19.69 -14.99 -19.85
N SER B 1212 20.67 -14.14 -19.54
CA SER B 1212 22.10 -14.47 -19.60
C SER B 1212 22.50 -14.94 -18.20
N GLY B 1213 22.74 -16.24 -18.08
CA GLY B 1213 23.13 -16.88 -16.83
C GLY B 1213 24.63 -16.78 -16.57
N GLY B 1214 25.32 -15.98 -17.39
CA GLY B 1214 26.75 -15.71 -17.31
C GLY B 1214 27.11 -15.19 -15.93
N GLN B 1215 28.21 -15.71 -15.36
CA GLN B 1215 28.73 -15.41 -14.02
C GLN B 1215 28.63 -13.94 -13.72
N ARG B 1216 29.20 -13.10 -14.59
CA ARG B 1216 29.21 -11.67 -14.40
C ARG B 1216 27.78 -11.13 -14.26
N ASP B 1217 26.86 -11.50 -15.17
CA ASP B 1217 25.48 -11.04 -15.15
C ASP B 1217 24.73 -11.54 -13.90
N MET B 1218 25.07 -12.73 -13.42
CA MET B 1218 24.47 -13.32 -12.24
C MET B 1218 24.87 -12.56 -10.99
N TYR B 1219 26.19 -12.31 -10.83
CA TYR B 1219 26.79 -11.53 -9.75
C TYR B 1219 26.23 -10.12 -9.79
N ASN B 1220 25.99 -9.59 -11.01
CA ASN B 1220 25.46 -8.25 -11.19
C ASN B 1220 23.98 -8.16 -10.83
N GLU B 1221 23.53 -9.07 -9.93
CA GLU B 1221 22.20 -9.14 -9.31
C GLU B 1221 21.07 -9.22 -10.39
N VAL B 1222 21.31 -10.00 -11.49
CA VAL B 1222 20.33 -10.14 -12.59
C VAL B 1222 18.96 -10.50 -12.03
N LEU B 1223 18.96 -11.43 -11.08
CA LEU B 1223 17.78 -11.95 -10.42
C LEU B 1223 17.00 -10.86 -9.66
N LYS B 1224 17.71 -9.90 -9.01
CA LYS B 1224 17.10 -8.82 -8.23
C LYS B 1224 16.19 -7.95 -9.09
N TYR B 1225 16.71 -7.49 -10.23
CA TYR B 1225 15.95 -6.68 -11.15
C TYR B 1225 14.90 -7.47 -11.90
N GLY B 1226 15.08 -8.79 -12.01
CA GLY B 1226 14.15 -9.69 -12.70
C GLY B 1226 12.83 -9.78 -11.97
N SER B 1227 12.91 -9.86 -10.64
CA SER B 1227 11.80 -9.89 -9.72
C SER B 1227 11.03 -8.58 -9.78
N PHE B 1228 11.77 -7.47 -9.91
CA PHE B 1228 11.26 -6.10 -9.98
C PHE B 1228 10.30 -5.89 -11.17
N ILE B 1229 10.37 -6.76 -12.24
CA ILE B 1229 9.43 -6.74 -13.37
C ILE B 1229 8.08 -7.24 -12.82
N VAL B 1230 8.09 -8.44 -12.17
CA VAL B 1230 6.93 -9.11 -11.54
C VAL B 1230 6.23 -8.16 -10.53
N ASP B 1231 7.01 -7.55 -9.61
CA ASP B 1231 6.49 -6.62 -8.62
C ASP B 1231 5.76 -5.45 -9.31
N ALA B 1232 6.43 -4.80 -10.30
CA ALA B 1232 5.91 -3.67 -11.10
C ALA B 1232 4.64 -4.02 -11.87
N LEU B 1233 4.49 -5.27 -12.31
CA LEU B 1233 3.35 -5.75 -13.08
C LEU B 1233 2.08 -5.98 -12.24
N THR B 1234 2.22 -6.39 -10.95
CA THR B 1234 1.09 -6.65 -10.04
C THR B 1234 0.46 -5.34 -9.56
N ARG B 1235 1.23 -4.27 -9.69
CA ARG B 1235 0.86 -2.93 -9.28
C ARG B 1235 -0.02 -2.23 -10.33
N PHE B 1236 0.18 -2.51 -11.63
CA PHE B 1236 -0.54 -1.91 -12.76
C PHE B 1236 -2.10 -2.00 -12.64
N GLU B 1237 -2.80 -0.95 -13.15
CA GLU B 1237 -4.25 -0.72 -13.09
C GLU B 1237 -4.91 -0.83 -14.47
N LYS B 1238 -4.35 -0.08 -15.42
CA LYS B 1238 -4.77 0.00 -16.81
C LYS B 1238 -4.47 -1.29 -17.58
N PRO B 1239 -5.19 -1.57 -18.69
CA PRO B 1239 -4.87 -2.79 -19.48
C PRO B 1239 -3.45 -2.90 -20.06
N ILE B 1240 -2.92 -4.13 -20.09
CA ILE B 1240 -1.59 -4.48 -20.61
C ILE B 1240 -1.71 -5.60 -21.61
N PHE B 1241 -1.07 -5.44 -22.75
CA PHE B 1241 -1.12 -6.47 -23.76
C PHE B 1241 0.27 -6.98 -24.09
N ILE B 1242 0.43 -8.29 -23.91
CA ILE B 1242 1.67 -8.99 -24.18
C ILE B 1242 1.46 -9.67 -25.51
N TYR B 1243 2.09 -9.16 -26.54
CA TYR B 1243 1.90 -9.75 -27.85
C TYR B 1243 3.22 -10.20 -28.40
N ILE B 1244 3.34 -11.52 -28.63
CA ILE B 1244 4.54 -12.06 -29.24
C ILE B 1244 4.43 -11.80 -30.74
N PRO B 1245 5.34 -11.00 -31.33
CA PRO B 1245 5.19 -10.66 -32.75
C PRO B 1245 5.68 -11.78 -33.68
N PRO B 1246 5.47 -11.71 -35.02
CA PRO B 1246 6.01 -12.76 -35.89
C PRO B 1246 7.51 -12.85 -35.69
N HIS B 1247 8.05 -14.09 -35.67
CA HIS B 1247 9.47 -14.38 -35.47
C HIS B 1247 9.84 -14.26 -33.98
N GLY B 1248 9.02 -13.54 -33.20
CA GLY B 1248 9.22 -13.35 -31.77
C GLY B 1248 9.24 -14.64 -30.98
N GLU B 1249 10.10 -14.71 -29.93
CA GLU B 1249 10.26 -15.89 -29.08
C GLU B 1249 10.01 -15.56 -27.62
N LEU B 1250 9.60 -16.57 -26.82
CA LEU B 1250 9.40 -16.39 -25.39
C LEU B 1250 9.65 -17.70 -24.68
N ARG B 1251 10.94 -17.97 -24.43
CA ARG B 1251 11.40 -19.19 -23.76
C ARG B 1251 11.53 -18.98 -22.26
N GLY B 1252 11.75 -20.08 -21.54
CA GLY B 1252 11.97 -20.21 -20.10
C GLY B 1252 11.75 -19.00 -19.23
N GLY B 1253 12.84 -18.62 -18.54
CA GLY B 1253 12.91 -17.50 -17.62
C GLY B 1253 12.19 -16.23 -18.04
N SER B 1254 12.19 -15.91 -19.35
CA SER B 1254 11.56 -14.73 -19.91
C SER B 1254 10.03 -14.77 -19.67
N TRP B 1255 9.35 -15.79 -20.21
CA TRP B 1255 7.91 -15.99 -20.11
C TRP B 1255 7.35 -15.75 -18.70
N VAL B 1256 7.95 -16.39 -17.72
CA VAL B 1256 7.55 -16.37 -16.32
C VAL B 1256 7.31 -14.94 -15.82
N VAL B 1257 8.27 -14.03 -16.04
CA VAL B 1257 8.20 -12.66 -15.52
C VAL B 1257 7.27 -11.77 -16.34
N VAL B 1258 6.48 -12.35 -17.25
CA VAL B 1258 5.57 -11.54 -18.06
C VAL B 1258 4.18 -12.18 -18.26
N ASP B 1259 3.97 -13.42 -17.75
CA ASP B 1259 2.71 -14.16 -17.90
C ASP B 1259 1.45 -13.38 -17.39
N PRO B 1260 0.28 -13.44 -18.10
CA PRO B 1260 -0.92 -12.71 -17.64
C PRO B 1260 -1.45 -13.09 -16.25
N THR B 1261 -1.14 -14.29 -15.72
CA THR B 1261 -1.60 -14.71 -14.39
C THR B 1261 -0.93 -13.91 -13.25
N ILE B 1262 0.01 -12.99 -13.58
CA ILE B 1262 0.64 -12.11 -12.60
C ILE B 1262 -0.46 -11.11 -12.18
N ASN B 1263 -1.00 -10.34 -13.15
CA ASN B 1263 -2.12 -9.44 -12.91
C ASN B 1263 -3.20 -9.76 -13.96
N PRO B 1264 -4.03 -10.82 -13.72
CA PRO B 1264 -5.04 -11.21 -14.73
C PRO B 1264 -6.11 -10.14 -15.00
N ALA B 1265 -6.33 -9.22 -14.04
CA ALA B 1265 -7.31 -8.11 -14.07
C ALA B 1265 -7.00 -7.04 -15.13
N SER B 1266 -5.72 -6.83 -15.41
CA SER B 1266 -5.31 -5.83 -16.38
C SER B 1266 -4.48 -6.44 -17.50
N MET B 1267 -3.89 -7.65 -17.34
CA MET B 1267 -3.10 -8.25 -18.41
C MET B 1267 -3.94 -9.06 -19.37
N GLU B 1268 -3.51 -9.09 -20.64
CA GLU B 1268 -4.15 -9.80 -21.74
C GLU B 1268 -3.03 -10.30 -22.68
N MET B 1269 -2.91 -11.62 -22.90
CA MET B 1269 -1.82 -12.10 -23.73
C MET B 1269 -2.23 -12.69 -25.07
N TYR B 1270 -1.54 -12.22 -26.11
CA TYR B 1270 -1.75 -12.63 -27.47
C TYR B 1270 -0.42 -13.06 -28.10
N ALA B 1271 -0.49 -13.95 -29.10
CA ALA B 1271 0.70 -14.44 -29.79
C ALA B 1271 0.47 -14.50 -31.30
N ASP B 1272 1.51 -14.20 -32.09
CA ASP B 1272 1.40 -14.24 -33.54
C ASP B 1272 1.30 -15.66 -34.06
N GLU B 1273 0.64 -15.83 -35.21
CA GLU B 1273 0.46 -17.13 -35.86
C GLU B 1273 1.80 -17.79 -36.12
N GLU B 1274 2.82 -17.00 -36.50
CA GLU B 1274 4.14 -17.54 -36.80
C GLU B 1274 5.19 -17.16 -35.72
N ALA B 1275 4.75 -17.07 -34.46
CA ALA B 1275 5.62 -16.82 -33.32
C ALA B 1275 5.94 -18.17 -32.64
N ARG B 1276 6.98 -18.21 -31.77
CA ARG B 1276 7.38 -19.43 -31.05
C ARG B 1276 7.50 -19.18 -29.55
N GLY B 1277 7.20 -20.20 -28.74
CA GLY B 1277 7.27 -20.12 -27.29
C GLY B 1277 7.20 -21.48 -26.62
N GLY B 1278 8.28 -21.85 -25.95
CA GLY B 1278 8.36 -23.13 -25.23
C GLY B 1278 9.15 -23.01 -23.94
N VAL B 1279 9.41 -24.17 -23.28
CA VAL B 1279 10.20 -24.27 -22.04
C VAL B 1279 11.64 -23.88 -22.37
N LEU B 1280 12.12 -24.44 -23.48
CA LEU B 1280 13.45 -24.22 -23.98
C LEU B 1280 13.43 -24.20 -25.49
N GLU B 1281 14.54 -23.72 -26.08
CA GLU B 1281 14.77 -23.66 -27.52
C GLU B 1281 14.69 -25.06 -28.10
N PRO B 1282 14.15 -25.26 -29.32
CA PRO B 1282 14.06 -26.64 -29.86
C PRO B 1282 15.43 -27.30 -29.94
N GLU B 1283 16.54 -26.51 -29.88
CA GLU B 1283 17.91 -27.01 -29.89
C GLU B 1283 18.35 -27.46 -28.50
N GLY B 1284 17.66 -26.94 -27.50
CA GLY B 1284 17.95 -27.30 -26.13
C GLY B 1284 17.20 -28.52 -25.65
N ILE B 1285 15.96 -28.73 -26.10
CA ILE B 1285 15.14 -29.86 -25.66
C ILE B 1285 15.62 -31.18 -26.26
N ILE B 1286 16.02 -31.18 -27.55
CA ILE B 1286 16.47 -32.36 -28.30
C ILE B 1286 17.51 -33.19 -27.51
N PRO B 1287 18.55 -32.65 -26.86
CA PRO B 1287 19.46 -33.55 -26.13
C PRO B 1287 18.91 -34.03 -24.79
N ILE B 1288 17.63 -33.74 -24.47
CA ILE B 1288 17.02 -34.16 -23.20
C ILE B 1288 15.89 -35.13 -23.44
N LYS B 1289 15.01 -34.86 -24.40
CA LYS B 1289 13.91 -35.76 -24.62
C LYS B 1289 14.07 -36.58 -25.89
N TYR B 1290 14.89 -36.14 -26.86
CA TYR B 1290 15.12 -36.90 -28.10
C TYR B 1290 16.61 -37.18 -28.30
N LYS B 1291 17.20 -37.92 -27.34
CA LYS B 1291 18.60 -38.30 -27.33
C LYS B 1291 18.94 -39.22 -28.51
N LYS B 1292 20.24 -39.44 -28.70
CA LYS B 1292 20.81 -40.27 -29.76
C LYS B 1292 20.07 -41.64 -29.91
N ASP B 1293 19.87 -42.37 -28.78
CA ASP B 1293 19.22 -43.69 -28.73
C ASP B 1293 17.77 -43.63 -29.22
N LYS B 1294 17.08 -42.53 -28.92
CA LYS B 1294 15.70 -42.30 -29.30
C LYS B 1294 15.60 -41.97 -30.80
N GLN B 1295 16.68 -41.39 -31.37
CA GLN B 1295 16.77 -41.03 -32.79
C GLN B 1295 17.05 -42.26 -33.63
N LEU B 1296 17.79 -43.25 -33.06
CA LEU B 1296 18.15 -44.50 -33.72
C LEU B 1296 17.01 -45.49 -33.76
N GLU B 1297 16.10 -45.43 -32.77
CA GLU B 1297 14.91 -46.28 -32.71
C GLU B 1297 13.91 -45.84 -33.78
N THR B 1298 13.94 -44.54 -34.11
CA THR B 1298 13.13 -43.90 -35.13
C THR B 1298 13.84 -44.03 -36.49
N MET B 1299 15.19 -44.22 -36.46
CA MET B 1299 16.03 -44.40 -37.65
C MET B 1299 15.81 -45.82 -38.23
N ALA B 1300 15.76 -46.84 -37.33
CA ALA B 1300 15.48 -48.24 -37.66
C ALA B 1300 13.97 -48.45 -37.90
N ARG B 1301 13.28 -47.38 -38.31
CA ARG B 1301 11.84 -47.34 -38.57
C ARG B 1301 11.55 -46.63 -39.92
N LEU B 1302 12.10 -45.40 -40.14
CA LEU B 1302 11.90 -44.61 -41.36
C LEU B 1302 12.95 -44.91 -42.45
N ASP B 1303 14.24 -45.03 -42.06
CA ASP B 1303 15.31 -45.33 -43.03
C ASP B 1303 15.25 -46.81 -43.39
N PRO B 1304 15.25 -47.15 -44.71
CA PRO B 1304 15.17 -48.56 -45.10
C PRO B 1304 16.48 -49.32 -44.94
N VAL B 1305 17.62 -48.63 -45.13
CA VAL B 1305 18.97 -49.21 -45.09
C VAL B 1305 19.34 -49.66 -43.66
N TYR B 1306 19.05 -48.82 -42.65
CA TYR B 1306 19.38 -49.10 -41.26
C TYR B 1306 18.60 -50.27 -40.66
N ARG B 1307 17.29 -50.40 -40.95
CA ARG B 1307 16.49 -51.50 -40.41
C ARG B 1307 16.83 -52.84 -41.11
N SER B 1308 17.35 -52.78 -42.36
CA SER B 1308 17.76 -53.96 -43.13
C SER B 1308 19.04 -54.55 -42.55
N LEU B 1309 19.97 -53.66 -42.16
CA LEU B 1309 21.23 -54.01 -41.54
C LEU B 1309 21.00 -54.56 -40.12
N LYS B 1310 19.91 -54.13 -39.47
CA LYS B 1310 19.48 -54.55 -38.14
C LYS B 1310 19.01 -56.01 -38.16
N LYS B 1311 18.47 -56.47 -39.30
CA LYS B 1311 18.00 -57.85 -39.51
C LYS B 1311 19.17 -58.84 -39.52
N GLU B 1312 20.37 -58.36 -39.89
CA GLU B 1312 21.59 -59.16 -40.02
C GLU B 1312 22.19 -59.53 -38.66
N MET B 1313 22.31 -58.55 -37.75
CA MET B 1313 22.89 -58.73 -36.41
C MET B 1313 21.99 -59.55 -35.50
N ALA B 1314 20.68 -59.38 -35.67
CA ALA B 1314 19.66 -60.06 -34.89
C ALA B 1314 19.55 -61.56 -35.19
N LYS B 1315 19.74 -61.97 -36.47
CA LYS B 1315 19.64 -63.37 -36.94
C LYS B 1315 20.84 -64.27 -36.55
N GLU B 1316 21.96 -63.66 -36.07
CA GLU B 1316 23.23 -64.30 -35.68
C GLU B 1316 23.76 -65.19 -36.85
N GLY B 1317 24.40 -66.33 -36.53
CA GLY B 1317 24.97 -67.24 -37.53
C GLY B 1317 26.12 -66.64 -38.32
N LEU B 1318 26.82 -65.66 -37.72
CA LEU B 1318 27.95 -64.95 -38.29
C LEU B 1318 29.06 -64.82 -37.25
N SER B 1319 30.28 -65.21 -37.64
CA SER B 1319 31.49 -65.21 -36.81
C SER B 1319 31.89 -63.82 -36.30
N LYS B 1320 33.00 -63.75 -35.54
CA LYS B 1320 33.57 -62.54 -34.94
C LYS B 1320 34.01 -61.52 -36.00
N GLU B 1321 34.50 -62.00 -37.16
CA GLU B 1321 34.94 -61.16 -38.29
C GLU B 1321 33.76 -60.79 -39.18
N GLU B 1322 32.67 -61.57 -39.07
CA GLU B 1322 31.42 -61.37 -39.82
C GLU B 1322 30.50 -60.36 -39.14
N SER B 1323 30.40 -60.42 -37.78
CA SER B 1323 29.58 -59.51 -36.96
C SER B 1323 30.21 -58.11 -36.90
N ASP B 1324 31.55 -58.02 -37.07
CA ASP B 1324 32.31 -56.77 -37.09
C ASP B 1324 31.94 -55.94 -38.33
N ASN B 1325 31.58 -56.62 -39.46
CA ASN B 1325 31.17 -56.01 -40.74
C ASN B 1325 29.90 -55.18 -40.58
N ILE B 1326 28.81 -55.78 -40.02
CA ILE B 1326 27.50 -55.15 -39.78
C ILE B 1326 27.66 -53.91 -38.87
N LYS B 1327 28.54 -53.98 -37.87
CA LYS B 1327 28.86 -52.91 -36.93
C LYS B 1327 29.50 -51.72 -37.66
N LYS B 1328 30.49 -51.99 -38.54
CA LYS B 1328 31.23 -51.01 -39.34
C LYS B 1328 30.45 -50.54 -40.59
N LYS B 1329 29.31 -51.16 -40.89
CA LYS B 1329 28.46 -50.78 -42.02
C LYS B 1329 27.36 -49.83 -41.54
N MET B 1330 26.79 -50.11 -40.35
CA MET B 1330 25.74 -49.33 -39.69
C MET B 1330 26.32 -48.05 -39.14
N GLN B 1331 27.46 -48.14 -38.43
CA GLN B 1331 28.14 -47.00 -37.84
C GLN B 1331 28.90 -46.17 -38.91
N GLN B 1332 28.35 -46.17 -40.12
CA GLN B 1332 28.77 -45.41 -41.30
C GLN B 1332 27.51 -44.82 -41.91
N ARG B 1333 26.44 -45.63 -41.97
CA ARG B 1333 25.14 -45.22 -42.48
C ARG B 1333 24.45 -44.27 -41.47
N GLU B 1334 24.54 -44.58 -40.15
CA GLU B 1334 23.96 -43.77 -39.07
C GLU B 1334 24.71 -42.43 -38.92
N GLU B 1335 25.98 -42.38 -39.36
CA GLU B 1335 26.83 -41.19 -39.31
C GLU B 1335 26.45 -40.19 -40.40
N LEU B 1336 25.90 -40.68 -41.52
CA LEU B 1336 25.46 -39.89 -42.67
C LEU B 1336 24.05 -39.33 -42.47
N LEU B 1337 23.18 -40.13 -41.83
CA LEU B 1337 21.78 -39.81 -41.57
C LEU B 1337 21.61 -38.92 -40.36
N LEU B 1338 22.54 -39.06 -39.39
CA LEU B 1338 22.59 -38.31 -38.13
C LEU B 1338 22.36 -36.80 -38.31
N PRO B 1339 23.04 -36.04 -39.23
CA PRO B 1339 22.79 -34.58 -39.29
C PRO B 1339 21.37 -34.21 -39.71
N ILE B 1340 20.78 -34.94 -40.67
CA ILE B 1340 19.44 -34.66 -41.15
C ILE B 1340 18.41 -35.20 -40.14
N TYR B 1341 18.71 -36.33 -39.45
CA TYR B 1341 17.84 -36.92 -38.42
C TYR B 1341 17.78 -36.03 -37.20
N HIS B 1342 18.86 -35.30 -36.95
CA HIS B 1342 19.00 -34.33 -35.87
C HIS B 1342 18.03 -33.19 -36.14
N GLN B 1343 18.12 -32.60 -37.34
CA GLN B 1343 17.28 -31.49 -37.79
C GLN B 1343 15.80 -31.86 -37.82
N ILE B 1344 15.48 -33.16 -38.04
CA ILE B 1344 14.11 -33.69 -38.06
C ILE B 1344 13.51 -33.49 -36.67
N CYS B 1345 14.23 -33.92 -35.64
CA CYS B 1345 13.83 -33.82 -34.25
C CYS B 1345 13.72 -32.35 -33.85
N VAL B 1346 14.56 -31.47 -34.45
CA VAL B 1346 14.55 -30.03 -34.22
C VAL B 1346 13.19 -29.46 -34.69
N GLN B 1347 12.77 -29.83 -35.93
CA GLN B 1347 11.49 -29.44 -36.52
C GLN B 1347 10.35 -30.02 -35.70
N PHE B 1348 10.48 -31.31 -35.30
CA PHE B 1348 9.52 -32.03 -34.48
C PHE B 1348 9.30 -31.29 -33.17
N ALA B 1349 10.40 -30.87 -32.53
CA ALA B 1349 10.40 -30.13 -31.27
C ALA B 1349 9.84 -28.74 -31.46
N ASP B 1350 10.07 -28.13 -32.63
CA ASP B 1350 9.58 -26.80 -32.92
C ASP B 1350 8.06 -26.79 -33.07
N LEU B 1351 7.49 -27.91 -33.56
CA LEU B 1351 6.03 -28.04 -33.72
C LEU B 1351 5.33 -27.95 -32.36
N HIS B 1352 6.04 -28.31 -31.27
CA HIS B 1352 5.56 -28.18 -29.88
C HIS B 1352 5.52 -26.70 -29.49
N ASP B 1353 6.58 -25.96 -29.87
CA ASP B 1353 6.80 -24.54 -29.61
C ASP B 1353 5.89 -23.61 -30.46
N ARG B 1354 5.11 -24.17 -31.39
CA ARG B 1354 4.22 -23.43 -32.30
C ARG B 1354 3.08 -22.74 -31.57
N ALA B 1355 2.50 -21.71 -32.21
CA ALA B 1355 1.39 -20.88 -31.70
C ALA B 1355 0.12 -21.67 -31.40
N GLY B 1356 -0.25 -22.59 -32.29
CA GLY B 1356 -1.43 -23.43 -32.16
C GLY B 1356 -1.56 -24.09 -30.81
N ARG B 1357 -0.44 -24.68 -30.35
CA ARG B 1357 -0.29 -25.35 -29.06
C ARG B 1357 -0.60 -24.40 -27.91
N MET B 1358 -0.14 -23.14 -28.01
CA MET B 1358 -0.31 -22.12 -26.98
C MET B 1358 -1.77 -21.81 -26.76
N LYS B 1359 -2.52 -21.62 -27.86
CA LYS B 1359 -3.94 -21.34 -27.79
C LYS B 1359 -4.67 -22.57 -27.25
N ALA B 1360 -4.20 -23.78 -27.63
CA ALA B 1360 -4.75 -25.06 -27.22
C ALA B 1360 -4.64 -25.31 -25.71
N LYS B 1361 -3.49 -24.92 -25.09
CA LYS B 1361 -3.32 -25.09 -23.63
C LYS B 1361 -3.83 -23.85 -22.86
N GLY B 1362 -4.37 -22.89 -23.62
CA GLY B 1362 -4.99 -21.66 -23.13
C GLY B 1362 -4.09 -20.68 -22.42
N VAL B 1363 -2.82 -20.60 -22.86
CA VAL B 1363 -1.87 -19.67 -22.26
C VAL B 1363 -2.03 -18.28 -22.92
N ILE B 1364 -2.65 -18.24 -24.10
CA ILE B 1364 -2.94 -17.01 -24.84
C ILE B 1364 -4.41 -16.98 -25.19
N ARG B 1365 -4.95 -15.78 -25.43
CA ARG B 1365 -6.37 -15.62 -25.76
C ARG B 1365 -6.62 -16.06 -27.20
N GLN B 1366 -5.92 -15.44 -28.17
CA GLN B 1366 -6.06 -15.75 -29.59
C GLN B 1366 -4.72 -15.75 -30.33
N SER B 1367 -4.68 -16.45 -31.48
CA SER B 1367 -3.55 -16.46 -32.42
C SER B 1367 -3.78 -15.26 -33.32
N LEU B 1368 -2.75 -14.45 -33.57
CA LEU B 1368 -2.97 -13.22 -34.32
C LEU B 1368 -2.18 -13.10 -35.60
N GLN B 1369 -2.84 -12.54 -36.62
CA GLN B 1369 -2.20 -12.24 -37.88
C GLN B 1369 -1.69 -10.83 -37.78
N TRP B 1370 -0.36 -10.71 -37.85
CA TRP B 1370 0.38 -9.46 -37.74
C TRP B 1370 -0.22 -8.37 -38.64
N ARG B 1371 -0.67 -8.74 -39.85
CA ARG B 1371 -1.29 -7.83 -40.79
C ARG B 1371 -2.46 -7.08 -40.17
N GLN B 1372 -3.31 -7.79 -39.41
CA GLN B 1372 -4.50 -7.16 -38.85
C GLN B 1372 -4.44 -7.08 -37.33
N SER B 1373 -3.23 -6.78 -36.82
CA SER B 1373 -2.97 -6.57 -35.41
C SER B 1373 -3.55 -5.22 -34.97
N ARG B 1374 -3.22 -4.16 -35.73
CA ARG B 1374 -3.67 -2.79 -35.54
C ARG B 1374 -5.20 -2.77 -35.40
N ARG B 1375 -5.90 -3.34 -36.40
CA ARG B 1375 -7.36 -3.43 -36.50
C ARG B 1375 -8.00 -4.14 -35.30
N PHE B 1376 -7.35 -5.19 -34.79
CA PHE B 1376 -7.88 -5.93 -33.64
C PHE B 1376 -7.71 -5.13 -32.35
N PHE B 1377 -6.50 -4.63 -32.11
CA PHE B 1377 -6.18 -3.93 -30.89
C PHE B 1377 -6.92 -2.62 -30.77
N TYR B 1378 -7.14 -1.87 -31.86
CA TYR B 1378 -7.87 -0.60 -31.75
C TYR B 1378 -9.16 -0.76 -30.98
N TRP B 1379 -9.98 -1.75 -31.38
CA TRP B 1379 -11.27 -1.98 -30.76
C TRP B 1379 -11.13 -2.74 -29.45
N ARG B 1380 -10.10 -3.60 -29.31
CA ARG B 1380 -9.94 -4.30 -28.03
C ARG B 1380 -9.45 -3.31 -26.96
N VAL B 1381 -8.65 -2.33 -27.35
CA VAL B 1381 -8.10 -1.28 -26.49
C VAL B 1381 -9.25 -0.42 -26.02
N ARG B 1382 -10.01 0.11 -26.98
CA ARG B 1382 -11.14 0.97 -26.71
C ARG B 1382 -12.17 0.21 -25.86
N ARG B 1383 -12.46 -1.08 -26.20
CA ARG B 1383 -13.43 -1.92 -25.47
C ARG B 1383 -13.01 -2.08 -24.02
N ARG B 1384 -11.72 -2.35 -23.78
CA ARG B 1384 -11.24 -2.52 -22.42
C ARG B 1384 -11.23 -1.21 -21.67
N LEU B 1385 -10.87 -0.09 -22.34
CA LEU B 1385 -10.84 1.26 -21.80
C LEU B 1385 -12.16 1.66 -21.16
N ILE B 1386 -13.25 1.49 -21.93
CA ILE B 1386 -14.60 1.87 -21.54
C ILE B 1386 -15.16 0.85 -20.54
N GLU B 1387 -15.01 -0.46 -20.83
CA GLU B 1387 -15.50 -1.55 -19.98
C GLU B 1387 -14.91 -1.44 -18.60
N ASP B 1388 -13.56 -1.34 -18.51
CA ASP B 1388 -12.85 -1.17 -17.25
C ASP B 1388 -13.52 -0.03 -16.43
N ASP B 1389 -13.76 1.17 -17.05
CA ASP B 1389 -14.40 2.34 -16.38
C ASP B 1389 -15.82 2.02 -15.91
N ILE B 1390 -16.62 1.31 -16.72
CA ILE B 1390 -17.97 0.92 -16.34
C ILE B 1390 -17.93 -0.01 -15.11
N LEU B 1391 -17.01 -0.99 -15.10
CA LEU B 1391 -16.84 -1.95 -13.99
C LEU B 1391 -16.38 -1.24 -12.70
N ARG B 1392 -15.47 -0.25 -12.84
CA ARG B 1392 -14.94 0.59 -11.74
C ARG B 1392 -16.13 1.34 -11.11
N ARG B 1393 -17.02 1.84 -11.98
CA ARG B 1393 -18.22 2.57 -11.63
C ARG B 1393 -19.25 1.63 -10.99
N ILE B 1394 -19.30 0.35 -11.42
CA ILE B 1394 -20.21 -0.67 -10.87
C ILE B 1394 -19.85 -0.90 -9.43
N GLU B 1395 -18.55 -1.07 -9.19
CA GLU B 1395 -18.04 -1.33 -7.87
C GLU B 1395 -18.23 -0.12 -6.96
N GLU B 1396 -18.04 1.10 -7.48
CA GLU B 1396 -18.20 2.34 -6.71
C GLU B 1396 -19.63 2.49 -6.18
N ALA B 1397 -20.59 1.86 -6.86
CA ALA B 1397 -22.00 1.90 -6.50
C ALA B 1397 -22.36 0.84 -5.45
N ILE B 1398 -21.96 -0.43 -5.67
CA ILE B 1398 -22.28 -1.55 -4.76
C ILE B 1398 -21.55 -1.38 -3.43
N ASN B 1399 -20.21 -1.42 -3.44
CA ASN B 1399 -19.41 -1.29 -2.22
C ASN B 1399 -18.64 0.02 -2.31
N PRO B 1400 -19.07 1.12 -1.63
CA PRO B 1400 -18.36 2.39 -1.78
C PRO B 1400 -17.03 2.45 -1.01
N ALA B 1401 -16.29 1.31 -1.00
CA ALA B 1401 -14.98 1.11 -0.37
C ALA B 1401 -13.83 1.34 -1.38
N ASN B 1410 -8.12 -14.31 -11.11
CA ASN B 1410 -7.12 -14.03 -10.09
C ASN B 1410 -6.73 -15.31 -9.36
N THR B 1411 -7.75 -16.01 -8.83
CA THR B 1411 -7.72 -17.18 -7.97
C THR B 1411 -7.15 -18.49 -8.59
N SER B 1412 -6.92 -18.59 -9.93
CA SER B 1412 -6.39 -19.84 -10.53
C SER B 1412 -5.68 -19.63 -11.89
N LEU B 1413 -5.30 -20.75 -12.57
CA LEU B 1413 -4.73 -20.82 -13.93
C LEU B 1413 -5.71 -20.31 -14.95
N ALA B 1414 -7.00 -20.48 -14.61
CA ALA B 1414 -8.18 -20.12 -15.40
C ALA B 1414 -8.36 -18.61 -15.55
N ALA B 1415 -7.70 -17.78 -14.70
CA ALA B 1415 -7.78 -16.32 -14.71
C ALA B 1415 -7.44 -15.72 -16.08
N SER B 1416 -8.51 -15.53 -16.87
CA SER B 1416 -8.50 -14.99 -18.23
C SER B 1416 -9.32 -13.71 -18.27
N PRO B 1417 -8.89 -12.70 -19.05
CA PRO B 1417 -9.62 -11.42 -19.12
C PRO B 1417 -11.12 -11.49 -19.37
N GLU B 1418 -11.61 -12.56 -19.99
CA GLU B 1418 -13.04 -12.75 -20.22
C GLU B 1418 -13.78 -12.99 -18.88
N THR B 1419 -13.00 -13.19 -17.77
CA THR B 1419 -13.44 -13.43 -16.37
C THR B 1419 -12.61 -12.57 -15.38
N ARG B 1420 -12.13 -11.39 -15.85
CA ARG B 1420 -11.31 -10.48 -15.06
C ARG B 1420 -12.11 -9.83 -13.88
N SER B 1421 -13.44 -9.68 -14.00
CA SER B 1421 -14.31 -9.09 -12.99
C SER B 1421 -15.58 -9.93 -12.77
N PRO B 1422 -16.14 -10.03 -11.54
CA PRO B 1422 -17.36 -10.83 -11.34
C PRO B 1422 -18.64 -10.13 -11.86
N HIS B 1423 -18.54 -8.83 -12.21
CA HIS B 1423 -19.66 -8.05 -12.72
C HIS B 1423 -19.86 -8.23 -14.21
N LEU B 1424 -18.84 -8.74 -14.93
CA LEU B 1424 -18.89 -8.98 -16.39
C LEU B 1424 -20.00 -9.98 -16.78
N VAL B 1425 -20.71 -10.49 -15.78
CA VAL B 1425 -21.84 -11.41 -15.92
C VAL B 1425 -23.12 -10.57 -15.95
N GLN B 1426 -23.20 -9.57 -15.05
CA GLN B 1426 -24.32 -8.63 -14.94
C GLN B 1426 -24.37 -7.71 -16.14
N LEU B 1427 -23.22 -7.08 -16.46
CA LEU B 1427 -23.04 -6.14 -17.58
C LEU B 1427 -23.36 -6.84 -18.90
N GLU B 1428 -23.01 -8.15 -19.02
CA GLU B 1428 -23.26 -9.01 -20.18
C GLU B 1428 -24.76 -9.01 -20.54
N SER B 1429 -25.63 -9.25 -19.54
CA SER B 1429 -27.09 -9.30 -19.68
C SER B 1429 -27.72 -7.90 -19.88
N TRP B 1430 -27.07 -6.83 -19.38
CA TRP B 1430 -27.55 -5.43 -19.55
C TRP B 1430 -27.33 -4.98 -20.98
N VAL B 1431 -26.26 -5.46 -21.60
CA VAL B 1431 -25.89 -5.12 -22.97
C VAL B 1431 -26.89 -5.82 -23.92
N GLY B 1432 -26.94 -7.15 -23.86
CA GLY B 1432 -27.84 -7.94 -24.67
C GLY B 1432 -27.26 -8.41 -25.99
N ILE B 1433 -25.98 -8.08 -26.25
CA ILE B 1433 -25.28 -8.49 -27.47
C ILE B 1433 -24.74 -9.92 -27.27
N PRO B 1434 -25.05 -10.86 -28.19
CA PRO B 1434 -24.58 -12.25 -27.99
C PRO B 1434 -23.05 -12.39 -27.98
N GLY B 1435 -22.38 -11.87 -29.02
CA GLY B 1435 -20.93 -11.93 -29.14
C GLY B 1435 -20.24 -10.93 -28.25
N PHE B 1436 -20.62 -10.91 -26.96
CA PHE B 1436 -20.13 -9.99 -25.93
C PHE B 1436 -18.64 -10.15 -25.64
N LYS B 1437 -18.18 -11.39 -25.36
CA LYS B 1437 -16.76 -11.63 -25.04
C LYS B 1437 -15.87 -11.34 -26.26
N THR B 1438 -16.45 -11.49 -27.48
CA THR B 1438 -15.82 -11.24 -28.77
C THR B 1438 -16.35 -9.86 -29.29
N ASN B 1439 -16.73 -9.75 -30.61
CA ASN B 1439 -17.24 -8.59 -31.35
C ASN B 1439 -16.96 -7.24 -30.65
N ASP B 1440 -15.65 -6.94 -30.38
CA ASP B 1440 -15.14 -5.74 -29.68
C ASP B 1440 -15.74 -4.44 -30.26
N ARG B 1441 -15.93 -4.38 -31.59
CA ARG B 1441 -16.47 -3.23 -32.31
C ARG B 1441 -17.95 -2.97 -31.98
N GLU B 1442 -18.79 -4.02 -32.04
CA GLU B 1442 -20.22 -3.99 -31.75
C GLU B 1442 -20.49 -3.52 -30.30
N VAL B 1443 -19.63 -3.94 -29.37
CA VAL B 1443 -19.69 -3.62 -27.95
C VAL B 1443 -19.46 -2.11 -27.74
N VAL B 1444 -18.29 -1.56 -28.19
CA VAL B 1444 -17.90 -0.14 -28.07
C VAL B 1444 -19.05 0.78 -28.47
N GLU B 1445 -19.56 0.56 -29.67
CA GLU B 1445 -20.63 1.34 -30.27
C GLU B 1445 -21.92 1.25 -29.45
N TRP B 1446 -22.14 0.15 -28.70
CA TRP B 1446 -23.33 0.02 -27.86
C TRP B 1446 -23.26 0.95 -26.65
N TYR B 1447 -22.09 0.98 -25.97
CA TYR B 1447 -21.86 1.82 -24.80
C TYR B 1447 -22.08 3.28 -25.10
N GLU B 1448 -21.50 3.72 -26.23
CA GLU B 1448 -21.56 5.06 -26.76
C GLU B 1448 -23.02 5.51 -26.94
N GLN B 1449 -23.87 4.60 -27.45
CA GLN B 1449 -25.28 4.88 -27.66
C GLN B 1449 -26.04 4.83 -26.35
N ASN B 1450 -25.84 3.77 -25.56
CA ASN B 1450 -26.54 3.58 -24.30
C ASN B 1450 -25.74 4.11 -23.12
N GLN B 1451 -25.23 5.34 -23.24
CA GLN B 1451 -24.48 6.06 -22.21
C GLN B 1451 -25.40 6.36 -21.01
N ASP B 1452 -26.63 6.80 -21.32
CA ASP B 1452 -27.66 7.13 -20.34
C ASP B 1452 -28.19 5.87 -19.65
N ARG B 1453 -28.39 4.77 -20.42
CA ARG B 1453 -28.93 3.50 -19.93
C ARG B 1453 -28.02 2.83 -18.92
N ILE B 1454 -26.71 3.02 -19.06
CA ILE B 1454 -25.74 2.47 -18.13
C ILE B 1454 -25.87 3.25 -16.82
N ASN B 1455 -25.70 4.60 -16.90
CA ASN B 1455 -25.77 5.55 -15.78
C ASN B 1455 -27.07 5.40 -15.01
N GLU B 1456 -28.11 4.94 -15.71
CA GLU B 1456 -29.45 4.66 -15.19
C GLU B 1456 -29.41 3.45 -14.27
N LYS B 1457 -28.91 2.31 -14.77
CA LYS B 1457 -28.82 1.06 -14.02
C LYS B 1457 -27.92 1.21 -12.83
N LEU B 1458 -26.87 2.02 -12.98
CA LEU B 1458 -25.89 2.36 -11.97
C LEU B 1458 -26.53 2.98 -10.77
N GLU B 1459 -27.30 4.03 -11.04
CA GLU B 1459 -27.99 4.81 -10.05
C GLU B 1459 -29.01 3.97 -9.33
N LYS B 1460 -29.72 3.08 -10.08
CA LYS B 1460 -30.70 2.12 -9.55
C LYS B 1460 -30.09 1.26 -8.50
N LEU B 1461 -28.86 0.84 -8.76
CA LEU B 1461 -28.06 -0.03 -7.94
C LEU B 1461 -27.44 0.73 -6.79
N LYS B 1462 -27.15 2.03 -7.00
CA LYS B 1462 -26.54 2.92 -6.00
C LYS B 1462 -27.45 3.13 -4.81
N LYS B 1463 -28.72 3.43 -5.06
CA LYS B 1463 -29.73 3.66 -4.02
C LYS B 1463 -30.09 2.35 -3.34
N GLU B 1464 -29.98 1.24 -4.10
CA GLU B 1464 -30.24 -0.13 -3.70
C GLU B 1464 -29.25 -0.56 -2.63
N SER B 1465 -27.94 -0.28 -2.85
CA SER B 1465 -26.84 -0.61 -1.95
C SER B 1465 -26.92 0.20 -0.64
N ILE B 1466 -27.51 1.43 -0.67
CA ILE B 1466 -27.72 2.33 0.48
C ILE B 1466 -28.69 1.67 1.49
N ALA B 1467 -29.82 1.18 0.98
CA ALA B 1467 -30.90 0.53 1.71
C ALA B 1467 -30.40 -0.65 2.55
N ASP B 1468 -29.58 -1.48 1.92
CA ASP B 1468 -29.01 -2.68 2.48
C ASP B 1468 -27.82 -2.38 3.39
N GLN B 1469 -27.03 -1.33 3.06
CA GLN B 1469 -25.83 -0.91 3.81
C GLN B 1469 -26.13 -0.65 5.28
N MET B 1470 -27.32 -0.11 5.58
CA MET B 1470 -27.74 0.15 6.95
C MET B 1470 -27.95 -1.14 7.73
N ARG B 1471 -28.35 -2.23 7.05
CA ARG B 1471 -28.60 -3.53 7.68
C ARG B 1471 -27.28 -4.20 8.13
N GLU B 1472 -26.18 -4.02 7.36
CA GLU B 1472 -24.84 -4.56 7.67
C GLU B 1472 -24.21 -3.81 8.87
N LEU B 1473 -24.39 -2.46 8.92
CA LEU B 1473 -23.88 -1.57 9.99
C LEU B 1473 -24.60 -1.81 11.34
N LEU B 1474 -25.72 -2.55 11.31
CA LEU B 1474 -26.51 -2.95 12.47
C LEU B 1474 -26.02 -4.31 13.00
N ARG B 1475 -25.54 -5.19 12.09
CA ARG B 1475 -25.02 -6.53 12.38
C ARG B 1475 -23.58 -6.45 12.89
N UNK B 1476 -28.59 -7.03 21.20
CA UNK B 1476 -28.01 -5.98 22.04
C UNK B 1476 -27.52 -4.76 21.21
N UNK B 1477 -26.69 -4.99 20.14
CA UNK B 1477 -26.12 -3.98 19.23
C UNK B 1477 -27.20 -3.33 18.35
N UNK B 1478 -28.35 -4.02 18.20
CA UNK B 1478 -29.55 -3.58 17.49
C UNK B 1478 -30.31 -2.57 18.35
N UNK B 1479 -30.40 -2.81 19.69
CA UNK B 1479 -31.04 -1.91 20.65
C UNK B 1479 -30.32 -0.55 20.71
N UNK B 1480 -28.98 -0.60 20.60
CA UNK B 1480 -28.07 0.55 20.56
C UNK B 1480 -28.24 1.30 19.24
N UNK B 1481 -28.45 0.55 18.14
CA UNK B 1481 -28.67 1.11 16.81
C UNK B 1481 -30.07 1.77 16.74
N UNK B 1482 -31.07 1.25 17.51
CA UNK B 1482 -32.48 1.74 17.62
C UNK B 1482 -32.58 2.97 18.55
N UNK B 1483 -31.43 3.37 19.11
CA UNK B 1483 -31.20 4.53 19.94
C UNK B 1483 -30.40 5.58 19.12
N UNK B 1484 -29.37 5.10 18.38
CA UNK B 1484 -28.48 5.88 17.49
C UNK B 1484 -29.23 6.49 16.30
N UNK B 1485 -30.29 5.78 15.85
CA UNK B 1485 -31.19 6.18 14.76
C UNK B 1485 -32.16 7.26 15.21
N UNK B 1486 -32.64 7.17 16.49
CA UNK B 1486 -33.55 8.13 17.12
C UNK B 1486 -32.87 9.51 17.30
N UNK B 1487 -31.51 9.52 17.33
CA UNK B 1487 -30.60 10.68 17.45
C UNK B 1487 -30.29 11.28 16.07
#